data_3PCI
#
_entry.id   3PCI
#
_cell.length_a   197.000
_cell.length_b   127.070
_cell.length_c   134.080
_cell.angle_alpha   90.00
_cell.angle_beta   97.53
_cell.angle_gamma   90.00
#
_symmetry.space_group_name_H-M   'I 1 2 1'
#
loop_
_entity.id
_entity.type
_entity.pdbx_description
1 polymer 'PROTOCATECHUATE 3,4-DIOXYGENASE'
2 polymer 'PROTOCATECHUATE 3,4-DIOXYGENASE'
3 non-polymer 'FE (III) ION'
4 non-polymer BETA-MERCAPTOETHANOL
5 non-polymer '3-IODO-4-HYDROXYBENZOIC ACID'
6 water water
#
loop_
_entity_poly.entity_id
_entity_poly.type
_entity_poly.pdbx_seq_one_letter_code
_entity_poly.pdbx_strand_id
1 'polypeptide(L)'
;PIELLPETPSQTAGPYVHIGLALEAAGNPTRDQEIWNRLAKPDAPGEHILLLGQVYDGNGHLVRDSFLEVWQADANGEYQ
DAYNLENAFNSFGRTATTFDAGEWTLHTVKPGVVNNAAGVPMAPHINISLFARGINIHLHTRLYFDDEAQANAKCPVLNL
IEQPQRRETLIAKRCEVDGKTAYRFDIRIQGEGETVFFDF
;
A,B,C,D,E,F
2 'polypeptide(L)'
;PAQDNSRFVIRDRNWHPKALTPDYKTSIARSPRQALVSIPQSISETTGPNFSHLGFGAHDHDLLLNFNNGGLPIGERIIV
AGRVVDQYGKPVPNTLVEMWQANAGGRYRHKNDRYLAPLDPNFGGVGRCLTDSDGYYSFRTIKPGPYPWRNGPNDWRPAH
IHFGISGPSIATKLITQLYFEGDPLIPMCPIVKSIANPEAVQQLIAKLDMNNANPMDCLAYRFDIVLRGQRKTHFENC
;
M,N,O,P,Q,R
#
# COMPACT_ATOMS: atom_id res chain seq x y z
N PRO A 1 -1.28 -31.73 -2.22
CA PRO A 1 -2.65 -32.04 -2.02
C PRO A 1 -3.58 -31.00 -2.69
N ILE A 2 -4.84 -31.34 -2.66
CA ILE A 2 -5.88 -30.46 -3.20
C ILE A 2 -6.22 -29.41 -2.13
N GLU A 3 -6.31 -28.16 -2.56
CA GLU A 3 -6.68 -27.04 -1.62
C GLU A 3 -7.88 -26.31 -2.24
N LEU A 4 -8.86 -26.06 -1.47
CA LEU A 4 -10.08 -25.34 -1.96
C LEU A 4 -9.87 -23.84 -1.60
N LEU A 5 -10.84 -22.98 -1.82
CA LEU A 5 -10.73 -21.54 -1.39
C LEU A 5 -10.76 -21.69 0.18
N PRO A 6 -10.08 -20.79 0.84
CA PRO A 6 -10.04 -20.80 2.30
C PRO A 6 -11.32 -20.10 2.75
N GLU A 7 -11.78 -20.58 3.87
CA GLU A 7 -13.03 -20.00 4.43
C GLU A 7 -12.70 -18.57 4.92
N THR A 8 -13.64 -17.66 4.88
CA THR A 8 -13.43 -16.26 5.41
C THR A 8 -13.16 -16.42 6.92
N PRO A 9 -12.14 -15.74 7.41
CA PRO A 9 -11.77 -15.81 8.83
C PRO A 9 -12.79 -15.13 9.72
N SER A 10 -12.98 -15.81 10.87
CA SER A 10 -13.87 -15.32 11.90
C SER A 10 -13.26 -14.10 12.64
N GLN A 11 -14.07 -13.29 13.25
CA GLN A 11 -13.71 -12.14 14.08
C GLN A 11 -14.70 -12.09 15.24
N THR A 12 -14.28 -11.58 16.36
CA THR A 12 -15.14 -11.44 17.54
C THR A 12 -16.34 -10.55 17.12
N ALA A 13 -17.44 -10.78 17.81
CA ALA A 13 -18.64 -9.98 17.55
C ALA A 13 -18.54 -8.57 18.16
N GLY A 14 -17.71 -8.39 19.16
CA GLY A 14 -17.54 -7.09 19.87
C GLY A 14 -18.71 -6.95 20.86
N PRO A 15 -18.62 -5.91 21.69
CA PRO A 15 -19.59 -5.58 22.68
C PRO A 15 -20.91 -5.07 22.18
N TYR A 16 -21.03 -4.64 20.94
CA TYR A 16 -22.22 -4.06 20.37
C TYR A 16 -22.97 -4.95 19.42
N VAL A 17 -22.70 -6.26 19.53
CA VAL A 17 -23.39 -7.29 18.71
C VAL A 17 -24.89 -7.08 18.72
N HIS A 18 -25.41 -6.64 19.84
CA HIS A 18 -26.79 -6.43 20.10
C HIS A 18 -27.48 -5.47 19.13
N ILE A 19 -26.76 -4.44 18.74
CA ILE A 19 -27.34 -3.46 17.79
C ILE A 19 -27.69 -4.15 16.49
N GLY A 20 -26.94 -5.20 16.16
CA GLY A 20 -27.14 -5.96 14.92
C GLY A 20 -28.01 -7.19 15.01
N LEU A 21 -27.76 -7.99 16.04
CA LEU A 21 -28.47 -9.25 16.25
C LEU A 21 -29.43 -9.39 17.37
N ALA A 22 -29.59 -8.42 18.23
CA ALA A 22 -30.47 -8.41 19.39
C ALA A 22 -30.92 -6.96 19.72
N LEU A 23 -31.62 -6.36 18.77
CA LEU A 23 -32.14 -4.99 18.78
C LEU A 23 -32.68 -4.49 20.08
N GLU A 24 -33.65 -5.19 20.62
CA GLU A 24 -34.26 -4.77 21.90
C GLU A 24 -33.16 -4.47 22.92
N ALA A 25 -32.31 -5.50 23.11
CA ALA A 25 -31.22 -5.42 24.09
C ALA A 25 -30.34 -4.23 23.90
N ALA A 26 -30.10 -3.87 22.65
CA ALA A 26 -29.24 -2.72 22.32
C ALA A 26 -29.96 -1.41 22.81
N GLY A 27 -31.21 -1.66 23.11
CA GLY A 27 -32.12 -0.60 23.55
C GLY A 27 -32.53 0.27 22.34
N ASN A 28 -32.76 -0.44 21.23
CA ASN A 28 -33.14 0.25 19.98
C ASN A 28 -34.45 -0.30 19.42
N PRO A 29 -35.09 0.57 18.64
CA PRO A 29 -36.34 0.16 17.98
C PRO A 29 -36.02 -1.14 17.21
N THR A 30 -36.95 -2.05 17.13
CA THR A 30 -36.80 -3.34 16.40
C THR A 30 -37.66 -3.23 15.14
N ARG A 31 -37.45 -4.16 14.25
CA ARG A 31 -38.16 -4.26 12.98
C ARG A 31 -39.36 -5.16 13.13
N ASP A 32 -40.17 -5.18 12.09
CA ASP A 32 -41.39 -5.98 12.05
C ASP A 32 -41.08 -7.43 12.48
N GLN A 33 -40.12 -8.06 11.82
CA GLN A 33 -39.74 -9.48 12.10
C GLN A 33 -38.34 -9.60 12.63
N GLU A 34 -38.22 -10.20 13.82
CA GLU A 34 -36.92 -10.40 14.47
C GLU A 34 -36.81 -11.90 14.86
N ILE A 35 -35.62 -12.40 14.88
CA ILE A 35 -35.26 -13.81 15.28
C ILE A 35 -34.90 -13.68 16.78
N TRP A 36 -35.74 -14.23 17.61
CA TRP A 36 -35.52 -14.13 19.07
C TRP A 36 -35.51 -15.41 19.85
N ASN A 37 -35.71 -15.34 21.17
CA ASN A 37 -35.63 -16.44 22.11
C ASN A 37 -36.83 -17.29 22.40
N ARG A 38 -37.79 -17.25 21.52
CA ARG A 38 -39.05 -17.99 21.65
C ARG A 38 -39.21 -18.91 20.45
N LEU A 39 -38.72 -20.16 20.58
CA LEU A 39 -38.76 -21.17 19.50
C LEU A 39 -40.12 -21.78 19.29
N ALA A 40 -40.83 -21.92 20.38
CA ALA A 40 -42.14 -22.50 20.40
C ALA A 40 -43.22 -21.52 20.88
N LYS A 41 -44.29 -21.59 20.12
CA LYS A 41 -45.54 -20.84 20.46
C LYS A 41 -46.19 -21.85 21.46
N PRO A 42 -46.99 -21.30 22.31
CA PRO A 42 -47.65 -22.12 23.34
C PRO A 42 -48.43 -23.28 22.73
N ASP A 43 -48.85 -23.15 21.48
CA ASP A 43 -49.62 -24.22 20.81
C ASP A 43 -48.72 -25.25 20.13
N ALA A 44 -47.46 -25.28 20.50
CA ALA A 44 -46.53 -26.24 19.89
C ALA A 44 -46.49 -27.57 20.66
N PRO A 45 -46.49 -28.67 19.91
CA PRO A 45 -46.39 -30.03 20.49
C PRO A 45 -45.03 -30.26 21.14
N GLY A 46 -45.03 -31.06 22.20
CA GLY A 46 -43.84 -31.44 22.97
C GLY A 46 -43.90 -30.81 24.35
N GLU A 47 -42.92 -31.20 25.18
CA GLU A 47 -42.89 -30.63 26.54
C GLU A 47 -42.27 -29.24 26.54
N HIS A 48 -43.07 -28.25 26.89
CA HIS A 48 -42.62 -26.83 26.96
C HIS A 48 -41.71 -26.66 28.18
N ILE A 49 -40.53 -26.15 27.92
CA ILE A 49 -39.51 -25.92 28.93
C ILE A 49 -38.91 -24.50 28.71
N LEU A 50 -38.33 -24.03 29.80
CA LEU A 50 -37.62 -22.76 29.87
C LEU A 50 -36.15 -23.13 30.16
N LEU A 51 -35.29 -22.57 29.33
CA LEU A 51 -33.84 -22.80 29.52
C LEU A 51 -33.26 -21.46 30.00
N LEU A 52 -32.36 -21.56 30.94
CA LEU A 52 -31.69 -20.33 31.48
C LEU A 52 -30.28 -20.66 31.91
N GLY A 53 -29.44 -19.63 31.88
CA GLY A 53 -28.06 -19.80 32.27
C GLY A 53 -27.30 -18.49 32.35
N GLN A 54 -26.10 -18.66 32.86
CA GLN A 54 -25.09 -17.62 33.05
C GLN A 54 -23.86 -18.12 32.34
N VAL A 55 -23.07 -17.15 31.95
CA VAL A 55 -21.82 -17.41 31.24
C VAL A 55 -20.73 -16.78 32.12
N TYR A 56 -19.70 -17.52 32.42
CA TYR A 56 -18.59 -17.08 33.24
C TYR A 56 -17.27 -17.14 32.48
N ASP A 57 -16.46 -16.17 32.83
CA ASP A 57 -15.12 -16.07 32.25
C ASP A 57 -14.20 -16.88 33.15
N GLY A 58 -12.97 -17.05 32.83
CA GLY A 58 -11.95 -17.77 33.56
C GLY A 58 -11.71 -17.26 34.97
N ASN A 59 -12.13 -16.04 35.31
CA ASN A 59 -11.95 -15.48 36.66
C ASN A 59 -13.16 -15.78 37.50
N GLY A 60 -14.16 -16.35 36.88
CA GLY A 60 -15.39 -16.68 37.56
C GLY A 60 -16.32 -15.45 37.55
N HIS A 61 -16.14 -14.54 36.65
CA HIS A 61 -16.95 -13.31 36.50
C HIS A 61 -17.94 -13.46 35.35
N LEU A 62 -19.09 -12.86 35.55
CA LEU A 62 -20.16 -12.89 34.57
C LEU A 62 -19.78 -12.14 33.28
N VAL A 63 -20.09 -12.80 32.20
CA VAL A 63 -19.93 -12.28 30.85
C VAL A 63 -21.30 -11.70 30.48
N ARG A 64 -21.45 -10.40 30.74
CA ARG A 64 -22.70 -9.68 30.51
C ARG A 64 -22.99 -9.24 29.09
N ASP A 65 -22.19 -9.61 28.13
CA ASP A 65 -22.44 -9.14 26.74
C ASP A 65 -22.44 -10.29 25.74
N SER A 66 -22.73 -11.51 26.20
CA SER A 66 -22.72 -12.70 25.33
C SER A 66 -23.93 -12.78 24.43
N PHE A 67 -23.73 -13.46 23.33
CA PHE A 67 -24.83 -13.67 22.34
C PHE A 67 -24.90 -15.20 22.08
N LEU A 68 -26.10 -15.74 22.04
CA LEU A 68 -26.26 -17.21 21.83
C LEU A 68 -27.28 -17.57 20.75
N GLU A 69 -26.88 -18.59 20.02
CA GLU A 69 -27.67 -19.19 18.95
C GLU A 69 -27.87 -20.67 19.29
N VAL A 70 -29.11 -21.09 19.14
CA VAL A 70 -29.48 -22.51 19.43
C VAL A 70 -30.10 -23.14 18.18
N TRP A 71 -29.90 -24.42 18.05
CA TRP A 71 -30.40 -25.31 16.99
C TRP A 71 -30.77 -26.66 17.68
N GLN A 72 -32.02 -26.97 17.45
CA GLN A 72 -32.58 -28.21 18.05
C GLN A 72 -33.71 -28.82 17.23
N ALA A 73 -33.85 -30.16 17.41
CA ALA A 73 -34.95 -30.91 16.77
C ALA A 73 -36.23 -30.58 17.54
N ASP A 74 -37.32 -30.86 16.86
CA ASP A 74 -38.64 -30.71 17.49
C ASP A 74 -38.80 -31.98 18.37
N ALA A 75 -40.00 -32.08 18.90
CA ALA A 75 -40.39 -33.20 19.79
C ALA A 75 -40.32 -34.60 19.14
N ASN A 76 -40.43 -34.73 17.86
CA ASN A 76 -40.34 -35.96 17.08
C ASN A 76 -38.90 -36.31 16.69
N GLY A 77 -37.99 -35.42 16.99
CA GLY A 77 -36.61 -35.65 16.63
C GLY A 77 -36.39 -35.16 15.20
N GLU A 78 -37.16 -34.18 14.76
CA GLU A 78 -37.06 -33.58 13.44
C GLU A 78 -36.59 -32.10 13.44
N TYR A 79 -35.63 -31.86 12.57
CA TYR A 79 -35.06 -30.51 12.39
C TYR A 79 -35.92 -29.72 11.39
N GLN A 80 -36.46 -28.60 11.90
CA GLN A 80 -37.36 -27.73 11.10
C GLN A 80 -36.58 -26.52 10.62
N ASP A 81 -36.04 -26.69 9.42
CA ASP A 81 -35.22 -25.66 8.83
C ASP A 81 -35.96 -24.43 8.30
N ALA A 82 -37.17 -24.58 7.85
CA ALA A 82 -37.93 -23.43 7.30
C ALA A 82 -38.42 -22.44 8.32
N TYR A 83 -37.58 -21.48 8.69
CA TYR A 83 -37.84 -20.42 9.66
C TYR A 83 -38.98 -19.47 9.26
N ASN A 84 -39.97 -19.43 10.11
CA ASN A 84 -41.16 -18.58 9.93
C ASN A 84 -41.78 -18.25 11.29
N LEU A 85 -42.04 -16.94 11.48
CA LEU A 85 -42.63 -16.42 12.70
C LEU A 85 -44.05 -16.93 12.86
N GLU A 86 -44.57 -17.49 11.80
CA GLU A 86 -45.91 -18.04 11.77
C GLU A 86 -45.88 -19.47 12.34
N ASN A 87 -44.79 -20.16 12.18
CA ASN A 87 -44.59 -21.54 12.66
C ASN A 87 -44.84 -21.54 14.17
N ALA A 88 -45.37 -22.66 14.60
CA ALA A 88 -45.65 -22.93 15.99
C ALA A 88 -44.34 -23.27 16.73
N PHE A 89 -43.45 -23.84 15.94
CA PHE A 89 -42.13 -24.23 16.35
C PHE A 89 -41.07 -23.97 15.29
N ASN A 90 -40.03 -23.32 15.75
CA ASN A 90 -38.84 -23.03 14.96
C ASN A 90 -37.68 -23.73 15.68
N SER A 91 -36.86 -24.38 14.89
CA SER A 91 -35.67 -25.10 15.32
C SER A 91 -34.51 -24.19 15.72
N PHE A 92 -34.59 -22.94 15.26
CA PHE A 92 -33.55 -21.93 15.52
C PHE A 92 -34.06 -20.77 16.38
N GLY A 93 -33.14 -20.28 17.20
CA GLY A 93 -33.41 -19.13 18.10
C GLY A 93 -32.11 -18.42 18.45
N ARG A 94 -32.24 -17.27 19.11
CA ARG A 94 -31.21 -16.39 19.60
C ARG A 94 -31.62 -15.75 20.93
N THR A 95 -30.62 -15.61 21.76
CA THR A 95 -30.81 -14.97 23.09
C THR A 95 -29.47 -14.28 23.43
N ALA A 96 -29.46 -13.55 24.51
CA ALA A 96 -28.29 -12.83 24.98
C ALA A 96 -28.41 -12.63 26.47
N THR A 97 -27.33 -12.30 27.17
CA THR A 97 -27.35 -12.06 28.60
C THR A 97 -27.47 -10.55 28.96
N THR A 98 -28.26 -10.37 30.02
CA THR A 98 -28.57 -9.05 30.60
C THR A 98 -27.31 -8.30 31.02
N PHE A 99 -27.34 -7.01 30.63
CA PHE A 99 -26.21 -6.11 30.97
C PHE A 99 -26.20 -5.97 32.49
N ASP A 100 -27.29 -6.33 33.10
CA ASP A 100 -27.50 -6.28 34.55
C ASP A 100 -27.19 -7.65 35.22
N ALA A 101 -28.25 -8.44 35.37
CA ALA A 101 -28.16 -9.79 35.98
C ALA A 101 -27.26 -10.76 35.20
N GLY A 102 -27.21 -10.60 33.89
CA GLY A 102 -26.37 -11.44 33.06
C GLY A 102 -26.84 -12.87 32.83
N GLU A 103 -28.14 -13.00 32.70
CA GLU A 103 -28.72 -14.36 32.47
C GLU A 103 -29.46 -14.38 31.18
N TRP A 104 -29.37 -15.48 30.43
CA TRP A 104 -30.15 -15.52 29.14
C TRP A 104 -31.30 -16.48 29.43
N THR A 105 -32.30 -16.40 28.58
CA THR A 105 -33.44 -17.31 28.70
C THR A 105 -33.92 -17.65 27.30
N LEU A 106 -34.43 -18.87 27.24
CA LEU A 106 -34.98 -19.47 26.02
C LEU A 106 -36.26 -20.22 26.34
N HIS A 107 -37.22 -20.00 25.48
CA HIS A 107 -38.53 -20.65 25.58
C HIS A 107 -38.66 -21.61 24.37
N THR A 108 -38.69 -22.91 24.70
CA THR A 108 -38.80 -23.97 23.64
C THR A 108 -39.50 -25.22 24.18
N VAL A 109 -39.31 -26.35 23.49
CA VAL A 109 -39.77 -27.71 23.76
C VAL A 109 -38.55 -28.66 23.86
N LYS A 110 -38.71 -29.72 24.63
CA LYS A 110 -37.64 -30.75 24.81
C LYS A 110 -37.52 -31.48 23.49
N PRO A 111 -36.33 -31.45 22.92
CA PRO A 111 -36.09 -32.07 21.61
C PRO A 111 -36.19 -33.61 21.67
N GLY A 112 -36.58 -34.24 20.57
CA GLY A 112 -36.66 -35.72 20.45
C GLY A 112 -35.30 -36.25 20.03
N VAL A 113 -35.04 -37.54 20.20
CA VAL A 113 -33.88 -38.30 19.87
C VAL A 113 -33.65 -38.34 18.37
N VAL A 114 -32.40 -38.17 18.01
CA VAL A 114 -31.96 -38.21 16.62
C VAL A 114 -30.75 -39.17 16.56
N ASN A 115 -30.68 -39.92 15.51
CA ASN A 115 -29.63 -40.89 15.23
C ASN A 115 -28.46 -40.15 14.59
N ASN A 116 -27.32 -40.74 14.85
CA ASN A 116 -26.06 -40.25 14.30
C ASN A 116 -25.93 -40.86 12.91
N ALA A 117 -24.84 -40.56 12.28
CA ALA A 117 -24.58 -41.05 10.92
C ALA A 117 -24.61 -42.58 10.84
N ALA A 118 -24.21 -43.30 11.88
CA ALA A 118 -24.18 -44.77 11.89
C ALA A 118 -25.46 -45.42 12.34
N GLY A 119 -26.51 -44.67 12.49
CA GLY A 119 -27.79 -45.19 12.91
C GLY A 119 -27.94 -45.44 14.38
N VAL A 120 -27.04 -44.91 15.19
CA VAL A 120 -27.07 -45.01 16.65
C VAL A 120 -27.72 -43.72 17.19
N PRO A 121 -28.72 -43.91 18.01
CA PRO A 121 -29.46 -42.78 18.60
C PRO A 121 -28.62 -42.01 19.62
N MET A 122 -28.80 -40.68 19.60
CA MET A 122 -28.12 -39.72 20.49
C MET A 122 -29.09 -39.27 21.56
N ALA A 123 -28.61 -38.96 22.75
CA ALA A 123 -29.53 -38.48 23.82
C ALA A 123 -30.05 -37.09 23.40
N PRO A 124 -31.25 -36.74 23.78
CA PRO A 124 -31.86 -35.41 23.43
C PRO A 124 -30.81 -34.35 23.78
N HIS A 125 -30.70 -33.34 22.93
CA HIS A 125 -29.73 -32.26 23.11
C HIS A 125 -30.09 -31.03 22.26
N ILE A 126 -29.49 -29.92 22.72
CA ILE A 126 -29.61 -28.60 22.08
C ILE A 126 -28.20 -28.17 21.68
N ASN A 127 -28.08 -27.79 20.44
CA ASN A 127 -26.81 -27.33 19.88
C ASN A 127 -26.73 -25.80 20.16
N ILE A 128 -25.60 -25.39 20.73
CA ILE A 128 -25.35 -23.99 21.06
C ILE A 128 -24.01 -23.47 20.54
N SER A 129 -24.11 -22.22 20.02
CA SER A 129 -22.95 -21.48 19.55
C SER A 129 -22.89 -20.17 20.43
N LEU A 130 -21.77 -20.00 21.07
CA LEU A 130 -21.55 -18.80 21.94
C LEU A 130 -20.65 -17.77 21.25
N PHE A 131 -21.11 -16.53 21.20
CA PHE A 131 -20.52 -15.34 20.65
C PHE A 131 -20.37 -14.24 21.75
N ALA A 132 -19.27 -13.51 21.66
CA ALA A 132 -19.01 -12.40 22.58
C ALA A 132 -17.67 -11.73 22.32
N ARG A 133 -17.64 -10.50 22.88
CA ARG A 133 -16.42 -9.66 22.90
C ARG A 133 -15.40 -10.54 23.66
N GLY A 134 -14.24 -10.70 23.06
CA GLY A 134 -13.16 -11.51 23.64
C GLY A 134 -13.17 -12.92 23.05
N ILE A 135 -14.14 -13.23 22.23
CA ILE A 135 -14.24 -14.62 21.62
C ILE A 135 -14.05 -14.43 20.13
N ASN A 136 -12.91 -14.82 19.66
CA ASN A 136 -12.51 -14.67 18.28
C ASN A 136 -13.32 -15.50 17.32
N ILE A 137 -13.51 -16.77 17.77
CA ILE A 137 -14.33 -17.70 16.93
C ILE A 137 -15.30 -18.31 17.93
N HIS A 138 -16.53 -18.38 17.55
CA HIS A 138 -17.56 -18.86 18.43
C HIS A 138 -17.35 -20.31 18.89
N LEU A 139 -17.82 -20.53 20.09
CA LEU A 139 -17.74 -21.84 20.80
C LEU A 139 -19.02 -22.63 20.57
N HIS A 140 -18.82 -23.91 20.27
CA HIS A 140 -19.86 -24.90 20.02
C HIS A 140 -19.93 -25.83 21.25
N THR A 141 -21.13 -26.02 21.66
CA THR A 141 -21.39 -26.94 22.80
C THR A 141 -22.75 -27.57 22.63
N ARG A 142 -23.09 -28.42 23.60
CA ARG A 142 -24.38 -29.10 23.58
C ARG A 142 -24.97 -29.07 24.99
N LEU A 143 -26.28 -28.95 24.99
CA LEU A 143 -27.03 -28.97 26.24
C LEU A 143 -27.79 -30.33 26.25
N TYR A 144 -27.49 -31.11 27.28
CA TYR A 144 -28.16 -32.41 27.52
C TYR A 144 -28.96 -32.20 28.81
N PHE A 145 -29.86 -33.11 29.08
CA PHE A 145 -30.74 -32.99 30.24
C PHE A 145 -30.42 -34.06 31.28
N ASP A 146 -30.53 -33.63 32.53
CA ASP A 146 -30.21 -34.52 33.65
C ASP A 146 -31.22 -35.63 33.88
N ASP A 147 -32.39 -35.47 33.33
CA ASP A 147 -33.46 -36.45 33.45
C ASP A 147 -33.55 -37.43 32.27
N GLU A 148 -32.49 -37.66 31.60
CA GLU A 148 -32.35 -38.52 30.43
C GLU A 148 -31.08 -39.37 30.59
N ALA A 149 -30.81 -39.63 31.86
CA ALA A 149 -29.67 -40.40 32.31
C ALA A 149 -29.50 -41.70 31.52
N GLN A 150 -30.57 -42.45 31.36
CA GLN A 150 -30.50 -43.73 30.61
C GLN A 150 -29.92 -43.48 29.25
N ALA A 151 -30.47 -42.49 28.58
CA ALA A 151 -30.07 -42.08 27.23
C ALA A 151 -28.68 -41.51 27.15
N ASN A 152 -28.36 -40.65 28.11
CA ASN A 152 -27.07 -39.99 28.20
C ASN A 152 -25.96 -41.05 28.27
N ALA A 153 -26.18 -42.12 29.00
CA ALA A 153 -25.24 -43.23 29.22
C ALA A 153 -24.80 -43.89 27.93
N LYS A 154 -25.69 -43.91 26.97
CA LYS A 154 -25.49 -44.51 25.67
C LYS A 154 -25.25 -43.56 24.53
N CYS A 155 -25.17 -42.25 24.77
CA CYS A 155 -24.93 -41.29 23.67
C CYS A 155 -23.57 -41.48 23.06
N PRO A 156 -23.57 -41.69 21.76
CA PRO A 156 -22.32 -41.88 21.02
C PRO A 156 -21.54 -40.58 21.06
N VAL A 157 -22.20 -39.44 21.21
CA VAL A 157 -21.48 -38.12 21.27
C VAL A 157 -20.82 -37.96 22.63
N LEU A 158 -21.60 -38.07 23.65
CA LEU A 158 -21.17 -37.97 25.06
C LEU A 158 -20.08 -39.03 25.38
N ASN A 159 -20.20 -40.20 24.75
CA ASN A 159 -19.26 -41.31 24.90
C ASN A 159 -17.94 -40.99 24.31
N LEU A 160 -17.83 -39.97 23.45
CA LEU A 160 -16.63 -39.52 22.83
C LEU A 160 -15.80 -38.70 23.82
N ILE A 161 -16.38 -38.18 24.86
CA ILE A 161 -15.59 -37.42 25.87
C ILE A 161 -14.87 -38.47 26.74
N GLU A 162 -13.57 -38.55 26.62
CA GLU A 162 -12.71 -39.47 27.31
C GLU A 162 -13.00 -39.60 28.80
N GLN A 163 -13.02 -38.48 29.50
CA GLN A 163 -13.20 -38.41 30.93
C GLN A 163 -14.59 -38.13 31.36
N PRO A 164 -15.15 -39.11 32.05
CA PRO A 164 -16.49 -39.01 32.57
C PRO A 164 -16.77 -37.71 33.32
N GLN A 165 -15.83 -37.20 34.07
CA GLN A 165 -16.04 -35.94 34.86
C GLN A 165 -16.41 -34.74 33.98
N ARG A 166 -15.90 -34.78 32.76
CA ARG A 166 -16.10 -33.73 31.76
C ARG A 166 -17.46 -33.83 31.11
N ARG A 167 -18.02 -35.02 31.02
CA ARG A 167 -19.32 -35.21 30.42
C ARG A 167 -20.40 -34.47 31.17
N GLU A 168 -20.21 -34.36 32.48
CA GLU A 168 -21.18 -33.71 33.34
C GLU A 168 -21.33 -32.20 33.16
N THR A 169 -20.38 -31.59 32.50
CA THR A 169 -20.38 -30.13 32.23
C THR A 169 -21.43 -29.80 31.16
N LEU A 170 -21.85 -30.87 30.47
CA LEU A 170 -22.83 -30.78 29.40
C LEU A 170 -24.25 -31.05 29.78
N ILE A 171 -24.47 -31.30 31.04
CA ILE A 171 -25.76 -31.66 31.57
C ILE A 171 -26.50 -30.62 32.35
N ALA A 172 -27.58 -30.12 31.78
CA ALA A 172 -28.43 -29.09 32.41
C ALA A 172 -29.17 -29.71 33.58
N LYS A 173 -29.29 -28.90 34.62
CA LYS A 173 -29.94 -29.27 35.86
C LYS A 173 -31.37 -28.79 35.89
N ARG A 174 -32.23 -29.81 35.98
CA ARG A 174 -33.66 -29.62 36.00
C ARG A 174 -34.11 -28.85 37.24
N CYS A 175 -35.03 -27.91 37.03
CA CYS A 175 -35.59 -27.06 38.09
C CYS A 175 -36.97 -26.64 37.60
N GLU A 176 -37.55 -25.68 38.28
CA GLU A 176 -38.87 -25.13 37.96
C GLU A 176 -38.82 -23.61 38.23
N VAL A 177 -39.44 -22.86 37.33
CA VAL A 177 -39.46 -21.36 37.43
C VAL A 177 -40.93 -20.97 37.19
N ASP A 178 -41.48 -20.37 38.21
CA ASP A 178 -42.90 -19.93 38.14
C ASP A 178 -43.77 -21.14 37.79
N GLY A 179 -43.46 -22.29 38.39
CA GLY A 179 -44.18 -23.55 38.17
C GLY A 179 -43.90 -24.18 36.80
N LYS A 180 -42.89 -23.64 36.13
CA LYS A 180 -42.57 -24.20 34.79
C LYS A 180 -41.26 -24.99 34.87
N THR A 181 -41.22 -26.03 34.02
CA THR A 181 -40.04 -26.90 33.89
C THR A 181 -38.96 -26.06 33.21
N ALA A 182 -37.89 -25.92 33.96
CA ALA A 182 -36.75 -25.16 33.49
C ALA A 182 -35.51 -26.04 33.70
N TYR A 183 -34.51 -25.65 32.96
CA TYR A 183 -33.21 -26.31 33.05
C TYR A 183 -32.18 -25.16 33.06
N ARG A 184 -31.28 -25.33 34.00
CA ARG A 184 -30.19 -24.38 34.15
C ARG A 184 -28.93 -24.96 33.53
N PHE A 185 -28.40 -24.15 32.61
CA PHE A 185 -27.19 -24.51 31.89
C PHE A 185 -26.18 -23.36 31.94
N ASP A 186 -25.25 -23.45 32.85
CA ASP A 186 -24.19 -22.44 33.00
C ASP A 186 -23.03 -22.92 32.14
N ILE A 187 -22.41 -21.96 31.49
CA ILE A 187 -21.27 -22.20 30.66
C ILE A 187 -20.04 -21.60 31.34
N ARG A 188 -19.03 -22.41 31.53
CA ARG A 188 -17.77 -21.98 32.12
C ARG A 188 -16.74 -22.03 30.99
N ILE A 189 -16.37 -20.83 30.55
CA ILE A 189 -15.47 -20.72 29.42
C ILE A 189 -14.11 -21.26 29.74
N GLN A 190 -13.69 -21.02 30.97
CA GLN A 190 -12.32 -21.47 31.33
C GLN A 190 -12.18 -21.80 32.79
N GLY A 191 -11.29 -22.72 33.10
CA GLY A 191 -10.97 -23.05 34.49
C GLY A 191 -11.75 -24.17 35.05
N GLU A 192 -11.87 -24.14 36.36
CA GLU A 192 -12.62 -25.14 37.14
C GLU A 192 -13.95 -25.41 36.45
N GLY A 193 -14.23 -26.70 36.21
CA GLY A 193 -15.46 -27.12 35.59
C GLY A 193 -15.68 -26.54 34.20
N GLU A 194 -14.60 -26.28 33.51
CA GLU A 194 -14.70 -25.71 32.15
C GLU A 194 -15.55 -26.63 31.28
N THR A 195 -16.47 -26.00 30.58
CA THR A 195 -17.42 -26.67 29.71
C THR A 195 -16.73 -27.31 28.51
N VAL A 196 -17.20 -28.48 28.11
CA VAL A 196 -16.68 -29.14 26.91
C VAL A 196 -17.19 -28.29 25.71
N PHE A 197 -16.30 -28.06 24.79
CA PHE A 197 -16.66 -27.32 23.54
C PHE A 197 -16.25 -28.29 22.41
N PHE A 198 -17.00 -28.28 21.35
CA PHE A 198 -16.70 -29.22 20.25
C PHE A 198 -16.18 -28.54 19.00
N ASP A 199 -15.60 -29.46 18.21
CA ASP A 199 -15.11 -29.12 16.87
C ASP A 199 -15.78 -30.17 15.94
N PHE A 200 -16.39 -29.64 14.90
CA PHE A 200 -17.06 -30.44 13.88
C PHE A 200 -17.01 -29.76 12.53
N PRO B 1 -38.61 -31.82 6.69
CA PRO B 1 -37.60 -31.20 7.62
C PRO B 1 -36.25 -31.47 7.00
N ALA B 2 -35.25 -31.01 7.70
CA ALA B 2 -33.86 -31.11 7.31
C ALA B 2 -33.37 -32.55 7.14
N GLN B 3 -32.51 -32.72 6.17
CA GLN B 3 -31.87 -34.01 5.79
C GLN B 3 -30.36 -34.05 5.86
N ASP B 4 -29.85 -35.16 6.43
CA ASP B 4 -28.43 -35.44 6.57
C ASP B 4 -27.85 -35.98 5.25
N ASN B 5 -27.78 -35.10 4.27
CA ASN B 5 -27.25 -35.56 2.97
C ASN B 5 -25.85 -35.06 2.78
N SER B 6 -25.48 -33.95 3.39
CA SER B 6 -24.23 -33.28 3.29
C SER B 6 -23.18 -33.46 4.35
N ARG B 7 -21.98 -33.19 3.92
CA ARG B 7 -20.78 -33.23 4.80
C ARG B 7 -20.12 -31.87 4.56
N PHE B 8 -19.48 -31.33 5.56
CA PHE B 8 -18.82 -29.98 5.40
C PHE B 8 -17.34 -30.15 5.63
N VAL B 9 -16.58 -29.58 4.75
CA VAL B 9 -15.11 -29.66 4.86
C VAL B 9 -14.72 -29.12 6.25
N ILE B 10 -13.91 -29.86 6.93
CA ILE B 10 -13.39 -29.54 8.26
C ILE B 10 -12.69 -28.16 8.27
N ARG B 11 -13.00 -27.41 9.33
CA ARG B 11 -12.43 -26.08 9.56
C ARG B 11 -10.95 -26.13 9.84
N ASP B 12 -10.29 -25.13 9.26
CA ASP B 12 -8.83 -25.00 9.50
C ASP B 12 -8.70 -24.00 10.68
N ARG B 13 -8.42 -24.54 11.82
CA ARG B 13 -8.31 -23.75 13.06
C ARG B 13 -7.04 -22.98 13.21
N ASN B 14 -6.17 -23.15 12.23
CA ASN B 14 -4.93 -22.41 12.14
C ASN B 14 -5.13 -21.17 11.23
N TRP B 15 -6.12 -21.14 10.41
CA TRP B 15 -6.47 -20.03 9.49
C TRP B 15 -7.31 -18.95 10.23
N HIS B 16 -8.26 -19.46 10.97
CA HIS B 16 -9.12 -18.63 11.79
C HIS B 16 -8.21 -18.26 13.01
N PRO B 17 -8.61 -17.17 13.66
CA PRO B 17 -7.85 -16.73 14.88
C PRO B 17 -8.09 -17.82 15.96
N LYS B 18 -7.10 -18.01 16.79
CA LYS B 18 -7.13 -18.96 17.92
C LYS B 18 -7.91 -18.25 19.01
N ALA B 19 -8.28 -19.01 20.01
CA ALA B 19 -9.01 -18.43 21.15
C ALA B 19 -8.11 -17.51 21.98
N LEU B 20 -6.91 -17.98 22.30
CA LEU B 20 -6.01 -17.20 23.13
C LEU B 20 -5.10 -16.30 22.35
N THR B 21 -5.38 -14.98 22.35
CA THR B 21 -4.53 -14.00 21.62
C THR B 21 -4.37 -12.79 22.55
N PRO B 22 -3.42 -12.93 23.48
CA PRO B 22 -3.17 -11.96 24.51
C PRO B 22 -3.16 -10.48 24.18
N ASP B 23 -2.75 -10.08 22.98
CA ASP B 23 -2.73 -8.60 22.72
C ASP B 23 -4.12 -8.02 22.77
N TYR B 24 -5.04 -8.92 22.42
CA TYR B 24 -6.46 -8.61 22.49
C TYR B 24 -6.86 -9.05 23.93
N LYS B 25 -6.74 -8.12 24.85
CA LYS B 25 -6.94 -8.28 26.25
C LYS B 25 -8.06 -9.11 26.73
N THR B 26 -9.24 -8.83 26.25
CA THR B 26 -10.46 -9.56 26.64
C THR B 26 -10.38 -11.06 26.30
N SER B 27 -9.59 -11.47 25.33
CA SER B 27 -9.45 -12.88 24.92
C SER B 27 -8.80 -13.79 25.99
N ILE B 28 -8.05 -13.20 26.92
CA ILE B 28 -7.37 -13.98 27.94
C ILE B 28 -8.27 -14.77 28.87
N ALA B 29 -9.21 -14.05 29.45
CA ALA B 29 -10.17 -14.56 30.36
C ALA B 29 -11.35 -15.22 29.64
N ARG B 30 -11.52 -15.00 28.35
CA ARG B 30 -12.61 -15.59 27.60
C ARG B 30 -12.27 -16.68 26.62
N SER B 31 -11.18 -17.37 26.87
CA SER B 31 -10.75 -18.48 25.98
C SER B 31 -10.59 -19.75 26.82
N PRO B 32 -10.98 -20.88 26.27
CA PRO B 32 -10.86 -22.18 27.00
C PRO B 32 -9.41 -22.59 27.18
N ARG B 33 -9.18 -23.40 28.19
CA ARG B 33 -7.87 -23.96 28.50
C ARG B 33 -7.78 -25.44 28.08
N GLN B 34 -8.92 -26.10 27.91
CA GLN B 34 -8.89 -27.54 27.46
C GLN B 34 -9.05 -27.53 25.93
N ALA B 35 -8.59 -28.58 25.30
CA ALA B 35 -8.74 -28.78 23.85
C ALA B 35 -10.20 -29.02 23.51
N LEU B 36 -10.61 -28.63 22.33
CA LEU B 36 -11.95 -28.84 21.80
C LEU B 36 -12.05 -30.40 21.53
N VAL B 37 -13.20 -30.91 21.67
CA VAL B 37 -13.41 -32.39 21.39
C VAL B 37 -13.98 -32.51 19.96
N SER B 38 -13.31 -33.29 19.13
CA SER B 38 -13.84 -33.44 17.75
C SER B 38 -14.95 -34.47 17.78
N ILE B 39 -15.98 -34.18 17.02
CA ILE B 39 -17.13 -35.10 16.90
C ILE B 39 -17.45 -35.26 15.42
N PRO B 40 -17.91 -36.47 15.08
CA PRO B 40 -18.29 -36.79 13.69
C PRO B 40 -19.49 -35.91 13.35
N GLN B 41 -19.69 -35.59 12.10
CA GLN B 41 -20.82 -34.75 11.66
C GLN B 41 -22.04 -35.67 11.63
N SER B 42 -23.10 -35.08 12.12
CA SER B 42 -24.39 -35.80 12.16
C SER B 42 -25.41 -34.77 11.64
N ILE B 43 -26.64 -35.18 11.67
CA ILE B 43 -27.73 -34.30 11.17
C ILE B 43 -27.78 -33.00 12.00
N SER B 44 -27.35 -33.15 13.23
CA SER B 44 -27.33 -32.05 14.20
C SER B 44 -26.48 -30.87 13.74
N GLU B 45 -25.30 -31.23 13.23
CA GLU B 45 -24.35 -30.27 12.74
C GLU B 45 -24.43 -29.91 11.27
N THR B 46 -24.99 -30.78 10.46
CA THR B 46 -25.07 -30.55 9.02
C THR B 46 -26.33 -29.86 8.55
N THR B 47 -27.21 -29.50 9.44
CA THR B 47 -28.43 -28.78 9.05
C THR B 47 -28.41 -27.38 9.67
N GLY B 48 -29.33 -26.52 9.33
CA GLY B 48 -29.45 -25.13 9.84
C GLY B 48 -30.70 -24.49 9.25
N PRO B 49 -31.02 -23.31 9.79
CA PRO B 49 -32.19 -22.53 9.35
C PRO B 49 -32.08 -21.90 7.99
N ASN B 50 -33.22 -21.78 7.36
CA ASN B 50 -33.40 -21.18 6.04
C ASN B 50 -34.33 -19.96 6.27
N PHE B 51 -33.85 -18.80 5.98
CA PHE B 51 -34.59 -17.53 6.17
C PHE B 51 -35.31 -17.01 4.96
N SER B 52 -35.62 -17.89 4.02
CA SER B 52 -36.33 -17.49 2.81
C SER B 52 -37.65 -16.80 3.10
N HIS B 53 -38.29 -17.19 4.17
CA HIS B 53 -39.58 -16.64 4.53
C HIS B 53 -39.59 -15.62 5.64
N LEU B 54 -38.47 -15.03 5.95
CA LEU B 54 -38.49 -13.96 7.04
C LEU B 54 -39.07 -12.73 6.28
N GLY B 55 -39.89 -11.96 6.93
CA GLY B 55 -40.53 -10.77 6.33
C GLY B 55 -39.61 -9.56 6.43
N PHE B 56 -38.78 -9.44 5.42
CA PHE B 56 -37.83 -8.28 5.41
C PHE B 56 -38.60 -6.99 5.00
N GLY B 57 -38.25 -5.88 5.64
CA GLY B 57 -38.82 -4.55 5.33
C GLY B 57 -38.12 -4.04 4.05
N ALA B 58 -38.76 -3.09 3.40
CA ALA B 58 -38.32 -2.44 2.19
C ALA B 58 -36.97 -1.76 2.26
N HIS B 59 -36.57 -1.27 3.42
CA HIS B 59 -35.23 -0.59 3.47
C HIS B 59 -34.35 -1.33 4.46
N ASP B 60 -34.55 -2.62 4.63
CA ASP B 60 -33.80 -3.45 5.60
C ASP B 60 -32.31 -3.31 5.40
N HIS B 61 -31.94 -3.27 4.15
CA HIS B 61 -30.59 -3.17 3.68
C HIS B 61 -30.14 -1.75 3.29
N ASP B 62 -30.94 -0.71 3.52
CA ASP B 62 -30.59 0.69 3.16
C ASP B 62 -30.49 1.54 4.44
N LEU B 63 -29.30 1.70 4.93
CA LEU B 63 -28.97 2.43 6.14
C LEU B 63 -29.14 3.96 6.00
N LEU B 64 -29.34 4.42 4.79
CA LEU B 64 -29.58 5.85 4.52
C LEU B 64 -31.02 6.22 4.83
N LEU B 65 -31.90 5.26 4.60
CA LEU B 65 -33.30 5.42 4.81
C LEU B 65 -33.94 4.65 5.95
N ASN B 66 -33.36 3.57 6.49
CA ASN B 66 -33.99 2.75 7.49
C ASN B 66 -33.99 3.21 8.89
N PHE B 67 -33.58 4.43 9.22
CA PHE B 67 -33.58 4.87 10.62
C PHE B 67 -34.69 5.97 10.77
N GLY B 71 -34.49 13.37 7.37
CA GLY B 71 -33.13 13.80 7.19
C GLY B 71 -32.24 12.64 6.69
N LEU B 72 -31.17 13.10 6.10
CA LEU B 72 -30.16 12.15 5.54
C LEU B 72 -28.99 12.18 6.52
N PRO B 73 -28.36 11.01 6.66
CA PRO B 73 -27.19 10.91 7.55
C PRO B 73 -26.06 11.72 6.91
N ILE B 74 -25.18 12.14 7.78
CA ILE B 74 -23.99 12.86 7.42
C ILE B 74 -22.89 11.78 7.27
N GLY B 75 -22.17 11.88 6.20
CA GLY B 75 -21.08 10.92 5.95
C GLY B 75 -21.01 10.53 4.50
N GLU B 76 -19.97 9.76 4.22
CA GLU B 76 -19.68 9.29 2.87
C GLU B 76 -20.67 8.17 2.49
N ARG B 77 -21.46 8.48 1.52
CA ARG B 77 -22.47 7.57 0.98
C ARG B 77 -21.78 6.45 0.18
N ILE B 78 -21.98 5.18 0.56
CA ILE B 78 -21.39 4.05 -0.15
C ILE B 78 -22.36 2.88 -0.25
N ILE B 79 -22.04 2.02 -1.20
CA ILE B 79 -22.76 0.73 -1.38
C ILE B 79 -21.72 -0.38 -1.06
N VAL B 80 -22.11 -1.32 -0.26
CA VAL B 80 -21.25 -2.52 0.08
C VAL B 80 -22.04 -3.72 -0.57
N ALA B 81 -21.41 -4.37 -1.49
CA ALA B 81 -21.98 -5.51 -2.23
C ALA B 81 -20.93 -6.63 -2.37
N GLY B 82 -21.39 -7.81 -2.76
CA GLY B 82 -20.54 -8.99 -2.95
C GLY B 82 -21.37 -10.26 -3.10
N ARG B 83 -20.68 -11.38 -3.01
CA ARG B 83 -21.27 -12.73 -3.17
C ARG B 83 -20.81 -13.69 -2.07
N VAL B 84 -21.73 -14.56 -1.71
CA VAL B 84 -21.45 -15.63 -0.71
C VAL B 84 -21.29 -16.96 -1.50
N VAL B 85 -20.12 -17.54 -1.40
CA VAL B 85 -19.81 -18.84 -2.07
C VAL B 85 -19.20 -19.80 -1.01
N ASP B 86 -19.14 -21.08 -1.39
CA ASP B 86 -18.51 -22.11 -0.50
C ASP B 86 -17.09 -22.32 -1.00
N GLN B 87 -16.31 -23.12 -0.30
CA GLN B 87 -14.95 -23.45 -0.65
C GLN B 87 -14.83 -24.11 -2.01
N TYR B 88 -15.88 -24.74 -2.52
CA TYR B 88 -15.85 -25.37 -3.85
C TYR B 88 -16.18 -24.29 -4.90
N GLY B 89 -16.48 -23.06 -4.42
CA GLY B 89 -16.82 -21.92 -5.27
C GLY B 89 -18.26 -21.91 -5.74
N LYS B 90 -19.08 -22.66 -5.08
CA LYS B 90 -20.52 -22.79 -5.42
C LYS B 90 -21.24 -21.67 -4.66
N PRO B 91 -22.12 -20.98 -5.35
CA PRO B 91 -22.90 -19.87 -4.75
C PRO B 91 -23.78 -20.40 -3.65
N VAL B 92 -24.04 -19.57 -2.65
CA VAL B 92 -24.89 -19.87 -1.54
C VAL B 92 -26.09 -18.90 -1.63
N PRO B 93 -27.13 -19.41 -2.26
CA PRO B 93 -28.36 -18.67 -2.45
C PRO B 93 -29.25 -18.67 -1.23
N ASN B 94 -30.03 -17.59 -1.19
CA ASN B 94 -31.00 -17.40 -0.15
C ASN B 94 -30.42 -17.57 1.24
N THR B 95 -29.31 -16.94 1.51
CA THR B 95 -28.67 -17.01 2.82
C THR B 95 -28.75 -15.62 3.46
N LEU B 96 -28.77 -15.63 4.77
CA LEU B 96 -28.89 -14.47 5.59
C LEU B 96 -27.60 -13.75 5.94
N VAL B 97 -27.58 -12.47 5.49
CA VAL B 97 -26.47 -11.57 5.73
C VAL B 97 -26.92 -10.37 6.63
N GLU B 98 -26.27 -10.30 7.79
CA GLU B 98 -26.57 -9.22 8.74
C GLU B 98 -25.35 -8.35 9.01
N MET B 99 -25.56 -7.03 9.21
CA MET B 99 -24.47 -6.10 9.49
C MET B 99 -24.86 -4.98 10.46
N TRP B 100 -23.91 -4.44 11.15
CA TRP B 100 -24.01 -3.34 12.11
C TRP B 100 -22.71 -2.57 12.08
N GLN B 101 -22.79 -1.29 12.38
CA GLN B 101 -21.57 -0.41 12.36
C GLN B 101 -21.85 0.92 13.09
N ALA B 102 -20.79 1.69 13.26
CA ALA B 102 -20.88 3.05 13.90
C ALA B 102 -21.25 4.07 12.80
N ASN B 103 -21.46 5.33 13.27
CA ASN B 103 -21.77 6.47 12.38
C ASN B 103 -20.45 6.96 11.81
N ALA B 104 -20.56 8.03 11.03
CA ALA B 104 -19.44 8.69 10.38
C ALA B 104 -18.35 9.10 11.33
N GLY B 105 -18.65 9.32 12.58
CA GLY B 105 -17.80 9.72 13.65
C GLY B 105 -17.29 8.57 14.51
N GLY B 106 -17.72 7.34 14.27
CA GLY B 106 -17.29 6.15 15.07
C GLY B 106 -18.13 5.95 16.30
N ARG B 107 -19.26 6.65 16.35
CA ARG B 107 -20.18 6.55 17.46
C ARG B 107 -21.22 5.48 17.14
N TYR B 108 -21.39 4.57 18.07
CA TYR B 108 -22.41 3.48 17.90
C TYR B 108 -23.67 3.94 18.64
N ARG B 109 -24.79 3.55 18.08
CA ARG B 109 -26.11 3.85 18.65
C ARG B 109 -26.43 2.60 19.51
N HIS B 110 -25.80 2.64 20.67
CA HIS B 110 -25.86 1.59 21.71
C HIS B 110 -25.55 2.32 23.04
N LYS B 111 -26.35 2.05 24.02
CA LYS B 111 -26.28 2.66 25.34
C LYS B 111 -24.92 2.67 25.95
N ASN B 112 -24.17 1.58 25.73
CA ASN B 112 -22.83 1.49 26.28
C ASN B 112 -21.83 2.38 25.60
N ASP B 113 -22.08 2.89 24.40
CA ASP B 113 -21.09 3.72 23.70
C ASP B 113 -21.07 5.17 24.25
N ARG B 114 -19.99 5.43 24.97
CA ARG B 114 -19.79 6.74 25.58
C ARG B 114 -18.82 7.62 24.84
N TYR B 115 -18.32 7.16 23.73
CA TYR B 115 -17.35 8.00 22.97
C TYR B 115 -18.00 9.41 22.81
N LEU B 116 -17.17 10.43 22.81
CA LEU B 116 -17.63 11.84 22.66
C LEU B 116 -18.03 12.26 21.29
N ALA B 117 -17.86 11.41 20.28
CA ALA B 117 -18.36 11.81 18.92
C ALA B 117 -19.90 11.70 19.11
N PRO B 118 -20.63 12.66 18.57
CA PRO B 118 -22.07 12.72 18.70
C PRO B 118 -22.78 11.71 17.78
N LEU B 119 -23.99 11.41 18.17
CA LEU B 119 -24.88 10.53 17.44
C LEU B 119 -25.37 11.32 16.22
N ASP B 120 -25.77 10.59 15.21
CA ASP B 120 -26.33 11.25 13.97
C ASP B 120 -27.83 10.93 14.07
N PRO B 121 -28.58 12.03 14.16
CA PRO B 121 -30.02 11.98 14.28
C PRO B 121 -30.71 11.18 13.21
N ASN B 122 -30.12 11.06 12.04
CA ASN B 122 -30.70 10.30 10.92
C ASN B 122 -30.03 8.93 10.71
N PHE B 123 -29.25 8.46 11.66
CA PHE B 123 -28.56 7.17 11.44
C PHE B 123 -28.67 6.14 12.54
N GLY B 124 -29.04 4.92 12.09
CA GLY B 124 -29.16 3.74 12.98
C GLY B 124 -27.93 2.83 13.01
N GLY B 125 -27.54 2.29 11.89
CA GLY B 125 -26.40 1.37 11.78
C GLY B 125 -26.69 -0.12 11.69
N VAL B 126 -27.87 -0.51 11.32
CA VAL B 126 -28.22 -1.95 11.21
C VAL B 126 -28.78 -2.28 9.84
N GLY B 127 -28.45 -3.44 9.29
CA GLY B 127 -29.02 -3.85 8.00
C GLY B 127 -29.02 -5.40 7.92
N ARG B 128 -29.84 -5.91 7.03
CA ARG B 128 -29.98 -7.36 6.75
C ARG B 128 -30.35 -7.49 5.27
N CYS B 129 -29.90 -8.58 4.68
CA CYS B 129 -30.21 -8.82 3.26
C CYS B 129 -30.12 -10.35 3.06
N LEU B 130 -30.97 -10.88 2.25
CA LEU B 130 -30.94 -12.35 1.90
C LEU B 130 -30.29 -12.38 0.52
N THR B 131 -29.27 -13.20 0.37
CA THR B 131 -28.59 -13.30 -0.92
C THR B 131 -29.61 -13.82 -1.94
N ASP B 132 -29.37 -13.49 -3.17
CA ASP B 132 -30.23 -13.88 -4.29
C ASP B 132 -29.76 -15.27 -4.80
N SER B 133 -30.40 -15.71 -5.85
CA SER B 133 -30.10 -17.02 -6.48
C SER B 133 -28.67 -17.20 -6.83
N ASP B 134 -27.96 -16.11 -6.96
CA ASP B 134 -26.57 -16.20 -7.33
C ASP B 134 -25.60 -16.01 -6.19
N GLY B 135 -26.14 -15.85 -5.01
CA GLY B 135 -25.33 -15.61 -3.82
C GLY B 135 -24.96 -14.13 -3.62
N TYR B 136 -25.58 -13.17 -4.33
CA TYR B 136 -25.31 -11.74 -4.16
C TYR B 136 -26.14 -11.01 -3.11
N TYR B 137 -25.55 -9.99 -2.52
CA TYR B 137 -26.15 -9.13 -1.51
C TYR B 137 -25.63 -7.69 -1.72
N SER B 138 -26.34 -6.73 -1.14
CA SER B 138 -25.89 -5.30 -1.22
C SER B 138 -26.58 -4.54 -0.12
N PHE B 139 -25.88 -3.55 0.36
CA PHE B 139 -26.33 -2.61 1.41
C PHE B 139 -25.95 -1.18 0.98
N ARG B 140 -26.65 -0.20 1.45
CA ARG B 140 -26.39 1.23 1.15
C ARG B 140 -26.22 1.86 2.54
N THR B 141 -25.11 2.56 2.71
CA THR B 141 -24.86 3.13 4.07
C THR B 141 -23.86 4.26 3.96
N ILE B 142 -23.32 4.65 5.10
CA ILE B 142 -22.30 5.69 5.18
C ILE B 142 -21.05 4.96 5.72
N LYS B 143 -19.90 5.34 5.29
CA LYS B 143 -18.66 4.70 5.78
C LYS B 143 -18.48 5.11 7.26
N PRO B 144 -18.31 4.09 8.11
CA PRO B 144 -18.14 4.32 9.54
C PRO B 144 -16.77 4.92 9.82
N GLY B 145 -16.62 5.60 10.93
CA GLY B 145 -15.35 6.15 11.35
C GLY B 145 -14.71 5.21 12.39
N PRO B 146 -13.42 5.29 12.48
CA PRO B 146 -12.68 4.47 13.49
C PRO B 146 -13.10 5.08 14.83
N TYR B 147 -12.72 4.42 15.88
CA TYR B 147 -13.00 4.84 17.24
C TYR B 147 -12.02 4.17 18.22
N PRO B 148 -11.81 4.96 19.27
CA PRO B 148 -10.88 4.52 20.36
C PRO B 148 -11.52 3.40 21.17
N TRP B 149 -10.75 2.57 21.85
CA TRP B 149 -11.35 1.46 22.66
C TRP B 149 -10.35 1.15 23.77
N ARG B 150 -10.85 0.70 24.88
CA ARG B 150 -10.00 0.42 26.04
C ARG B 150 -9.30 -0.92 25.96
N ASN B 151 -8.19 -1.01 25.31
CA ASN B 151 -7.30 -2.17 25.15
C ASN B 151 -5.95 -1.66 25.68
N GLY B 152 -5.16 -1.25 24.75
CA GLY B 152 -3.86 -0.60 25.07
C GLY B 152 -4.31 0.90 25.35
N PRO B 153 -3.39 1.69 25.87
CA PRO B 153 -3.68 3.12 26.20
C PRO B 153 -3.99 4.02 25.02
N ASN B 154 -3.69 3.58 23.81
CA ASN B 154 -4.00 4.38 22.61
C ASN B 154 -4.40 3.47 21.45
N ASP B 155 -5.35 2.58 21.69
CA ASP B 155 -5.83 1.64 20.62
C ASP B 155 -7.01 2.25 19.88
N TRP B 156 -7.02 2.06 18.60
CA TRP B 156 -8.07 2.55 17.70
C TRP B 156 -8.47 1.40 16.73
N ARG B 157 -9.76 1.16 16.69
CA ARG B 157 -10.21 0.12 15.70
C ARG B 157 -10.20 0.86 14.32
N PRO B 158 -9.81 0.10 13.33
CA PRO B 158 -9.93 0.61 11.94
C PRO B 158 -11.45 0.69 11.66
N ALA B 159 -11.86 1.51 10.71
CA ALA B 159 -13.28 1.62 10.34
C ALA B 159 -13.65 0.18 9.85
N HIS B 160 -14.81 -0.26 10.28
CA HIS B 160 -15.26 -1.64 9.89
C HIS B 160 -16.73 -1.77 10.00
N ILE B 161 -17.23 -2.81 9.34
CA ILE B 161 -18.65 -3.16 9.39
C ILE B 161 -18.67 -4.61 9.96
N HIS B 162 -19.47 -4.82 10.97
CA HIS B 162 -19.57 -6.23 11.53
C HIS B 162 -20.53 -7.03 10.66
N PHE B 163 -20.21 -8.28 10.33
CA PHE B 163 -21.05 -9.12 9.47
C PHE B 163 -21.39 -10.47 10.13
N GLY B 164 -22.61 -10.93 9.86
CA GLY B 164 -23.05 -12.26 10.33
C GLY B 164 -23.62 -12.97 9.06
N ILE B 165 -23.25 -14.21 8.84
CA ILE B 165 -23.65 -15.02 7.70
C ILE B 165 -24.07 -16.44 8.15
N SER B 166 -25.28 -16.81 7.79
CA SER B 166 -25.80 -18.13 8.21
C SER B 166 -25.29 -19.30 7.41
N GLY B 167 -25.48 -19.31 6.11
CA GLY B 167 -25.05 -20.43 5.25
C GLY B 167 -26.07 -21.57 5.39
N PRO B 168 -25.75 -22.71 4.74
CA PRO B 168 -26.57 -23.91 4.73
C PRO B 168 -26.76 -24.64 6.04
N SER B 169 -25.90 -24.49 7.01
CA SER B 169 -26.00 -25.19 8.28
C SER B 169 -25.34 -24.40 9.41
N ILE B 170 -25.46 -24.94 10.63
CA ILE B 170 -24.85 -24.30 11.79
C ILE B 170 -23.36 -24.54 11.79
N ALA B 171 -22.92 -25.52 10.98
CA ALA B 171 -21.52 -25.83 10.81
C ALA B 171 -20.85 -24.71 9.96
N THR B 172 -21.62 -24.00 9.14
CA THR B 172 -21.10 -22.96 8.29
C THR B 172 -21.29 -21.52 8.82
N LYS B 173 -22.12 -21.29 9.79
CA LYS B 173 -22.45 -19.96 10.34
C LYS B 173 -21.18 -19.25 10.79
N LEU B 174 -21.06 -17.96 10.48
CA LEU B 174 -19.86 -17.19 10.82
C LEU B 174 -20.16 -15.68 11.09
N ILE B 175 -19.36 -15.14 11.99
CA ILE B 175 -19.39 -13.68 12.30
C ILE B 175 -17.98 -13.19 11.98
N THR B 176 -17.97 -12.05 11.25
CA THR B 176 -16.65 -11.49 10.89
C THR B 176 -16.74 -9.94 10.85
N GLN B 177 -15.68 -9.36 10.34
CA GLN B 177 -15.61 -7.86 10.22
C GLN B 177 -15.01 -7.55 8.86
N LEU B 178 -15.60 -6.58 8.19
CA LEU B 178 -15.16 -6.03 6.92
C LEU B 178 -14.29 -4.77 7.28
N TYR B 179 -13.17 -4.73 6.64
CA TYR B 179 -12.24 -3.57 6.78
C TYR B 179 -12.18 -2.89 5.42
N PHE B 180 -11.82 -1.60 5.38
CA PHE B 180 -11.77 -0.83 4.12
C PHE B 180 -10.40 -0.69 3.56
N GLU B 181 -10.28 -1.00 2.30
CA GLU B 181 -9.05 -0.92 1.53
C GLU B 181 -8.24 0.34 1.85
N GLY B 182 -7.00 0.15 2.18
CA GLY B 182 -6.04 1.15 2.48
C GLY B 182 -5.97 1.72 3.85
N ASP B 183 -6.91 1.49 4.71
CA ASP B 183 -6.93 1.97 6.09
C ASP B 183 -5.64 1.64 6.85
N PRO B 184 -4.94 2.74 7.21
CA PRO B 184 -3.67 2.64 7.93
C PRO B 184 -3.77 2.04 9.29
N LEU B 185 -4.97 2.11 9.84
CA LEU B 185 -5.19 1.52 11.19
C LEU B 185 -5.20 -0.04 11.19
N ILE B 186 -5.46 -0.69 10.06
CA ILE B 186 -5.55 -2.14 9.93
C ILE B 186 -4.44 -2.96 10.58
N PRO B 187 -3.22 -2.75 10.18
CA PRO B 187 -2.08 -3.50 10.71
C PRO B 187 -1.74 -3.22 12.14
N MET B 188 -2.35 -2.25 12.79
CA MET B 188 -2.02 -1.94 14.19
C MET B 188 -3.03 -2.56 15.12
N CYS B 189 -4.12 -3.02 14.58
CA CYS B 189 -5.16 -3.60 15.36
C CYS B 189 -4.86 -5.01 15.92
N PRO B 190 -4.89 -5.09 17.24
CA PRO B 190 -4.66 -6.37 17.97
C PRO B 190 -5.78 -7.36 17.62
N ILE B 191 -6.96 -6.85 17.37
CA ILE B 191 -8.06 -7.76 16.95
C ILE B 191 -7.81 -8.36 15.57
N VAL B 192 -7.30 -7.46 14.68
CA VAL B 192 -6.98 -7.89 13.34
C VAL B 192 -5.85 -8.95 13.45
N LYS B 193 -4.85 -8.61 14.22
CA LYS B 193 -3.71 -9.48 14.43
C LYS B 193 -4.02 -10.76 15.20
N SER B 194 -5.25 -10.89 15.64
CA SER B 194 -5.64 -12.14 16.34
C SER B 194 -5.42 -13.25 15.27
N ILE B 195 -5.49 -12.84 14.02
CA ILE B 195 -5.29 -13.72 12.86
C ILE B 195 -3.83 -13.89 12.58
N ALA B 196 -3.26 -15.08 12.70
CA ALA B 196 -1.83 -15.26 12.44
C ALA B 196 -1.41 -15.12 11.02
N ASN B 197 -2.18 -15.51 10.04
CA ASN B 197 -1.81 -15.43 8.63
C ASN B 197 -2.28 -14.14 7.95
N PRO B 198 -1.34 -13.35 7.50
CA PRO B 198 -1.61 -12.06 6.80
C PRO B 198 -2.42 -12.31 5.55
N GLU B 199 -2.29 -13.54 5.03
CA GLU B 199 -3.11 -13.90 3.83
C GLU B 199 -4.56 -13.96 4.20
N ALA B 200 -4.83 -14.44 5.41
CA ALA B 200 -6.17 -14.55 5.93
C ALA B 200 -6.72 -13.13 6.13
N VAL B 201 -5.90 -12.20 6.61
CA VAL B 201 -6.32 -10.78 6.83
C VAL B 201 -6.85 -10.14 5.53
N GLN B 202 -6.20 -10.47 4.43
CA GLN B 202 -6.60 -9.97 3.13
C GLN B 202 -8.04 -10.27 2.79
N GLN B 203 -8.53 -11.43 3.24
CA GLN B 203 -9.90 -11.81 2.94
C GLN B 203 -10.92 -10.87 3.58
N LEU B 204 -10.54 -10.14 4.63
CA LEU B 204 -11.43 -9.22 5.32
C LEU B 204 -11.44 -7.78 4.81
N ILE B 205 -10.64 -7.47 3.81
CA ILE B 205 -10.59 -6.07 3.31
C ILE B 205 -11.47 -5.88 2.08
N ALA B 206 -12.41 -4.98 2.18
CA ALA B 206 -13.34 -4.68 1.06
C ALA B 206 -12.58 -3.78 0.09
N LYS B 207 -12.66 -4.05 -1.18
CA LYS B 207 -11.99 -3.29 -2.22
C LYS B 207 -12.93 -2.20 -2.85
N LEU B 208 -12.36 -1.05 -3.09
CA LEU B 208 -13.09 0.07 -3.75
C LEU B 208 -13.57 -0.48 -5.11
N ASP B 209 -14.80 -0.23 -5.39
CA ASP B 209 -15.41 -0.76 -6.64
C ASP B 209 -16.07 0.38 -7.40
N MET B 210 -15.32 1.02 -8.26
CA MET B 210 -15.78 2.17 -9.06
C MET B 210 -16.87 1.77 -10.05
N ASN B 211 -16.86 0.51 -10.48
CA ASN B 211 -17.81 -0.07 -11.43
C ASN B 211 -19.22 -0.14 -10.92
N ASN B 212 -19.40 -0.26 -9.65
CA ASN B 212 -20.69 -0.35 -9.00
C ASN B 212 -21.17 1.00 -8.45
N ALA B 213 -20.30 1.99 -8.41
CA ALA B 213 -20.64 3.33 -7.91
C ALA B 213 -21.73 3.99 -8.80
N ASN B 214 -22.43 4.89 -8.16
CA ASN B 214 -23.49 5.72 -8.80
C ASN B 214 -22.82 7.14 -8.94
N PRO B 215 -22.49 7.44 -10.17
CA PRO B 215 -21.85 8.74 -10.47
C PRO B 215 -22.62 9.89 -9.82
N MET B 216 -21.92 10.85 -9.24
CA MET B 216 -22.47 12.03 -8.58
C MET B 216 -23.37 11.66 -7.45
N ASP B 217 -23.23 10.48 -6.86
CA ASP B 217 -24.12 10.10 -5.77
C ASP B 217 -23.40 9.39 -4.63
N CYS B 218 -22.94 8.15 -4.89
CA CYS B 218 -22.24 7.31 -3.93
C CYS B 218 -21.22 6.35 -4.54
N LEU B 219 -20.24 6.08 -3.70
CA LEU B 219 -19.16 5.12 -4.03
C LEU B 219 -19.61 3.68 -3.68
N ALA B 220 -18.79 2.68 -4.00
CA ALA B 220 -19.05 1.27 -3.74
C ALA B 220 -17.80 0.47 -3.37
N TYR B 221 -18.08 -0.56 -2.53
CA TYR B 221 -17.11 -1.50 -1.98
C TYR B 221 -17.57 -2.95 -2.25
N ARG B 222 -16.62 -3.79 -2.58
CA ARG B 222 -16.86 -5.22 -2.89
C ARG B 222 -16.34 -6.12 -1.76
N PHE B 223 -17.20 -6.90 -1.21
CA PHE B 223 -16.82 -7.87 -0.12
C PHE B 223 -17.41 -9.27 -0.41
N ASP B 224 -16.61 -10.23 -0.84
CA ASP B 224 -17.11 -11.64 -1.11
C ASP B 224 -16.84 -12.48 0.14
N ILE B 225 -17.69 -13.42 0.45
CA ILE B 225 -17.57 -14.30 1.63
C ILE B 225 -17.49 -15.75 1.20
N VAL B 226 -16.62 -16.54 1.80
CA VAL B 226 -16.44 -17.97 1.53
C VAL B 226 -16.81 -18.80 2.78
N LEU B 227 -17.78 -19.68 2.57
CA LEU B 227 -18.19 -20.56 3.69
C LEU B 227 -17.58 -21.97 3.44
N ARG B 228 -17.58 -22.78 4.47
CA ARG B 228 -17.09 -24.19 4.41
C ARG B 228 -17.70 -24.91 3.20
N GLY B 229 -16.85 -25.65 2.51
CA GLY B 229 -17.24 -26.45 1.31
C GLY B 229 -18.24 -27.54 1.75
N GLN B 230 -19.25 -27.65 0.93
CA GLN B 230 -20.32 -28.62 1.14
C GLN B 230 -20.21 -29.76 0.11
N ARG B 231 -20.13 -31.00 0.63
CA ARG B 231 -20.06 -32.16 -0.32
C ARG B 231 -21.06 -33.23 0.06
N LYS B 232 -21.33 -34.09 -0.94
CA LYS B 232 -22.26 -35.22 -0.72
C LYS B 232 -21.48 -36.27 0.11
N THR B 233 -22.19 -37.01 0.89
CA THR B 233 -21.58 -38.11 1.70
C THR B 233 -21.25 -39.20 0.65
N HIS B 234 -20.23 -40.00 0.94
CA HIS B 234 -19.85 -41.07 -0.01
C HIS B 234 -19.20 -42.25 0.73
N PHE B 235 -19.50 -43.45 0.21
CA PHE B 235 -18.95 -44.72 0.77
C PHE B 235 -19.11 -44.68 2.29
N GLU B 236 -20.13 -43.98 2.75
CA GLU B 236 -20.35 -43.84 4.16
C GLU B 236 -20.62 -45.01 5.01
N PRO C 1 2.41 5.51 8.38
CA PRO C 1 2.25 6.48 9.47
C PRO C 1 3.61 6.99 9.97
N ILE C 2 3.52 7.89 10.96
CA ILE C 2 4.71 8.43 11.58
C ILE C 2 5.29 7.48 12.65
N GLU C 3 6.54 7.17 12.59
CA GLU C 3 7.27 6.33 13.54
C GLU C 3 8.34 7.21 14.22
N LEU C 4 8.46 7.18 15.51
CA LEU C 4 9.49 7.95 16.24
C LEU C 4 10.66 7.00 16.49
N LEU C 5 11.66 7.45 17.24
CA LEU C 5 12.74 6.50 17.58
C LEU C 5 12.05 5.52 18.61
N PRO C 6 12.47 4.28 18.55
CA PRO C 6 11.98 3.23 19.47
C PRO C 6 12.65 3.45 20.84
N GLU C 7 11.88 3.24 21.86
CA GLU C 7 12.39 3.39 23.26
C GLU C 7 13.31 2.22 23.50
N THR C 8 14.33 2.43 24.31
CA THR C 8 15.26 1.30 24.65
C THR C 8 14.44 0.20 25.36
N PRO C 9 14.63 -1.05 24.94
CA PRO C 9 13.91 -2.19 25.55
C PRO C 9 14.30 -2.44 27.00
N SER C 10 13.33 -2.80 27.79
CA SER C 10 13.49 -3.18 29.19
C SER C 10 14.15 -4.57 29.29
N GLN C 11 14.81 -4.81 30.40
CA GLN C 11 15.43 -6.09 30.76
C GLN C 11 15.18 -6.29 32.25
N THR C 12 15.19 -7.54 32.72
CA THR C 12 14.97 -7.78 34.17
C THR C 12 16.12 -7.14 34.97
N ALA C 13 15.82 -6.73 36.19
CA ALA C 13 16.83 -6.16 37.10
C ALA C 13 17.78 -7.28 37.56
N GLY C 14 17.32 -8.54 37.58
CA GLY C 14 18.17 -9.69 38.05
C GLY C 14 18.15 -9.68 39.60
N PRO C 15 18.76 -10.72 40.18
CA PRO C 15 18.87 -10.91 41.62
C PRO C 15 19.81 -10.01 42.37
N TYR C 16 20.75 -9.39 41.72
CA TYR C 16 21.72 -8.49 42.29
C TYR C 16 21.41 -6.99 42.17
N VAL C 17 20.17 -6.66 41.88
CA VAL C 17 19.70 -5.26 41.77
C VAL C 17 20.12 -4.42 42.98
N HIS C 18 20.26 -5.09 44.14
CA HIS C 18 20.62 -4.43 45.39
C HIS C 18 21.98 -3.77 45.42
N ILE C 19 22.94 -4.36 44.74
CA ILE C 19 24.26 -3.75 44.77
C ILE C 19 24.19 -2.38 44.10
N GLY C 20 23.24 -2.22 43.20
CA GLY C 20 23.04 -0.98 42.46
C GLY C 20 22.13 0.07 43.07
N LEU C 21 20.98 -0.38 43.50
CA LEU C 21 19.96 0.49 44.05
C LEU C 21 19.55 0.29 45.47
N ALA C 22 20.20 -0.58 46.23
CA ALA C 22 19.87 -0.85 47.63
C ALA C 22 21.09 -1.47 48.33
N LEU C 23 22.14 -0.67 48.33
CA LEU C 23 23.44 -0.99 48.86
C LEU C 23 23.49 -1.70 50.21
N GLU C 24 22.84 -1.06 51.17
CA GLU C 24 22.78 -1.62 52.55
C GLU C 24 22.47 -3.14 52.37
N ALA C 25 21.34 -3.35 51.73
CA ALA C 25 20.78 -4.67 51.43
C ALA C 25 21.74 -5.62 50.74
N ALA C 26 22.47 -5.07 49.79
CA ALA C 26 23.45 -5.89 49.05
C ALA C 26 24.44 -6.47 50.09
N GLY C 27 24.48 -5.69 51.17
CA GLY C 27 25.34 -5.94 52.33
C GLY C 27 26.68 -5.23 52.08
N ASN C 28 26.55 -4.10 51.37
CA ASN C 28 27.68 -3.29 50.99
C ASN C 28 27.64 -1.90 51.65
N PRO C 29 28.81 -1.30 51.72
CA PRO C 29 28.94 0.08 52.29
C PRO C 29 28.10 1.04 51.43
N THR C 30 27.43 2.00 52.03
CA THR C 30 26.63 2.98 51.28
C THR C 30 27.47 4.25 51.07
N ARG C 31 26.91 5.14 50.27
CA ARG C 31 27.57 6.46 49.97
C ARG C 31 26.95 7.52 50.88
N ASP C 32 27.45 8.73 50.89
CA ASP C 32 26.97 9.85 51.71
C ASP C 32 25.46 10.04 51.56
N GLN C 33 25.04 10.14 50.30
CA GLN C 33 23.63 10.35 49.99
C GLN C 33 23.06 9.17 49.19
N GLU C 34 21.98 8.64 49.72
CA GLU C 34 21.24 7.50 49.20
C GLU C 34 19.74 7.77 49.17
N ILE C 35 19.09 7.15 48.20
CA ILE C 35 17.63 7.26 48.07
C ILE C 35 17.07 6.00 48.74
N TRP C 36 16.39 6.18 49.85
CA TRP C 36 15.88 5.02 50.58
C TRP C 36 14.46 5.09 50.97
N ASN C 37 14.03 4.34 51.96
CA ASN C 37 12.65 4.23 52.35
C ASN C 37 12.00 5.20 53.31
N ARG C 38 12.62 6.30 53.68
CA ARG C 38 12.13 7.33 54.62
C ARG C 38 11.75 8.60 53.86
N LEU C 39 10.56 8.76 53.39
CA LEU C 39 10.11 9.94 52.62
C LEU C 39 9.94 11.19 53.47
N ALA C 40 9.58 10.98 54.72
CA ALA C 40 9.32 12.10 55.64
C ALA C 40 10.16 12.09 56.90
N LYS C 41 10.53 13.32 57.27
CA LYS C 41 11.30 13.60 58.51
C LYS C 41 10.21 13.89 59.56
N PRO C 42 10.46 13.44 60.77
CA PRO C 42 9.54 13.59 61.87
C PRO C 42 8.80 14.92 61.89
N ASP C 43 9.44 16.00 61.50
CA ASP C 43 8.81 17.36 61.52
C ASP C 43 8.07 17.66 60.24
N ALA C 44 7.77 16.61 59.47
CA ALA C 44 7.03 16.82 58.21
C ALA C 44 5.55 16.85 58.51
N PRO C 45 4.89 17.87 57.95
CA PRO C 45 3.46 18.06 58.10
C PRO C 45 2.78 16.79 57.52
N GLY C 46 1.59 16.56 57.97
CA GLY C 46 0.77 15.42 57.56
C GLY C 46 0.83 14.30 58.59
N GLU C 47 -0.01 13.31 58.34
CA GLU C 47 -0.13 12.10 59.17
C GLU C 47 0.95 11.06 58.83
N HIS C 48 1.89 10.90 59.71
CA HIS C 48 2.98 9.94 59.58
C HIS C 48 2.48 8.49 59.66
N ILE C 49 2.91 7.66 58.72
CA ILE C 49 2.52 6.24 58.66
C ILE C 49 3.66 5.35 58.21
N LEU C 50 3.50 4.06 58.50
CA LEU C 50 4.44 3.00 58.11
C LEU C 50 3.71 2.15 57.04
N LEU C 51 4.41 1.83 56.00
CA LEU C 51 3.88 0.98 54.90
C LEU C 51 4.73 -0.32 54.94
N LEU C 52 4.06 -1.45 54.77
CA LEU C 52 4.76 -2.77 54.77
C LEU C 52 4.05 -3.78 53.90
N GLY C 53 4.80 -4.72 53.31
CA GLY C 53 4.25 -5.77 52.46
C GLY C 53 5.23 -6.86 52.10
N GLN C 54 4.68 -7.89 51.48
CA GLN C 54 5.25 -9.11 50.96
C GLN C 54 4.82 -9.23 49.49
N VAL C 55 5.65 -9.91 48.74
CA VAL C 55 5.48 -10.14 47.32
C VAL C 55 5.46 -11.68 47.09
N TYR C 56 4.42 -12.14 46.45
CA TYR C 56 4.21 -13.52 46.10
C TYR C 56 4.25 -13.77 44.59
N ASP C 57 4.84 -14.91 44.27
CA ASP C 57 4.93 -15.41 42.92
C ASP C 57 3.69 -16.26 42.66
N GLY C 58 3.54 -16.83 41.51
CA GLY C 58 2.43 -17.66 41.09
C GLY C 58 2.26 -18.99 41.82
N ASN C 59 3.22 -19.49 42.56
CA ASN C 59 3.14 -20.75 43.31
C ASN C 59 2.85 -20.44 44.78
N GLY C 60 2.66 -19.18 45.11
CA GLY C 60 2.41 -18.76 46.49
C GLY C 60 3.67 -18.56 47.28
N HIS C 61 4.79 -18.69 46.65
CA HIS C 61 6.08 -18.49 47.29
C HIS C 61 6.48 -17.01 47.34
N LEU C 62 7.15 -16.63 48.41
CA LEU C 62 7.66 -15.26 48.62
C LEU C 62 8.77 -14.95 47.58
N VAL C 63 8.68 -13.72 47.12
CA VAL C 63 9.68 -13.18 46.18
C VAL C 63 10.60 -12.34 47.09
N ARG C 64 11.72 -12.93 47.47
CA ARG C 64 12.67 -12.32 48.36
C ARG C 64 13.72 -11.44 47.78
N ASP C 65 13.72 -11.24 46.49
CA ASP C 65 14.71 -10.39 45.82
C ASP C 65 14.03 -9.23 45.08
N SER C 66 12.88 -8.80 45.57
CA SER C 66 12.13 -7.70 44.92
C SER C 66 12.61 -6.30 45.32
N PHE C 67 12.47 -5.38 44.39
CA PHE C 67 12.91 -3.96 44.54
C PHE C 67 11.74 -3.04 44.16
N LEU C 68 11.42 -2.07 45.03
CA LEU C 68 10.32 -1.15 44.79
C LEU C 68 10.65 0.36 44.81
N GLU C 69 9.91 1.07 43.94
CA GLU C 69 10.00 2.56 43.82
C GLU C 69 8.65 3.17 44.03
N VAL C 70 8.58 4.20 44.85
CA VAL C 70 7.28 4.85 45.11
C VAL C 70 7.29 6.34 44.75
N TRP C 71 6.16 6.86 44.34
CA TRP C 71 5.93 8.28 43.97
C TRP C 71 4.61 8.69 44.56
N GLN C 72 4.61 9.72 45.39
CA GLN C 72 3.42 10.23 46.03
C GLN C 72 3.43 11.75 46.34
N ALA C 73 2.23 12.32 46.39
CA ALA C 73 2.05 13.76 46.75
C ALA C 73 2.27 13.84 48.29
N ASP C 74 2.49 15.10 48.69
CA ASP C 74 2.69 15.39 50.14
C ASP C 74 1.29 15.47 50.72
N ALA C 75 1.26 15.80 52.01
CA ALA C 75 -0.01 15.94 52.71
C ALA C 75 -0.90 17.01 52.07
N ASN C 76 -0.34 18.01 51.40
CA ASN C 76 -1.14 19.05 50.74
C ASN C 76 -1.57 18.62 49.34
N GLY C 77 -1.21 17.39 48.96
CA GLY C 77 -1.54 16.88 47.64
C GLY C 77 -0.70 17.60 46.59
N GLU C 78 0.53 17.88 46.92
CA GLU C 78 1.46 18.50 46.01
C GLU C 78 2.67 17.59 45.83
N TYR C 79 3.07 17.41 44.60
CA TYR C 79 4.25 16.58 44.27
C TYR C 79 5.48 17.49 44.38
N GLN C 80 6.38 17.03 45.23
CA GLN C 80 7.64 17.66 45.50
C GLN C 80 8.72 16.90 44.72
N ASP C 81 8.97 17.36 43.53
CA ASP C 81 9.92 16.73 42.64
C ASP C 81 11.35 17.11 42.88
N ALA C 82 11.58 18.14 43.69
CA ALA C 82 12.97 18.56 43.96
C ALA C 82 13.54 17.70 45.10
N TYR C 83 14.06 16.52 44.74
CA TYR C 83 14.64 15.58 45.70
C TYR C 83 15.82 16.15 46.46
N ASN C 84 15.71 16.17 47.78
CA ASN C 84 16.77 16.69 48.67
C ASN C 84 16.66 16.09 50.06
N LEU C 85 17.75 15.53 50.56
CA LEU C 85 17.88 14.88 51.85
C LEU C 85 17.62 15.86 53.00
N GLU C 86 17.71 17.16 52.72
CA GLU C 86 17.49 18.24 53.69
C GLU C 86 16.00 18.50 53.80
N ASN C 87 15.21 18.07 52.83
CA ASN C 87 13.78 18.33 52.89
C ASN C 87 13.14 17.51 54.01
N ALA C 88 12.07 18.08 54.47
CA ALA C 88 11.26 17.44 55.51
C ALA C 88 10.42 16.29 54.91
N PHE C 89 10.19 16.40 53.61
CA PHE C 89 9.43 15.47 52.80
C PHE C 89 9.94 15.38 51.35
N ASN C 90 10.05 14.12 50.90
CA ASN C 90 10.45 13.78 49.53
C ASN C 90 9.31 12.93 48.95
N SER C 91 8.85 13.29 47.79
CA SER C 91 7.77 12.60 47.09
C SER C 91 8.17 11.19 46.58
N PHE C 92 9.44 10.97 46.42
CA PHE C 92 10.07 9.76 45.94
C PHE C 92 10.85 8.95 46.99
N GLY C 93 10.81 7.61 46.84
CA GLY C 93 11.49 6.65 47.69
C GLY C 93 11.74 5.28 47.05
N ARG C 94 12.57 4.50 47.73
CA ARG C 94 12.95 3.14 47.37
C ARG C 94 13.01 2.26 48.63
N THR C 95 12.65 1.00 48.39
CA THR C 95 12.62 -0.09 49.35
C THR C 95 12.86 -1.44 48.64
N ALA C 96 13.11 -2.45 49.44
CA ALA C 96 13.35 -3.84 48.96
C ALA C 96 12.84 -4.83 50.01
N THR C 97 12.71 -6.10 49.61
CA THR C 97 12.27 -7.19 50.47
C THR C 97 13.50 -7.94 51.04
N THR C 98 13.36 -8.26 52.31
CA THR C 98 14.36 -8.99 53.10
C THR C 98 14.55 -10.44 52.60
N PHE C 99 15.82 -10.78 52.48
CA PHE C 99 16.21 -12.15 52.02
C PHE C 99 15.66 -13.18 52.98
N ASP C 100 15.40 -12.77 54.20
CA ASP C 100 14.84 -13.70 55.22
C ASP C 100 13.33 -13.59 55.17
N ALA C 101 12.74 -12.79 56.03
CA ALA C 101 11.32 -12.56 56.07
C ALA C 101 10.68 -12.22 54.72
N GLY C 102 11.38 -11.49 53.90
CA GLY C 102 10.86 -11.10 52.59
C GLY C 102 9.79 -10.00 52.66
N GLU C 103 9.99 -9.09 53.61
CA GLU C 103 9.06 -7.96 53.83
C GLU C 103 9.70 -6.60 53.56
N TRP C 104 9.03 -5.67 52.90
CA TRP C 104 9.59 -4.32 52.61
C TRP C 104 8.88 -3.28 53.51
N THR C 105 9.54 -2.18 53.83
CA THR C 105 8.93 -1.12 54.64
C THR C 105 9.26 0.27 54.10
N LEU C 106 8.36 1.20 54.41
CA LEU C 106 8.47 2.62 54.02
C LEU C 106 7.93 3.54 55.11
N HIS C 107 8.60 4.64 55.34
CA HIS C 107 8.17 5.66 56.35
C HIS C 107 7.74 6.91 55.56
N THR C 108 6.46 7.17 55.58
CA THR C 108 5.92 8.34 54.82
C THR C 108 4.81 9.01 55.58
N VAL C 109 4.04 9.82 54.89
CA VAL C 109 2.87 10.55 55.28
C VAL C 109 1.76 10.15 54.28
N LYS C 110 0.55 10.16 54.75
CA LYS C 110 -0.61 9.87 53.88
C LYS C 110 -0.72 11.08 52.90
N PRO C 111 -0.75 10.73 51.63
CA PRO C 111 -0.78 11.72 50.56
C PRO C 111 -2.08 12.51 50.47
N GLY C 112 -1.99 13.77 50.03
CA GLY C 112 -3.13 14.66 49.82
C GLY C 112 -3.73 14.26 48.44
N VAL C 113 -4.87 14.81 48.15
CA VAL C 113 -5.65 14.60 46.95
C VAL C 113 -5.14 15.42 45.78
N VAL C 114 -5.11 14.78 44.62
CA VAL C 114 -4.69 15.41 43.38
C VAL C 114 -5.79 15.12 42.33
N ASN C 115 -5.94 16.07 41.43
CA ASN C 115 -6.93 15.97 40.36
C ASN C 115 -6.28 15.33 39.11
N ASN C 116 -7.15 14.72 38.37
CA ASN C 116 -6.80 14.05 37.10
C ASN C 116 -6.76 15.19 36.05
N ALA C 117 -6.42 14.79 34.85
CA ALA C 117 -6.32 15.78 33.75
C ALA C 117 -7.63 16.50 33.55
N ALA C 118 -8.74 15.82 33.67
CA ALA C 118 -10.04 16.43 33.52
C ALA C 118 -10.48 17.19 34.76
N GLY C 119 -9.63 17.48 35.71
CA GLY C 119 -10.01 18.21 36.93
C GLY C 119 -10.69 17.43 38.00
N VAL C 120 -10.89 16.10 37.85
CA VAL C 120 -11.52 15.23 38.85
C VAL C 120 -10.46 14.76 39.87
N PRO C 121 -10.83 14.84 41.14
CA PRO C 121 -9.93 14.41 42.22
C PRO C 121 -9.84 12.88 42.20
N MET C 122 -8.66 12.40 42.49
CA MET C 122 -8.29 10.95 42.58
C MET C 122 -8.20 10.67 44.09
N ALA C 123 -8.43 9.44 44.49
CA ALA C 123 -8.33 9.16 45.97
C ALA C 123 -6.87 9.20 46.32
N PRO C 124 -6.53 9.47 47.56
CA PRO C 124 -5.11 9.48 47.98
C PRO C 124 -4.52 8.12 47.53
N HIS C 125 -3.40 8.17 46.89
CA HIS C 125 -2.70 6.96 46.40
C HIS C 125 -1.21 7.18 46.32
N ILE C 126 -0.52 6.04 46.28
CA ILE C 126 0.91 5.95 46.17
C ILE C 126 1.20 5.15 44.89
N ASN C 127 2.04 5.73 44.06
CA ASN C 127 2.38 5.04 42.79
C ASN C 127 3.54 4.07 43.06
N ILE C 128 3.40 2.83 42.60
CA ILE C 128 4.43 1.81 42.81
C ILE C 128 4.91 1.14 41.53
N SER C 129 6.21 0.97 41.45
CA SER C 129 6.87 0.25 40.36
C SER C 129 7.68 -0.92 41.04
N LEU C 130 7.44 -2.13 40.57
CA LEU C 130 8.08 -3.36 41.09
C LEU C 130 9.05 -3.97 40.09
N PHE C 131 10.24 -4.22 40.59
CA PHE C 131 11.32 -4.79 39.80
C PHE C 131 11.86 -6.06 40.52
N ALA C 132 12.30 -7.01 39.73
CA ALA C 132 12.89 -8.26 40.24
C ALA C 132 13.27 -9.20 39.10
N ARG C 133 14.04 -10.16 39.52
CA ARG C 133 14.52 -11.33 38.69
C ARG C 133 13.24 -12.06 38.23
N GLY C 134 13.17 -12.48 36.98
CA GLY C 134 11.95 -13.15 36.48
C GLY C 134 11.00 -12.12 35.90
N ILE C 135 11.15 -10.83 36.23
CA ILE C 135 10.30 -9.74 35.74
C ILE C 135 11.04 -8.95 34.66
N ASN C 136 10.70 -9.21 33.42
CA ASN C 136 11.27 -8.62 32.25
C ASN C 136 11.11 -7.08 32.14
N ILE C 137 9.95 -6.62 32.47
CA ILE C 137 9.51 -5.22 32.49
C ILE C 137 8.77 -4.96 33.80
N HIS C 138 9.14 -3.88 34.48
CA HIS C 138 8.59 -3.52 35.74
C HIS C 138 7.10 -3.38 35.71
N LEU C 139 6.52 -3.74 36.84
CA LEU C 139 5.09 -3.67 37.01
C LEU C 139 4.69 -2.40 37.76
N HIS C 140 3.67 -1.76 37.20
CA HIS C 140 3.10 -0.55 37.82
C HIS C 140 1.81 -0.92 38.53
N THR C 141 1.64 -0.30 39.68
CA THR C 141 0.44 -0.43 40.46
C THR C 141 0.24 0.83 41.32
N ARG C 142 -0.85 0.86 42.05
CA ARG C 142 -1.18 1.95 42.96
C ARG C 142 -1.57 1.33 44.31
N LEU C 143 -1.28 2.07 45.35
CA LEU C 143 -1.65 1.65 46.70
C LEU C 143 -2.70 2.69 47.19
N TYR C 144 -3.88 2.16 47.43
CA TYR C 144 -4.95 2.99 47.99
C TYR C 144 -5.06 2.53 49.46
N PHE C 145 -5.80 3.35 50.20
CA PHE C 145 -6.01 3.11 51.65
C PHE C 145 -7.44 2.71 51.91
N ASP C 146 -7.60 1.66 52.72
CA ASP C 146 -8.92 1.16 53.04
C ASP C 146 -9.71 2.16 53.87
N ASP C 147 -9.11 3.11 54.53
CA ASP C 147 -9.84 4.08 55.36
C ASP C 147 -10.30 5.32 54.56
N GLU C 148 -10.23 5.22 53.27
CA GLU C 148 -10.63 6.31 52.35
C GLU C 148 -11.64 5.76 51.34
N ALA C 149 -12.49 4.91 51.83
CA ALA C 149 -13.52 4.27 51.04
C ALA C 149 -14.32 5.29 50.24
N GLN C 150 -14.68 6.42 50.86
CA GLN C 150 -15.49 7.45 50.14
C GLN C 150 -14.80 7.99 48.94
N ALA C 151 -13.53 8.29 49.12
CA ALA C 151 -12.73 8.84 48.03
C ALA C 151 -12.51 7.74 46.98
N ASN C 152 -12.17 6.54 47.50
CA ASN C 152 -11.90 5.38 46.68
C ASN C 152 -13.07 5.06 45.76
N ALA C 153 -14.25 5.24 46.29
CA ALA C 153 -15.43 4.85 45.49
C ALA C 153 -15.62 5.76 44.29
N LYS C 154 -15.09 6.97 44.40
CA LYS C 154 -15.18 7.99 43.36
C LYS C 154 -13.98 8.16 42.50
N CYS C 155 -12.91 7.41 42.70
CA CYS C 155 -11.70 7.54 41.91
C CYS C 155 -11.88 7.20 40.46
N PRO C 156 -11.54 8.19 39.62
CA PRO C 156 -11.64 7.99 38.17
C PRO C 156 -10.72 6.83 37.73
N VAL C 157 -9.64 6.61 38.45
CA VAL C 157 -8.69 5.55 38.13
C VAL C 157 -9.20 4.17 38.57
N LEU C 158 -9.57 4.06 39.81
CA LEU C 158 -10.10 2.79 40.37
C LEU C 158 -11.30 2.33 39.54
N ASN C 159 -12.10 3.34 39.14
CA ASN C 159 -13.28 3.13 38.34
C ASN C 159 -13.00 2.60 36.98
N LEU C 160 -11.78 2.66 36.51
CA LEU C 160 -11.44 2.12 35.19
C LEU C 160 -11.30 0.58 35.25
N ILE C 161 -11.06 0.07 36.46
CA ILE C 161 -10.95 -1.43 36.59
C ILE C 161 -12.37 -1.97 36.49
N GLU C 162 -12.60 -2.71 35.42
CA GLU C 162 -13.85 -3.33 35.09
C GLU C 162 -14.48 -4.15 36.18
N GLN C 163 -13.77 -5.10 36.79
CA GLN C 163 -14.26 -5.97 37.84
C GLN C 163 -13.93 -5.47 39.23
N PRO C 164 -14.95 -5.14 39.98
CA PRO C 164 -14.83 -4.66 41.35
C PRO C 164 -13.98 -5.48 42.28
N GLN C 165 -13.95 -6.81 42.08
CA GLN C 165 -13.15 -7.73 42.92
C GLN C 165 -11.69 -7.45 42.67
N ARG C 166 -11.45 -6.96 41.46
CA ARG C 166 -10.09 -6.64 41.04
C ARG C 166 -9.60 -5.37 41.72
N ARG C 167 -10.51 -4.44 41.99
CA ARG C 167 -10.21 -3.15 42.64
C ARG C 167 -9.67 -3.33 44.04
N GLU C 168 -10.19 -4.35 44.71
CA GLU C 168 -9.79 -4.65 46.08
C GLU C 168 -8.35 -5.00 46.30
N THR C 169 -7.66 -5.39 45.24
CA THR C 169 -6.27 -5.80 45.24
C THR C 169 -5.36 -4.59 45.42
N LEU C 170 -5.89 -3.41 45.18
CA LEU C 170 -5.19 -2.13 45.30
C LEU C 170 -5.36 -1.43 46.62
N ILE C 171 -6.13 -2.00 47.50
CA ILE C 171 -6.40 -1.41 48.80
C ILE C 171 -5.61 -1.97 49.95
N ALA C 172 -4.78 -1.11 50.52
CA ALA C 172 -3.94 -1.42 51.67
C ALA C 172 -4.78 -1.45 52.96
N LYS C 173 -4.52 -2.48 53.77
CA LYS C 173 -5.21 -2.70 55.02
C LYS C 173 -4.49 -2.03 56.17
N ARG C 174 -5.20 -1.11 56.81
CA ARG C 174 -4.72 -0.34 57.97
C ARG C 174 -4.50 -1.30 59.16
N CYS C 175 -3.46 -1.04 59.86
CA CYS C 175 -3.00 -1.82 61.02
C CYS C 175 -2.13 -0.90 61.88
N GLU C 176 -1.53 -1.54 62.88
CA GLU C 176 -0.63 -0.78 63.78
C GLU C 176 0.60 -1.64 64.02
N VAL C 177 1.72 -0.93 64.07
CA VAL C 177 3.03 -1.59 64.29
C VAL C 177 3.68 -0.73 65.41
N ASP C 178 4.01 -1.42 66.50
CA ASP C 178 4.60 -0.75 67.67
C ASP C 178 3.78 0.50 68.02
N GLY C 179 2.48 0.33 67.98
CA GLY C 179 1.60 1.47 68.28
C GLY C 179 1.67 2.59 67.26
N LYS C 180 2.18 2.28 66.08
CA LYS C 180 2.26 3.30 65.01
C LYS C 180 1.28 2.83 63.91
N THR C 181 0.68 3.85 63.29
CA THR C 181 -0.25 3.62 62.19
C THR C 181 0.54 3.07 60.99
N ALA C 182 0.10 1.94 60.50
CA ALA C 182 0.64 1.21 59.38
C ALA C 182 -0.47 0.69 58.48
N TYR C 183 -0.03 0.36 57.28
CA TYR C 183 -0.88 -0.18 56.22
C TYR C 183 -0.02 -1.31 55.59
N ARG C 184 -0.71 -2.38 55.28
CA ARG C 184 -0.14 -3.57 54.67
C ARG C 184 -0.67 -3.68 53.23
N PHE C 185 0.29 -3.78 52.38
CA PHE C 185 0.03 -3.90 50.93
C PHE C 185 0.86 -5.06 50.38
N ASP C 186 0.25 -6.20 50.19
CA ASP C 186 0.90 -7.41 49.64
C ASP C 186 0.57 -7.43 48.14
N ILE C 187 1.56 -7.84 47.38
CA ILE C 187 1.43 -7.93 45.94
C ILE C 187 1.48 -9.45 45.54
N ARG C 188 0.50 -9.85 44.80
CA ARG C 188 0.38 -11.23 44.24
C ARG C 188 0.63 -11.06 42.75
N ILE C 189 1.80 -11.48 42.31
CA ILE C 189 2.15 -11.30 40.90
C ILE C 189 1.26 -12.12 39.99
N GLN C 190 0.99 -13.35 40.44
CA GLN C 190 0.21 -14.29 39.60
C GLN C 190 -0.74 -15.15 40.39
N GLY C 191 -1.83 -15.53 39.73
CA GLY C 191 -2.82 -16.40 40.23
C GLY C 191 -3.93 -15.79 41.01
N GLU C 192 -4.34 -16.58 41.99
CA GLU C 192 -5.44 -16.20 42.89
C GLU C 192 -5.11 -14.88 43.59
N GLY C 193 -6.00 -13.90 43.47
CA GLY C 193 -5.85 -12.55 44.05
C GLY C 193 -4.79 -11.76 43.32
N GLU C 194 -4.50 -12.15 42.08
CA GLU C 194 -3.44 -11.41 41.35
C GLU C 194 -3.71 -9.89 41.40
N THR C 195 -2.73 -9.11 41.79
CA THR C 195 -2.81 -7.63 41.86
C THR C 195 -2.94 -6.98 40.46
N VAL C 196 -3.75 -5.93 40.40
CA VAL C 196 -3.96 -5.14 39.18
C VAL C 196 -2.64 -4.40 38.90
N PHE C 197 -2.22 -4.54 37.70
CA PHE C 197 -1.00 -3.89 37.18
C PHE C 197 -1.50 -2.95 36.05
N PHE C 198 -0.93 -1.78 35.96
CA PHE C 198 -1.35 -0.74 34.98
C PHE C 198 -0.34 -0.53 33.87
N ASP C 199 -0.88 0.06 32.82
CA ASP C 199 -0.23 0.48 31.61
C ASP C 199 -0.67 1.97 31.42
N PHE C 200 0.29 2.79 31.19
CA PHE C 200 0.12 4.26 31.01
C PHE C 200 1.35 4.83 30.29
N PRO D 1 5.89 22.89 43.55
CA PRO D 1 5.64 21.47 43.19
C PRO D 1 5.61 21.24 41.68
N ALA D 2 5.56 19.94 41.32
CA ALA D 2 5.50 19.48 39.93
C ALA D 2 4.15 19.85 39.32
N GLN D 3 4.17 20.07 38.01
CA GLN D 3 3.00 20.43 37.22
C GLN D 3 2.74 19.43 36.07
N ASP D 4 1.45 19.28 35.81
CA ASP D 4 0.96 18.40 34.74
C ASP D 4 1.00 19.26 33.47
N ASN D 5 2.10 19.21 32.79
CA ASN D 5 2.20 19.98 31.54
C ASN D 5 2.58 19.07 30.36
N SER D 6 2.95 17.83 30.60
CA SER D 6 3.37 16.90 29.55
C SER D 6 2.55 15.62 29.42
N ARG D 7 2.72 14.99 28.28
CA ARG D 7 2.13 13.73 27.85
C ARG D 7 3.29 12.89 27.32
N PHE D 8 3.26 11.58 27.58
CA PHE D 8 4.34 10.67 27.12
C PHE D 8 3.79 9.70 26.09
N VAL D 9 4.54 9.47 25.06
CA VAL D 9 4.16 8.58 23.94
C VAL D 9 3.96 7.17 24.59
N ILE D 10 2.85 6.59 24.27
CA ILE D 10 2.50 5.25 24.76
C ILE D 10 3.56 4.20 24.46
N ARG D 11 3.87 3.35 25.43
CA ARG D 11 4.86 2.28 25.21
C ARG D 11 4.38 1.23 24.22
N ASP D 12 5.33 0.68 23.50
CA ASP D 12 5.10 -0.42 22.54
C ASP D 12 5.57 -1.74 23.26
N ARG D 13 4.59 -2.40 23.82
CA ARG D 13 4.77 -3.64 24.60
C ARG D 13 5.08 -4.89 23.80
N ASN D 14 5.16 -4.69 22.49
CA ASN D 14 5.56 -5.76 21.56
C ASN D 14 7.04 -5.55 21.26
N TRP D 15 7.52 -4.36 21.58
CA TRP D 15 8.94 -4.01 21.34
C TRP D 15 9.75 -4.51 22.56
N HIS D 16 9.20 -4.16 23.70
CA HIS D 16 9.72 -4.60 25.00
C HIS D 16 9.41 -6.13 25.09
N PRO D 17 10.19 -6.81 25.94
CA PRO D 17 9.99 -8.27 26.20
C PRO D 17 8.65 -8.40 26.93
N LYS D 18 7.99 -9.50 26.59
CA LYS D 18 6.71 -9.85 27.21
C LYS D 18 7.12 -10.37 28.61
N ALA D 19 6.08 -10.43 29.42
CA ALA D 19 6.19 -10.92 30.80
C ALA D 19 6.51 -12.43 30.85
N LEU D 20 5.73 -13.17 30.06
CA LEU D 20 5.89 -14.66 30.03
C LEU D 20 6.78 -15.13 28.90
N THR D 21 7.95 -15.56 29.26
CA THR D 21 8.96 -16.04 28.31
C THR D 21 9.58 -17.31 28.93
N PRO D 22 8.96 -18.46 28.65
CA PRO D 22 9.31 -19.75 29.20
C PRO D 22 10.73 -20.19 29.22
N ASP D 23 11.53 -19.86 28.24
CA ASP D 23 12.93 -20.29 28.25
C ASP D 23 13.68 -19.68 29.42
N TYR D 24 13.21 -18.54 29.88
CA TYR D 24 13.76 -17.81 31.04
C TYR D 24 12.84 -18.29 32.18
N LYS D 25 13.22 -19.41 32.74
CA LYS D 25 12.52 -20.15 33.76
C LYS D 25 11.85 -19.37 34.81
N THR D 26 12.50 -18.47 35.52
CA THR D 26 11.90 -17.68 36.61
C THR D 26 10.74 -16.83 36.14
N SER D 27 10.63 -16.52 34.86
CA SER D 27 9.53 -15.69 34.36
C SER D 27 8.21 -16.43 34.42
N ILE D 28 8.27 -17.78 34.49
CA ILE D 28 7.02 -18.56 34.51
C ILE D 28 6.17 -18.21 35.70
N ALA D 29 6.70 -18.35 36.90
CA ALA D 29 6.03 -18.04 38.14
C ALA D 29 5.97 -16.54 38.46
N ARG D 30 6.79 -15.71 37.79
CA ARG D 30 6.81 -14.26 38.07
C ARG D 30 6.18 -13.31 37.04
N SER D 31 5.23 -13.79 36.27
CA SER D 31 4.50 -13.01 35.27
C SER D 31 3.03 -13.09 35.59
N PRO D 32 2.34 -11.99 35.35
CA PRO D 32 0.90 -11.93 35.57
C PRO D 32 0.23 -12.82 34.51
N ARG D 33 -1.00 -13.11 34.79
CA ARG D 33 -1.82 -13.96 33.89
C ARG D 33 -2.95 -13.09 33.39
N GLN D 34 -3.29 -12.05 34.15
CA GLN D 34 -4.34 -11.09 33.72
C GLN D 34 -3.63 -9.99 32.89
N ALA D 35 -4.39 -9.33 32.04
CA ALA D 35 -3.93 -8.24 31.18
C ALA D 35 -3.70 -6.95 32.01
N LEU D 36 -2.74 -6.15 31.65
CA LEU D 36 -2.46 -4.85 32.35
C LEU D 36 -3.70 -3.95 32.05
N VAL D 37 -4.04 -3.10 32.98
CA VAL D 37 -5.16 -2.16 32.81
C VAL D 37 -4.58 -0.78 32.40
N SER D 38 -5.00 -0.30 31.26
CA SER D 38 -4.57 0.97 30.68
C SER D 38 -5.29 2.15 31.39
N ILE D 39 -4.53 3.15 31.74
CA ILE D 39 -5.08 4.37 32.39
C ILE D 39 -4.57 5.63 31.67
N PRO D 40 -5.38 6.69 31.73
CA PRO D 40 -5.03 8.01 31.13
C PRO D 40 -3.85 8.58 31.94
N GLN D 41 -3.07 9.42 31.35
CA GLN D 41 -1.93 10.03 32.08
C GLN D 41 -2.50 11.18 32.93
N SER D 42 -1.94 11.30 34.11
CA SER D 42 -2.32 12.36 35.08
C SER D 42 -1.01 12.89 35.69
N ILE D 43 -1.12 13.89 36.54
CA ILE D 43 0.03 14.47 37.24
C ILE D 43 0.79 13.36 37.98
N SER D 44 0.10 12.34 38.42
CA SER D 44 0.72 11.18 39.13
C SER D 44 1.73 10.50 38.24
N GLU D 45 1.35 10.25 37.00
CA GLU D 45 2.21 9.55 36.07
C GLU D 45 3.16 10.42 35.31
N THR D 46 2.81 11.69 35.05
CA THR D 46 3.61 12.60 34.24
C THR D 46 4.65 13.39 34.95
N THR D 47 4.82 13.20 36.22
CA THR D 47 5.78 13.88 37.07
C THR D 47 6.74 12.79 37.60
N GLY D 48 7.84 13.24 38.15
CA GLY D 48 8.87 12.40 38.72
C GLY D 48 9.87 13.32 39.46
N PRO D 49 10.73 12.63 40.19
CA PRO D 49 11.76 13.31 40.96
C PRO D 49 12.84 13.84 40.08
N ASN D 50 13.35 14.97 40.58
CA ASN D 50 14.48 15.65 39.95
C ASN D 50 15.62 15.43 40.95
N PHE D 51 16.68 14.84 40.50
CA PHE D 51 17.84 14.52 41.30
C PHE D 51 18.94 15.55 41.26
N SER D 52 18.65 16.74 40.74
CA SER D 52 19.53 17.86 40.62
C SER D 52 20.31 18.18 41.89
N HIS D 53 19.66 18.18 43.01
CA HIS D 53 20.28 18.49 44.29
C HIS D 53 20.76 17.30 45.09
N LEU D 54 20.85 16.11 44.51
CA LEU D 54 21.39 14.95 45.33
C LEU D 54 22.87 15.30 45.49
N GLY D 55 23.45 14.89 46.60
CA GLY D 55 24.87 15.18 46.84
C GLY D 55 25.70 14.04 46.29
N PHE D 56 26.11 14.18 45.06
CA PHE D 56 26.94 13.15 44.39
C PHE D 56 28.39 13.29 44.82
N GLY D 57 29.01 12.17 45.15
CA GLY D 57 30.41 12.13 45.55
C GLY D 57 31.20 12.34 44.26
N ALA D 58 32.43 12.63 44.45
CA ALA D 58 33.43 12.91 43.47
C ALA D 58 33.72 11.74 42.52
N HIS D 59 33.73 10.51 43.07
CA HIS D 59 33.97 9.30 42.24
C HIS D 59 32.76 8.43 42.04
N ASP D 60 31.59 9.02 42.18
CA ASP D 60 30.33 8.30 42.04
C ASP D 60 30.18 7.49 40.76
N HIS D 61 30.66 8.08 39.69
CA HIS D 61 30.66 7.53 38.35
C HIS D 61 31.95 6.87 37.96
N ASP D 62 32.92 6.75 38.85
CA ASP D 62 34.20 6.12 38.51
C ASP D 62 34.49 4.85 39.33
N LEU D 63 34.12 3.67 38.79
CA LEU D 63 34.28 2.36 39.42
C LEU D 63 35.69 1.89 39.61
N LEU D 64 36.61 2.60 39.02
CA LEU D 64 38.03 2.32 39.15
C LEU D 64 38.52 2.89 40.49
N LEU D 65 37.85 3.91 41.01
CA LEU D 65 38.23 4.50 42.29
C LEU D 65 37.19 4.53 43.35
N ASN D 66 35.94 4.33 43.04
CA ASN D 66 34.91 4.46 44.04
C ASN D 66 34.85 3.30 45.02
N PHE D 67 35.65 2.25 44.93
CA PHE D 67 35.54 1.14 45.90
C PHE D 67 36.73 1.18 46.85
N GLY D 71 44.44 -0.04 45.53
CA GLY D 71 44.68 -0.77 44.30
C GLY D 71 43.60 -0.49 43.23
N LEU D 72 43.94 -0.90 42.05
CA LEU D 72 43.10 -0.81 40.86
C LEU D 72 42.54 -2.26 40.66
N PRO D 73 41.37 -2.27 40.13
CA PRO D 73 40.74 -3.58 39.80
C PRO D 73 41.47 -4.20 38.61
N ILE D 74 41.41 -5.54 38.56
CA ILE D 74 41.97 -6.34 37.44
C ILE D 74 40.87 -6.45 36.38
N GLY D 75 41.18 -6.25 35.14
CA GLY D 75 40.21 -6.33 34.06
C GLY D 75 40.36 -5.24 33.03
N GLU D 76 39.53 -5.27 32.00
CA GLU D 76 39.58 -4.32 30.89
C GLU D 76 39.04 -2.95 31.27
N ARG D 77 39.97 -2.00 31.27
CA ARG D 77 39.59 -0.56 31.62
C ARG D 77 38.76 -0.04 30.44
N ILE D 78 37.58 0.46 30.73
CA ILE D 78 36.72 1.00 29.68
C ILE D 78 35.92 2.20 30.22
N ILE D 79 35.49 3.01 29.29
CA ILE D 79 34.61 4.18 29.50
C ILE D 79 33.30 3.76 28.84
N VAL D 80 32.22 3.99 29.48
CA VAL D 80 30.88 3.71 28.99
C VAL D 80 30.21 5.13 29.00
N ALA D 81 29.87 5.60 27.85
CA ALA D 81 29.28 6.95 27.67
C ALA D 81 28.20 6.89 26.61
N GLY D 82 27.38 7.94 26.63
CA GLY D 82 26.28 8.02 25.65
C GLY D 82 25.40 9.21 26.03
N ARG D 83 24.29 9.21 25.37
CA ARG D 83 23.31 10.30 25.58
C ARG D 83 21.94 9.69 25.80
N VAL D 84 21.17 10.38 26.61
CA VAL D 84 19.79 10.06 26.89
C VAL D 84 18.91 11.11 26.15
N VAL D 85 18.15 10.59 25.22
CA VAL D 85 17.21 11.40 24.43
C VAL D 85 15.82 10.80 24.56
N ASP D 86 14.82 11.54 24.15
CA ASP D 86 13.45 11.12 24.13
C ASP D 86 13.21 10.61 22.69
N GLN D 87 12.04 10.08 22.43
CA GLN D 87 11.68 9.50 21.14
C GLN D 87 11.65 10.55 20.04
N TYR D 88 11.54 11.83 20.44
CA TYR D 88 11.51 12.95 19.49
C TYR D 88 12.92 13.38 19.19
N GLY D 89 13.89 12.82 19.86
CA GLY D 89 15.28 13.11 19.68
C GLY D 89 15.78 14.24 20.61
N LYS D 90 14.96 14.72 21.45
CA LYS D 90 15.23 15.83 22.42
C LYS D 90 16.00 15.29 23.61
N PRO D 91 17.07 15.98 23.95
CA PRO D 91 17.97 15.59 25.08
C PRO D 91 17.22 15.60 26.37
N VAL D 92 17.67 14.77 27.32
CA VAL D 92 17.07 14.71 28.68
C VAL D 92 18.13 15.12 29.70
N PRO D 93 18.15 16.42 30.00
CA PRO D 93 19.15 17.01 30.91
C PRO D 93 18.86 16.76 32.36
N ASN D 94 19.92 16.69 33.14
CA ASN D 94 19.84 16.50 34.60
C ASN D 94 19.02 15.29 35.00
N THR D 95 19.25 14.15 34.40
CA THR D 95 18.54 12.91 34.68
C THR D 95 19.49 11.91 35.38
N LEU D 96 18.98 11.12 36.26
CA LEU D 96 19.81 10.13 37.00
C LEU D 96 20.01 8.81 36.23
N VAL D 97 21.25 8.45 36.05
CA VAL D 97 21.71 7.22 35.43
C VAL D 97 22.51 6.42 36.50
N GLU D 98 22.03 5.20 36.80
CA GLU D 98 22.58 4.25 37.75
C GLU D 98 22.94 2.92 37.08
N MET D 99 24.05 2.36 37.51
CA MET D 99 24.57 1.08 36.93
C MET D 99 25.22 0.16 37.95
N TRP D 100 25.27 -1.14 37.66
CA TRP D 100 25.85 -2.19 38.50
C TRP D 100 26.29 -3.34 37.60
N GLN D 101 27.34 -4.00 37.98
CA GLN D 101 27.88 -5.13 37.16
C GLN D 101 28.74 -6.05 38.04
N ALA D 102 29.18 -7.13 37.45
CA ALA D 102 30.09 -8.12 38.07
C ALA D 102 31.51 -7.63 37.80
N ASN D 103 32.46 -8.40 38.32
CA ASN D 103 33.88 -8.14 38.13
C ASN D 103 34.31 -8.80 36.82
N ALA D 104 35.59 -8.80 36.57
CA ALA D 104 36.14 -9.35 35.33
C ALA D 104 35.90 -10.84 35.13
N GLY D 105 35.73 -11.59 36.22
CA GLY D 105 35.55 -13.02 36.24
C GLY D 105 34.11 -13.48 36.28
N GLY D 106 33.21 -12.54 36.34
CA GLY D 106 31.81 -12.81 36.39
C GLY D 106 31.23 -12.90 37.78
N ARG D 107 31.97 -12.52 38.78
CA ARG D 107 31.57 -12.53 40.18
C ARG D 107 31.00 -11.19 40.66
N TYR D 108 29.85 -11.17 41.24
CA TYR D 108 29.22 -9.97 41.82
C TYR D 108 29.59 -9.84 43.32
N ARG D 109 29.72 -8.58 43.75
CA ARG D 109 29.99 -8.30 45.20
C ARG D 109 28.61 -8.19 45.85
N HIS D 110 28.04 -9.39 45.98
CA HIS D 110 26.72 -9.63 46.53
C HIS D 110 26.72 -10.98 47.29
N LYS D 111 26.22 -10.92 48.50
CA LYS D 111 26.16 -12.07 49.40
C LYS D 111 25.70 -13.36 48.72
N ASN D 112 24.66 -13.24 47.89
CA ASN D 112 24.13 -14.43 47.21
C ASN D 112 24.96 -14.98 46.09
N ASP D 113 26.03 -14.33 45.73
CA ASP D 113 26.83 -14.86 44.60
C ASP D 113 27.87 -15.83 45.11
N ARG D 114 27.76 -17.10 44.71
CA ARG D 114 28.73 -18.14 45.13
C ARG D 114 29.48 -18.71 43.95
N TYR D 115 29.45 -17.99 42.84
CA TYR D 115 30.15 -18.48 41.65
C TYR D 115 31.59 -18.57 42.16
N LEU D 116 32.24 -19.61 41.68
CA LEU D 116 33.60 -19.91 42.10
C LEU D 116 34.63 -18.93 41.63
N ALA D 117 34.30 -18.03 40.71
CA ALA D 117 35.30 -17.00 40.28
C ALA D 117 35.40 -16.06 41.53
N PRO D 118 36.60 -15.68 41.85
CA PRO D 118 36.85 -14.83 43.02
C PRO D 118 36.44 -13.36 42.92
N LEU D 119 36.27 -12.77 44.10
CA LEU D 119 36.00 -11.30 44.21
C LEU D 119 37.29 -10.56 43.94
N ASP D 120 37.15 -9.28 43.60
CA ASP D 120 38.30 -8.38 43.36
C ASP D 120 38.30 -7.36 44.54
N PRO D 121 39.37 -7.42 45.32
CA PRO D 121 39.56 -6.54 46.47
C PRO D 121 39.40 -5.05 46.18
N ASN D 122 39.68 -4.64 44.95
CA ASN D 122 39.54 -3.20 44.58
C ASN D 122 38.32 -2.88 43.75
N PHE D 123 37.32 -3.75 43.69
CA PHE D 123 36.15 -3.48 42.83
C PHE D 123 34.86 -3.67 43.54
N GLY D 124 34.01 -2.65 43.44
CA GLY D 124 32.69 -2.61 44.04
C GLY D 124 31.62 -3.05 43.03
N GLY D 125 31.47 -2.28 41.97
CA GLY D 125 30.54 -2.53 40.90
C GLY D 125 29.31 -1.65 40.83
N VAL D 126 29.29 -0.47 41.48
CA VAL D 126 28.18 0.46 41.44
C VAL D 126 28.62 1.87 40.95
N GLY D 127 27.75 2.49 40.14
CA GLY D 127 27.98 3.83 39.62
C GLY D 127 26.67 4.60 39.45
N ARG D 128 26.73 5.93 39.45
CA ARG D 128 25.66 6.87 39.27
C ARG D 128 26.22 8.14 38.60
N CYS D 129 25.40 8.75 37.77
CA CYS D 129 25.79 9.98 37.04
C CYS D 129 24.52 10.77 36.66
N LEU D 130 24.59 12.07 36.87
CA LEU D 130 23.49 12.98 36.47
C LEU D 130 23.85 13.45 35.06
N THR D 131 22.96 13.33 34.12
CA THR D 131 23.25 13.73 32.74
C THR D 131 23.39 15.29 32.73
N ASP D 132 24.17 15.80 31.84
CA ASP D 132 24.42 17.28 31.69
C ASP D 132 23.32 17.90 30.86
N SER D 133 23.44 19.17 30.55
CA SER D 133 22.52 19.99 29.77
C SER D 133 22.20 19.36 28.41
N ASP D 134 23.13 18.60 27.89
CA ASP D 134 22.94 17.96 26.58
C ASP D 134 22.53 16.49 26.63
N GLY D 135 22.22 16.04 27.82
CA GLY D 135 21.85 14.63 27.99
C GLY D 135 23.01 13.66 28.08
N TYR D 136 24.23 14.09 28.15
CA TYR D 136 25.37 13.19 28.25
C TYR D 136 25.70 12.68 29.64
N TYR D 137 26.09 11.37 29.66
CA TYR D 137 26.49 10.70 30.92
C TYR D 137 27.78 9.95 30.56
N SER D 138 28.52 9.58 31.56
CA SER D 138 29.73 8.80 31.33
C SER D 138 30.17 8.11 32.62
N PHE D 139 30.72 6.91 32.43
CA PHE D 139 31.21 6.08 33.51
C PHE D 139 32.56 5.49 33.16
N ARG D 140 33.33 5.26 34.20
CA ARG D 140 34.63 4.60 34.00
C ARG D 140 34.60 3.31 34.86
N THR D 141 34.91 2.21 34.19
CA THR D 141 34.86 0.87 34.88
C THR D 141 35.70 -0.17 34.18
N ILE D 142 35.45 -1.45 34.53
CA ILE D 142 36.12 -2.60 33.92
C ILE D 142 35.02 -3.42 33.23
N LYS D 143 35.35 -4.08 32.14
CA LYS D 143 34.39 -4.92 31.39
C LYS D 143 34.13 -6.19 32.23
N PRO D 144 32.86 -6.39 32.51
CA PRO D 144 32.41 -7.55 33.30
C PRO D 144 32.57 -8.86 32.48
N GLY D 145 32.73 -9.97 33.20
CA GLY D 145 32.82 -11.32 32.53
C GLY D 145 31.40 -11.93 32.54
N PRO D 146 31.27 -12.94 31.67
CA PRO D 146 30.03 -13.72 31.55
C PRO D 146 29.99 -14.61 32.83
N TYR D 147 28.85 -15.19 33.07
CA TYR D 147 28.70 -16.11 34.22
C TYR D 147 27.58 -17.08 33.98
N PRO D 148 27.76 -18.27 34.54
CA PRO D 148 26.78 -19.37 34.43
C PRO D 148 25.69 -19.08 35.43
N TRP D 149 24.50 -19.49 35.10
CA TRP D 149 23.37 -19.26 36.02
C TRP D 149 22.49 -20.50 35.90
N ARG D 150 21.69 -20.67 36.93
CA ARG D 150 20.82 -21.86 36.97
C ARG D 150 19.56 -21.69 36.21
N ASN D 151 19.58 -21.90 34.92
CA ASN D 151 18.41 -21.82 34.01
C ASN D 151 18.43 -23.29 33.45
N GLY D 152 18.92 -23.45 32.30
CA GLY D 152 19.13 -24.75 31.62
C GLY D 152 20.43 -25.28 32.27
N PRO D 153 20.78 -26.52 31.99
CA PRO D 153 21.98 -27.15 32.54
C PRO D 153 23.24 -26.51 32.08
N ASN D 154 23.26 -25.68 31.04
CA ASN D 154 24.53 -25.06 30.60
C ASN D 154 24.27 -23.65 30.04
N ASP D 155 23.61 -22.82 30.79
CA ASP D 155 23.27 -21.42 30.46
C ASP D 155 24.33 -20.49 31.06
N TRP D 156 24.68 -19.52 30.23
CA TRP D 156 25.70 -18.49 30.58
C TRP D 156 25.16 -17.11 30.12
N ARG D 157 25.26 -16.15 31.02
CA ARG D 157 24.83 -14.76 30.67
C ARG D 157 26.01 -14.15 29.89
N PRO D 158 25.64 -13.45 28.85
CA PRO D 158 26.64 -12.70 28.07
C PRO D 158 27.13 -11.56 29.03
N ALA D 159 28.33 -11.07 28.79
CA ALA D 159 28.85 -9.93 29.63
C ALA D 159 27.85 -8.75 29.46
N HIS D 160 27.47 -8.16 30.56
CA HIS D 160 26.50 -7.05 30.60
C HIS D 160 26.63 -6.16 31.83
N ILE D 161 26.09 -4.94 31.70
CA ILE D 161 26.06 -3.92 32.74
C ILE D 161 24.59 -3.57 32.95
N HIS D 162 24.12 -3.64 34.17
CA HIS D 162 22.69 -3.30 34.41
C HIS D 162 22.57 -1.74 34.51
N PHE D 163 21.55 -1.18 33.89
CA PHE D 163 21.35 0.29 33.89
C PHE D 163 19.96 0.63 34.37
N GLY D 164 19.88 1.75 35.09
CA GLY D 164 18.61 2.27 35.58
C GLY D 164 18.61 3.78 35.19
N ILE D 165 17.55 4.24 34.61
CA ILE D 165 17.45 5.67 34.18
C ILE D 165 16.11 6.24 34.62
N SER D 166 16.15 7.46 35.20
CA SER D 166 14.99 8.15 35.68
C SER D 166 14.11 8.82 34.64
N GLY D 167 14.63 9.74 33.87
CA GLY D 167 13.89 10.52 32.88
C GLY D 167 13.08 11.58 33.67
N PRO D 168 12.26 12.33 32.92
CA PRO D 168 11.42 13.38 33.48
C PRO D 168 10.32 12.93 34.36
N SER D 169 9.87 11.67 34.26
CA SER D 169 8.76 11.23 35.12
C SER D 169 8.84 9.72 35.44
N ILE D 170 7.88 9.27 36.23
CA ILE D 170 7.83 7.81 36.57
C ILE D 170 7.40 7.00 35.33
N ALA D 171 6.79 7.76 34.38
CA ALA D 171 6.35 7.11 33.12
C ALA D 171 7.53 6.73 32.26
N THR D 172 8.61 7.45 32.43
CA THR D 172 9.81 7.23 31.64
C THR D 172 10.82 6.31 32.30
N LYS D 173 10.75 6.10 33.58
CA LYS D 173 11.69 5.26 34.34
C LYS D 173 11.89 3.88 33.69
N LEU D 174 13.15 3.50 33.55
CA LEU D 174 13.51 2.23 32.90
C LEU D 174 14.72 1.54 33.50
N ILE D 175 14.74 0.22 33.45
CA ILE D 175 15.83 -0.66 33.87
C ILE D 175 16.13 -1.55 32.63
N THR D 176 17.38 -1.61 32.31
CA THR D 176 17.80 -2.38 31.14
C THR D 176 19.21 -2.92 31.38
N GLN D 177 19.69 -3.54 30.31
CA GLN D 177 21.03 -4.13 30.35
C GLN D 177 21.72 -3.76 29.06
N LEU D 178 22.97 -3.46 29.21
CA LEU D 178 23.86 -3.16 28.09
C LEU D 178 24.65 -4.48 27.78
N TYR D 179 24.78 -4.78 26.50
CA TYR D 179 25.60 -5.95 26.09
C TYR D 179 26.73 -5.38 25.27
N PHE D 180 27.74 -6.18 25.02
CA PHE D 180 28.89 -5.73 24.29
C PHE D 180 28.90 -6.31 22.88
N GLU D 181 29.15 -5.39 21.98
CA GLU D 181 29.24 -5.67 20.56
C GLU D 181 30.05 -6.94 20.28
N GLY D 182 29.50 -7.84 19.48
CA GLY D 182 30.02 -9.11 19.03
C GLY D 182 30.10 -10.30 19.93
N ASP D 183 29.68 -10.23 21.15
CA ASP D 183 29.70 -11.33 22.15
C ASP D 183 28.87 -12.51 21.60
N PRO D 184 29.51 -13.66 21.43
CA PRO D 184 28.86 -14.87 20.88
C PRO D 184 27.78 -15.48 21.74
N LEU D 185 27.71 -15.12 23.01
CA LEU D 185 26.76 -15.57 23.96
C LEU D 185 25.43 -14.83 23.79
N ILE D 186 25.41 -13.65 23.19
CA ILE D 186 24.23 -12.85 23.03
C ILE D 186 23.04 -13.61 22.49
N PRO D 187 23.17 -14.19 21.32
CA PRO D 187 22.06 -14.89 20.65
C PRO D 187 21.65 -16.22 21.26
N MET D 188 22.34 -16.67 22.28
CA MET D 188 22.05 -17.95 22.97
C MET D 188 21.35 -17.67 24.28
N CYS D 189 21.24 -16.40 24.69
CA CYS D 189 20.68 -16.10 26.00
C CYS D 189 19.20 -16.00 26.01
N PRO D 190 18.61 -16.80 26.90
CA PRO D 190 17.16 -16.81 27.06
C PRO D 190 16.65 -15.44 27.53
N ILE D 191 17.35 -14.71 28.40
CA ILE D 191 16.94 -13.37 28.84
C ILE D 191 16.90 -12.35 27.66
N VAL D 192 17.94 -12.40 26.86
CA VAL D 192 18.06 -11.55 25.66
C VAL D 192 16.91 -11.95 24.72
N LYS D 193 16.77 -13.26 24.50
CA LYS D 193 15.71 -13.81 23.66
C LYS D 193 14.34 -13.50 24.19
N SER D 194 14.23 -13.07 25.44
CA SER D 194 12.91 -12.68 25.98
C SER D 194 12.34 -11.60 25.02
N ILE D 195 13.24 -10.85 24.40
CA ILE D 195 12.92 -9.78 23.44
C ILE D 195 12.66 -10.47 22.08
N ALA D 196 11.47 -10.35 21.57
CA ALA D 196 11.12 -11.01 20.32
C ALA D 196 11.69 -10.43 19.06
N ASN D 197 11.91 -9.12 18.98
CA ASN D 197 12.43 -8.54 17.74
C ASN D 197 13.93 -8.36 17.81
N PRO D 198 14.63 -9.02 16.90
CA PRO D 198 16.06 -8.93 16.79
C PRO D 198 16.46 -7.44 16.63
N GLU D 199 15.59 -6.67 15.99
CA GLU D 199 15.83 -5.22 15.82
C GLU D 199 15.92 -4.52 17.18
N ALA D 200 15.13 -4.89 18.14
CA ALA D 200 15.14 -4.28 19.47
C ALA D 200 16.40 -4.67 20.24
N VAL D 201 16.86 -5.90 19.93
CA VAL D 201 18.02 -6.47 20.57
C VAL D 201 19.21 -5.58 20.26
N GLN D 202 19.30 -5.13 19.02
CA GLN D 202 20.38 -4.31 18.56
C GLN D 202 20.53 -3.02 19.41
N GLN D 203 19.45 -2.46 19.89
CA GLN D 203 19.41 -1.29 20.74
C GLN D 203 20.13 -1.47 22.07
N LEU D 204 20.35 -2.73 22.50
CA LEU D 204 21.00 -3.06 23.74
C LEU D 204 22.47 -3.35 23.64
N ILE D 205 22.98 -3.27 22.43
CA ILE D 205 24.39 -3.56 22.25
C ILE D 205 25.26 -2.32 22.16
N ALA D 206 26.09 -2.07 23.13
CA ALA D 206 27.01 -0.93 23.17
C ALA D 206 28.04 -1.14 22.06
N LYS D 207 28.33 -0.07 21.34
CA LYS D 207 29.32 -0.22 20.27
C LYS D 207 30.67 0.31 20.68
N LEU D 208 31.67 -0.44 20.22
CA LEU D 208 33.07 -0.05 20.44
C LEU D 208 33.21 1.40 19.85
N ASP D 209 33.71 2.29 20.69
CA ASP D 209 33.90 3.72 20.35
C ASP D 209 35.37 4.13 20.51
N MET D 210 36.12 3.90 19.46
CA MET D 210 37.52 4.20 19.38
C MET D 210 37.81 5.72 19.53
N ASN D 211 36.87 6.55 19.13
CA ASN D 211 36.99 8.03 19.19
C ASN D 211 36.89 8.53 20.63
N ASN D 212 36.25 7.77 21.47
CA ASN D 212 36.10 8.21 22.87
C ASN D 212 37.13 7.57 23.77
N ALA D 213 37.90 6.65 23.21
CA ALA D 213 38.96 5.95 23.96
C ALA D 213 40.07 6.96 24.35
N ASN D 214 40.82 6.55 25.32
CA ASN D 214 41.97 7.24 25.88
C ASN D 214 43.18 6.37 25.49
N PRO D 215 43.90 6.83 24.51
CA PRO D 215 45.07 6.07 24.02
C PRO D 215 45.94 5.60 25.15
N MET D 216 46.48 4.38 25.04
CA MET D 216 47.31 3.70 26.03
C MET D 216 46.74 3.67 27.42
N ASP D 217 45.48 3.79 27.60
CA ASP D 217 44.80 3.85 28.87
C ASP D 217 43.59 2.94 28.92
N CYS D 218 42.55 3.36 28.23
CA CYS D 218 41.32 2.57 28.17
C CYS D 218 40.49 2.74 26.92
N LEU D 219 39.72 1.70 26.65
CA LEU D 219 38.75 1.67 25.51
C LEU D 219 37.46 2.34 25.95
N ALA D 220 36.54 2.54 25.04
CA ALA D 220 35.26 3.15 25.25
C ALA D 220 34.18 2.43 24.42
N TYR D 221 33.02 2.50 24.99
CA TYR D 221 31.82 1.90 24.42
C TYR D 221 30.73 2.97 24.43
N ARG D 222 29.95 2.99 23.41
CA ARG D 222 28.88 4.04 23.31
C ARG D 222 27.55 3.35 23.51
N PHE D 223 26.78 3.95 24.40
CA PHE D 223 25.45 3.39 24.70
C PHE D 223 24.45 4.54 24.88
N ASP D 224 23.63 4.78 23.89
CA ASP D 224 22.64 5.89 23.97
C ASP D 224 21.35 5.21 24.38
N ILE D 225 20.59 5.90 25.15
CA ILE D 225 19.34 5.45 25.64
C ILE D 225 18.24 6.41 25.18
N VAL D 226 17.17 5.85 24.76
CA VAL D 226 15.99 6.55 24.29
C VAL D 226 14.83 6.26 25.25
N LEU D 227 14.32 7.34 25.82
CA LEU D 227 13.19 7.33 26.72
C LEU D 227 11.93 7.72 25.92
N ARG D 228 10.78 7.47 26.49
CA ARG D 228 9.53 7.83 25.85
C ARG D 228 9.50 9.34 25.48
N GLY D 229 8.89 9.61 24.35
CA GLY D 229 8.72 10.94 23.80
C GLY D 229 7.80 11.75 24.73
N GLN D 230 8.23 12.96 25.03
CA GLN D 230 7.57 13.97 25.84
C GLN D 230 6.96 15.05 24.90
N ARG D 231 5.70 15.31 25.04
CA ARG D 231 4.99 16.33 24.24
C ARG D 231 4.09 17.15 25.17
N LYS D 232 3.73 18.32 24.64
CA LYS D 232 2.85 19.27 25.38
C LYS D 232 1.44 18.75 25.07
N THR D 233 0.58 19.03 25.98
CA THR D 233 -0.83 18.61 25.80
C THR D 233 -1.43 19.64 24.82
N HIS D 234 -2.38 19.18 24.03
CA HIS D 234 -3.09 20.06 23.07
C HIS D 234 -4.55 19.61 23.03
N PHE D 235 -5.38 20.60 22.75
CA PHE D 235 -6.81 20.44 22.66
C PHE D 235 -7.32 19.48 23.70
N GLU D 236 -6.74 19.44 24.89
CA GLU D 236 -7.22 18.49 25.90
C GLU D 236 -8.42 18.91 26.67
N PRO E 1 29.85 -20.22 16.73
CA PRO E 1 30.29 -21.28 17.65
C PRO E 1 30.32 -22.68 16.99
N ILE E 2 30.81 -23.67 17.75
CA ILE E 2 30.87 -25.08 17.26
C ILE E 2 29.48 -25.72 17.35
N GLU E 3 29.07 -26.35 16.28
CA GLU E 3 27.76 -27.05 16.27
C GLU E 3 28.01 -28.55 15.97
N LEU E 4 27.47 -29.45 16.74
CA LEU E 4 27.66 -30.93 16.48
C LEU E 4 26.47 -31.38 15.62
N LEU E 5 26.44 -32.71 15.32
CA LEU E 5 25.23 -33.22 14.62
C LEU E 5 24.13 -33.02 15.69
N PRO E 6 22.97 -32.67 15.22
CA PRO E 6 21.83 -32.49 16.10
C PRO E 6 21.29 -33.89 16.48
N GLU E 7 20.81 -33.97 17.68
CA GLU E 7 20.22 -35.20 18.23
C GLU E 7 18.89 -35.42 17.51
N THR E 8 18.61 -36.68 17.21
CA THR E 8 17.32 -37.05 16.57
C THR E 8 16.23 -36.60 17.55
N PRO E 9 15.25 -35.86 17.04
CA PRO E 9 14.16 -35.36 17.85
C PRO E 9 13.30 -36.48 18.41
N SER E 10 12.84 -36.28 19.61
CA SER E 10 11.94 -37.15 20.33
C SER E 10 10.56 -36.99 19.71
N GLN E 11 9.74 -37.98 19.90
CA GLN E 11 8.36 -38.07 19.46
C GLN E 11 7.64 -38.84 20.56
N THR E 12 6.38 -38.61 20.74
CA THR E 12 5.59 -39.31 21.76
C THR E 12 5.58 -40.84 21.46
N ALA E 13 5.60 -41.58 22.57
CA ALA E 13 5.59 -43.08 22.49
C ALA E 13 4.26 -43.54 21.91
N GLY E 14 3.22 -42.75 22.05
CA GLY E 14 1.91 -43.13 21.54
C GLY E 14 1.19 -44.09 22.51
N PRO E 15 -0.06 -44.36 22.22
CA PRO E 15 -0.90 -45.24 23.01
C PRO E 15 -0.53 -46.73 22.98
N TYR E 16 0.03 -47.23 21.89
CA TYR E 16 0.40 -48.63 21.69
C TYR E 16 1.81 -49.00 22.04
N VAL E 17 2.50 -48.16 22.80
CA VAL E 17 3.86 -48.43 23.22
C VAL E 17 4.08 -49.87 23.79
N HIS E 18 3.03 -50.41 24.40
CA HIS E 18 3.14 -51.75 25.04
C HIS E 18 3.46 -52.86 24.05
N ILE E 19 3.01 -52.65 22.81
CA ILE E 19 3.27 -53.73 21.81
C ILE E 19 4.75 -53.91 21.64
N GLY E 20 5.48 -52.83 21.84
CA GLY E 20 6.88 -52.83 21.65
C GLY E 20 7.67 -53.08 22.91
N LEU E 21 7.21 -52.51 24.02
CA LEU E 21 8.02 -52.67 25.26
C LEU E 21 7.35 -53.28 26.43
N ALA E 22 6.12 -53.64 26.30
CA ALA E 22 5.36 -54.27 27.40
C ALA E 22 4.40 -55.28 26.76
N LEU E 23 4.96 -56.34 26.21
CA LEU E 23 4.25 -57.42 25.48
C LEU E 23 3.08 -58.01 26.19
N GLU E 24 3.30 -58.50 27.41
CA GLU E 24 2.18 -59.06 28.17
C GLU E 24 1.01 -58.05 28.12
N ALA E 25 1.33 -56.85 28.65
CA ALA E 25 0.38 -55.73 28.74
C ALA E 25 -0.34 -55.46 27.44
N ALA E 26 0.26 -55.63 26.31
CA ALA E 26 -0.40 -55.39 25.00
C ALA E 26 -1.42 -56.53 24.76
N GLY E 27 -1.23 -57.53 25.64
CA GLY E 27 -2.03 -58.77 25.62
C GLY E 27 -1.58 -59.60 24.40
N ASN E 28 -0.27 -59.67 24.24
CA ASN E 28 0.35 -60.41 23.13
C ASN E 28 1.38 -61.38 23.74
N PRO E 29 1.69 -62.43 22.98
CA PRO E 29 2.67 -63.46 23.39
C PRO E 29 4.03 -62.83 23.57
N THR E 30 4.72 -63.22 24.63
CA THR E 30 6.05 -62.67 24.89
C THR E 30 7.07 -63.63 24.26
N ARG E 31 8.29 -63.18 24.30
CA ARG E 31 9.41 -63.96 23.75
C ARG E 31 10.13 -64.64 24.93
N ASP E 32 11.10 -65.46 24.64
CA ASP E 32 11.87 -66.21 25.64
C ASP E 32 12.39 -65.26 26.73
N GLN E 33 13.00 -64.16 26.29
CA GLN E 33 13.57 -63.19 27.25
C GLN E 33 12.98 -61.79 27.07
N GLU E 34 12.36 -61.30 28.13
CA GLU E 34 11.74 -59.96 28.17
C GLU E 34 12.34 -59.14 29.32
N ILE E 35 12.29 -57.83 29.23
CA ILE E 35 12.79 -56.87 30.27
C ILE E 35 11.53 -56.38 30.99
N TRP E 36 11.47 -56.70 32.25
CA TRP E 36 10.26 -56.35 33.01
C TRP E 36 10.43 -55.78 34.37
N ASN E 37 9.44 -55.83 35.22
CA ASN E 37 9.38 -55.26 36.54
C ASN E 37 9.96 -55.93 37.75
N ARG E 38 10.72 -56.99 37.60
CA ARG E 38 11.32 -57.73 38.76
C ARG E 38 12.79 -57.54 38.71
N LEU E 39 13.33 -56.55 39.41
CA LEU E 39 14.77 -56.29 39.38
C LEU E 39 15.61 -57.28 40.16
N ALA E 40 15.04 -57.74 41.27
CA ALA E 40 15.70 -58.71 42.15
C ALA E 40 14.97 -60.06 42.25
N LYS E 41 15.80 -61.10 42.26
CA LYS E 41 15.29 -62.51 42.46
C LYS E 41 15.22 -62.60 44.01
N PRO E 42 14.29 -63.36 44.49
CA PRO E 42 14.09 -63.53 45.94
C PRO E 42 15.34 -63.74 46.73
N ASP E 43 16.32 -64.39 46.16
CA ASP E 43 17.59 -64.62 46.90
C ASP E 43 18.59 -63.51 46.72
N ALA E 44 18.18 -62.28 46.33
CA ALA E 44 19.15 -61.20 46.11
C ALA E 44 19.30 -60.42 47.42
N PRO E 45 20.52 -60.03 47.73
CA PRO E 45 20.83 -59.25 48.93
C PRO E 45 20.22 -57.84 48.93
N GLY E 46 19.96 -57.37 50.14
CA GLY E 46 19.38 -56.05 50.42
C GLY E 46 17.99 -56.24 50.94
N GLU E 47 17.38 -55.12 51.25
CA GLU E 47 16.05 -55.02 51.79
C GLU E 47 15.04 -55.04 50.66
N HIS E 48 14.47 -56.20 50.37
CA HIS E 48 13.48 -56.33 49.30
C HIS E 48 12.30 -55.42 49.52
N ILE E 49 11.86 -54.72 48.48
CA ILE E 49 10.72 -53.81 48.59
C ILE E 49 9.86 -53.94 47.31
N LEU E 50 8.68 -53.46 47.47
CA LEU E 50 7.70 -53.39 46.40
C LEU E 50 7.42 -51.84 46.24
N LEU E 51 7.47 -51.38 45.02
CA LEU E 51 7.19 -49.97 44.65
C LEU E 51 5.89 -49.96 43.84
N LEU E 52 5.06 -48.98 44.14
CA LEU E 52 3.83 -48.86 43.36
C LEU E 52 3.42 -47.40 43.28
N GLY E 53 2.60 -47.05 42.29
CA GLY E 53 2.15 -45.67 42.13
C GLY E 53 1.23 -45.50 40.93
N GLN E 54 0.69 -44.29 40.91
CA GLN E 54 -0.22 -43.77 39.89
C GLN E 54 0.34 -42.46 39.29
N VAL E 55 -0.12 -42.19 38.08
CA VAL E 55 0.30 -41.00 37.33
C VAL E 55 -0.93 -40.15 37.02
N TYR E 56 -0.89 -38.86 37.32
CA TYR E 56 -2.01 -37.94 37.04
C TYR E 56 -1.64 -36.85 36.01
N ASP E 57 -2.65 -36.46 35.28
CA ASP E 57 -2.64 -35.44 34.25
C ASP E 57 -2.98 -34.08 34.94
N GLY E 58 -2.97 -32.97 34.21
CA GLY E 58 -3.24 -31.64 34.75
C GLY E 58 -4.65 -31.45 35.19
N ASN E 59 -5.49 -32.42 34.87
CA ASN E 59 -6.89 -32.33 35.24
C ASN E 59 -7.15 -33.17 36.48
N GLY E 60 -6.18 -33.91 36.93
CA GLY E 60 -6.22 -34.82 38.07
C GLY E 60 -6.69 -36.24 37.63
N HIS E 61 -6.76 -36.45 36.32
CA HIS E 61 -7.22 -37.75 35.77
C HIS E 61 -6.04 -38.68 35.61
N LEU E 62 -6.24 -40.00 35.77
CA LEU E 62 -5.19 -41.01 35.70
C LEU E 62 -4.73 -41.16 34.24
N VAL E 63 -3.50 -41.51 34.18
CA VAL E 63 -2.83 -41.79 32.90
C VAL E 63 -2.66 -43.34 32.91
N ARG E 64 -3.49 -44.00 32.11
CA ARG E 64 -3.48 -45.47 32.01
C ARG E 64 -2.62 -46.06 30.95
N ASP E 65 -1.90 -45.26 30.20
CA ASP E 65 -1.06 -45.79 29.13
C ASP E 65 0.38 -45.40 29.34
N SER E 66 0.76 -45.09 30.57
CA SER E 66 2.12 -44.70 30.87
C SER E 66 3.06 -45.92 30.86
N PHE E 67 4.27 -45.62 30.50
CA PHE E 67 5.37 -46.59 30.38
C PHE E 67 6.55 -45.98 31.14
N LEU E 68 7.16 -46.72 32.06
CA LEU E 68 8.23 -46.30 32.91
C LEU E 68 9.46 -47.19 32.80
N GLU E 69 10.56 -46.51 32.93
CA GLU E 69 11.87 -47.15 32.95
C GLU E 69 12.54 -46.67 34.22
N VAL E 70 13.18 -47.63 34.90
CA VAL E 70 13.88 -47.37 36.17
C VAL E 70 15.33 -47.88 36.05
N TRP E 71 16.17 -47.19 36.77
CA TRP E 71 17.59 -47.36 36.91
C TRP E 71 17.98 -47.01 38.36
N GLN E 72 18.56 -48.02 39.01
CA GLN E 72 18.98 -47.86 40.42
C GLN E 72 20.16 -48.74 40.79
N ALA E 73 20.84 -48.31 41.85
CA ALA E 73 22.00 -49.10 42.35
C ALA E 73 21.46 -50.32 43.15
N ASP E 74 22.36 -51.27 43.36
CA ASP E 74 22.02 -52.50 44.16
C ASP E 74 22.14 -52.06 45.61
N ALA E 75 21.98 -52.96 46.55
CA ALA E 75 22.04 -52.62 47.98
C ALA E 75 23.39 -52.17 48.43
N ASN E 76 24.38 -52.39 47.60
CA ASN E 76 25.73 -51.95 47.93
C ASN E 76 26.02 -50.57 47.33
N GLY E 77 25.04 -49.94 46.69
CA GLY E 77 25.26 -48.62 46.07
C GLY E 77 26.05 -48.86 44.79
N GLU E 78 25.71 -49.90 44.05
CA GLU E 78 26.34 -50.29 42.81
C GLU E 78 25.41 -50.53 41.65
N TYR E 79 25.78 -49.89 40.52
CA TYR E 79 24.98 -50.03 39.29
C TYR E 79 25.41 -51.29 38.53
N GLN E 80 24.46 -52.17 38.37
CA GLN E 80 24.73 -53.48 37.65
C GLN E 80 24.20 -53.27 36.23
N ASP E 81 25.08 -52.94 35.34
CA ASP E 81 24.75 -52.64 33.95
C ASP E 81 24.65 -53.83 33.02
N ALA E 82 25.30 -54.97 33.38
CA ALA E 82 25.25 -56.16 32.47
C ALA E 82 23.95 -56.85 32.74
N TYR E 83 22.94 -56.48 31.96
CA TYR E 83 21.61 -57.03 32.10
C TYR E 83 21.58 -58.53 31.72
N ASN E 84 21.06 -59.30 32.68
CA ASN E 84 20.96 -60.80 32.49
C ASN E 84 19.82 -61.36 33.28
N LEU E 85 18.99 -62.17 32.64
CA LEU E 85 17.86 -62.80 33.33
C LEU E 85 18.35 -63.81 34.38
N GLU E 86 19.60 -64.22 34.31
CA GLU E 86 20.22 -65.14 35.26
C GLU E 86 20.64 -64.48 36.57
N ASN E 87 20.96 -63.18 36.53
CA ASN E 87 21.41 -62.44 37.70
C ASN E 87 20.31 -62.45 38.76
N ALA E 88 20.77 -62.36 39.97
CA ALA E 88 19.92 -62.27 41.16
C ALA E 88 19.31 -60.84 41.21
N PHE E 89 20.09 -59.87 40.76
CA PHE E 89 19.76 -58.43 40.66
C PHE E 89 20.19 -57.76 39.36
N ASN E 90 19.27 -56.98 38.81
CA ASN E 90 19.43 -56.16 37.59
C ASN E 90 19.09 -54.68 38.01
N SER E 91 19.90 -53.76 37.57
CA SER E 91 19.74 -52.30 37.87
C SER E 91 18.67 -51.61 37.06
N PHE E 92 18.33 -52.24 35.94
CA PHE E 92 17.32 -51.70 35.02
C PHE E 92 16.05 -52.52 35.03
N GLY E 93 14.93 -51.84 34.94
CA GLY E 93 13.63 -52.47 34.85
C GLY E 93 12.60 -51.65 34.09
N ARG E 94 11.47 -52.29 33.78
CA ARG E 94 10.37 -51.65 33.07
C ARG E 94 9.05 -52.02 33.71
N THR E 95 8.16 -51.02 33.64
CA THR E 95 6.83 -51.18 34.19
C THR E 95 5.89 -50.28 33.39
N ALA E 96 4.63 -50.44 33.58
CA ALA E 96 3.60 -49.67 32.87
C ALA E 96 2.38 -49.67 33.75
N THR E 97 1.42 -48.81 33.47
CA THR E 97 0.22 -48.73 34.26
C THR E 97 -0.94 -49.47 33.58
N THR E 98 -1.69 -50.11 34.48
CA THR E 98 -2.87 -50.88 34.14
C THR E 98 -3.95 -50.01 33.44
N PHE E 99 -4.40 -50.64 32.35
CA PHE E 99 -5.45 -50.01 31.53
C PHE E 99 -6.67 -49.88 32.42
N ASP E 100 -6.64 -50.66 33.49
CA ASP E 100 -7.76 -50.65 34.46
C ASP E 100 -7.39 -49.73 35.64
N ALA E 101 -6.97 -50.36 36.72
CA ALA E 101 -6.51 -49.67 37.93
C ALA E 101 -5.57 -48.50 37.67
N GLY E 102 -4.75 -48.59 36.63
CA GLY E 102 -3.81 -47.55 36.31
C GLY E 102 -2.71 -47.39 37.36
N GLU E 103 -2.19 -48.52 37.87
CA GLU E 103 -1.12 -48.53 38.86
C GLU E 103 0.03 -49.39 38.33
N TRP E 104 1.25 -48.95 38.57
CA TRP E 104 2.41 -49.71 38.12
C TRP E 104 3.04 -50.33 39.39
N THR E 105 3.82 -51.38 39.20
CA THR E 105 4.51 -52.00 40.35
C THR E 105 5.89 -52.47 39.92
N LEU E 106 6.76 -52.46 40.90
CA LEU E 106 8.13 -52.91 40.70
C LEU E 106 8.59 -53.69 41.93
N HIS E 107 9.33 -54.76 41.68
CA HIS E 107 9.92 -55.66 42.70
C HIS E 107 11.41 -55.48 42.60
N THR E 108 11.98 -54.91 43.64
CA THR E 108 13.42 -54.66 43.68
C THR E 108 13.87 -54.63 45.12
N VAL E 109 15.01 -54.06 45.35
CA VAL E 109 15.67 -53.78 46.61
C VAL E 109 15.89 -52.23 46.75
N LYS E 110 16.01 -51.84 47.99
CA LYS E 110 16.27 -50.42 48.39
C LYS E 110 17.72 -50.17 47.99
N PRO E 111 17.86 -49.14 47.14
CA PRO E 111 19.16 -48.78 46.63
C PRO E 111 20.12 -48.24 47.70
N GLY E 112 21.33 -48.62 47.55
CA GLY E 112 22.46 -48.18 48.38
C GLY E 112 22.81 -46.72 47.96
N VAL E 113 23.67 -46.11 48.74
CA VAL E 113 24.08 -44.71 48.53
C VAL E 113 25.19 -44.63 47.52
N VAL E 114 25.01 -43.67 46.62
CA VAL E 114 26.00 -43.37 45.59
C VAL E 114 26.35 -41.86 45.82
N ASN E 115 27.53 -41.50 45.47
CA ASN E 115 28.06 -40.12 45.60
C ASN E 115 27.89 -39.41 44.24
N ASN E 116 27.83 -38.10 44.31
CA ASN E 116 27.73 -37.27 43.09
C ASN E 116 29.13 -37.06 42.56
N ALA E 117 29.18 -36.28 41.51
CA ALA E 117 30.46 -36.00 40.86
C ALA E 117 31.43 -35.39 41.83
N ALA E 118 30.99 -34.53 42.73
CA ALA E 118 31.84 -33.88 43.74
C ALA E 118 32.21 -34.75 44.91
N GLY E 119 31.80 -36.01 44.96
CA GLY E 119 32.11 -36.94 46.08
C GLY E 119 31.11 -36.88 47.19
N VAL E 120 30.05 -36.12 47.02
CA VAL E 120 29.01 -35.98 48.00
C VAL E 120 27.92 -37.03 47.75
N PRO E 121 27.57 -37.69 48.84
CA PRO E 121 26.56 -38.74 48.83
C PRO E 121 25.17 -38.14 48.61
N MET E 122 24.45 -38.87 47.79
CA MET E 122 23.07 -38.57 47.43
C MET E 122 22.22 -39.51 48.28
N ALA E 123 21.05 -39.06 48.62
CA ALA E 123 20.16 -39.96 49.42
C ALA E 123 19.78 -41.11 48.45
N PRO E 124 19.53 -42.29 48.99
CA PRO E 124 19.14 -43.47 48.15
C PRO E 124 18.00 -42.99 47.24
N HIS E 125 18.12 -43.34 45.96
CA HIS E 125 17.07 -42.92 45.01
C HIS E 125 17.04 -43.87 43.80
N ILE E 126 15.92 -43.77 43.13
CA ILE E 126 15.62 -44.48 41.90
C ILE E 126 15.33 -43.39 40.82
N ASN E 127 16.04 -43.57 39.74
CA ASN E 127 15.89 -42.67 38.57
C ASN E 127 14.68 -43.18 37.79
N ILE E 128 13.82 -42.27 37.37
CA ILE E 128 12.63 -42.68 36.59
C ILE E 128 12.44 -41.82 35.33
N SER E 129 12.10 -42.45 34.23
CA SER E 129 11.80 -41.79 32.95
C SER E 129 10.36 -42.19 32.62
N LEU E 130 9.50 -41.24 32.43
CA LEU E 130 8.12 -41.47 32.12
C LEU E 130 7.81 -41.15 30.66
N PHE E 131 7.19 -42.09 30.00
CA PHE E 131 6.78 -41.98 28.59
C PHE E 131 5.29 -42.19 28.49
N ALA E 132 4.64 -41.58 27.51
CA ALA E 132 3.25 -41.71 27.30
C ALA E 132 2.73 -40.83 26.17
N ARG E 133 1.61 -41.29 25.68
CA ARG E 133 0.89 -40.55 24.61
C ARG E 133 0.66 -39.13 25.26
N GLY E 134 0.85 -38.13 24.43
CA GLY E 134 0.70 -36.71 24.85
C GLY E 134 1.96 -36.17 25.44
N ILE E 135 2.98 -36.98 25.58
CA ILE E 135 4.26 -36.55 26.14
C ILE E 135 5.25 -36.57 24.97
N ASN E 136 5.57 -35.38 24.46
CA ASN E 136 6.48 -35.27 23.29
C ASN E 136 7.86 -35.76 23.57
N ILE E 137 8.35 -35.48 24.74
CA ILE E 137 9.70 -35.94 25.19
C ILE E 137 9.53 -36.41 26.64
N HIS E 138 10.11 -37.54 26.98
CA HIS E 138 9.98 -38.11 28.32
C HIS E 138 10.44 -37.19 29.44
N LEU E 139 9.79 -37.30 30.56
CA LEU E 139 9.99 -36.65 31.82
C LEU E 139 10.89 -37.52 32.73
N HIS E 140 11.85 -36.81 33.31
CA HIS E 140 12.82 -37.40 34.22
C HIS E 140 12.52 -36.95 35.64
N THR E 141 12.57 -37.92 36.54
CA THR E 141 12.33 -37.64 37.96
C THR E 141 13.10 -38.66 38.81
N ARG E 142 13.04 -38.45 40.10
CA ARG E 142 13.74 -39.35 41.06
C ARG E 142 12.77 -39.73 42.16
N LEU E 143 12.94 -40.98 42.62
CA LEU E 143 12.10 -41.45 43.74
C LEU E 143 13.00 -41.52 44.96
N TYR E 144 12.64 -40.81 45.99
CA TYR E 144 13.34 -40.78 47.28
C TYR E 144 12.42 -41.49 48.29
N PHE E 145 12.96 -41.91 49.41
CA PHE E 145 12.23 -42.69 50.44
C PHE E 145 11.98 -41.87 51.68
N ASP E 146 10.78 -41.88 52.17
CA ASP E 146 10.36 -41.12 53.36
C ASP E 146 11.10 -41.48 54.65
N ASP E 147 11.67 -42.66 54.74
CA ASP E 147 12.40 -43.11 55.94
C ASP E 147 13.89 -42.88 55.84
N GLU E 148 14.27 -41.91 55.01
CA GLU E 148 15.69 -41.59 54.85
C GLU E 148 15.86 -40.06 54.99
N ALA E 149 14.98 -39.46 55.75
CA ALA E 149 14.94 -38.01 56.00
C ALA E 149 16.29 -37.39 56.27
N GLN E 150 17.12 -38.08 57.04
CA GLN E 150 18.43 -37.55 57.38
C GLN E 150 19.19 -37.32 56.10
N ALA E 151 19.32 -38.40 55.35
CA ALA E 151 20.04 -38.39 54.09
C ALA E 151 19.38 -37.41 53.08
N ASN E 152 18.09 -37.41 53.08
CA ASN E 152 17.32 -36.55 52.16
C ASN E 152 17.62 -35.05 52.43
N ALA E 153 17.80 -34.74 53.72
CA ALA E 153 18.04 -33.33 54.12
C ALA E 153 19.37 -32.83 53.63
N LYS E 154 20.28 -33.74 53.32
CA LYS E 154 21.58 -33.37 52.85
C LYS E 154 21.87 -33.70 51.41
N CYS E 155 20.89 -34.09 50.64
CA CYS E 155 21.06 -34.50 49.25
C CYS E 155 21.40 -33.28 48.38
N PRO E 156 22.55 -33.36 47.77
CA PRO E 156 22.99 -32.26 46.88
C PRO E 156 21.96 -32.02 45.79
N VAL E 157 21.28 -33.12 45.37
CA VAL E 157 20.28 -33.02 44.32
C VAL E 157 19.00 -32.41 44.82
N LEU E 158 18.53 -32.97 45.90
CA LEU E 158 17.27 -32.45 46.48
C LEU E 158 17.41 -30.95 46.84
N ASN E 159 18.58 -30.56 47.26
CA ASN E 159 18.93 -29.18 47.66
C ASN E 159 18.96 -28.14 46.54
N LEU E 160 19.06 -28.58 45.30
CA LEU E 160 19.04 -27.72 44.13
C LEU E 160 17.63 -27.19 43.87
N ILE E 161 16.65 -27.86 44.43
CA ILE E 161 15.25 -27.37 44.20
C ILE E 161 15.05 -26.18 45.14
N GLU E 162 14.81 -24.99 44.59
CA GLU E 162 14.64 -23.73 45.35
C GLU E 162 13.68 -23.82 46.50
N GLN E 163 12.45 -24.16 46.18
CA GLN E 163 11.38 -24.27 47.11
C GLN E 163 11.23 -25.64 47.80
N PRO E 164 11.34 -25.55 49.12
CA PRO E 164 11.22 -26.73 50.01
C PRO E 164 9.99 -27.53 49.71
N GLN E 165 8.86 -26.87 49.55
CA GLN E 165 7.60 -27.53 49.25
C GLN E 165 7.68 -28.40 47.98
N ARG E 166 8.58 -28.03 47.10
CA ARG E 166 8.72 -28.75 45.84
C ARG E 166 9.49 -30.06 46.02
N ARG E 167 10.43 -30.05 46.93
CA ARG E 167 11.23 -31.26 47.23
C ARG E 167 10.37 -32.42 47.73
N GLU E 168 9.32 -32.05 48.41
CA GLU E 168 8.37 -32.98 48.96
C GLU E 168 7.73 -33.90 47.91
N THR E 169 7.56 -33.45 46.70
CA THR E 169 6.97 -34.23 45.63
C THR E 169 7.80 -35.46 45.19
N LEU E 170 9.03 -35.55 45.58
CA LEU E 170 9.94 -36.62 45.22
C LEU E 170 10.09 -37.73 46.28
N ILE E 171 9.41 -37.60 47.37
CA ILE E 171 9.50 -38.58 48.48
C ILE E 171 8.38 -39.58 48.47
N ALA E 172 8.75 -40.86 48.31
CA ALA E 172 7.78 -41.98 48.30
C ALA E 172 7.44 -42.28 49.76
N LYS E 173 6.22 -42.56 50.01
CA LYS E 173 5.67 -42.88 51.32
C LYS E 173 5.67 -44.40 51.59
N ARG E 174 6.38 -44.79 52.64
CA ARG E 174 6.47 -46.20 53.08
C ARG E 174 5.09 -46.68 53.53
N CYS E 175 4.89 -47.95 53.24
CA CYS E 175 3.68 -48.68 53.56
C CYS E 175 4.04 -50.19 53.62
N GLU E 176 3.03 -51.01 53.61
CA GLU E 176 3.19 -52.50 53.65
C GLU E 176 2.10 -53.13 52.80
N VAL E 177 2.49 -54.12 52.02
CA VAL E 177 1.55 -54.84 51.14
C VAL E 177 1.80 -56.35 51.37
N ASP E 178 0.76 -57.00 51.82
CA ASP E 178 0.85 -58.48 52.13
C ASP E 178 2.04 -58.77 53.04
N GLY E 179 2.18 -57.93 54.06
CA GLY E 179 3.30 -58.11 54.99
C GLY E 179 4.61 -57.78 54.38
N LYS E 180 4.60 -57.20 53.18
CA LYS E 180 5.85 -56.82 52.53
C LYS E 180 6.05 -55.27 52.55
N THR E 181 7.29 -54.88 52.70
CA THR E 181 7.65 -53.45 52.72
C THR E 181 7.39 -52.86 51.29
N ALA E 182 6.58 -51.82 51.26
CA ALA E 182 6.20 -51.12 50.04
C ALA E 182 6.34 -49.58 50.19
N TYR E 183 6.50 -48.96 49.02
CA TYR E 183 6.60 -47.47 48.96
C TYR E 183 5.72 -47.02 47.79
N ARG E 184 4.91 -46.02 48.08
CA ARG E 184 3.99 -45.41 47.14
C ARG E 184 4.57 -44.07 46.64
N PHE E 185 4.60 -44.01 45.32
CA PHE E 185 5.12 -42.85 44.58
C PHE E 185 4.25 -42.42 43.41
N ASP E 186 3.41 -41.44 43.64
CA ASP E 186 2.50 -40.88 42.64
C ASP E 186 3.23 -39.74 41.89
N ILE E 187 2.90 -39.62 40.62
CA ILE E 187 3.45 -38.63 39.74
C ILE E 187 2.33 -37.70 39.27
N ARG E 188 2.41 -36.41 39.58
CA ARG E 188 1.40 -35.42 39.08
C ARG E 188 2.15 -34.57 38.06
N ILE E 189 1.79 -34.79 36.80
CA ILE E 189 2.41 -34.16 35.66
C ILE E 189 2.25 -32.62 35.61
N GLN E 190 1.08 -32.19 36.01
CA GLN E 190 0.73 -30.74 35.96
C GLN E 190 -0.20 -30.31 37.04
N GLY E 191 -0.10 -29.05 37.45
CA GLY E 191 -0.97 -28.44 38.43
C GLY E 191 -0.48 -28.49 39.85
N GLU E 192 -1.46 -28.41 40.71
CA GLU E 192 -1.30 -28.43 42.17
C GLU E 192 -0.51 -29.71 42.53
N GLY E 193 0.61 -29.49 43.19
CA GLY E 193 1.49 -30.59 43.61
C GLY E 193 2.29 -31.18 42.48
N GLU E 194 2.37 -30.45 41.37
CA GLU E 194 3.12 -30.94 40.20
C GLU E 194 4.47 -31.41 40.69
N THR E 195 4.88 -32.57 40.23
CA THR E 195 6.13 -33.20 40.57
C THR E 195 7.28 -32.49 39.86
N VAL E 196 8.40 -32.48 40.61
CA VAL E 196 9.60 -31.94 40.04
C VAL E 196 10.11 -32.91 38.93
N PHE E 197 10.41 -32.27 37.81
CA PHE E 197 10.99 -32.99 36.66
C PHE E 197 12.33 -32.32 36.43
N PHE E 198 13.28 -33.16 36.01
CA PHE E 198 14.63 -32.72 35.80
C PHE E 198 15.03 -32.70 34.32
N ASP E 199 16.07 -31.91 34.19
CA ASP E 199 16.83 -31.71 32.97
C ASP E 199 18.30 -31.97 33.34
N PHE E 200 18.91 -32.85 32.57
CA PHE E 200 20.33 -33.20 32.78
C PHE E 200 20.97 -33.64 31.47
N PRO F 1 30.87 -53.30 38.29
CA PRO F 1 29.65 -52.49 38.04
C PRO F 1 29.95 -51.28 37.15
N ALA F 2 28.96 -50.42 36.97
CA ALA F 2 29.10 -49.20 36.12
C ALA F 2 29.96 -48.17 36.82
N GLN F 3 30.60 -47.32 36.05
CA GLN F 3 31.46 -46.22 36.53
C GLN F 3 31.14 -44.85 35.87
N ASP F 4 31.21 -43.77 36.67
CA ASP F 4 30.97 -42.38 36.18
C ASP F 4 32.22 -41.89 35.45
N ASN F 5 32.32 -42.20 34.18
CA ASN F 5 33.48 -41.76 33.43
C ASN F 5 33.10 -40.84 32.27
N SER F 6 31.84 -40.67 32.02
CA SER F 6 31.32 -39.86 30.92
C SER F 6 30.39 -38.70 31.24
N ARG F 7 30.30 -37.81 30.25
CA ARG F 7 29.42 -36.62 30.28
C ARG F 7 28.75 -36.64 28.88
N PHE F 8 27.51 -36.22 28.89
CA PHE F 8 26.68 -36.16 27.71
C PHE F 8 26.33 -34.66 27.44
N VAL F 9 26.42 -34.33 26.19
CA VAL F 9 26.09 -32.94 25.76
C VAL F 9 24.65 -32.61 26.16
N ILE F 10 24.44 -31.48 26.76
CA ILE F 10 23.13 -31.00 27.14
C ILE F 10 22.17 -30.99 25.94
N ARG F 11 20.94 -31.38 26.24
CA ARG F 11 19.92 -31.47 25.21
C ARG F 11 19.47 -30.07 24.77
N ASP F 12 19.07 -29.95 23.53
CA ASP F 12 18.55 -28.63 23.01
C ASP F 12 17.04 -28.79 23.01
N ARG F 13 16.44 -28.25 24.04
CA ARG F 13 15.02 -28.30 24.26
C ARG F 13 14.19 -27.42 23.34
N ASN F 14 14.88 -26.76 22.40
CA ASN F 14 14.24 -25.94 21.35
C ASN F 14 14.31 -26.76 20.04
N TRP F 15 15.17 -27.78 19.99
CA TRP F 15 15.28 -28.68 18.80
C TRP F 15 14.15 -29.72 18.82
N HIS F 16 14.05 -30.33 20.01
CA HIS F 16 13.02 -31.33 20.32
C HIS F 16 11.73 -30.50 20.49
N PRO F 17 10.64 -31.21 20.37
CA PRO F 17 9.33 -30.58 20.59
C PRO F 17 9.25 -30.21 22.09
N LYS F 18 8.49 -29.16 22.33
CA LYS F 18 8.21 -28.63 23.67
C LYS F 18 7.14 -29.58 24.23
N ALA F 19 6.97 -29.47 25.53
CA ALA F 19 5.95 -30.25 26.24
C ALA F 19 4.58 -29.75 25.78
N LEU F 20 4.36 -28.40 25.85
CA LEU F 20 3.11 -27.79 25.46
C LEU F 20 2.98 -27.44 24.01
N THR F 21 2.26 -28.22 23.26
CA THR F 21 2.02 -28.02 21.81
C THR F 21 0.54 -28.20 21.55
N PRO F 22 -0.21 -27.14 21.82
CA PRO F 22 -1.63 -27.14 21.71
C PRO F 22 -2.29 -27.84 20.58
N ASP F 23 -1.73 -27.89 19.42
CA ASP F 23 -2.41 -28.54 18.26
C ASP F 23 -2.49 -30.08 18.44
N TYR F 24 -1.65 -30.63 19.27
CA TYR F 24 -1.55 -32.03 19.68
C TYR F 24 -2.24 -32.02 21.08
N LYS F 25 -3.53 -32.03 20.98
CA LYS F 25 -4.46 -31.92 22.05
C LYS F 25 -4.10 -32.56 23.35
N THR F 26 -3.66 -33.84 23.32
CA THR F 26 -3.32 -34.57 24.54
C THR F 26 -2.17 -33.91 25.29
N SER F 27 -1.32 -33.18 24.60
CA SER F 27 -0.18 -32.53 25.21
C SER F 27 -0.62 -31.43 26.19
N ILE F 28 -1.83 -30.92 26.01
CA ILE F 28 -2.33 -29.85 26.90
C ILE F 28 -2.35 -30.25 28.35
N ALA F 29 -2.94 -31.38 28.67
CA ALA F 29 -3.04 -31.88 30.02
C ALA F 29 -1.87 -32.71 30.53
N ARG F 30 -1.01 -33.19 29.65
CA ARG F 30 0.13 -33.99 30.00
C ARG F 30 1.46 -33.31 29.91
N SER F 31 1.45 -31.97 30.07
CA SER F 31 2.71 -31.20 30.04
C SER F 31 2.84 -30.45 31.33
N PRO F 32 4.03 -30.38 31.88
CA PRO F 32 4.27 -29.64 33.15
C PRO F 32 3.98 -28.13 32.99
N ARG F 33 3.74 -27.46 34.07
CA ARG F 33 3.49 -25.98 34.03
C ARG F 33 4.68 -25.27 34.63
N GLN F 34 5.42 -25.98 35.46
CA GLN F 34 6.63 -25.45 36.11
C GLN F 34 7.77 -25.73 35.16
N ALA F 35 8.86 -25.01 35.32
CA ALA F 35 10.04 -25.23 34.47
C ALA F 35 10.77 -26.46 35.01
N LEU F 36 11.47 -27.15 34.18
CA LEU F 36 12.29 -28.36 34.60
C LEU F 36 13.41 -27.77 35.48
N VAL F 37 13.91 -28.53 36.41
CA VAL F 37 15.00 -28.17 37.29
C VAL F 37 16.25 -28.86 36.75
N SER F 38 17.21 -28.04 36.42
CA SER F 38 18.48 -28.57 35.90
C SER F 38 19.32 -29.12 37.03
N ILE F 39 19.98 -30.25 36.80
CA ILE F 39 20.86 -30.84 37.86
C ILE F 39 22.12 -31.30 37.11
N PRO F 40 23.21 -31.23 37.81
CA PRO F 40 24.48 -31.65 37.25
C PRO F 40 24.42 -33.18 36.97
N GLN F 41 25.18 -33.67 36.04
CA GLN F 41 25.20 -35.13 35.72
C GLN F 41 26.04 -35.88 36.79
N SER F 42 25.55 -37.02 37.20
CA SER F 42 26.27 -37.88 38.20
C SER F 42 26.23 -39.33 37.62
N ILE F 43 26.75 -40.29 38.38
CA ILE F 43 26.78 -41.71 37.99
C ILE F 43 25.39 -42.21 37.73
N SER F 44 24.43 -41.59 38.42
CA SER F 44 23.04 -41.99 38.21
C SER F 44 22.56 -41.71 36.79
N GLU F 45 22.98 -40.59 36.23
CA GLU F 45 22.57 -40.15 34.90
C GLU F 45 23.43 -40.54 33.76
N THR F 46 24.69 -40.87 33.99
CA THR F 46 25.63 -41.21 32.96
C THR F 46 25.91 -42.70 32.74
N THR F 47 25.15 -43.54 33.40
CA THR F 47 25.26 -45.04 33.26
C THR F 47 23.87 -45.50 32.81
N GLY F 48 23.82 -46.73 32.35
CA GLY F 48 22.58 -47.35 31.89
C GLY F 48 22.86 -48.86 31.63
N PRO F 49 21.80 -49.55 31.30
CA PRO F 49 21.88 -51.02 31.03
C PRO F 49 22.56 -51.36 29.74
N ASN F 50 23.24 -52.47 29.74
CA ASN F 50 23.92 -53.01 28.54
C ASN F 50 23.17 -54.32 28.22
N PHE F 51 22.58 -54.44 27.07
CA PHE F 51 21.81 -55.65 26.70
C PHE F 51 22.56 -56.73 25.94
N SER F 52 23.86 -56.77 26.03
CA SER F 52 24.67 -57.76 25.34
C SER F 52 24.34 -59.22 25.68
N HIS F 53 23.94 -59.51 26.89
CA HIS F 53 23.59 -60.89 27.25
C HIS F 53 22.16 -61.19 27.25
N LEU F 54 21.33 -60.38 26.60
CA LEU F 54 19.89 -60.72 26.58
C LEU F 54 19.86 -61.83 25.50
N GLY F 55 19.05 -62.84 25.70
CA GLY F 55 18.96 -63.96 24.72
C GLY F 55 17.93 -63.61 23.65
N PHE F 56 18.39 -63.06 22.55
CA PHE F 56 17.49 -62.70 21.42
C PHE F 56 17.15 -64.01 20.65
N GLY F 57 15.97 -64.04 20.11
CA GLY F 57 15.53 -65.19 19.26
C GLY F 57 16.12 -65.00 17.88
N ALA F 58 16.20 -66.07 17.10
CA ALA F 58 16.76 -66.03 15.76
C ALA F 58 16.00 -65.10 14.81
N HIS F 59 14.75 -64.89 15.03
CA HIS F 59 13.91 -64.00 14.20
C HIS F 59 13.40 -62.74 14.95
N ASP F 60 14.06 -62.33 16.00
CA ASP F 60 13.63 -61.13 16.77
C ASP F 60 13.51 -59.86 15.91
N HIS F 61 14.34 -59.76 14.93
CA HIS F 61 14.39 -58.63 14.00
C HIS F 61 13.71 -58.88 12.67
N ASP F 62 13.04 -60.03 12.52
CA ASP F 62 12.35 -60.34 11.24
C ASP F 62 10.87 -60.40 11.38
N LEU F 63 10.16 -59.26 11.21
CA LEU F 63 8.74 -59.16 11.33
C LEU F 63 7.98 -60.04 10.34
N LEU F 64 8.62 -60.55 9.34
CA LEU F 64 8.08 -61.43 8.31
C LEU F 64 7.97 -62.88 8.84
N LEU F 65 8.85 -63.32 9.71
CA LEU F 65 8.85 -64.67 10.26
C LEU F 65 8.52 -64.80 11.74
N ASN F 66 8.55 -63.75 12.54
CA ASN F 66 8.37 -63.83 13.96
C ASN F 66 7.02 -63.89 14.53
N PHE F 67 5.96 -63.87 13.80
CA PHE F 67 4.63 -63.94 14.41
C PHE F 67 4.12 -65.39 14.11
N GLY F 71 2.04 -68.72 7.16
CA GLY F 71 2.22 -67.93 5.95
C GLY F 71 2.90 -66.57 6.19
N LEU F 72 3.00 -65.82 5.12
CA LEU F 72 3.60 -64.48 5.08
C LEU F 72 2.54 -63.38 5.22
N PRO F 73 2.96 -62.26 5.82
CA PRO F 73 2.12 -61.06 5.97
C PRO F 73 1.87 -60.43 4.58
N ILE F 74 0.79 -59.68 4.48
CA ILE F 74 0.44 -58.97 3.23
C ILE F 74 0.93 -57.51 3.38
N GLY F 75 1.55 -56.99 2.37
CA GLY F 75 2.08 -55.60 2.43
C GLY F 75 3.40 -55.56 1.71
N GLU F 76 3.95 -54.36 1.72
CA GLU F 76 5.21 -54.09 1.03
C GLU F 76 6.37 -54.59 1.83
N ARG F 77 7.11 -55.52 1.25
CA ARG F 77 8.28 -56.11 1.91
C ARG F 77 9.39 -55.05 1.89
N ILE F 78 9.90 -54.70 3.03
CA ILE F 78 10.98 -53.71 3.09
C ILE F 78 11.94 -54.08 4.21
N ILE F 79 13.17 -53.75 3.96
CA ILE F 79 14.21 -53.86 5.03
C ILE F 79 14.32 -52.36 5.54
N VAL F 80 14.43 -52.16 6.79
CA VAL F 80 14.66 -50.85 7.46
C VAL F 80 16.03 -51.05 8.17
N ALA F 81 17.00 -50.34 7.67
CA ALA F 81 18.37 -50.44 8.19
C ALA F 81 18.93 -49.03 8.48
N GLY F 82 20.02 -49.00 9.23
CA GLY F 82 20.65 -47.70 9.57
C GLY F 82 21.75 -47.94 10.56
N ARG F 83 22.16 -46.82 11.13
CA ARG F 83 23.24 -46.81 12.12
C ARG F 83 22.93 -45.87 13.27
N VAL F 84 23.39 -46.23 14.45
CA VAL F 84 23.17 -45.35 15.63
C VAL F 84 24.54 -44.73 15.94
N VAL F 85 24.57 -43.39 15.83
CA VAL F 85 25.87 -42.69 16.14
C VAL F 85 25.57 -41.64 17.21
N ASP F 86 26.56 -41.05 17.80
CA ASP F 86 26.37 -39.98 18.82
C ASP F 86 26.52 -38.63 18.06
N GLN F 87 26.44 -37.51 18.78
CA GLN F 87 26.54 -36.17 18.17
C GLN F 87 27.91 -35.89 17.60
N TYR F 88 28.90 -36.66 18.04
CA TYR F 88 30.25 -36.52 17.55
C TYR F 88 30.43 -37.41 16.33
N GLY F 89 29.46 -38.19 15.93
CA GLY F 89 29.51 -39.12 14.80
C GLY F 89 30.16 -40.45 15.18
N LYS F 90 30.29 -40.75 16.45
CA LYS F 90 30.90 -42.05 16.94
C LYS F 90 29.82 -43.11 17.02
N PRO F 91 30.03 -44.29 16.42
CA PRO F 91 29.03 -45.38 16.40
C PRO F 91 28.75 -45.85 17.80
N VAL F 92 27.56 -46.31 18.01
CA VAL F 92 27.11 -46.83 19.30
C VAL F 92 26.83 -48.35 19.09
N PRO F 93 27.81 -49.16 19.47
CA PRO F 93 27.73 -50.64 19.33
C PRO F 93 27.04 -51.28 20.51
N ASN F 94 26.44 -52.43 20.19
CA ASN F 94 25.73 -53.28 21.11
C ASN F 94 24.69 -52.52 21.84
N THR F 95 23.86 -51.76 21.12
CA THR F 95 22.79 -50.96 21.75
C THR F 95 21.50 -51.62 21.38
N LEU F 96 20.52 -51.40 22.19
CA LEU F 96 19.23 -52.00 21.97
C LEU F 96 18.31 -51.07 21.19
N VAL F 97 17.86 -51.59 20.06
CA VAL F 97 16.92 -50.88 19.21
C VAL F 97 15.64 -51.74 19.24
N GLU F 98 14.57 -51.11 19.57
CA GLU F 98 13.28 -51.81 19.63
C GLU F 98 12.32 -51.03 18.74
N MET F 99 11.46 -51.75 18.04
CA MET F 99 10.49 -51.12 17.13
C MET F 99 9.15 -51.78 17.26
N TRP F 100 8.10 -51.09 16.86
CA TRP F 100 6.74 -51.51 16.86
C TRP F 100 6.02 -50.65 15.78
N GLN F 101 5.02 -51.27 15.17
CA GLN F 101 4.27 -50.53 14.12
C GLN F 101 2.96 -51.27 13.80
N ALA F 102 2.17 -50.65 12.94
CA ALA F 102 0.93 -51.18 12.45
C ALA F 102 1.23 -52.12 11.26
N ASN F 103 0.18 -52.73 10.73
CA ASN F 103 0.21 -53.62 9.58
C ASN F 103 0.00 -52.72 8.33
N ALA F 104 -0.04 -53.38 7.19
CA ALA F 104 -0.19 -52.69 5.89
C ALA F 104 -1.37 -51.73 5.81
N GLY F 105 -2.37 -51.97 6.62
CA GLY F 105 -3.58 -51.24 6.70
C GLY F 105 -3.68 -50.20 7.79
N GLY F 106 -2.67 -50.02 8.64
CA GLY F 106 -2.73 -49.02 9.71
C GLY F 106 -3.36 -49.53 10.98
N ARG F 107 -3.50 -50.84 11.08
CA ARG F 107 -4.06 -51.51 12.27
C ARG F 107 -2.96 -52.08 13.15
N TYR F 108 -3.01 -51.75 14.43
CA TYR F 108 -2.02 -52.27 15.40
C TYR F 108 -2.57 -53.57 16.04
N ARG F 109 -1.64 -54.45 16.41
CA ARG F 109 -2.09 -55.73 17.11
C ARG F 109 -2.01 -55.40 18.60
N HIS F 110 -2.98 -54.62 19.02
CA HIS F 110 -3.17 -54.14 20.40
C HIS F 110 -4.65 -54.06 20.68
N LYS F 111 -5.02 -54.46 21.87
CA LYS F 111 -6.40 -54.49 22.30
C LYS F 111 -7.16 -53.17 22.05
N ASN F 112 -6.48 -52.05 22.34
CA ASN F 112 -7.10 -50.72 22.15
C ASN F 112 -7.34 -50.31 20.73
N ASP F 113 -6.78 -50.98 19.74
CA ASP F 113 -6.99 -50.51 18.34
C ASP F 113 -8.25 -51.10 17.75
N ARG F 114 -9.23 -50.21 17.55
CA ARG F 114 -10.49 -50.64 16.96
C ARG F 114 -10.62 -50.08 15.54
N TYR F 115 -9.56 -49.60 14.99
CA TYR F 115 -9.63 -49.06 13.61
C TYR F 115 -10.24 -50.19 12.77
N LEU F 116 -11.02 -49.77 11.78
CA LEU F 116 -11.75 -50.74 10.94
C LEU F 116 -10.95 -51.58 10.00
N ALA F 117 -9.71 -51.19 9.78
CA ALA F 117 -8.84 -52.01 8.89
C ALA F 117 -8.50 -53.29 9.71
N PRO F 118 -8.45 -54.42 9.03
CA PRO F 118 -8.23 -55.72 9.70
C PRO F 118 -6.81 -56.08 10.06
N LEU F 119 -6.70 -56.98 11.04
CA LEU F 119 -5.44 -57.55 11.50
C LEU F 119 -4.95 -58.52 10.40
N ASP F 120 -3.66 -58.67 10.40
CA ASP F 120 -2.97 -59.59 9.44
C ASP F 120 -2.57 -60.82 10.32
N PRO F 121 -3.17 -61.96 9.98
CA PRO F 121 -2.94 -63.23 10.70
C PRO F 121 -1.50 -63.64 10.87
N ASN F 122 -0.65 -63.28 9.93
CA ASN F 122 0.75 -63.62 10.00
C ASN F 122 1.62 -62.43 10.46
N PHE F 123 1.01 -61.41 11.05
CA PHE F 123 1.85 -60.21 11.44
C PHE F 123 1.63 -59.76 12.85
N GLY F 124 2.72 -59.56 13.54
CA GLY F 124 2.67 -59.10 14.96
C GLY F 124 3.00 -57.59 15.06
N GLY F 125 4.14 -57.24 14.52
CA GLY F 125 4.67 -55.90 14.47
C GLY F 125 5.62 -55.40 15.53
N VAL F 126 6.42 -56.29 16.09
CA VAL F 126 7.42 -56.02 17.10
C VAL F 126 8.77 -56.56 16.63
N GLY F 127 9.78 -55.79 16.95
CA GLY F 127 11.13 -56.24 16.56
C GLY F 127 12.12 -55.67 17.55
N ARG F 128 13.27 -56.31 17.57
CA ARG F 128 14.36 -55.87 18.42
C ARG F 128 15.63 -56.37 17.78
N CYS F 129 16.64 -55.56 17.94
CA CYS F 129 17.94 -55.86 17.34
C CYS F 129 18.98 -55.10 18.15
N LEU F 130 20.07 -55.78 18.38
CA LEU F 130 21.20 -55.19 19.07
C LEU F 130 22.14 -54.76 17.95
N THR F 131 22.60 -53.51 18.05
CA THR F 131 23.49 -53.01 17.02
C THR F 131 24.82 -53.78 17.14
N ASP F 132 25.43 -53.87 16.00
CA ASP F 132 26.72 -54.54 15.85
C ASP F 132 27.81 -53.56 16.25
N SER F 133 29.01 -54.03 16.05
CA SER F 133 30.24 -53.32 16.35
C SER F 133 30.27 -51.90 15.74
N ASP F 134 29.71 -51.80 14.56
CA ASP F 134 29.63 -50.55 13.82
C ASP F 134 28.42 -49.69 14.06
N GLY F 135 27.58 -50.10 14.98
CA GLY F 135 26.37 -49.34 15.26
C GLY F 135 25.25 -49.56 14.26
N TYR F 136 25.31 -50.64 13.47
CA TYR F 136 24.30 -50.98 12.48
C TYR F 136 23.22 -51.87 13.03
N TYR F 137 22.03 -51.70 12.60
CA TYR F 137 20.86 -52.46 12.93
C TYR F 137 20.08 -52.68 11.63
N SER F 138 19.14 -53.62 11.69
CA SER F 138 18.28 -53.90 10.53
C SER F 138 17.14 -54.79 10.94
N PHE F 139 16.02 -54.46 10.34
CA PHE F 139 14.78 -55.13 10.55
C PHE F 139 14.21 -55.51 9.17
N ARG F 140 13.40 -56.51 9.13
CA ARG F 140 12.73 -56.91 7.85
C ARG F 140 11.27 -56.86 8.25
N THR F 141 10.51 -56.11 7.45
CA THR F 141 9.08 -56.01 7.86
C THR F 141 8.26 -55.61 6.65
N ILE F 142 7.06 -55.14 6.91
CA ILE F 142 6.19 -54.64 5.82
C ILE F 142 5.94 -53.14 6.11
N LYS F 143 5.76 -52.35 5.05
CA LYS F 143 5.52 -50.87 5.28
C LYS F 143 4.16 -50.67 5.88
N PRO F 144 4.08 -49.98 7.01
CA PRO F 144 2.83 -49.73 7.69
C PRO F 144 1.98 -48.72 6.95
N GLY F 145 0.69 -48.75 7.10
CA GLY F 145 -0.21 -47.78 6.47
C GLY F 145 -0.54 -46.68 7.51
N PRO F 146 -0.99 -45.54 6.97
CA PRO F 146 -1.40 -44.38 7.82
C PRO F 146 -2.69 -44.84 8.51
N TYR F 147 -3.08 -44.00 9.47
CA TYR F 147 -4.32 -44.32 10.17
C TYR F 147 -4.89 -43.02 10.77
N PRO F 148 -6.18 -43.04 10.95
CA PRO F 148 -6.91 -41.87 11.53
C PRO F 148 -6.72 -41.95 13.04
N TRP F 149 -6.75 -40.83 13.73
CA TRP F 149 -6.61 -40.79 15.18
C TRP F 149 -7.53 -39.63 15.65
N ARG F 150 -7.92 -39.71 16.91
CA ARG F 150 -8.88 -38.69 17.37
C ARG F 150 -8.20 -37.46 17.94
N ASN F 151 -7.95 -36.46 17.13
CA ASN F 151 -7.28 -35.16 17.52
C ASN F 151 -8.26 -34.10 16.91
N GLY F 152 -7.97 -33.60 15.74
CA GLY F 152 -8.96 -32.67 15.07
C GLY F 152 -9.89 -33.71 14.37
N PRO F 153 -10.96 -33.19 13.81
CA PRO F 153 -11.95 -34.04 13.13
C PRO F 153 -11.44 -34.86 11.94
N ASN F 154 -10.37 -34.54 11.28
CA ASN F 154 -9.94 -35.32 10.11
C ASN F 154 -8.45 -35.46 10.12
N ASP F 155 -7.86 -35.91 11.22
CA ASP F 155 -6.43 -36.05 11.36
C ASP F 155 -6.00 -37.50 11.04
N TRP F 156 -4.93 -37.56 10.28
CA TRP F 156 -4.29 -38.82 9.87
C TRP F 156 -2.80 -38.78 10.18
N ARG F 157 -2.33 -39.81 10.87
CA ARG F 157 -0.90 -39.95 11.16
C ARG F 157 -0.28 -40.44 9.82
N PRO F 158 0.82 -39.85 9.50
CA PRO F 158 1.57 -40.31 8.31
C PRO F 158 2.09 -41.74 8.69
N ALA F 159 2.38 -42.59 7.74
CA ALA F 159 2.91 -43.97 7.99
C ALA F 159 4.21 -43.76 8.81
N HIS F 160 4.36 -44.56 9.84
CA HIS F 160 5.54 -44.49 10.69
C HIS F 160 5.83 -45.79 11.46
N ILE F 161 7.07 -45.85 11.91
CA ILE F 161 7.57 -46.94 12.74
C ILE F 161 8.01 -46.29 14.07
N HIS F 162 7.55 -46.82 15.15
CA HIS F 162 7.95 -46.32 16.48
C HIS F 162 9.30 -46.92 16.82
N PHE F 163 10.22 -46.08 17.27
CA PHE F 163 11.55 -46.62 17.60
C PHE F 163 11.95 -46.26 19.03
N GLY F 164 12.68 -47.17 19.67
CA GLY F 164 13.18 -46.89 21.06
C GLY F 164 14.68 -47.33 20.98
N ILE F 165 15.53 -46.45 21.46
CA ILE F 165 16.95 -46.67 21.47
C ILE F 165 17.54 -46.41 22.88
N SER F 166 18.29 -47.40 23.34
CA SER F 166 18.92 -47.34 24.66
C SER F 166 20.08 -46.36 24.75
N GLY F 167 21.12 -46.65 24.03
CA GLY F 167 22.33 -45.88 24.04
C GLY F 167 23.09 -46.32 25.32
N PRO F 168 24.21 -45.65 25.57
CA PRO F 168 25.07 -45.93 26.69
C PRO F 168 24.54 -45.59 28.06
N SER F 169 23.53 -44.76 28.17
CA SER F 169 23.05 -44.37 29.50
C SER F 169 21.60 -43.96 29.47
N ILE F 170 21.03 -43.69 30.63
CA ILE F 170 19.64 -43.25 30.65
C ILE F 170 19.50 -41.81 30.13
N ALA F 171 20.65 -41.12 30.03
CA ALA F 171 20.75 -39.73 29.53
C ALA F 171 20.59 -39.68 28.00
N THR F 172 20.93 -40.75 27.33
CA THR F 172 20.82 -40.85 25.88
C THR F 172 19.62 -41.62 25.40
N LYS F 173 18.94 -42.32 26.29
CA LYS F 173 17.80 -43.16 25.91
C LYS F 173 16.76 -42.31 25.23
N LEU F 174 16.22 -42.85 24.13
CA LEU F 174 15.21 -42.03 23.39
C LEU F 174 14.14 -42.82 22.69
N ILE F 175 12.99 -42.19 22.57
CA ILE F 175 11.85 -42.71 21.86
C ILE F 175 11.52 -41.71 20.71
N THR F 176 11.34 -42.28 19.54
CA THR F 176 11.00 -41.43 18.37
C THR F 176 10.16 -42.22 17.38
N GLN F 177 9.94 -41.62 16.20
CA GLN F 177 9.17 -42.20 15.11
C GLN F 177 9.92 -41.96 13.81
N LEU F 178 9.87 -42.95 12.94
CA LEU F 178 10.46 -42.92 11.62
C LEU F 178 9.28 -42.61 10.67
N TYR F 179 9.45 -41.74 9.71
CA TYR F 179 8.48 -41.38 8.70
C TYR F 179 9.07 -41.78 7.35
N PHE F 180 8.25 -41.86 6.32
CA PHE F 180 8.70 -42.30 5.00
C PHE F 180 8.71 -41.13 4.01
N GLU F 181 9.80 -41.09 3.32
CA GLU F 181 10.12 -40.09 2.31
C GLU F 181 9.01 -39.82 1.33
N GLY F 182 8.62 -38.56 1.16
CA GLY F 182 7.61 -38.05 0.27
C GLY F 182 6.16 -38.16 0.66
N ASP F 183 5.91 -38.71 1.83
CA ASP F 183 4.57 -38.91 2.32
C ASP F 183 3.88 -37.54 2.52
N PRO F 184 2.81 -37.31 1.80
CA PRO F 184 2.09 -36.03 1.84
C PRO F 184 1.43 -35.68 3.14
N LEU F 185 1.29 -36.68 4.04
CA LEU F 185 0.70 -36.45 5.32
C LEU F 185 1.63 -35.78 6.33
N ILE F 186 2.93 -35.98 6.16
CA ILE F 186 3.90 -35.42 7.08
C ILE F 186 3.66 -33.97 7.53
N PRO F 187 3.53 -33.04 6.59
CA PRO F 187 3.35 -31.60 6.86
C PRO F 187 2.05 -31.18 7.48
N MET F 188 1.07 -32.05 7.46
CA MET F 188 -0.22 -31.75 8.03
C MET F 188 -0.37 -32.36 9.41
N CYS F 189 0.58 -33.12 9.91
CA CYS F 189 0.44 -33.76 11.22
C CYS F 189 0.85 -32.92 12.40
N PRO F 190 -0.06 -32.72 13.32
CA PRO F 190 0.15 -31.95 14.55
C PRO F 190 1.21 -32.58 15.44
N ILE F 191 1.48 -33.88 15.38
CA ILE F 191 2.53 -34.51 16.17
C ILE F 191 3.89 -34.17 15.60
N VAL F 192 3.94 -34.15 14.28
CA VAL F 192 5.14 -33.86 13.54
C VAL F 192 5.43 -32.34 13.80
N LYS F 193 4.38 -31.56 13.74
CA LYS F 193 4.46 -30.09 13.97
C LYS F 193 4.79 -29.79 15.44
N SER F 194 4.82 -30.88 16.25
CA SER F 194 5.18 -30.66 17.67
C SER F 194 6.59 -30.02 17.61
N ILE F 195 7.30 -30.40 16.57
CA ILE F 195 8.64 -29.95 16.30
C ILE F 195 8.63 -28.59 15.58
N ALA F 196 9.10 -27.56 16.28
CA ALA F 196 9.13 -26.19 15.76
C ALA F 196 9.97 -25.95 14.56
N ASN F 197 11.07 -26.61 14.41
CA ASN F 197 11.98 -26.43 13.31
C ASN F 197 11.89 -27.53 12.25
N PRO F 198 11.51 -27.10 11.05
CA PRO F 198 11.36 -28.00 9.90
C PRO F 198 12.61 -28.81 9.63
N GLU F 199 13.73 -28.23 10.05
CA GLU F 199 14.99 -28.92 9.82
C GLU F 199 15.06 -30.17 10.69
N ALA F 200 14.47 -30.04 11.84
CA ALA F 200 14.43 -31.17 12.81
C ALA F 200 13.53 -32.27 12.25
N VAL F 201 12.46 -31.89 11.54
CA VAL F 201 11.55 -32.85 10.94
C VAL F 201 12.24 -33.81 9.96
N GLN F 202 13.08 -33.19 9.13
CA GLN F 202 13.83 -33.94 8.14
C GLN F 202 14.57 -35.16 8.69
N GLN F 203 15.08 -35.03 9.90
CA GLN F 203 15.86 -36.09 10.57
C GLN F 203 15.08 -37.38 10.87
N LEU F 204 13.79 -37.24 10.85
CA LEU F 204 12.83 -38.24 11.13
C LEU F 204 12.31 -38.95 9.86
N ILE F 205 12.80 -38.55 8.71
CA ILE F 205 12.33 -39.15 7.46
C ILE F 205 13.26 -40.19 6.91
N ALA F 206 12.83 -41.43 6.76
CA ALA F 206 13.69 -42.55 6.22
C ALA F 206 13.73 -42.28 4.71
N LYS F 207 14.84 -42.41 4.11
CA LYS F 207 15.01 -42.17 2.69
C LYS F 207 15.06 -43.57 1.99
N LEU F 208 14.46 -43.62 0.82
CA LEU F 208 14.41 -44.88 -0.01
C LEU F 208 15.84 -45.27 -0.28
N ASP F 209 16.18 -46.53 -0.15
CA ASP F 209 17.56 -47.01 -0.35
C ASP F 209 17.60 -48.21 -1.31
N MET F 210 17.55 -47.95 -2.58
CA MET F 210 17.58 -48.94 -3.66
C MET F 210 18.79 -49.87 -3.62
N ASN F 211 19.85 -49.34 -3.02
CA ASN F 211 21.13 -50.02 -2.87
C ASN F 211 21.06 -51.23 -1.92
N ASN F 212 20.26 -51.09 -0.90
CA ASN F 212 20.11 -52.13 0.12
C ASN F 212 18.96 -53.10 -0.18
N ALA F 213 18.26 -52.83 -1.25
CA ALA F 213 17.14 -53.60 -1.70
C ALA F 213 17.51 -54.99 -2.23
N ASN F 214 16.61 -55.94 -2.08
CA ASN F 214 16.86 -57.34 -2.61
C ASN F 214 16.02 -57.43 -3.89
N PRO F 215 16.66 -57.47 -5.01
CA PRO F 215 15.97 -57.55 -6.32
C PRO F 215 14.93 -58.65 -6.31
N MET F 216 13.78 -58.37 -6.87
CA MET F 216 12.65 -59.23 -6.98
C MET F 216 12.18 -59.73 -5.61
N ASP F 217 12.49 -59.05 -4.54
CA ASP F 217 12.11 -59.54 -3.21
C ASP F 217 11.54 -58.44 -2.35
N CYS F 218 12.38 -57.47 -2.00
CA CYS F 218 11.96 -56.31 -1.18
C CYS F 218 12.74 -55.01 -1.37
N LEU F 219 12.10 -53.92 -0.99
CA LEU F 219 12.70 -52.55 -1.02
C LEU F 219 13.43 -52.37 0.31
N ALA F 220 14.12 -51.26 0.45
CA ALA F 220 14.88 -50.88 1.65
C ALA F 220 14.82 -49.34 1.84
N TYR F 221 14.81 -49.02 3.10
CA TYR F 221 14.79 -47.69 3.71
C TYR F 221 15.95 -47.59 4.70
N ARG F 222 16.48 -46.39 4.75
CA ARG F 222 17.63 -46.06 5.62
C ARG F 222 17.19 -45.04 6.66
N PHE F 223 17.50 -45.33 7.90
CA PHE F 223 17.15 -44.43 9.03
C PHE F 223 18.29 -44.43 10.03
N ASP F 224 19.00 -43.32 10.09
CA ASP F 224 20.16 -43.21 11.02
C ASP F 224 19.72 -42.46 12.26
N ILE F 225 20.24 -42.83 13.39
CA ILE F 225 19.88 -42.18 14.64
C ILE F 225 21.09 -41.58 15.32
N VAL F 226 20.91 -40.36 15.81
CA VAL F 226 21.95 -39.62 16.53
C VAL F 226 21.49 -39.41 18.00
N LEU F 227 22.32 -39.96 18.86
CA LEU F 227 22.12 -39.85 20.31
C LEU F 227 23.05 -38.73 20.86
N ARG F 228 22.82 -38.28 22.07
CA ARG F 228 23.63 -37.25 22.73
C ARG F 228 25.10 -37.63 22.64
N GLY F 229 25.86 -36.57 22.37
CA GLY F 229 27.30 -36.69 22.24
C GLY F 229 27.86 -37.06 23.61
N GLN F 230 28.72 -38.08 23.59
CA GLN F 230 29.37 -38.57 24.84
C GLN F 230 30.83 -38.11 24.86
N ARG F 231 31.25 -37.46 25.91
CA ARG F 231 32.65 -37.03 26.04
C ARG F 231 33.19 -37.46 27.41
N LYS F 232 34.48 -37.53 27.53
CA LYS F 232 35.08 -37.90 28.87
C LYS F 232 35.06 -36.58 29.69
N THR F 233 35.12 -36.75 30.98
CA THR F 233 35.12 -35.59 31.92
C THR F 233 36.49 -34.93 31.81
N HIS F 234 36.52 -33.65 32.16
CA HIS F 234 37.80 -32.91 32.10
C HIS F 234 37.74 -31.73 33.09
N PHE F 235 38.87 -31.52 33.72
CA PHE F 235 39.06 -30.43 34.70
C PHE F 235 37.91 -30.42 35.68
N GLU F 236 37.43 -31.64 35.96
CA GLU F 236 36.29 -31.68 36.87
C GLU F 236 36.65 -31.55 38.32
N PRO G 1 24.35 17.08 -8.40
CA PRO G 1 24.19 18.46 -7.91
C PRO G 1 23.60 18.47 -6.51
N ILE G 2 23.51 19.66 -5.93
CA ILE G 2 22.92 19.87 -4.62
C ILE G 2 21.42 19.98 -4.87
N GLU G 3 20.68 19.18 -4.17
CA GLU G 3 19.21 19.22 -4.28
C GLU G 3 18.72 19.53 -2.86
N LEU G 4 17.79 20.44 -2.73
CA LEU G 4 17.24 20.81 -1.41
C LEU G 4 15.96 19.99 -1.27
N LEU G 5 15.23 20.25 -0.20
CA LEU G 5 13.94 19.61 -0.01
C LEU G 5 13.08 20.26 -1.15
N PRO G 6 12.33 19.42 -1.82
CA PRO G 6 11.42 19.94 -2.86
C PRO G 6 10.29 20.70 -2.15
N GLU G 7 9.84 21.75 -2.81
CA GLU G 7 8.74 22.60 -2.35
C GLU G 7 7.47 21.76 -2.49
N THR G 8 6.57 22.02 -1.59
CA THR G 8 5.27 21.33 -1.64
C THR G 8 4.61 21.75 -2.96
N PRO G 9 4.12 20.74 -3.71
CA PRO G 9 3.41 21.00 -4.96
C PRO G 9 2.14 21.83 -4.80
N SER G 10 1.86 22.72 -5.72
CA SER G 10 0.68 23.56 -5.78
C SER G 10 -0.49 22.71 -6.29
N GLN G 11 -1.66 23.20 -6.01
CA GLN G 11 -2.89 22.55 -6.47
C GLN G 11 -3.91 23.69 -6.69
N THR G 12 -4.84 23.48 -7.59
CA THR G 12 -5.90 24.46 -7.88
C THR G 12 -6.59 24.82 -6.57
N ALA G 13 -7.12 26.05 -6.53
CA ALA G 13 -7.85 26.61 -5.38
C ALA G 13 -9.22 25.99 -5.38
N GLY G 14 -9.70 25.64 -6.56
CA GLY G 14 -11.00 25.02 -6.77
C GLY G 14 -12.05 26.15 -6.71
N PRO G 15 -13.30 25.77 -6.93
CA PRO G 15 -14.42 26.68 -6.92
C PRO G 15 -14.88 27.26 -5.60
N TYR G 16 -14.55 26.63 -4.49
CA TYR G 16 -15.00 27.14 -3.19
C TYR G 16 -13.99 27.95 -2.43
N VAL G 17 -12.99 28.43 -3.11
CA VAL G 17 -11.94 29.24 -2.52
C VAL G 17 -12.45 30.35 -1.62
N HIS G 18 -13.57 30.92 -1.95
CA HIS G 18 -14.16 32.03 -1.16
C HIS G 18 -14.41 31.71 0.27
N ILE G 19 -14.94 30.50 0.50
CA ILE G 19 -15.25 30.10 1.88
C ILE G 19 -14.03 30.29 2.76
N GLY G 20 -12.90 29.95 2.19
CA GLY G 20 -11.62 30.03 2.86
C GLY G 20 -10.96 31.39 2.89
N LEU G 21 -11.03 32.11 1.77
CA LEU G 21 -10.36 33.44 1.66
C LEU G 21 -11.19 34.63 1.22
N ALA G 22 -12.47 34.53 1.15
CA ALA G 22 -13.38 35.61 0.73
C ALA G 22 -14.77 35.32 1.26
N LEU G 23 -14.82 35.25 2.59
CA LEU G 23 -15.96 34.94 3.38
C LEU G 23 -17.27 35.53 2.89
N GLU G 24 -17.35 36.87 2.90
CA GLU G 24 -18.53 37.62 2.44
C GLU G 24 -19.02 36.95 1.15
N ALA G 25 -18.13 36.93 0.17
CA ALA G 25 -18.41 36.36 -1.15
C ALA G 25 -18.88 34.92 -1.14
N ALA G 26 -18.39 34.10 -0.20
CA ALA G 26 -18.86 32.68 -0.12
C ALA G 26 -20.32 32.81 0.32
N GLY G 27 -20.56 34.02 0.86
CA GLY G 27 -21.86 34.41 1.40
C GLY G 27 -21.94 33.81 2.82
N ASN G 28 -20.81 33.85 3.52
CA ASN G 28 -20.76 33.31 4.90
C ASN G 28 -20.41 34.46 5.86
N PRO G 29 -20.76 34.24 7.11
CA PRO G 29 -20.46 35.26 8.16
C PRO G 29 -18.96 35.42 8.17
N THR G 30 -18.52 36.64 8.35
CA THR G 30 -17.07 36.91 8.37
C THR G 30 -16.61 36.94 9.83
N ARG G 31 -15.33 37.11 10.01
CA ARG G 31 -14.71 37.18 11.35
C ARG G 31 -14.42 38.65 11.66
N ASP G 32 -14.03 38.92 12.89
CA ASP G 32 -13.72 40.28 13.36
C ASP G 32 -12.90 41.03 12.33
N GLN G 33 -11.76 40.41 12.01
CA GLN G 33 -10.85 41.01 11.06
C GLN G 33 -10.66 40.11 9.83
N GLU G 34 -10.88 40.73 8.68
CA GLU G 34 -10.74 40.09 7.39
C GLU G 34 -9.86 40.91 6.48
N ILE G 35 -9.14 40.18 5.62
CA ILE G 35 -8.26 40.83 4.63
C ILE G 35 -9.10 41.02 3.36
N TRP G 36 -9.35 42.29 3.01
CA TRP G 36 -10.21 42.59 1.85
C TRP G 36 -9.72 43.60 0.88
N ASN G 37 -10.59 44.18 0.05
CA ASN G 37 -10.35 45.11 -1.01
C ASN G 37 -10.20 46.61 -0.82
N ARG G 38 -10.01 47.09 0.39
CA ARG G 38 -9.84 48.52 0.74
C ARG G 38 -8.46 48.74 1.32
N LEU G 39 -7.47 49.07 0.53
CA LEU G 39 -6.12 49.24 1.03
C LEU G 39 -5.88 50.57 1.75
N ALA G 40 -6.64 51.60 1.43
CA ALA G 40 -6.52 52.95 2.01
C ALA G 40 -7.79 53.50 2.64
N LYS G 41 -7.58 54.13 3.77
CA LYS G 41 -8.70 54.82 4.47
C LYS G 41 -8.68 56.27 3.90
N PRO G 42 -9.81 56.92 3.85
CA PRO G 42 -9.97 58.30 3.35
C PRO G 42 -8.87 59.26 3.68
N ASP G 43 -8.33 59.15 4.88
CA ASP G 43 -7.26 60.07 5.31
C ASP G 43 -5.88 59.59 4.97
N ALA G 44 -5.79 58.60 4.09
CA ALA G 44 -4.47 58.09 3.66
C ALA G 44 -3.98 59.14 2.64
N PRO G 45 -2.72 59.42 2.77
CA PRO G 45 -2.09 60.41 1.86
C PRO G 45 -1.98 59.74 0.48
N GLY G 46 -2.04 60.60 -0.53
CA GLY G 46 -1.90 60.09 -1.90
C GLY G 46 -3.17 60.40 -2.66
N GLU G 47 -3.17 59.97 -3.91
CA GLU G 47 -4.32 60.19 -4.78
C GLU G 47 -5.18 58.92 -4.79
N HIS G 48 -6.33 59.06 -4.20
CA HIS G 48 -7.30 57.98 -4.08
C HIS G 48 -7.89 57.61 -5.43
N ILE G 49 -7.78 56.30 -5.72
CA ILE G 49 -8.29 55.77 -7.00
C ILE G 49 -9.10 54.49 -6.78
N LEU G 50 -9.91 54.21 -7.76
CA LEU G 50 -10.74 53.02 -7.80
C LEU G 50 -10.19 52.13 -8.94
N LEU G 51 -10.00 50.85 -8.60
CA LEU G 51 -9.51 49.83 -9.56
C LEU G 51 -10.65 48.84 -9.82
N LEU G 52 -10.80 48.50 -11.08
CA LEU G 52 -11.86 47.51 -11.44
C LEU G 52 -11.51 46.74 -12.68
N GLY G 53 -11.99 45.48 -12.80
CA GLY G 53 -11.72 44.63 -13.94
C GLY G 53 -12.52 43.35 -13.98
N GLN G 54 -12.39 42.68 -15.12
CA GLN G 54 -13.02 41.38 -15.44
C GLN G 54 -11.88 40.44 -15.90
N VAL G 55 -12.17 39.13 -15.80
CA VAL G 55 -11.23 38.05 -16.14
C VAL G 55 -11.92 37.16 -17.16
N TYR G 56 -11.23 36.88 -18.23
CA TYR G 56 -11.73 36.05 -19.32
C TYR G 56 -10.91 34.75 -19.48
N ASP G 57 -11.60 33.74 -19.95
CA ASP G 57 -11.03 32.40 -20.23
C ASP G 57 -10.72 32.38 -21.73
N GLY G 58 -10.18 31.30 -22.21
CA GLY G 58 -9.81 31.07 -23.57
C GLY G 58 -10.93 31.20 -24.57
N ASN G 59 -12.14 31.11 -24.15
CA ASN G 59 -13.30 31.18 -25.01
C ASN G 59 -13.95 32.58 -25.00
N GLY G 60 -13.36 33.49 -24.22
CA GLY G 60 -13.85 34.88 -24.11
C GLY G 60 -15.02 34.96 -23.16
N HIS G 61 -15.10 33.99 -22.31
CA HIS G 61 -16.12 33.88 -21.29
C HIS G 61 -15.54 34.34 -19.97
N LEU G 62 -16.39 34.94 -19.16
CA LEU G 62 -16.04 35.49 -17.88
C LEU G 62 -15.78 34.37 -16.85
N VAL G 63 -14.70 34.55 -16.13
CA VAL G 63 -14.32 33.63 -15.03
C VAL G 63 -14.94 34.31 -13.81
N ARG G 64 -15.98 33.71 -13.34
CA ARG G 64 -16.73 34.29 -12.23
C ARG G 64 -16.33 33.73 -10.90
N ASP G 65 -15.29 32.93 -10.81
CA ASP G 65 -14.91 32.34 -9.50
C ASP G 65 -13.45 32.58 -9.21
N SER G 66 -12.96 33.66 -9.79
CA SER G 66 -11.55 33.99 -9.61
C SER G 66 -11.33 34.75 -8.30
N PHE G 67 -10.15 34.57 -7.76
CA PHE G 67 -9.67 35.17 -6.53
C PHE G 67 -8.35 35.85 -6.83
N LEU G 68 -8.19 37.08 -6.34
CA LEU G 68 -7.03 37.90 -6.55
C LEU G 68 -6.43 38.48 -5.25
N GLU G 69 -5.13 38.50 -5.27
CA GLU G 69 -4.32 39.08 -4.21
C GLU G 69 -3.46 40.18 -4.84
N VAL G 70 -3.34 41.30 -4.14
CA VAL G 70 -2.57 42.47 -4.56
C VAL G 70 -1.58 42.93 -3.52
N TRP G 71 -0.45 43.32 -4.09
CA TRP G 71 0.68 43.84 -3.31
C TRP G 71 1.16 45.13 -4.01
N GLN G 72 1.21 46.21 -3.24
CA GLN G 72 1.66 47.52 -3.78
C GLN G 72 2.29 48.41 -2.71
N ALA G 73 3.02 49.40 -3.21
CA ALA G 73 3.67 50.42 -2.33
C ALA G 73 2.65 51.55 -2.07
N ASP G 74 2.93 52.35 -1.05
CA ASP G 74 2.05 53.51 -0.71
C ASP G 74 2.37 54.66 -1.70
N ALA G 75 1.79 55.82 -1.46
CA ALA G 75 1.97 57.01 -2.30
C ALA G 75 3.41 57.46 -2.27
N ASN G 76 4.17 57.13 -1.25
CA ASN G 76 5.55 57.48 -1.15
C ASN G 76 6.48 56.40 -1.71
N GLY G 77 5.93 55.41 -2.37
CA GLY G 77 6.74 54.33 -2.95
C GLY G 77 7.27 53.43 -1.83
N GLU G 78 6.52 53.33 -0.77
CA GLU G 78 6.89 52.48 0.38
C GLU G 78 5.99 51.28 0.60
N TYR G 79 6.60 50.12 0.85
CA TYR G 79 5.87 48.85 1.10
C TYR G 79 5.60 48.68 2.59
N GLN G 80 4.36 48.77 2.92
CA GLN G 80 3.96 48.62 4.35
C GLN G 80 3.65 47.15 4.60
N ASP G 81 4.57 46.38 5.18
CA ASP G 81 4.36 44.93 5.41
C ASP G 81 3.58 44.55 6.64
N ALA G 82 3.63 45.38 7.65
CA ALA G 82 2.93 45.16 8.91
C ALA G 82 1.46 45.45 8.68
N TYR G 83 0.75 44.38 8.33
CA TYR G 83 -0.67 44.43 8.07
C TYR G 83 -1.50 44.72 9.28
N ASN G 84 -2.29 45.80 9.20
CA ASN G 84 -3.15 46.17 10.35
C ASN G 84 -4.39 46.94 9.91
N LEU G 85 -5.53 46.49 10.39
CA LEU G 85 -6.79 47.17 10.03
C LEU G 85 -6.83 48.61 10.56
N GLU G 86 -5.96 48.94 11.49
CA GLU G 86 -5.84 50.28 12.07
C GLU G 86 -5.11 51.25 11.18
N ASN G 87 -4.30 50.69 10.32
CA ASN G 87 -3.50 51.47 9.39
C ASN G 87 -4.36 52.32 8.44
N ALA G 88 -3.81 53.45 8.07
CA ALA G 88 -4.46 54.40 7.11
C ALA G 88 -4.32 53.77 5.71
N PHE G 89 -3.24 53.00 5.59
CA PHE G 89 -2.89 52.29 4.37
C PHE G 89 -2.20 50.93 4.62
N ASN G 90 -2.64 49.95 3.83
CA ASN G 90 -2.10 48.57 3.80
C ASN G 90 -1.70 48.32 2.33
N SER G 91 -0.54 47.76 2.15
CA SER G 91 0.01 47.39 0.87
C SER G 91 -0.60 46.08 0.30
N PHE G 92 -1.15 45.26 1.15
CA PHE G 92 -1.76 43.98 0.78
C PHE G 92 -3.27 44.08 0.83
N GLY G 93 -3.86 43.39 -0.12
CA GLY G 93 -5.31 43.33 -0.23
C GLY G 93 -5.74 42.08 -1.01
N ARG G 94 -7.02 41.80 -0.92
CA ARG G 94 -7.67 40.69 -1.60
C ARG G 94 -9.00 41.19 -2.21
N THR G 95 -9.31 40.51 -3.33
CA THR G 95 -10.55 40.82 -4.06
C THR G 95 -10.91 39.55 -4.88
N ALA G 96 -12.07 39.56 -5.41
CA ALA G 96 -12.63 38.44 -6.19
C ALA G 96 -13.68 38.98 -7.16
N THR G 97 -14.03 38.15 -8.14
CA THR G 97 -15.04 38.57 -9.13
C THR G 97 -16.41 38.06 -8.73
N THR G 98 -17.40 38.93 -9.00
CA THR G 98 -18.78 38.63 -8.69
C THR G 98 -19.33 37.42 -9.45
N PHE G 99 -20.07 36.61 -8.72
CA PHE G 99 -20.71 35.40 -9.32
C PHE G 99 -21.64 35.85 -10.44
N ASP G 100 -22.16 37.08 -10.34
CA ASP G 100 -23.04 37.69 -11.36
C ASP G 100 -22.20 38.45 -12.38
N ALA G 101 -22.13 39.78 -12.19
CA ALA G 101 -21.36 40.70 -13.01
C ALA G 101 -19.97 40.17 -13.30
N GLY G 102 -19.32 39.59 -12.30
CA GLY G 102 -17.99 39.02 -12.47
C GLY G 102 -16.95 40.09 -12.62
N GLU G 103 -17.11 41.20 -11.89
CA GLU G 103 -16.16 42.31 -11.92
C GLU G 103 -15.58 42.50 -10.53
N TRP G 104 -14.29 42.73 -10.46
CA TRP G 104 -13.62 42.89 -9.15
C TRP G 104 -13.36 44.40 -8.97
N THR G 105 -13.18 44.81 -7.74
CA THR G 105 -12.91 46.23 -7.43
C THR G 105 -11.93 46.34 -6.28
N LEU G 106 -11.22 47.44 -6.29
CA LEU G 106 -10.23 47.69 -5.21
C LEU G 106 -10.18 49.22 -4.98
N HIS G 107 -10.08 49.58 -3.74
CA HIS G 107 -10.00 51.02 -3.30
C HIS G 107 -8.63 51.23 -2.69
N THR G 108 -7.84 52.03 -3.31
CA THR G 108 -6.44 52.25 -2.82
C THR G 108 -6.00 53.65 -3.28
N VAL G 109 -4.70 53.82 -3.29
CA VAL G 109 -4.07 55.04 -3.78
C VAL G 109 -3.06 54.61 -4.85
N LYS G 110 -2.75 55.56 -5.70
CA LYS G 110 -1.77 55.30 -6.76
C LYS G 110 -0.42 55.11 -6.09
N PRO G 111 0.22 53.99 -6.39
CA PRO G 111 1.50 53.63 -5.78
C PRO G 111 2.60 54.55 -6.23
N GLY G 112 3.50 54.86 -5.32
CA GLY G 112 4.67 55.68 -5.58
C GLY G 112 5.61 54.72 -6.34
N VAL G 113 6.67 55.26 -6.80
CA VAL G 113 7.71 54.61 -7.55
C VAL G 113 8.72 53.88 -6.67
N VAL G 114 9.11 52.68 -7.08
CA VAL G 114 10.09 51.86 -6.35
C VAL G 114 11.16 51.45 -7.35
N ASN G 115 12.35 51.30 -6.82
CA ASN G 115 13.49 50.89 -7.61
C ASN G 115 13.60 49.34 -7.61
N ASN G 116 14.20 48.84 -8.62
CA ASN G 116 14.50 47.41 -8.83
C ASN G 116 15.84 47.18 -8.11
N ALA G 117 16.21 45.90 -8.09
CA ALA G 117 17.44 45.48 -7.44
C ALA G 117 18.59 46.30 -7.93
N ALA G 118 18.66 46.63 -9.21
CA ALA G 118 19.79 47.40 -9.73
C ALA G 118 19.66 48.91 -9.46
N GLY G 119 18.74 49.35 -8.64
CA GLY G 119 18.56 50.78 -8.34
C GLY G 119 17.79 51.57 -9.38
N VAL G 120 17.24 50.95 -10.39
CA VAL G 120 16.45 51.60 -11.43
C VAL G 120 14.99 51.64 -11.04
N PRO G 121 14.35 52.78 -11.29
CA PRO G 121 12.95 53.00 -10.97
C PRO G 121 12.02 52.22 -11.89
N MET G 122 10.97 51.73 -11.30
CA MET G 122 9.92 50.96 -11.99
C MET G 122 8.71 51.92 -12.07
N ALA G 123 7.91 51.80 -13.10
CA ALA G 123 6.73 52.70 -13.19
C ALA G 123 5.79 52.26 -12.09
N PRO G 124 4.99 53.21 -11.59
CA PRO G 124 4.03 52.88 -10.55
C PRO G 124 3.29 51.59 -11.01
N HIS G 125 3.19 50.60 -10.14
CA HIS G 125 2.52 49.32 -10.49
C HIS G 125 2.01 48.63 -9.23
N ILE G 126 1.10 47.72 -9.53
CA ILE G 126 0.45 46.88 -8.54
C ILE G 126 0.70 45.40 -8.96
N ASN G 127 1.21 44.63 -8.01
CA ASN G 127 1.49 43.19 -8.22
C ASN G 127 0.22 42.38 -7.97
N ILE G 128 -0.16 41.56 -8.93
CA ILE G 128 -1.33 40.72 -8.81
C ILE G 128 -1.07 39.18 -8.90
N SER G 129 -1.80 38.43 -8.11
CA SER G 129 -1.74 36.93 -8.13
C SER G 129 -3.18 36.46 -8.41
N LEU G 130 -3.37 35.69 -9.46
CA LEU G 130 -4.69 35.21 -9.85
C LEU G 130 -4.84 33.70 -9.56
N PHE G 131 -5.92 33.42 -8.88
CA PHE G 131 -6.22 32.01 -8.46
C PHE G 131 -7.65 31.68 -8.91
N ALA G 132 -7.84 30.37 -9.18
CA ALA G 132 -9.15 29.90 -9.56
C ALA G 132 -9.11 28.39 -9.94
N ARG G 133 -10.35 27.95 -9.94
CA ARG G 133 -10.71 26.54 -10.38
C ARG G 133 -10.16 26.47 -11.82
N GLY G 134 -9.48 25.37 -12.15
CA GLY G 134 -8.92 25.25 -13.47
C GLY G 134 -7.52 25.79 -13.57
N ILE G 135 -7.03 26.51 -12.58
CA ILE G 135 -5.68 27.04 -12.54
C ILE G 135 -4.88 26.20 -11.50
N ASN G 136 -3.99 25.33 -11.94
CA ASN G 136 -3.18 24.42 -11.10
C ASN G 136 -2.20 25.11 -10.20
N ILE G 137 -1.62 26.19 -10.74
CA ILE G 137 -0.66 27.06 -10.05
C ILE G 137 -1.02 28.53 -10.38
N HIS G 138 -1.09 29.39 -9.39
CA HIS G 138 -1.50 30.81 -9.56
C HIS G 138 -0.66 31.56 -10.60
N LEU G 139 -1.34 32.51 -11.24
CA LEU G 139 -0.75 33.37 -12.27
C LEU G 139 -0.38 34.74 -11.67
N HIS G 140 0.82 35.13 -11.98
CA HIS G 140 1.41 36.41 -11.53
C HIS G 140 1.39 37.43 -12.72
N THR G 141 0.94 38.63 -12.44
CA THR G 141 0.89 39.73 -13.40
C THR G 141 1.17 41.08 -12.69
N ARG G 142 1.17 42.14 -13.46
CA ARG G 142 1.36 43.54 -12.95
C ARG G 142 0.36 44.49 -13.63
N LEU G 143 -0.12 45.43 -12.85
CA LEU G 143 -1.04 46.49 -13.35
C LEU G 143 -0.27 47.84 -13.36
N TYR G 144 -0.20 48.43 -14.53
CA TYR G 144 0.42 49.74 -14.79
C TYR G 144 -0.71 50.72 -15.18
N PHE G 145 -0.41 52.02 -15.19
CA PHE G 145 -1.44 53.08 -15.48
C PHE G 145 -1.20 53.72 -16.81
N ASP G 146 -2.25 53.99 -17.55
CA ASP G 146 -2.10 54.61 -18.88
C ASP G 146 -1.64 56.07 -18.75
N ASP G 147 -1.85 56.73 -17.65
CA ASP G 147 -1.49 58.12 -17.41
C ASP G 147 -0.07 58.30 -16.96
N GLU G 148 0.72 57.24 -17.09
CA GLU G 148 2.11 57.21 -16.72
C GLU G 148 3.00 56.72 -17.83
N ALA G 149 2.60 57.01 -19.06
CA ALA G 149 3.30 56.65 -20.27
C ALA G 149 4.77 56.93 -20.23
N GLN G 150 5.17 58.05 -19.65
CA GLN G 150 6.58 58.38 -19.54
C GLN G 150 7.27 57.34 -18.65
N ALA G 151 6.72 57.17 -17.47
CA ALA G 151 7.31 56.16 -16.51
C ALA G 151 7.31 54.75 -17.16
N ASN G 152 6.19 54.41 -17.76
CA ASN G 152 5.97 53.12 -18.41
C ASN G 152 7.00 52.79 -19.45
N ALA G 153 7.33 53.80 -20.25
CA ALA G 153 8.29 53.63 -21.31
C ALA G 153 9.67 53.30 -20.81
N LYS G 154 9.98 53.65 -19.59
CA LYS G 154 11.30 53.37 -19.02
C LYS G 154 11.32 52.22 -18.00
N CYS G 155 10.21 51.56 -17.80
CA CYS G 155 10.16 50.47 -16.81
C CYS G 155 11.02 49.28 -17.19
N PRO G 156 11.96 48.97 -16.32
CA PRO G 156 12.85 47.81 -16.53
C PRO G 156 12.08 46.49 -16.61
N VAL G 157 10.95 46.38 -15.98
CA VAL G 157 10.17 45.15 -16.04
C VAL G 157 9.35 45.05 -17.31
N LEU G 158 8.67 46.14 -17.62
CA LEU G 158 7.85 46.29 -18.83
C LEU G 158 8.70 46.04 -20.06
N ASN G 159 9.91 46.56 -19.98
CA ASN G 159 10.91 46.44 -20.98
C ASN G 159 11.38 45.00 -21.20
N LEU G 160 11.17 44.09 -20.28
CA LEU G 160 11.60 42.67 -20.43
C LEU G 160 10.69 41.95 -21.43
N ILE G 161 9.50 42.44 -21.61
CA ILE G 161 8.55 41.81 -22.54
C ILE G 161 8.97 42.17 -23.96
N GLU G 162 9.47 41.14 -24.62
CA GLU G 162 9.98 41.21 -25.95
C GLU G 162 9.13 42.07 -26.91
N GLN G 163 7.92 41.70 -27.10
CA GLN G 163 6.95 42.32 -27.98
C GLN G 163 6.12 43.43 -27.38
N PRO G 164 6.24 44.64 -27.94
CA PRO G 164 5.52 45.85 -27.51
C PRO G 164 4.06 45.67 -27.37
N GLN G 165 3.43 44.98 -28.32
CA GLN G 165 1.99 44.77 -28.28
C GLN G 165 1.56 44.04 -27.01
N ARG G 166 2.43 43.23 -26.44
CA ARG G 166 2.16 42.47 -25.24
C ARG G 166 2.18 43.34 -23.98
N ARG G 167 2.99 44.38 -23.96
CA ARG G 167 3.11 45.34 -22.86
C ARG G 167 1.79 46.06 -22.63
N GLU G 168 1.12 46.34 -23.74
CA GLU G 168 -0.16 47.01 -23.73
C GLU G 168 -1.12 46.29 -22.83
N THR G 169 -1.04 44.94 -22.78
CA THR G 169 -1.89 44.09 -22.00
C THR G 169 -1.83 44.39 -20.50
N LEU G 170 -0.80 45.02 -20.05
CA LEU G 170 -0.58 45.36 -18.67
C LEU G 170 -0.96 46.81 -18.29
N ILE G 171 -1.52 47.56 -19.23
CA ILE G 171 -1.86 48.99 -18.92
C ILE G 171 -3.30 49.25 -18.65
N ALA G 172 -3.55 49.74 -17.45
CA ALA G 172 -4.92 50.06 -17.03
C ALA G 172 -5.36 51.42 -17.68
N LYS G 173 -6.58 51.46 -18.10
CA LYS G 173 -7.23 52.61 -18.76
C LYS G 173 -8.02 53.45 -17.78
N ARG G 174 -7.62 54.72 -17.66
CA ARG G 174 -8.22 55.73 -16.79
C ARG G 174 -9.65 56.03 -17.20
N CYS G 175 -10.47 56.27 -16.24
CA CYS G 175 -11.88 56.60 -16.39
C CYS G 175 -12.28 57.36 -15.11
N GLU G 176 -13.56 57.47 -14.95
CA GLU G 176 -14.10 58.13 -13.74
C GLU G 176 -15.35 57.38 -13.38
N VAL G 177 -15.50 57.15 -12.11
CA VAL G 177 -16.69 56.42 -11.63
C VAL G 177 -17.19 57.27 -10.47
N ASP G 178 -18.41 57.77 -10.65
CA ASP G 178 -19.00 58.66 -9.62
C ASP G 178 -18.08 59.88 -9.39
N GLY G 179 -17.55 60.40 -10.47
CA GLY G 179 -16.65 61.56 -10.33
C GLY G 179 -15.39 61.16 -9.58
N LYS G 180 -15.11 59.84 -9.52
CA LYS G 180 -13.89 59.36 -8.82
C LYS G 180 -12.98 58.78 -9.89
N THR G 181 -11.70 59.02 -9.69
CA THR G 181 -10.70 58.53 -10.65
C THR G 181 -10.64 56.97 -10.54
N ALA G 182 -10.81 56.33 -11.65
CA ALA G 182 -10.79 54.85 -11.77
C ALA G 182 -9.99 54.43 -13.00
N TYR G 183 -9.49 53.21 -12.91
CA TYR G 183 -8.73 52.56 -13.97
C TYR G 183 -9.33 51.14 -14.16
N ARG G 184 -9.50 50.76 -15.38
CA ARG G 184 -10.04 49.43 -15.71
C ARG G 184 -8.90 48.52 -16.16
N PHE G 185 -8.80 47.35 -15.56
CA PHE G 185 -7.77 46.33 -15.86
C PHE G 185 -8.39 44.94 -16.09
N ASP G 186 -8.55 44.57 -17.33
CA ASP G 186 -9.11 43.28 -17.74
C ASP G 186 -7.96 42.27 -17.91
N ILE G 187 -8.23 41.04 -17.45
CA ILE G 187 -7.26 39.94 -17.57
C ILE G 187 -7.83 38.97 -18.61
N ARG G 188 -7.00 38.55 -19.49
CA ARG G 188 -7.40 37.55 -20.57
C ARG G 188 -6.41 36.39 -20.36
N ILE G 189 -6.87 35.31 -19.74
CA ILE G 189 -6.02 34.14 -19.43
C ILE G 189 -5.49 33.43 -20.66
N GLN G 190 -6.26 33.42 -21.72
CA GLN G 190 -5.82 32.66 -22.95
C GLN G 190 -6.32 33.30 -24.22
N GLY G 191 -5.65 33.09 -25.32
CA GLY G 191 -6.06 33.60 -26.61
C GLY G 191 -5.70 35.05 -26.94
N GLU G 192 -6.42 35.59 -27.91
CA GLU G 192 -6.25 36.96 -28.43
C GLU G 192 -6.18 38.00 -27.31
N GLY G 193 -5.10 38.74 -27.25
CA GLY G 193 -4.86 39.75 -26.22
C GLY G 193 -4.52 39.09 -24.87
N GLU G 194 -4.04 37.85 -24.93
CA GLU G 194 -3.67 37.10 -23.68
C GLU G 194 -2.75 37.96 -22.84
N THR G 195 -3.09 38.16 -21.59
CA THR G 195 -2.33 38.97 -20.64
C THR G 195 -0.98 38.31 -20.37
N VAL G 196 -0.02 39.23 -20.17
CA VAL G 196 1.31 38.74 -19.82
C VAL G 196 1.28 38.28 -18.33
N PHE G 197 1.87 37.08 -18.11
CA PHE G 197 2.03 36.46 -16.81
C PHE G 197 3.53 36.18 -16.62
N PHE G 198 3.98 36.41 -15.43
CA PHE G 198 5.35 36.26 -15.02
C PHE G 198 5.71 35.01 -14.21
N ASP G 199 7.02 34.83 -14.14
CA ASP G 199 7.68 33.76 -13.35
C ASP G 199 8.82 34.50 -12.60
N PHE G 200 8.87 34.27 -11.32
CA PHE G 200 9.91 34.89 -10.49
C PHE G 200 10.23 34.01 -9.26
N PRO H 1 9.16 50.39 6.67
CA PRO H 1 8.54 49.56 5.60
C PRO H 1 9.42 48.36 5.26
N ALA H 2 8.93 47.46 4.40
CA ALA H 2 9.66 46.23 3.98
C ALA H 2 10.92 46.61 3.27
N GLN H 3 11.87 45.66 3.29
CA GLN H 3 13.15 45.88 2.64
C GLN H 3 13.59 44.66 1.82
N ASP H 4 14.11 44.98 0.65
CA ASP H 4 14.63 43.95 -0.29
C ASP H 4 15.91 43.34 0.26
N ASN H 5 15.78 42.41 1.21
CA ASN H 5 16.99 41.78 1.78
C ASN H 5 17.19 40.33 1.36
N SER H 6 16.24 39.69 0.71
CA SER H 6 16.43 38.25 0.32
C SER H 6 15.95 37.86 -1.05
N ARG H 7 16.42 36.67 -1.45
CA ARG H 7 16.15 35.99 -2.72
C ARG H 7 15.52 34.63 -2.36
N PHE H 8 14.72 34.13 -3.25
CA PHE H 8 14.01 32.84 -3.10
C PHE H 8 14.39 31.92 -4.25
N VAL H 9 14.74 30.69 -3.89
CA VAL H 9 15.14 29.64 -4.84
C VAL H 9 14.02 29.59 -5.93
N ILE H 10 14.43 29.48 -7.14
CA ILE H 10 13.50 29.38 -8.27
C ILE H 10 12.58 28.17 -8.20
N ARG H 11 11.33 28.42 -8.60
CA ARG H 11 10.36 27.32 -8.59
C ARG H 11 10.66 26.26 -9.68
N ASP H 12 10.45 24.99 -9.30
CA ASP H 12 10.63 23.87 -10.28
C ASP H 12 9.22 23.60 -10.85
N ARG H 13 8.99 24.17 -12.01
CA ARG H 13 7.72 24.07 -12.71
C ARG H 13 7.45 22.72 -13.37
N ASN H 14 8.30 21.74 -13.09
CA ASN H 14 8.14 20.34 -13.55
C ASN H 14 7.73 19.49 -12.34
N TRP H 15 7.89 20.05 -11.16
CA TRP H 15 7.55 19.39 -9.89
C TRP H 15 6.08 19.68 -9.60
N HIS H 16 5.73 20.96 -9.73
CA HIS H 16 4.38 21.48 -9.61
C HIS H 16 3.62 21.03 -10.88
N PRO H 17 2.32 20.99 -10.75
CA PRO H 17 1.49 20.63 -11.92
C PRO H 17 1.66 21.73 -13.01
N LYS H 18 1.57 21.32 -14.26
CA LYS H 18 1.64 22.27 -15.38
C LYS H 18 0.21 22.91 -15.44
N ALA H 19 0.08 23.95 -16.26
CA ALA H 19 -1.15 24.69 -16.44
C ALA H 19 -2.13 23.86 -17.29
N LEU H 20 -1.61 23.26 -18.36
CA LEU H 20 -2.46 22.47 -19.25
C LEU H 20 -2.31 20.96 -18.90
N THR H 21 -3.33 20.49 -18.26
CA THR H 21 -3.43 19.03 -17.88
C THR H 21 -4.83 18.63 -18.31
N PRO H 22 -4.96 18.23 -19.56
CA PRO H 22 -6.24 17.91 -20.14
C PRO H 22 -7.17 16.97 -19.45
N ASP H 23 -6.76 16.05 -18.62
CA ASP H 23 -7.68 15.14 -17.91
C ASP H 23 -8.52 15.94 -16.93
N TYR H 24 -7.95 17.04 -16.46
CA TYR H 24 -8.62 18.02 -15.58
C TYR H 24 -9.16 19.09 -16.60
N LYS H 25 -10.34 18.86 -17.05
CA LYS H 25 -11.08 19.57 -18.03
C LYS H 25 -11.06 21.09 -18.02
N THR H 26 -11.36 21.69 -16.88
CA THR H 26 -11.38 23.15 -16.72
C THR H 26 -10.05 23.81 -17.01
N SER H 27 -8.96 23.08 -16.86
CA SER H 27 -7.66 23.65 -17.11
C SER H 27 -7.41 23.94 -18.59
N ILE H 28 -8.13 23.35 -19.51
CA ILE H 28 -7.96 23.55 -20.92
C ILE H 28 -8.15 25.05 -21.31
N ALA H 29 -9.26 25.60 -20.95
CA ALA H 29 -9.66 26.99 -21.21
C ALA H 29 -9.12 28.03 -20.23
N ARG H 30 -8.52 27.55 -19.13
CA ARG H 30 -7.98 28.52 -18.11
C ARG H 30 -6.51 28.42 -17.90
N SER H 31 -5.84 28.06 -18.97
CA SER H 31 -4.40 27.93 -18.95
C SER H 31 -3.90 28.77 -20.11
N PRO H 32 -2.85 29.51 -19.87
CA PRO H 32 -2.25 30.36 -20.91
C PRO H 32 -1.70 29.47 -22.03
N ARG H 33 -1.63 30.10 -23.16
CA ARG H 33 -1.09 29.50 -24.39
C ARG H 33 0.27 30.07 -24.62
N GLN H 34 0.54 31.25 -24.04
CA GLN H 34 1.88 31.85 -24.18
C GLN H 34 2.77 31.42 -22.99
N ALA H 35 4.06 31.44 -23.19
CA ALA H 35 5.06 31.10 -22.18
C ALA H 35 5.06 32.20 -21.09
N LEU H 36 5.34 31.80 -19.88
CA LEU H 36 5.44 32.77 -18.77
C LEU H 36 6.68 33.65 -19.05
N VAL H 37 6.66 34.88 -18.60
CA VAL H 37 7.82 35.75 -18.79
C VAL H 37 8.64 35.76 -17.51
N SER H 38 9.89 35.31 -17.55
CA SER H 38 10.71 35.34 -16.33
C SER H 38 11.19 36.80 -16.09
N ILE H 39 11.19 37.25 -14.85
CA ILE H 39 11.63 38.55 -14.37
C ILE H 39 12.48 38.34 -13.09
N PRO H 40 13.47 39.19 -12.95
CA PRO H 40 14.38 39.14 -11.81
C PRO H 40 13.60 39.52 -10.57
N GLN H 41 14.06 39.07 -9.43
CA GLN H 41 13.33 39.39 -8.18
C GLN H 41 13.70 40.84 -7.73
N SER H 42 12.73 41.57 -7.29
CA SER H 42 12.88 42.97 -6.79
C SER H 42 12.08 43.01 -5.48
N ILE H 43 12.15 44.16 -4.82
CA ILE H 43 11.47 44.40 -3.57
C ILE H 43 10.00 44.09 -3.72
N SER H 44 9.50 44.28 -4.92
CA SER H 44 8.12 44.08 -5.26
C SER H 44 7.75 42.58 -5.04
N GLU H 45 8.67 41.69 -5.39
CA GLU H 45 8.47 40.23 -5.30
C GLU H 45 9.06 39.55 -4.08
N THR H 46 10.05 40.16 -3.47
CA THR H 46 10.72 39.57 -2.30
C THR H 46 10.14 39.96 -0.96
N THR H 47 9.14 40.82 -0.98
CA THR H 47 8.47 41.29 0.22
C THR H 47 7.06 40.74 0.22
N GLY H 48 6.44 40.90 1.37
CA GLY H 48 5.05 40.45 1.51
C GLY H 48 4.56 40.94 2.87
N PRO H 49 3.29 40.72 3.07
CA PRO H 49 2.62 41.11 4.26
C PRO H 49 2.99 40.17 5.41
N ASN H 50 3.01 40.78 6.56
CA ASN H 50 3.28 40.14 7.84
C ASN H 50 1.95 40.25 8.58
N PHE H 51 1.40 39.07 8.88
CA PHE H 51 0.14 38.98 9.54
C PHE H 51 0.21 38.93 11.03
N SER H 52 1.36 39.16 11.64
CA SER H 52 1.52 39.17 13.08
C SER H 52 0.52 39.97 13.87
N HIS H 53 0.05 41.09 13.37
CA HIS H 53 -0.89 41.96 14.09
C HIS H 53 -2.29 41.83 13.64
N LEU H 54 -2.62 40.68 13.03
CA LEU H 54 -4.05 40.50 12.64
C LEU H 54 -4.69 40.02 13.94
N GLY H 55 -5.88 40.51 14.17
CA GLY H 55 -6.61 40.13 15.40
C GLY H 55 -7.29 38.78 15.14
N PHE H 56 -6.64 37.71 15.58
CA PHE H 56 -7.12 36.31 15.42
C PHE H 56 -8.08 35.92 16.51
N GLY H 57 -9.18 35.34 16.16
CA GLY H 57 -10.14 34.87 17.18
C GLY H 57 -9.57 33.65 17.93
N ALA H 58 -10.12 33.41 19.11
CA ALA H 58 -9.72 32.31 20.00
C ALA H 58 -9.85 30.91 19.37
N HIS H 59 -10.83 30.77 18.50
CA HIS H 59 -11.09 29.47 17.82
C HIS H 59 -10.84 29.51 16.35
N ASP H 60 -10.04 30.47 15.93
CA ASP H 60 -9.77 30.61 14.50
C ASP H 60 -9.28 29.30 13.87
N HIS H 61 -8.60 28.49 14.67
CA HIS H 61 -8.00 27.23 14.25
C HIS H 61 -8.65 25.94 14.71
N ASP H 62 -9.77 26.11 15.35
CA ASP H 62 -10.54 24.95 15.85
C ASP H 62 -11.88 24.88 15.16
N LEU H 63 -11.97 24.04 14.11
CA LEU H 63 -13.15 23.84 13.30
C LEU H 63 -14.24 23.11 13.98
N LEU H 64 -13.96 22.60 15.15
CA LEU H 64 -14.85 21.89 16.03
C LEU H 64 -15.69 22.92 16.80
N LEU H 65 -15.14 24.10 17.07
CA LEU H 65 -15.77 25.18 17.80
C LEU H 65 -16.06 26.49 17.06
N ASN H 66 -15.44 26.73 15.94
CA ASN H 66 -15.61 28.02 15.23
C ASN H 66 -16.84 28.23 14.44
N PHE H 67 -17.73 27.29 14.34
CA PHE H 67 -18.94 27.57 13.52
C PHE H 67 -20.10 27.66 14.50
N GLY H 71 -23.74 22.36 19.48
CA GLY H 71 -23.34 21.08 18.92
C GLY H 71 -21.95 21.03 18.36
N LEU H 72 -21.50 19.78 18.29
CA LEU H 72 -20.24 19.31 17.78
C LEU H 72 -20.58 18.73 16.39
N PRO H 73 -19.65 18.91 15.48
CA PRO H 73 -19.80 18.41 14.13
C PRO H 73 -19.76 16.84 14.15
N ILE H 74 -20.37 16.27 13.12
CA ILE H 74 -20.37 14.78 12.96
C ILE H 74 -19.17 14.41 12.09
N GLY H 75 -18.41 13.40 12.48
CA GLY H 75 -17.26 12.97 11.71
C GLY H 75 -16.08 12.60 12.57
N GLU H 76 -15.06 12.09 11.90
CA GLU H 76 -13.84 11.63 12.57
C GLU H 76 -13.08 12.86 13.11
N ARG H 77 -12.93 12.92 14.39
CA ARG H 77 -12.18 14.01 15.06
C ARG H 77 -10.70 13.74 14.83
N ILE H 78 -10.07 14.77 14.31
CA ILE H 78 -8.65 14.67 14.04
C ILE H 78 -8.01 16.05 14.25
N ILE H 79 -6.73 15.95 14.50
CA ILE H 79 -5.82 17.11 14.61
C ILE H 79 -4.95 17.03 13.35
N VAL H 80 -4.81 18.20 12.75
CA VAL H 80 -3.94 18.33 11.53
C VAL H 80 -2.84 19.29 12.00
N ALA H 81 -1.64 18.78 12.08
CA ALA H 81 -0.50 19.56 12.56
C ALA H 81 0.72 19.27 11.72
N GLY H 82 1.70 20.15 11.88
CA GLY H 82 2.93 19.98 11.14
C GLY H 82 3.73 21.27 11.25
N ARG H 83 4.70 21.33 10.39
CA ARG H 83 5.62 22.49 10.37
C ARG H 83 5.75 23.04 8.96
N VAL H 84 6.01 24.34 8.93
CA VAL H 84 6.27 25.09 7.71
C VAL H 84 7.76 25.39 7.74
N VAL H 85 8.44 24.83 6.78
CA VAL H 85 9.85 25.03 6.65
C VAL H 85 10.14 25.48 5.20
N ASP H 86 11.36 25.94 5.03
CA ASP H 86 11.73 26.37 3.68
C ASP H 86 12.53 25.22 3.09
N GLN H 87 12.92 25.33 1.88
CA GLN H 87 13.71 24.22 1.23
C GLN H 87 15.00 23.92 1.95
N TYR H 88 15.50 24.88 2.74
CA TYR H 88 16.74 24.69 3.47
C TYR H 88 16.47 24.03 4.83
N GLY H 89 15.22 23.79 5.12
CA GLY H 89 14.86 23.14 6.38
C GLY H 89 14.72 24.13 7.51
N LYS H 90 14.68 25.42 7.24
CA LYS H 90 14.52 26.51 8.26
C LYS H 90 13.06 26.78 8.49
N PRO H 91 12.69 26.80 9.75
CA PRO H 91 11.30 27.04 10.14
C PRO H 91 10.87 28.45 9.65
N VAL H 92 9.57 28.54 9.39
CA VAL H 92 8.93 29.80 8.93
C VAL H 92 7.96 30.23 10.03
N PRO H 93 8.43 31.13 10.88
CA PRO H 93 7.64 31.63 12.02
C PRO H 93 6.67 32.75 11.64
N ASN H 94 5.64 32.91 12.40
CA ASN H 94 4.61 33.92 12.26
C ASN H 94 4.06 34.11 10.87
N THR H 95 3.80 32.99 10.22
CA THR H 95 3.26 32.93 8.89
C THR H 95 1.81 32.51 8.93
N LEU H 96 1.05 33.01 7.95
CA LEU H 96 -0.34 32.73 7.86
C LEU H 96 -0.69 31.44 7.10
N VAL H 97 -1.36 30.55 7.82
CA VAL H 97 -1.85 29.27 7.27
C VAL H 97 -3.38 29.29 7.30
N GLU H 98 -3.99 29.23 6.16
CA GLU H 98 -5.44 29.22 6.04
C GLU H 98 -5.89 27.90 5.39
N MET H 99 -7.02 27.38 5.81
CA MET H 99 -7.59 26.13 5.31
C MET H 99 -9.09 26.20 5.20
N TRP H 100 -9.62 25.35 4.32
CA TRP H 100 -11.06 25.24 4.07
C TRP H 100 -11.27 23.80 3.61
N GLN H 101 -12.41 23.23 3.83
CA GLN H 101 -12.68 21.81 3.45
C GLN H 101 -14.19 21.59 3.55
N ALA H 102 -14.56 20.40 3.04
CA ALA H 102 -15.97 19.99 3.09
C ALA H 102 -16.18 19.31 4.46
N ASN H 103 -17.43 19.02 4.70
CA ASN H 103 -17.84 18.31 5.91
C ASN H 103 -17.53 16.78 5.68
N ALA H 104 -17.93 16.01 6.69
CA ALA H 104 -17.73 14.53 6.69
C ALA H 104 -18.36 13.84 5.51
N GLY H 105 -19.37 14.43 4.88
CA GLY H 105 -20.03 13.79 3.74
C GLY H 105 -19.56 14.28 2.41
N GLY H 106 -18.67 15.24 2.37
CA GLY H 106 -18.15 15.82 1.14
C GLY H 106 -18.94 17.06 0.67
N ARG H 107 -19.67 17.67 1.57
CA ARG H 107 -20.46 18.87 1.34
C ARG H 107 -19.76 20.15 1.82
N TYR H 108 -19.72 21.15 0.93
CA TYR H 108 -19.08 22.45 1.29
C TYR H 108 -20.16 23.50 1.62
N ARG H 109 -19.82 24.38 2.55
CA ARG H 109 -20.75 25.49 2.96
C ARG H 109 -20.49 26.70 2.03
N HIS H 110 -21.00 26.50 0.81
CA HIS H 110 -20.88 27.47 -0.29
C HIS H 110 -22.14 27.39 -1.14
N LYS H 111 -22.66 28.56 -1.50
CA LYS H 111 -23.87 28.68 -2.29
C LYS H 111 -23.91 27.83 -3.56
N ASN H 112 -22.77 27.68 -4.17
CA ASN H 112 -22.64 26.89 -5.41
C ASN H 112 -22.58 25.37 -5.21
N ASP H 113 -22.43 24.86 -3.99
CA ASP H 113 -22.35 23.39 -3.77
C ASP H 113 -23.72 22.78 -3.68
N ARG H 114 -24.10 22.00 -4.70
CA ARG H 114 -25.43 21.39 -4.63
C ARG H 114 -25.34 19.87 -4.43
N TYR H 115 -24.18 19.33 -4.10
CA TYR H 115 -24.07 17.85 -3.87
C TYR H 115 -25.16 17.53 -2.87
N LEU H 116 -25.71 16.34 -3.05
CA LEU H 116 -26.78 15.82 -2.24
C LEU H 116 -26.43 15.51 -0.80
N ALA H 117 -25.21 15.32 -0.41
CA ALA H 117 -24.92 15.06 1.03
C ALA H 117 -25.27 16.40 1.75
N PRO H 118 -25.88 16.28 2.91
CA PRO H 118 -26.32 17.43 3.69
C PRO H 118 -25.21 18.18 4.40
N LEU H 119 -25.51 19.46 4.69
CA LEU H 119 -24.62 20.36 5.42
C LEU H 119 -24.68 19.89 6.89
N ASP H 120 -23.73 20.31 7.65
CA ASP H 120 -23.69 19.97 9.10
C ASP H 120 -23.87 21.34 9.80
N PRO H 121 -24.95 21.46 10.53
CA PRO H 121 -25.30 22.70 11.25
C PRO H 121 -24.20 23.21 12.15
N ASN H 122 -23.29 22.34 12.55
CA ASN H 122 -22.19 22.74 13.43
C ASN H 122 -20.84 22.85 12.76
N PHE H 123 -20.85 22.86 11.43
CA PHE H 123 -19.57 22.91 10.72
C PHE H 123 -19.56 23.96 9.60
N GLY H 124 -18.55 24.82 9.70
CA GLY H 124 -18.29 25.89 8.72
C GLY H 124 -17.27 25.41 7.70
N GLY H 125 -16.15 24.93 8.12
CA GLY H 125 -15.06 24.44 7.36
C GLY H 125 -13.96 25.41 7.02
N VAL H 126 -13.70 26.45 7.80
CA VAL H 126 -12.66 27.42 7.59
C VAL H 126 -11.81 27.58 8.85
N GLY H 127 -10.53 27.69 8.67
CA GLY H 127 -9.58 27.86 9.76
C GLY H 127 -8.43 28.72 9.29
N ARG H 128 -7.71 29.26 10.24
CA ARG H 128 -6.55 30.10 10.05
C ARG H 128 -5.71 29.96 11.34
N CYS H 129 -4.44 29.98 11.17
CA CYS H 129 -3.48 29.84 12.27
C CYS H 129 -2.16 30.47 11.85
N LEU H 130 -1.58 31.18 12.80
CA LEU H 130 -0.28 31.83 12.62
C LEU H 130 0.73 30.82 13.20
N THR H 131 1.70 30.46 12.43
CA THR H 131 2.72 29.52 12.89
C THR H 131 3.50 30.24 14.03
N ASP H 132 4.01 29.39 14.91
CA ASP H 132 4.78 29.80 16.08
C ASP H 132 6.22 30.00 15.69
N SER H 133 7.02 30.27 16.69
CA SER H 133 8.43 30.51 16.52
C SER H 133 9.13 29.30 15.89
N ASP H 134 8.53 28.12 15.91
CA ASP H 134 9.20 26.93 15.32
C ASP H 134 8.60 26.50 14.00
N GLY H 135 7.66 27.27 13.50
CA GLY H 135 6.97 26.98 12.27
C GLY H 135 5.83 26.00 12.38
N TYR H 136 5.42 25.70 13.59
CA TYR H 136 4.33 24.80 13.88
C TYR H 136 2.98 25.46 13.83
N TYR H 137 2.06 24.70 13.27
CA TYR H 137 0.67 25.12 13.17
C TYR H 137 -0.11 23.84 13.57
N SER H 138 -1.34 24.06 13.89
CA SER H 138 -2.21 22.89 14.18
C SER H 138 -3.63 23.44 14.11
N PHE H 139 -4.45 22.55 13.62
CA PHE H 139 -5.86 22.73 13.45
C PHE H 139 -6.53 21.49 14.09
N ARG H 140 -7.74 21.72 14.46
CA ARG H 140 -8.61 20.71 15.02
C ARG H 140 -9.86 20.76 14.13
N THR H 141 -10.12 19.59 13.55
CA THR H 141 -11.29 19.54 12.60
C THR H 141 -11.77 18.08 12.57
N ILE H 142 -12.58 17.81 11.57
CA ILE H 142 -13.09 16.44 11.30
C ILE H 142 -12.59 16.12 9.88
N LYS H 143 -12.37 14.83 9.62
CA LYS H 143 -11.92 14.31 8.35
C LYS H 143 -13.02 14.50 7.30
N PRO H 144 -12.67 15.25 6.25
CA PRO H 144 -13.59 15.54 5.14
C PRO H 144 -13.79 14.24 4.32
N GLY H 145 -14.91 14.19 3.63
CA GLY H 145 -15.27 13.05 2.78
C GLY H 145 -15.03 13.40 1.33
N PRO H 146 -14.87 12.33 0.55
CA PRO H 146 -14.70 12.46 -0.91
C PRO H 146 -16.03 13.01 -1.45
N TYR H 147 -16.00 13.51 -2.66
CA TYR H 147 -17.17 14.05 -3.35
C TYR H 147 -16.98 13.93 -4.85
N PRO H 148 -18.10 13.75 -5.51
CA PRO H 148 -18.11 13.60 -6.99
C PRO H 148 -18.05 15.04 -7.54
N TRP H 149 -17.58 15.16 -8.76
CA TRP H 149 -17.49 16.50 -9.42
C TRP H 149 -17.64 16.25 -10.92
N ARG H 150 -18.01 17.31 -11.63
CA ARG H 150 -18.23 17.22 -13.05
C ARG H 150 -16.98 17.35 -13.83
N ASN H 151 -16.28 16.24 -14.00
CA ASN H 151 -15.07 16.15 -14.82
C ASN H 151 -15.47 15.00 -15.80
N GLY H 152 -14.98 13.79 -15.51
CA GLY H 152 -15.40 12.60 -16.36
C GLY H 152 -16.76 12.24 -15.75
N PRO H 153 -17.39 11.26 -16.33
CA PRO H 153 -18.72 10.82 -15.88
C PRO H 153 -18.72 10.15 -14.53
N ASN H 154 -17.60 9.66 -14.02
CA ASN H 154 -17.59 9.02 -12.67
C ASN H 154 -16.37 9.45 -11.91
N ASP H 155 -16.13 10.77 -11.81
CA ASP H 155 -14.95 11.30 -11.10
C ASP H 155 -15.27 11.67 -9.66
N TRP H 156 -14.35 11.26 -8.79
CA TRP H 156 -14.49 11.50 -7.35
C TRP H 156 -13.20 12.06 -6.77
N ARG H 157 -13.25 13.21 -6.10
CA ARG H 157 -12.05 13.73 -5.45
C ARG H 157 -11.81 12.88 -4.15
N PRO H 158 -10.57 12.59 -3.91
CA PRO H 158 -10.12 11.92 -2.67
C PRO H 158 -10.41 12.95 -1.54
N ALA H 159 -10.54 12.45 -0.34
CA ALA H 159 -10.80 13.39 0.79
C ALA H 159 -9.57 14.31 0.82
N HIS H 160 -9.76 15.58 1.09
CA HIS H 160 -8.67 16.55 1.16
C HIS H 160 -9.04 17.87 1.87
N ILE H 161 -8.01 18.56 2.30
CA ILE H 161 -8.12 19.88 2.93
C ILE H 161 -7.42 20.89 2.04
N HIS H 162 -8.06 22.04 1.77
CA HIS H 162 -7.40 23.08 0.93
C HIS H 162 -6.51 23.92 1.85
N PHE H 163 -5.31 24.18 1.42
CA PHE H 163 -4.39 25.01 2.24
C PHE H 163 -3.84 26.21 1.45
N GLY H 164 -3.64 27.31 2.17
CA GLY H 164 -3.08 28.57 1.67
C GLY H 164 -2.03 29.01 2.68
N ILE H 165 -0.81 29.16 2.24
CA ILE H 165 0.31 29.57 3.11
C ILE H 165 0.94 30.86 2.54
N SER H 166 1.14 31.83 3.43
CA SER H 166 1.72 33.15 3.05
C SER H 166 3.20 33.11 2.87
N GLY H 167 3.93 32.72 3.87
CA GLY H 167 5.39 32.70 3.83
C GLY H 167 5.80 34.20 3.93
N PRO H 168 7.13 34.37 3.88
CA PRO H 168 7.74 35.69 3.98
C PRO H 168 7.50 36.67 2.83
N SER H 169 6.99 36.23 1.73
CA SER H 169 6.74 37.13 0.58
C SER H 169 5.71 36.59 -0.39
N ILE H 170 5.41 37.44 -1.37
CA ILE H 170 4.49 37.08 -2.43
C ILE H 170 5.06 35.96 -3.30
N ALA H 171 6.35 35.82 -3.31
CA ALA H 171 7.07 34.79 -4.09
C ALA H 171 6.93 33.37 -3.48
N THR H 172 6.72 33.34 -2.18
CA THR H 172 6.54 32.06 -1.46
C THR H 172 5.10 31.69 -1.30
N LYS H 173 4.15 32.59 -1.45
CA LYS H 173 2.75 32.35 -1.28
C LYS H 173 2.29 31.09 -2.01
N LEU H 174 1.54 30.21 -1.38
CA LEU H 174 1.10 28.94 -2.06
C LEU H 174 -0.26 28.47 -1.62
N ILE H 175 -0.98 27.85 -2.53
CA ILE H 175 -2.27 27.28 -2.35
C ILE H 175 -2.12 25.77 -2.76
N THR H 176 -2.48 24.89 -1.85
CA THR H 176 -2.33 23.42 -2.07
C THR H 176 -3.47 22.62 -1.46
N GLN H 177 -3.28 21.28 -1.50
CA GLN H 177 -4.29 20.35 -0.96
C GLN H 177 -3.59 19.19 -0.23
N LEU H 178 -4.07 18.84 0.90
CA LEU H 178 -3.61 17.69 1.72
C LEU H 178 -4.53 16.47 1.42
N TYR H 179 -3.93 15.32 1.19
CA TYR H 179 -4.58 14.03 0.95
C TYR H 179 -4.25 13.13 2.17
N PHE H 180 -5.03 12.13 2.44
CA PHE H 180 -4.90 11.25 3.61
C PHE H 180 -4.31 9.87 3.25
N GLU H 181 -3.35 9.49 4.05
CA GLU H 181 -2.61 8.19 3.87
C GLU H 181 -3.54 7.02 3.59
N GLY H 182 -3.25 6.26 2.55
CA GLY H 182 -3.90 5.09 2.09
C GLY H 182 -5.15 5.19 1.28
N ASP H 183 -5.69 6.39 1.11
CA ASP H 183 -6.92 6.62 0.31
C ASP H 183 -6.75 6.05 -1.11
N PRO H 184 -7.60 5.05 -1.44
CA PRO H 184 -7.58 4.37 -2.74
C PRO H 184 -7.95 5.26 -3.91
N LEU H 185 -8.57 6.40 -3.67
CA LEU H 185 -9.02 7.38 -4.62
C LEU H 185 -7.90 8.26 -5.17
N ILE H 186 -6.81 8.38 -4.46
CA ILE H 186 -5.70 9.19 -4.85
C ILE H 186 -5.18 8.95 -6.24
N PRO H 187 -4.79 7.70 -6.53
CA PRO H 187 -4.25 7.36 -7.85
C PRO H 187 -5.26 7.50 -8.95
N MET H 188 -6.50 7.75 -8.65
CA MET H 188 -7.50 7.84 -9.72
C MET H 188 -7.83 9.30 -10.04
N CYS H 189 -7.41 10.22 -9.20
CA CYS H 189 -7.69 11.66 -9.39
C CYS H 189 -6.91 12.39 -10.45
N PRO H 190 -7.69 12.97 -11.38
CA PRO H 190 -7.18 13.79 -12.50
C PRO H 190 -6.48 15.04 -11.99
N ILE H 191 -6.92 15.65 -10.91
CA ILE H 191 -6.27 16.83 -10.30
C ILE H 191 -4.95 16.39 -9.70
N VAL H 192 -4.97 15.36 -8.85
CA VAL H 192 -3.81 14.77 -8.22
C VAL H 192 -2.83 14.45 -9.35
N LYS H 193 -3.35 13.79 -10.36
CA LYS H 193 -2.58 13.41 -11.52
C LYS H 193 -2.09 14.60 -12.34
N SER H 194 -2.52 15.83 -12.04
CA SER H 194 -1.99 17.04 -12.74
C SER H 194 -0.49 17.09 -12.45
N ILE H 195 -0.09 16.44 -11.36
CA ILE H 195 1.28 16.35 -10.89
C ILE H 195 1.90 15.13 -11.61
N ALA H 196 2.81 15.37 -12.50
CA ALA H 196 3.46 14.30 -13.25
C ALA H 196 4.34 13.32 -12.49
N ASN H 197 4.99 13.70 -11.43
CA ASN H 197 5.87 12.89 -10.63
C ASN H 197 5.27 12.32 -9.37
N PRO H 198 5.19 10.98 -9.31
CA PRO H 198 4.65 10.24 -8.19
C PRO H 198 5.26 10.67 -6.87
N GLU H 199 6.52 10.95 -6.91
CA GLU H 199 7.24 11.36 -5.69
C GLU H 199 6.66 12.69 -5.16
N ALA H 200 6.21 13.54 -6.07
CA ALA H 200 5.66 14.86 -5.68
C ALA H 200 4.33 14.66 -5.02
N VAL H 201 3.61 13.62 -5.47
CA VAL H 201 2.31 13.27 -4.94
C VAL H 201 2.39 12.88 -3.47
N GLN H 202 3.44 12.16 -3.13
CA GLN H 202 3.71 11.72 -1.77
C GLN H 202 3.81 12.92 -0.81
N GLN H 203 4.31 14.06 -1.29
CA GLN H 203 4.46 15.26 -0.41
C GLN H 203 3.11 15.83 0.05
N LEU H 204 2.06 15.45 -0.62
CA LEU H 204 0.71 15.92 -0.35
C LEU H 204 -0.09 14.99 0.53
N ILE H 205 0.51 13.84 0.90
CA ILE H 205 -0.13 12.85 1.70
C ILE H 205 0.18 12.97 3.17
N ALA H 206 -0.84 13.35 3.91
CA ALA H 206 -0.75 13.50 5.36
C ALA H 206 -0.60 12.06 5.94
N LYS H 207 0.28 11.89 6.89
CA LYS H 207 0.53 10.57 7.52
C LYS H 207 -0.16 10.47 8.87
N LEU H 208 -0.67 9.29 9.14
CA LEU H 208 -1.33 9.01 10.43
C LEU H 208 -0.20 9.12 11.49
N ASP H 209 -0.54 9.91 12.49
CA ASP H 209 0.40 10.19 13.60
C ASP H 209 -0.23 9.85 14.94
N MET H 210 -0.10 8.57 15.32
CA MET H 210 -0.61 8.03 16.56
C MET H 210 0.03 8.72 17.77
N ASN H 211 1.24 9.19 17.61
CA ASN H 211 2.00 9.87 18.68
C ASN H 211 1.39 11.21 19.12
N ASN H 212 0.65 11.87 18.28
CA ASN H 212 0.01 13.16 18.51
C ASN H 212 -1.47 13.07 18.76
N ALA H 213 -1.99 11.85 18.69
CA ALA H 213 -3.39 11.60 18.93
C ALA H 213 -3.73 11.80 20.39
N ASN H 214 -4.96 12.11 20.64
CA ASN H 214 -5.43 12.28 22.05
C ASN H 214 -6.20 10.96 22.29
N PRO H 215 -5.61 10.07 23.08
CA PRO H 215 -6.22 8.75 23.40
C PRO H 215 -7.65 8.98 23.79
N MET H 216 -8.51 8.12 23.29
CA MET H 216 -9.93 8.17 23.54
C MET H 216 -10.56 9.49 23.04
N ASP H 217 -9.94 10.24 22.20
CA ASP H 217 -10.48 11.57 21.75
C ASP H 217 -10.41 11.80 20.28
N CYS H 218 -9.20 11.91 19.77
CA CYS H 218 -9.01 12.14 18.33
C CYS H 218 -7.69 11.65 17.82
N LEU H 219 -7.70 11.36 16.53
CA LEU H 219 -6.56 10.92 15.77
C LEU H 219 -5.80 12.19 15.37
N ALA H 220 -4.68 11.96 14.75
CA ALA H 220 -3.78 13.02 14.32
C ALA H 220 -3.09 12.56 13.04
N TYR H 221 -2.95 13.59 12.20
CA TYR H 221 -2.32 13.56 10.92
C TYR H 221 -1.23 14.65 10.98
N ARG H 222 -0.17 14.35 10.30
CA ARG H 222 0.99 15.18 10.22
C ARG H 222 1.15 15.64 8.78
N PHE H 223 1.21 16.96 8.61
CA PHE H 223 1.39 17.54 7.25
C PHE H 223 2.44 18.66 7.31
N ASP H 224 3.62 18.36 6.87
CA ASP H 224 4.70 19.39 6.88
C ASP H 224 4.66 20.09 5.52
N ILE H 225 4.96 21.35 5.49
CA ILE H 225 4.95 22.16 4.27
C ILE H 225 6.31 22.76 4.03
N VAL H 226 6.74 22.60 2.81
CA VAL H 226 8.02 23.15 2.40
C VAL H 226 7.76 24.35 1.45
N LEU H 227 8.24 25.52 1.90
CA LEU H 227 8.11 26.76 1.04
C LEU H 227 9.47 26.93 0.39
N ARG H 228 9.51 27.78 -0.61
CA ARG H 228 10.71 28.11 -1.34
C ARG H 228 11.80 28.57 -0.39
N GLY H 229 12.99 28.07 -0.68
CA GLY H 229 14.17 28.42 0.15
C GLY H 229 14.43 29.96 0.01
N GLN H 230 14.76 30.53 1.15
CA GLN H 230 15.10 31.95 1.34
C GLN H 230 16.60 32.06 1.63
N ARG H 231 17.24 32.88 0.84
CA ARG H 231 18.69 33.06 1.08
C ARG H 231 19.00 34.56 1.05
N LYS H 232 20.17 34.86 1.57
CA LYS H 232 20.63 36.29 1.58
C LYS H 232 21.21 36.50 0.18
N THR H 233 21.06 37.76 -0.25
CA THR H 233 21.62 38.12 -1.57
C THR H 233 23.13 38.11 -1.37
N HIS H 234 23.83 37.85 -2.44
CA HIS H 234 25.29 37.83 -2.36
C HIS H 234 25.87 38.27 -3.69
N PHE H 235 27.02 38.90 -3.58
CA PHE H 235 27.72 39.40 -4.77
C PHE H 235 26.76 39.98 -5.80
N GLU H 236 25.70 40.65 -5.37
CA GLU H 236 24.72 41.22 -6.26
C GLU H 236 24.98 42.41 -7.08
N PRO I 1 -8.28 -1.97 -5.79
CA PRO I 1 -9.69 -1.86 -6.16
C PRO I 1 -10.06 -3.01 -7.10
N ILE I 2 -11.34 -3.13 -7.34
CA ILE I 2 -11.82 -4.17 -8.26
C ILE I 2 -11.55 -3.68 -9.69
N GLU I 3 -10.96 -4.53 -10.48
CA GLU I 3 -10.68 -4.23 -11.90
C GLU I 3 -11.42 -5.26 -12.77
N LEU I 4 -12.14 -4.82 -13.78
CA LEU I 4 -12.88 -5.82 -14.65
C LEU I 4 -11.99 -6.12 -15.84
N LEU I 5 -12.45 -6.94 -16.78
CA LEU I 5 -11.69 -7.18 -18.00
C LEU I 5 -11.78 -5.74 -18.68
N PRO I 6 -10.71 -5.39 -19.32
CA PRO I 6 -10.65 -4.09 -20.01
C PRO I 6 -11.43 -4.21 -21.32
N GLU I 7 -12.08 -3.07 -21.63
CA GLU I 7 -12.86 -2.99 -22.89
C GLU I 7 -11.90 -3.05 -24.04
N THR I 8 -12.28 -3.66 -25.14
CA THR I 8 -11.41 -3.68 -26.32
C THR I 8 -11.22 -2.19 -26.77
N PRO I 9 -9.99 -1.84 -27.06
CA PRO I 9 -9.65 -0.47 -27.50
C PRO I 9 -10.23 -0.08 -28.85
N SER I 10 -10.67 1.18 -28.93
CA SER I 10 -11.19 1.75 -30.22
C SER I 10 -10.05 2.00 -31.17
N GLN I 11 -10.38 2.05 -32.45
CA GLN I 11 -9.44 2.34 -33.54
C GLN I 11 -10.27 3.16 -34.59
N THR I 12 -9.67 4.09 -35.24
CA THR I 12 -10.33 4.92 -36.28
C THR I 12 -10.92 3.92 -37.32
N ALA I 13 -11.98 4.40 -37.93
CA ALA I 13 -12.67 3.62 -38.98
C ALA I 13 -11.91 3.65 -40.25
N GLY I 14 -11.10 4.64 -40.50
CA GLY I 14 -10.30 4.65 -41.76
C GLY I 14 -11.18 5.26 -42.87
N PRO I 15 -10.54 5.55 -43.98
CA PRO I 15 -11.23 6.18 -45.13
C PRO I 15 -12.15 5.23 -45.86
N TYR I 16 -11.93 3.91 -45.78
CA TYR I 16 -12.73 2.90 -46.48
C TYR I 16 -13.84 2.32 -45.71
N VAL I 17 -14.26 3.06 -44.67
CA VAL I 17 -15.33 2.54 -43.84
C VAL I 17 -16.55 2.17 -44.67
N HIS I 18 -16.77 2.87 -45.77
CA HIS I 18 -17.94 2.69 -46.60
C HIS I 18 -18.12 1.27 -47.13
N ILE I 19 -17.01 0.66 -47.51
CA ILE I 19 -17.08 -0.71 -48.07
C ILE I 19 -17.73 -1.68 -47.10
N GLY I 20 -17.58 -1.37 -45.80
CA GLY I 20 -18.15 -2.27 -44.79
C GLY I 20 -19.50 -1.86 -44.30
N LEU I 21 -19.73 -0.55 -44.15
CA LEU I 21 -20.92 0.03 -43.64
C LEU I 21 -21.73 0.95 -44.54
N ALA I 22 -21.28 1.24 -45.72
CA ALA I 22 -22.00 2.16 -46.66
C ALA I 22 -21.64 1.72 -48.08
N LEU I 23 -22.04 0.49 -48.40
CA LEU I 23 -21.79 -0.22 -49.65
C LEU I 23 -22.03 0.64 -50.88
N GLU I 24 -23.22 1.20 -50.97
CA GLU I 24 -23.65 2.08 -52.08
C GLU I 24 -22.55 3.10 -52.26
N ALA I 25 -22.29 3.88 -51.21
CA ALA I 25 -21.28 4.92 -51.16
C ALA I 25 -19.93 4.42 -51.58
N ALA I 26 -19.58 3.20 -51.15
CA ALA I 26 -18.28 2.61 -51.51
C ALA I 26 -18.28 2.40 -53.02
N GLY I 27 -19.51 2.46 -53.53
CA GLY I 27 -19.76 2.26 -54.98
C GLY I 27 -19.56 0.74 -55.31
N ASN I 28 -20.15 -0.08 -54.44
CA ASN I 28 -20.08 -1.57 -54.58
C ASN I 28 -21.51 -2.09 -54.45
N PRO I 29 -21.70 -3.32 -54.95
CA PRO I 29 -22.97 -4.00 -54.92
C PRO I 29 -23.45 -4.13 -53.49
N THR I 30 -24.71 -3.86 -53.31
CA THR I 30 -25.25 -3.96 -51.95
C THR I 30 -25.89 -5.34 -51.84
N ARG I 31 -26.23 -5.70 -50.65
CA ARG I 31 -26.85 -7.00 -50.31
C ARG I 31 -28.33 -6.78 -50.16
N ASP I 32 -29.07 -7.88 -50.06
CA ASP I 32 -30.50 -7.83 -49.91
C ASP I 32 -30.97 -6.76 -48.93
N GLN I 33 -30.50 -6.91 -47.69
CA GLN I 33 -30.92 -5.94 -46.64
C GLN I 33 -29.72 -5.12 -46.17
N GLU I 34 -29.91 -3.79 -46.17
CA GLU I 34 -28.85 -2.86 -45.75
C GLU I 34 -29.37 -1.86 -44.72
N ILE I 35 -28.56 -1.34 -43.86
CA ILE I 35 -29.00 -0.32 -42.81
C ILE I 35 -28.58 1.05 -43.37
N TRP I 36 -29.56 1.90 -43.65
CA TRP I 36 -29.25 3.22 -44.28
C TRP I 36 -29.95 4.42 -43.72
N ASN I 37 -30.08 5.53 -44.45
CA ASN I 37 -30.64 6.81 -44.01
C ASN I 37 -32.09 7.10 -44.12
N ARG I 38 -32.91 6.08 -44.23
CA ARG I 38 -34.37 6.31 -44.33
C ARG I 38 -34.95 5.64 -43.09
N LEU I 39 -35.10 6.39 -42.02
CA LEU I 39 -35.62 5.81 -40.78
C LEU I 39 -37.11 5.62 -40.86
N ALA I 40 -37.77 6.49 -41.64
CA ALA I 40 -39.21 6.44 -41.76
C ALA I 40 -39.73 6.24 -43.17
N LYS I 41 -40.75 5.40 -43.23
CA LYS I 41 -41.47 5.12 -44.50
C LYS I 41 -42.58 6.21 -44.57
N PRO I 42 -43.00 6.54 -45.78
CA PRO I 42 -44.01 7.58 -46.04
C PRO I 42 -45.13 7.55 -45.05
N ASP I 43 -45.60 6.34 -44.80
CA ASP I 43 -46.72 6.14 -43.90
C ASP I 43 -46.35 6.01 -42.44
N ALA I 44 -45.20 6.51 -42.06
CA ALA I 44 -44.82 6.45 -40.62
C ALA I 44 -45.36 7.78 -40.01
N PRO I 45 -45.98 7.62 -38.87
CA PRO I 45 -46.58 8.76 -38.15
C PRO I 45 -45.54 9.72 -37.61
N GLY I 46 -45.92 11.01 -37.57
CA GLY I 46 -45.07 12.10 -37.05
C GLY I 46 -44.82 13.09 -38.18
N GLU I 47 -44.14 14.19 -37.83
CA GLU I 47 -43.82 15.20 -38.87
C GLU I 47 -42.59 14.70 -39.58
N HIS I 48 -42.75 14.32 -40.83
CA HIS I 48 -41.62 13.87 -41.64
C HIS I 48 -40.73 15.08 -41.92
N ILE I 49 -39.44 14.85 -41.80
CA ILE I 49 -38.48 15.93 -42.02
C ILE I 49 -37.27 15.35 -42.74
N LEU I 50 -36.50 16.26 -43.23
CA LEU I 50 -35.27 16.01 -43.91
C LEU I 50 -34.17 16.67 -43.06
N LEU I 51 -33.16 15.83 -42.79
CA LEU I 51 -32.03 16.37 -41.98
C LEU I 51 -30.85 16.47 -42.89
N LEU I 52 -30.17 17.62 -42.84
CA LEU I 52 -28.99 17.71 -43.70
C LEU I 52 -27.93 18.49 -43.01
N GLY I 53 -26.69 18.28 -43.44
CA GLY I 53 -25.57 18.97 -42.86
C GLY I 53 -24.25 18.56 -43.47
N GLN I 54 -23.27 19.33 -43.01
CA GLN I 54 -21.88 19.23 -43.34
C GLN I 54 -21.05 19.15 -42.06
N VAL I 55 -19.89 18.57 -42.20
CA VAL I 55 -18.92 18.39 -41.13
C VAL I 55 -17.67 19.16 -41.46
N TYR I 56 -17.21 19.99 -40.54
CA TYR I 56 -16.01 20.78 -40.72
C TYR I 56 -14.90 20.38 -39.74
N ASP I 57 -13.71 20.41 -40.21
CA ASP I 57 -12.50 20.11 -39.49
C ASP I 57 -12.02 21.46 -38.87
N GLY I 58 -10.91 21.39 -38.16
CA GLY I 58 -10.30 22.52 -37.47
C GLY I 58 -9.93 23.70 -38.36
N ASN I 59 -9.65 23.43 -39.60
CA ASN I 59 -9.26 24.47 -40.56
C ASN I 59 -10.46 25.08 -41.29
N GLY I 60 -11.62 24.60 -40.99
CA GLY I 60 -12.87 25.05 -41.61
C GLY I 60 -13.14 24.30 -42.91
N HIS I 61 -12.40 23.23 -43.15
CA HIS I 61 -12.51 22.39 -44.35
C HIS I 61 -13.54 21.31 -44.17
N LEU I 62 -14.16 20.93 -45.29
CA LEU I 62 -15.22 19.91 -45.29
C LEU I 62 -14.59 18.52 -45.02
N VAL I 63 -15.31 17.73 -44.27
CA VAL I 63 -14.91 16.32 -43.96
C VAL I 63 -15.82 15.45 -44.85
N ARG I 64 -15.29 15.01 -45.95
CA ARG I 64 -16.05 14.22 -46.92
C ARG I 64 -16.03 12.71 -46.75
N ASP I 65 -15.54 12.17 -45.65
CA ASP I 65 -15.47 10.67 -45.49
C ASP I 65 -16.09 10.27 -44.19
N SER I 66 -16.98 11.14 -43.72
CA SER I 66 -17.59 10.87 -42.45
C SER I 66 -18.71 9.84 -42.60
N PHE I 67 -18.82 9.11 -41.50
CA PHE I 67 -19.86 8.07 -41.39
C PHE I 67 -20.59 8.45 -40.12
N LEU I 68 -21.91 8.49 -40.17
CA LEU I 68 -22.72 8.83 -39.01
C LEU I 68 -23.75 7.74 -38.76
N GLU I 69 -24.04 7.61 -37.49
CA GLU I 69 -25.03 6.70 -36.97
C GLU I 69 -25.93 7.55 -36.09
N VAL I 70 -27.22 7.34 -36.27
CA VAL I 70 -28.19 8.13 -35.49
C VAL I 70 -29.10 7.16 -34.75
N TRP I 71 -29.58 7.67 -33.65
CA TRP I 71 -30.47 6.97 -32.75
C TRP I 71 -31.42 8.07 -32.21
N GLN I 72 -32.68 7.77 -32.41
CA GLN I 72 -33.74 8.71 -31.97
C GLN I 72 -35.02 7.93 -31.69
N ALA I 73 -35.82 8.55 -30.84
CA ALA I 73 -37.13 7.99 -30.52
C ALA I 73 -38.05 8.33 -31.72
N ASP I 74 -39.14 7.59 -31.71
CA ASP I 74 -40.18 7.79 -32.75
C ASP I 74 -41.01 9.05 -32.33
N ALA I 75 -41.99 9.33 -33.19
CA ALA I 75 -42.88 10.51 -32.98
C ALA I 75 -43.50 10.46 -31.61
N ASN I 76 -43.60 9.26 -31.03
CA ASN I 76 -44.18 9.14 -29.71
C ASN I 76 -43.14 9.22 -28.59
N GLY I 77 -41.93 9.45 -28.97
CA GLY I 77 -40.88 9.52 -27.95
C GLY I 77 -40.63 8.07 -27.45
N GLU I 78 -40.68 7.10 -28.36
CA GLU I 78 -40.39 5.67 -28.03
C GLU I 78 -39.25 5.17 -28.91
N TYR I 79 -38.37 4.39 -28.28
CA TYR I 79 -37.21 3.82 -28.97
C TYR I 79 -37.52 2.45 -29.59
N GLN I 80 -37.47 2.43 -30.90
CA GLN I 80 -37.76 1.17 -31.67
C GLN I 80 -36.49 0.42 -31.95
N ASP I 81 -36.13 -0.48 -31.03
CA ASP I 81 -34.91 -1.28 -31.10
C ASP I 81 -34.93 -2.50 -31.99
N ALA I 82 -36.05 -3.08 -32.28
CA ALA I 82 -36.10 -4.29 -33.19
C ALA I 82 -36.02 -3.78 -34.62
N TYR I 83 -34.80 -3.78 -35.12
CA TYR I 83 -34.50 -3.29 -36.45
C TYR I 83 -35.10 -4.23 -37.50
N ASN I 84 -35.85 -3.60 -38.41
CA ASN I 84 -36.49 -4.42 -39.47
C ASN I 84 -36.80 -3.49 -40.65
N LEU I 85 -36.46 -3.99 -41.82
CA LEU I 85 -36.68 -3.20 -43.06
C LEU I 85 -38.15 -3.07 -43.41
N GLU I 86 -38.92 -3.87 -42.71
CA GLU I 86 -40.35 -3.94 -42.87
C GLU I 86 -41.06 -2.86 -42.05
N ASN I 87 -40.43 -2.50 -40.94
CA ASN I 87 -40.96 -1.48 -40.03
C ASN I 87 -41.24 -0.18 -40.83
N ALA I 88 -42.17 0.59 -40.31
CA ALA I 88 -42.55 1.91 -40.96
C ALA I 88 -41.55 2.96 -40.46
N PHE I 89 -41.07 2.65 -39.25
CA PHE I 89 -40.08 3.45 -38.55
C PHE I 89 -39.02 2.57 -37.86
N ASN I 90 -37.79 2.97 -38.04
CA ASN I 90 -36.63 2.32 -37.36
C ASN I 90 -35.95 3.52 -36.62
N SER I 91 -35.59 3.27 -35.38
CA SER I 91 -34.95 4.26 -34.51
C SER I 91 -33.49 4.47 -34.84
N PHE I 92 -32.91 3.58 -35.61
CA PHE I 92 -31.54 3.55 -36.04
C PHE I 92 -31.37 3.72 -37.54
N GLY I 93 -30.36 4.44 -37.88
CA GLY I 93 -29.98 4.71 -39.26
C GLY I 93 -28.51 5.04 -39.33
N ARG I 94 -28.08 5.04 -40.58
CA ARG I 94 -26.72 5.32 -40.96
C ARG I 94 -26.74 6.19 -42.22
N THR I 95 -25.76 7.07 -42.24
CA THR I 95 -25.59 8.02 -43.35
C THR I 95 -24.13 8.39 -43.43
N ALA I 96 -23.78 9.08 -44.49
CA ALA I 96 -22.41 9.49 -44.74
C ALA I 96 -22.38 10.74 -45.62
N THR I 97 -21.25 11.40 -45.62
CA THR I 97 -21.01 12.60 -46.42
C THR I 97 -20.47 12.22 -47.80
N THR I 98 -21.09 12.92 -48.78
CA THR I 98 -20.77 12.78 -50.20
C THR I 98 -19.33 13.17 -50.42
N PHE I 99 -18.65 12.35 -51.21
CA PHE I 99 -17.26 12.61 -51.51
C PHE I 99 -17.19 13.94 -52.30
N ASP I 100 -18.28 14.34 -52.92
CA ASP I 100 -18.35 15.61 -53.68
C ASP I 100 -18.75 16.77 -52.72
N ALA I 101 -20.02 17.03 -52.72
CA ALA I 101 -20.65 18.09 -51.92
C ALA I 101 -20.33 18.00 -50.43
N GLY I 102 -20.14 16.76 -49.96
CA GLY I 102 -19.84 16.47 -48.57
C GLY I 102 -20.98 16.78 -47.64
N GLU I 103 -22.18 16.45 -48.03
CA GLU I 103 -23.34 16.72 -47.16
C GLU I 103 -24.03 15.36 -46.92
N TRP I 104 -24.55 15.19 -45.73
CA TRP I 104 -25.25 13.91 -45.45
C TRP I 104 -26.72 14.34 -45.35
N THR I 105 -27.53 13.32 -45.56
CA THR I 105 -28.96 13.49 -45.49
C THR I 105 -29.54 12.22 -44.84
N LEU I 106 -30.59 12.52 -44.14
CA LEU I 106 -31.33 11.47 -43.42
C LEU I 106 -32.79 11.80 -43.59
N HIS I 107 -33.58 10.76 -43.76
CA HIS I 107 -35.03 10.93 -43.90
C HIS I 107 -35.66 10.30 -42.69
N THR I 108 -36.27 11.13 -41.86
CA THR I 108 -36.87 10.65 -40.61
C THR I 108 -38.08 11.47 -40.24
N VAL I 109 -38.52 11.32 -39.02
CA VAL I 109 -39.65 12.05 -38.43
C VAL I 109 -39.13 12.80 -37.16
N LYS I 110 -39.73 13.94 -36.81
CA LYS I 110 -39.28 14.69 -35.60
C LYS I 110 -39.60 13.84 -34.38
N PRO I 111 -38.57 13.60 -33.55
CA PRO I 111 -38.68 12.76 -32.37
C PRO I 111 -39.51 13.38 -31.28
N GLY I 112 -40.14 12.47 -30.55
CA GLY I 112 -40.98 12.84 -29.40
C GLY I 112 -40.02 13.03 -28.22
N VAL I 113 -40.52 13.56 -27.15
CA VAL I 113 -39.81 13.86 -25.92
C VAL I 113 -39.62 12.59 -25.08
N VAL I 114 -38.44 12.45 -24.49
CA VAL I 114 -38.16 11.31 -23.59
C VAL I 114 -37.62 11.90 -22.28
N ASN I 115 -37.86 11.13 -21.25
CA ASN I 115 -37.45 11.48 -19.88
C ASN I 115 -36.04 11.01 -19.55
N ASN I 116 -35.35 11.85 -18.77
CA ASN I 116 -34.00 11.43 -18.33
C ASN I 116 -34.25 10.46 -17.17
N ALA I 117 -33.21 9.86 -16.66
CA ALA I 117 -33.26 8.91 -15.56
C ALA I 117 -33.98 9.49 -14.38
N ALA I 118 -33.86 10.76 -14.09
CA ALA I 118 -34.50 11.40 -12.92
C ALA I 118 -35.94 11.74 -13.15
N GLY I 119 -36.51 11.41 -14.29
CA GLY I 119 -37.88 11.70 -14.61
C GLY I 119 -38.13 13.06 -15.27
N VAL I 120 -37.10 13.77 -15.62
CA VAL I 120 -37.24 15.13 -16.27
C VAL I 120 -37.20 14.93 -17.77
N PRO I 121 -38.06 15.65 -18.49
CA PRO I 121 -38.13 15.59 -19.95
C PRO I 121 -36.98 16.35 -20.59
N MET I 122 -36.48 15.71 -21.62
CA MET I 122 -35.37 16.27 -22.40
C MET I 122 -36.03 16.84 -23.69
N ALA I 123 -35.47 17.91 -24.24
CA ALA I 123 -36.06 18.47 -25.49
C ALA I 123 -35.87 17.36 -26.55
N PRO I 124 -36.66 17.42 -27.60
CA PRO I 124 -36.57 16.38 -28.68
C PRO I 124 -35.16 16.46 -29.18
N HIS I 125 -34.56 15.28 -29.43
CA HIS I 125 -33.19 15.37 -29.96
C HIS I 125 -32.84 14.03 -30.61
N ILE I 126 -31.84 14.08 -31.44
CA ILE I 126 -31.30 12.92 -32.16
C ILE I 126 -29.86 12.75 -31.67
N ASN I 127 -29.53 11.51 -31.33
CA ASN I 127 -28.22 11.07 -30.86
C ASN I 127 -27.44 10.68 -32.11
N ILE I 128 -26.28 11.28 -32.17
CA ILE I 128 -25.39 11.00 -33.30
C ILE I 128 -24.00 10.61 -32.79
N SER I 129 -23.41 9.73 -33.57
CA SER I 129 -22.03 9.24 -33.35
C SER I 129 -21.35 9.50 -34.69
N LEU I 130 -20.25 10.15 -34.65
CA LEU I 130 -19.52 10.46 -35.89
C LEU I 130 -18.21 9.67 -35.93
N PHE I 131 -17.97 9.00 -37.03
CA PHE I 131 -16.79 8.18 -37.27
C PHE I 131 -16.13 8.74 -38.54
N ALA I 132 -14.85 8.57 -38.57
CA ALA I 132 -14.11 9.02 -39.73
C ALA I 132 -12.63 8.82 -39.44
N ARG I 133 -11.97 8.88 -40.53
CA ARG I 133 -10.51 8.80 -40.62
C ARG I 133 -10.08 10.06 -39.81
N GLY I 134 -9.11 9.83 -38.95
CA GLY I 134 -8.58 10.93 -38.12
C GLY I 134 -9.23 11.01 -36.78
N ILE I 135 -10.28 10.27 -36.58
CA ILE I 135 -11.04 10.22 -35.35
C ILE I 135 -10.81 8.81 -34.71
N ASN I 136 -9.96 8.78 -33.72
CA ASN I 136 -9.57 7.51 -33.02
C ASN I 136 -10.70 6.77 -32.41
N ILE I 137 -11.52 7.56 -31.77
CA ILE I 137 -12.70 7.13 -31.06
C ILE I 137 -13.84 8.07 -31.46
N HIS I 138 -14.95 7.47 -31.80
CA HIS I 138 -16.11 8.22 -32.25
C HIS I 138 -16.58 9.29 -31.27
N LEU I 139 -17.10 10.37 -31.92
CA LEU I 139 -17.65 11.54 -31.17
C LEU I 139 -19.16 11.34 -31.08
N HIS I 140 -19.63 11.67 -29.93
CA HIS I 140 -21.02 11.65 -29.57
C HIS I 140 -21.53 13.13 -29.49
N THR I 141 -22.70 13.36 -30.01
CA THR I 141 -23.36 14.69 -29.96
C THR I 141 -24.85 14.54 -30.03
N ARG I 142 -25.56 15.67 -29.95
CA ARG I 142 -27.03 15.59 -30.02
C ARG I 142 -27.52 16.71 -30.97
N LEU I 143 -28.55 16.39 -31.70
CA LEU I 143 -29.14 17.44 -32.61
C LEU I 143 -30.45 17.89 -31.97
N TYR I 144 -30.57 19.20 -31.72
CA TYR I 144 -31.78 19.80 -31.16
C TYR I 144 -32.36 20.70 -32.30
N PHE I 145 -33.62 21.01 -32.20
CA PHE I 145 -34.38 21.81 -33.20
C PHE I 145 -34.67 23.27 -32.70
N ASP I 146 -34.37 24.21 -33.60
CA ASP I 146 -34.52 25.66 -33.33
C ASP I 146 -35.93 26.12 -33.07
N ASP I 147 -36.89 25.34 -33.51
CA ASP I 147 -38.29 25.68 -33.30
C ASP I 147 -38.85 25.06 -32.06
N GLU I 148 -38.02 24.73 -31.10
CA GLU I 148 -38.43 24.11 -29.83
C GLU I 148 -37.71 24.82 -28.68
N ALA I 149 -37.53 26.13 -28.87
CA ALA I 149 -36.89 27.04 -27.94
C ALA I 149 -37.35 26.87 -26.51
N GLN I 150 -38.65 26.79 -26.37
CA GLN I 150 -39.21 26.68 -25.03
C GLN I 150 -38.64 25.43 -24.33
N ALA I 151 -38.66 24.31 -25.05
CA ALA I 151 -38.16 22.99 -24.53
C ALA I 151 -36.66 23.02 -24.34
N ASN I 152 -36.04 23.61 -25.33
CA ASN I 152 -34.59 23.74 -25.31
C ASN I 152 -34.17 24.45 -24.02
N ALA I 153 -34.90 25.52 -23.68
CA ALA I 153 -34.51 26.30 -22.47
C ALA I 153 -34.51 25.44 -21.23
N LYS I 154 -35.37 24.45 -21.21
CA LYS I 154 -35.47 23.57 -20.05
C LYS I 154 -34.78 22.22 -20.11
N CYS I 155 -34.09 21.84 -21.16
CA CYS I 155 -33.46 20.48 -21.21
C CYS I 155 -32.39 20.32 -20.15
N PRO I 156 -32.46 19.23 -19.41
CA PRO I 156 -31.49 18.93 -18.33
C PRO I 156 -30.16 18.63 -18.96
N VAL I 157 -30.14 18.12 -20.17
CA VAL I 157 -28.86 17.83 -20.82
C VAL I 157 -28.24 19.14 -21.30
N LEU I 158 -29.03 19.92 -22.02
CA LEU I 158 -28.57 21.23 -22.59
C LEU I 158 -28.08 22.17 -21.49
N ASN I 159 -28.82 22.25 -20.41
CA ASN I 159 -28.45 23.09 -19.28
C ASN I 159 -27.21 22.59 -18.58
N LEU I 160 -26.74 21.36 -18.88
CA LEU I 160 -25.52 20.82 -18.28
C LEU I 160 -24.32 21.48 -18.96
N ILE I 161 -24.55 22.12 -20.09
CA ILE I 161 -23.42 22.79 -20.77
C ILE I 161 -23.26 24.18 -20.08
N GLU I 162 -22.09 24.42 -19.50
CA GLU I 162 -21.84 25.66 -18.78
C GLU I 162 -22.13 26.99 -19.50
N GLN I 163 -21.46 27.22 -20.60
CA GLN I 163 -21.62 28.48 -21.37
C GLN I 163 -22.72 28.39 -22.41
N PRO I 164 -23.68 29.27 -22.23
CA PRO I 164 -24.84 29.36 -23.13
C PRO I 164 -24.49 29.41 -24.60
N GLN I 165 -23.40 30.08 -24.92
CA GLN I 165 -23.01 30.22 -26.33
C GLN I 165 -22.73 28.85 -26.96
N ARG I 166 -22.29 27.91 -26.09
CA ARG I 166 -21.96 26.53 -26.54
C ARG I 166 -23.18 25.70 -26.81
N ARG I 167 -24.26 26.03 -26.13
CA ARG I 167 -25.52 25.29 -26.30
C ARG I 167 -26.07 25.45 -27.71
N GLU I 168 -25.96 26.69 -28.19
CA GLU I 168 -26.42 27.04 -29.54
C GLU I 168 -25.82 26.14 -30.61
N THR I 169 -24.67 25.53 -30.36
CA THR I 169 -24.01 24.69 -31.35
C THR I 169 -24.79 23.39 -31.63
N LEU I 170 -25.67 23.08 -30.72
CA LEU I 170 -26.49 21.88 -30.77
C LEU I 170 -27.84 22.05 -31.42
N ILE I 171 -28.20 23.26 -31.80
CA ILE I 171 -29.47 23.60 -32.42
C ILE I 171 -29.44 23.66 -33.92
N ALA I 172 -30.26 22.85 -34.54
CA ALA I 172 -30.38 22.77 -36.02
C ALA I 172 -31.33 23.90 -36.49
N LYS I 173 -30.99 24.53 -37.59
CA LYS I 173 -31.81 25.65 -38.13
C LYS I 173 -32.76 25.13 -39.21
N ARG I 174 -34.03 25.32 -38.89
CA ARG I 174 -35.11 24.91 -39.79
C ARG I 174 -35.05 25.70 -41.11
N CYS I 175 -35.32 24.97 -42.16
CA CYS I 175 -35.36 25.48 -43.52
C CYS I 175 -36.37 24.64 -44.31
N GLU I 176 -36.40 24.85 -45.61
CA GLU I 176 -37.33 24.09 -46.48
C GLU I 176 -36.58 23.66 -47.72
N VAL I 177 -36.77 22.37 -48.05
CA VAL I 177 -36.10 21.81 -49.25
C VAL I 177 -37.20 21.19 -50.10
N ASP I 178 -37.41 21.79 -51.25
CA ASP I 178 -38.47 21.32 -52.17
C ASP I 178 -39.79 21.42 -51.45
N GLY I 179 -40.02 22.53 -50.76
CA GLY I 179 -41.28 22.69 -50.05
C GLY I 179 -41.36 21.68 -48.91
N LYS I 180 -40.27 21.00 -48.59
CA LYS I 180 -40.25 20.02 -47.48
C LYS I 180 -39.51 20.67 -46.29
N THR I 181 -39.97 20.33 -45.10
CA THR I 181 -39.40 20.83 -43.87
C THR I 181 -38.02 20.13 -43.69
N ALA I 182 -37.07 21.00 -43.48
CA ALA I 182 -35.70 20.53 -43.29
C ALA I 182 -35.12 21.28 -42.09
N TYR I 183 -34.00 20.79 -41.66
CA TYR I 183 -33.22 21.38 -40.55
C TYR I 183 -31.77 21.07 -40.91
N ARG I 184 -30.99 22.09 -40.82
CA ARG I 184 -29.57 21.98 -41.12
C ARG I 184 -28.81 21.94 -39.80
N PHE I 185 -27.87 21.01 -39.75
CA PHE I 185 -27.03 20.82 -38.54
C PHE I 185 -25.61 20.53 -38.98
N ASP I 186 -24.83 21.58 -38.90
CA ASP I 186 -23.43 21.49 -39.28
C ASP I 186 -22.64 21.14 -38.01
N ILE I 187 -21.62 20.33 -38.22
CA ILE I 187 -20.74 19.90 -37.12
C ILE I 187 -19.39 20.55 -37.28
N ARG I 188 -18.95 21.20 -36.25
CA ARG I 188 -17.63 21.84 -36.26
C ARG I 188 -16.80 21.06 -35.22
N ILE I 189 -15.92 20.21 -35.76
CA ILE I 189 -15.07 19.34 -34.97
C ILE I 189 -14.16 20.13 -34.03
N GLN I 190 -13.60 21.19 -34.61
CA GLN I 190 -12.68 22.02 -33.82
C GLN I 190 -12.69 23.51 -34.20
N GLY I 191 -12.33 24.33 -33.24
CA GLY I 191 -12.22 25.79 -33.44
C GLY I 191 -13.45 26.60 -33.18
N GLU I 192 -13.51 27.73 -33.90
CA GLU I 192 -14.59 28.74 -33.84
C GLU I 192 -15.90 28.01 -33.96
N GLY I 193 -16.68 28.11 -32.92
CA GLY I 193 -17.99 27.48 -32.89
C GLY I 193 -17.94 25.95 -32.85
N GLU I 194 -16.90 25.41 -32.24
CA GLU I 194 -16.72 23.91 -32.10
C GLU I 194 -17.97 23.34 -31.46
N THR I 195 -18.44 22.25 -32.03
CA THR I 195 -19.66 21.59 -31.58
C THR I 195 -19.40 20.84 -30.25
N VAL I 196 -20.37 20.94 -29.38
CA VAL I 196 -20.32 20.25 -28.11
C VAL I 196 -20.38 18.69 -28.37
N PHE I 197 -19.44 18.00 -27.78
CA PHE I 197 -19.29 16.51 -27.84
C PHE I 197 -19.45 15.97 -26.41
N PHE I 198 -20.16 14.84 -26.32
CA PHE I 198 -20.46 14.26 -25.01
C PHE I 198 -19.66 13.04 -24.59
N ASP I 199 -19.61 12.80 -23.30
CA ASP I 199 -18.98 11.59 -22.71
C ASP I 199 -20.10 10.98 -21.82
N PHE I 200 -20.29 9.68 -22.04
CA PHE I 200 -21.30 8.96 -21.26
C PHE I 200 -20.95 7.44 -21.20
N PRO J 1 -40.91 -1.28 -27.25
CA PRO J 1 -39.74 -0.43 -27.39
C PRO J 1 -38.68 -0.77 -26.32
N ALA J 2 -37.56 -0.11 -26.49
CA ALA J 2 -36.42 -0.27 -25.56
C ALA J 2 -36.76 0.37 -24.22
N GLN J 3 -36.14 -0.17 -23.18
CA GLN J 3 -36.30 0.33 -21.80
C GLN J 3 -35.00 0.67 -21.10
N ASP J 4 -35.02 1.78 -20.35
CA ASP J 4 -33.83 2.19 -19.59
C ASP J 4 -33.63 1.25 -18.41
N ASN J 5 -32.96 0.12 -18.57
CA ASN J 5 -32.78 -0.82 -17.43
C ASN J 5 -31.34 -1.03 -17.04
N SER J 6 -30.44 -0.74 -17.93
CA SER J 6 -29.03 -0.95 -17.72
C SER J 6 -28.19 0.31 -17.55
N ARG J 7 -27.05 0.06 -17.00
CA ARG J 7 -26.00 1.08 -16.78
C ARG J 7 -24.77 0.40 -17.36
N PHE J 8 -23.92 1.20 -17.91
CA PHE J 8 -22.70 0.74 -18.52
C PHE J 8 -21.51 1.33 -17.80
N VAL J 9 -20.56 0.44 -17.52
CA VAL J 9 -19.32 0.90 -16.81
C VAL J 9 -18.76 2.07 -17.67
N ILE J 10 -18.33 3.12 -17.03
CA ILE J 10 -17.75 4.29 -17.72
C ILE J 10 -16.54 3.89 -18.50
N ARG J 11 -16.41 4.40 -19.71
CA ARG J 11 -15.23 4.14 -20.51
C ARG J 11 -13.98 4.76 -19.88
N ASP J 12 -12.89 4.01 -20.07
CA ASP J 12 -11.59 4.46 -19.58
C ASP J 12 -10.92 5.13 -20.79
N ARG J 13 -11.01 6.46 -20.80
CA ARG J 13 -10.44 7.25 -21.91
C ARG J 13 -8.97 7.37 -21.92
N ASN J 14 -8.33 6.68 -20.98
CA ASN J 14 -6.86 6.61 -20.91
C ASN J 14 -6.38 5.25 -21.45
N TRP J 15 -7.35 4.36 -21.69
CA TRP J 15 -7.12 2.97 -22.20
C TRP J 15 -7.27 3.00 -23.72
N HIS J 16 -8.34 3.68 -24.09
CA HIS J 16 -8.63 3.90 -25.55
C HIS J 16 -7.62 5.01 -25.94
N PRO J 17 -7.38 5.13 -27.24
CA PRO J 17 -6.52 6.19 -27.76
C PRO J 17 -7.22 7.57 -27.56
N LYS J 18 -6.46 8.62 -27.30
CA LYS J 18 -7.02 10.01 -27.17
C LYS J 18 -7.34 10.49 -28.62
N ALA J 19 -7.99 11.65 -28.63
CA ALA J 19 -8.39 12.30 -29.91
C ALA J 19 -7.16 12.84 -30.59
N LEU J 20 -6.40 13.62 -29.78
CA LEU J 20 -5.20 14.25 -30.32
C LEU J 20 -3.96 13.38 -30.19
N THR J 21 -3.58 12.75 -31.27
CA THR J 21 -2.35 11.88 -31.27
C THR J 21 -1.64 12.32 -32.55
N PRO J 22 -0.79 13.33 -32.37
CA PRO J 22 -0.11 13.95 -33.46
C PRO J 22 0.58 13.06 -34.43
N ASP J 23 1.08 11.89 -34.08
CA ASP J 23 1.78 11.01 -35.05
C ASP J 23 0.83 10.55 -36.14
N TYR J 24 -0.42 10.46 -35.72
CA TYR J 24 -1.47 10.10 -36.71
C TYR J 24 -1.91 11.54 -37.17
N LYS J 25 -1.34 11.96 -38.26
CA LYS J 25 -1.53 13.31 -38.81
C LYS J 25 -2.90 13.86 -38.91
N THR J 26 -3.80 13.14 -39.50
CA THR J 26 -5.19 13.51 -39.72
C THR J 26 -5.91 13.79 -38.42
N SER J 27 -5.42 13.19 -37.34
CA SER J 27 -6.09 13.44 -36.04
C SER J 27 -5.89 14.88 -35.58
N ILE J 28 -4.87 15.60 -36.10
CA ILE J 28 -4.66 17.00 -35.59
C ILE J 28 -5.87 17.90 -35.78
N ALA J 29 -6.33 17.98 -37.03
CA ALA J 29 -7.47 18.81 -37.43
C ALA J 29 -8.81 18.18 -37.19
N ARG J 30 -8.84 16.86 -36.87
CA ARG J 30 -10.15 16.23 -36.63
C ARG J 30 -10.36 15.85 -35.19
N SER J 31 -9.67 16.54 -34.29
CA SER J 31 -9.85 16.28 -32.84
C SER J 31 -10.38 17.62 -32.28
N PRO J 32 -11.23 17.55 -31.32
CA PRO J 32 -11.79 18.73 -30.65
C PRO J 32 -10.74 19.37 -29.74
N ARG J 33 -10.96 20.64 -29.40
CA ARG J 33 -10.02 21.35 -28.50
C ARG J 33 -10.69 21.57 -27.17
N GLN J 34 -11.97 21.58 -27.19
CA GLN J 34 -12.75 21.75 -25.94
C GLN J 34 -12.85 20.33 -25.32
N ALA J 35 -13.11 20.27 -24.02
CA ALA J 35 -13.27 18.97 -23.34
C ALA J 35 -14.66 18.43 -23.65
N LEU J 36 -14.76 17.08 -23.59
CA LEU J 36 -16.09 16.45 -23.79
C LEU J 36 -16.92 16.83 -22.55
N VAL J 37 -18.18 16.94 -22.76
CA VAL J 37 -19.11 17.28 -21.65
C VAL J 37 -19.73 15.91 -21.22
N SER J 38 -19.54 15.60 -19.97
CA SER J 38 -20.06 14.39 -19.35
C SER J 38 -21.52 14.62 -19.06
N ILE J 39 -22.27 13.58 -19.39
CA ILE J 39 -23.72 13.63 -19.13
C ILE J 39 -24.08 12.24 -18.55
N PRO J 40 -25.03 12.25 -17.67
CA PRO J 40 -25.49 11.01 -17.03
C PRO J 40 -26.17 10.14 -18.09
N GLN J 41 -26.13 8.82 -17.89
CA GLN J 41 -26.79 7.87 -18.83
C GLN J 41 -28.29 7.99 -18.67
N SER J 42 -28.96 7.97 -19.80
CA SER J 42 -30.41 8.04 -19.91
C SER J 42 -30.85 6.94 -20.91
N ILE J 43 -32.14 6.83 -21.12
CA ILE J 43 -32.64 5.81 -22.07
C ILE J 43 -32.10 6.05 -23.47
N SER J 44 -31.70 7.30 -23.70
CA SER J 44 -31.13 7.69 -24.99
C SER J 44 -29.78 6.98 -25.21
N GLU J 45 -28.98 6.86 -24.18
CA GLU J 45 -27.68 6.23 -24.30
C GLU J 45 -27.57 4.76 -23.93
N THR J 46 -28.50 4.27 -23.13
CA THR J 46 -28.46 2.87 -22.66
C THR J 46 -29.21 1.88 -23.53
N THR J 47 -29.65 2.33 -24.71
CA THR J 47 -30.37 1.44 -25.64
C THR J 47 -29.71 1.54 -26.99
N GLY J 48 -30.11 0.62 -27.86
CA GLY J 48 -29.54 0.57 -29.23
C GLY J 48 -30.36 -0.50 -29.98
N PRO J 49 -30.09 -0.56 -31.26
CA PRO J 49 -30.72 -1.48 -32.19
C PRO J 49 -30.32 -2.95 -31.89
N ASN J 50 -31.26 -3.79 -32.29
CA ASN J 50 -31.16 -5.27 -32.18
C ASN J 50 -31.31 -5.74 -33.64
N PHE J 51 -30.33 -6.43 -34.15
CA PHE J 51 -30.29 -6.89 -35.52
C PHE J 51 -30.72 -8.35 -35.72
N SER J 52 -31.39 -8.93 -34.77
CA SER J 52 -31.89 -10.30 -34.78
C SER J 52 -32.75 -10.63 -35.98
N HIS J 53 -33.58 -9.70 -36.44
CA HIS J 53 -34.43 -9.97 -37.61
C HIS J 53 -33.91 -9.43 -38.89
N LEU J 54 -32.64 -9.09 -38.96
CA LEU J 54 -32.09 -8.57 -40.23
C LEU J 54 -31.96 -9.82 -41.12
N GLY J 55 -32.21 -9.63 -42.40
CA GLY J 55 -32.13 -10.76 -43.36
C GLY J 55 -30.75 -10.93 -43.90
N PHE J 56 -29.98 -11.78 -43.25
CA PHE J 56 -28.62 -12.10 -43.63
C PHE J 56 -28.59 -13.20 -44.71
N GLY J 57 -27.73 -13.01 -45.66
CA GLY J 57 -27.49 -13.98 -46.76
C GLY J 57 -26.69 -15.16 -46.13
N ALA J 58 -26.73 -16.29 -46.85
CA ALA J 58 -26.13 -17.56 -46.50
C ALA J 58 -24.63 -17.50 -46.38
N HIS J 59 -24.03 -16.65 -47.18
CA HIS J 59 -22.59 -16.48 -47.19
C HIS J 59 -22.22 -15.04 -46.72
N ASP J 60 -23.02 -14.46 -45.88
CA ASP J 60 -22.77 -13.05 -45.41
C ASP J 60 -21.42 -12.93 -44.76
N HIS J 61 -21.05 -14.00 -44.06
CA HIS J 61 -19.84 -14.18 -43.32
C HIS J 61 -18.80 -15.04 -43.99
N ASP J 62 -18.95 -15.40 -45.25
CA ASP J 62 -17.97 -16.24 -45.98
C ASP J 62 -17.39 -15.46 -47.15
N LEU J 63 -16.32 -14.74 -46.87
CA LEU J 63 -15.68 -13.88 -47.89
C LEU J 63 -15.13 -14.66 -49.05
N LEU J 64 -15.07 -15.98 -48.94
CA LEU J 64 -14.56 -16.91 -49.94
C LEU J 64 -15.60 -17.15 -51.01
N LEU J 65 -16.85 -16.97 -50.66
CA LEU J 65 -17.93 -17.18 -51.62
C LEU J 65 -18.90 -16.00 -51.79
N ASN J 66 -18.83 -14.95 -51.00
CA ASN J 66 -19.80 -13.84 -51.06
C ASN J 66 -19.58 -12.79 -52.10
N PHE J 67 -18.59 -12.89 -52.91
CA PHE J 67 -18.37 -11.88 -53.96
C PHE J 67 -18.47 -12.64 -55.32
N GLY J 71 -14.62 -18.07 -59.45
CA GLY J 71 -13.52 -18.73 -58.76
C GLY J 71 -13.43 -18.40 -57.28
N LEU J 72 -12.33 -18.85 -56.70
CA LEU J 72 -11.97 -18.68 -55.29
C LEU J 72 -10.92 -17.58 -55.26
N PRO J 73 -10.92 -16.78 -54.20
CA PRO J 73 -9.92 -15.70 -54.04
C PRO J 73 -8.56 -16.35 -53.85
N ILE J 74 -7.56 -15.59 -54.18
CA ILE J 74 -6.18 -16.05 -53.98
C ILE J 74 -5.73 -15.48 -52.62
N GLY J 75 -5.08 -16.31 -51.81
CA GLY J 75 -4.66 -15.78 -50.48
C GLY J 75 -4.83 -16.93 -49.47
N GLU J 76 -4.32 -16.66 -48.28
CA GLU J 76 -4.34 -17.63 -47.18
C GLU J 76 -5.72 -17.81 -46.64
N ARG J 77 -6.22 -19.02 -46.81
CA ARG J 77 -7.55 -19.39 -46.34
C ARG J 77 -7.49 -19.49 -44.81
N ILE J 78 -8.35 -18.73 -44.16
CA ILE J 78 -8.39 -18.72 -42.70
C ILE J 78 -9.80 -18.45 -42.25
N ILE J 79 -10.05 -18.93 -41.07
CA ILE J 79 -11.30 -18.70 -40.37
C ILE J 79 -10.86 -17.70 -39.22
N VAL J 80 -11.69 -16.75 -38.93
CA VAL J 80 -11.51 -15.76 -37.83
C VAL J 80 -12.76 -15.98 -36.98
N ALA J 81 -12.54 -16.44 -35.77
CA ALA J 81 -13.66 -16.75 -34.89
C ALA J 81 -13.29 -16.28 -33.48
N GLY J 82 -14.26 -16.13 -32.66
CA GLY J 82 -14.02 -15.72 -31.26
C GLY J 82 -15.36 -15.48 -30.61
N ARG J 83 -15.31 -14.89 -29.47
CA ARG J 83 -16.51 -14.59 -28.70
C ARG J 83 -16.57 -13.09 -28.32
N VAL J 84 -17.76 -12.58 -28.14
CA VAL J 84 -18.02 -11.19 -27.68
C VAL J 84 -18.55 -11.34 -26.24
N VAL J 85 -17.83 -10.76 -25.32
CA VAL J 85 -18.17 -10.76 -23.90
C VAL J 85 -18.13 -9.27 -23.42
N ASP J 86 -18.66 -9.03 -22.26
CA ASP J 86 -18.63 -7.69 -21.66
C ASP J 86 -17.51 -7.75 -20.59
N GLN J 87 -17.26 -6.62 -19.93
CA GLN J 87 -16.19 -6.58 -18.92
C GLN J 87 -16.41 -7.53 -17.74
N TYR J 88 -17.63 -7.96 -17.55
CA TYR J 88 -17.93 -8.90 -16.45
C TYR J 88 -17.67 -10.34 -16.90
N GLY J 89 -17.39 -10.54 -18.18
CA GLY J 89 -17.14 -11.89 -18.73
C GLY J 89 -18.39 -12.56 -19.27
N LYS J 90 -19.47 -11.81 -19.31
CA LYS J 90 -20.75 -12.28 -19.78
C LYS J 90 -20.84 -12.18 -21.29
N PRO J 91 -21.30 -13.27 -21.92
CA PRO J 91 -21.43 -13.38 -23.36
C PRO J 91 -22.44 -12.38 -23.90
N VAL J 92 -22.23 -11.87 -25.10
CA VAL J 92 -23.16 -10.91 -25.75
C VAL J 92 -23.74 -11.63 -26.97
N PRO J 93 -24.91 -12.19 -26.82
CA PRO J 93 -25.57 -12.96 -27.89
C PRO J 93 -26.34 -12.08 -28.86
N ASN J 94 -26.49 -12.59 -30.06
CA ASN J 94 -27.24 -11.90 -31.13
C ASN J 94 -26.80 -10.44 -31.29
N THR J 95 -25.53 -10.30 -31.42
CA THR J 95 -24.96 -8.92 -31.59
C THR J 95 -24.39 -8.94 -32.99
N LEU J 96 -24.41 -7.76 -33.60
CA LEU J 96 -23.94 -7.62 -34.96
C LEU J 96 -22.48 -7.28 -35.02
N VAL J 97 -21.76 -8.12 -35.74
CA VAL J 97 -20.37 -7.99 -36.00
C VAL J 97 -20.18 -7.83 -37.52
N GLU J 98 -19.62 -6.70 -37.89
CA GLU J 98 -19.34 -6.42 -39.31
C GLU J 98 -17.87 -6.20 -39.45
N MET J 99 -17.32 -6.63 -40.55
CA MET J 99 -15.89 -6.49 -40.82
C MET J 99 -15.69 -6.19 -42.30
N TRP J 100 -14.62 -5.50 -42.60
CA TRP J 100 -14.17 -5.14 -43.90
C TRP J 100 -12.66 -5.27 -43.88
N GLN J 101 -12.08 -5.51 -45.02
CA GLN J 101 -10.65 -5.66 -45.12
C GLN J 101 -10.18 -5.57 -46.56
N ALA J 102 -8.90 -5.52 -46.73
CA ALA J 102 -8.29 -5.46 -48.07
C ALA J 102 -8.11 -6.95 -48.54
N ASN J 103 -7.64 -7.14 -49.74
CA ASN J 103 -7.39 -8.47 -50.34
C ASN J 103 -6.02 -8.94 -49.87
N ALA J 104 -5.58 -10.07 -50.43
CA ALA J 104 -4.30 -10.67 -50.06
C ALA J 104 -3.14 -9.76 -50.35
N GLY J 105 -3.34 -8.78 -51.24
CA GLY J 105 -2.36 -7.81 -51.66
C GLY J 105 -2.39 -6.44 -50.96
N GLY J 106 -3.40 -6.19 -50.19
CA GLY J 106 -3.55 -4.89 -49.45
C GLY J 106 -4.43 -3.90 -50.18
N ARG J 107 -5.10 -4.40 -51.21
CA ARG J 107 -6.01 -3.59 -52.04
C ARG J 107 -7.42 -3.65 -51.54
N TYR J 108 -8.04 -2.47 -51.34
CA TYR J 108 -9.42 -2.41 -50.89
C TYR J 108 -10.33 -2.25 -52.12
N ARG J 109 -11.50 -2.86 -52.07
CA ARG J 109 -12.44 -2.71 -53.23
C ARG J 109 -13.26 -1.41 -52.94
N HIS J 110 -12.59 -0.28 -53.21
CA HIS J 110 -13.14 1.09 -52.98
C HIS J 110 -12.54 2.06 -53.98
N LYS J 111 -13.37 2.98 -54.50
CA LYS J 111 -12.99 3.96 -55.50
C LYS J 111 -11.74 4.75 -55.15
N ASN J 112 -11.66 5.14 -53.89
CA ASN J 112 -10.53 5.94 -53.42
C ASN J 112 -9.26 5.15 -53.28
N ASP J 113 -9.28 3.81 -53.41
CA ASP J 113 -8.04 3.01 -53.23
C ASP J 113 -7.33 2.94 -54.56
N ARG J 114 -6.21 3.63 -54.59
CA ARG J 114 -5.40 3.69 -55.78
C ARG J 114 -4.08 2.97 -55.64
N TYR J 115 -3.92 2.13 -54.62
CA TYR J 115 -2.64 1.41 -54.41
C TYR J 115 -2.51 0.46 -55.63
N LEU J 116 -1.31 0.32 -56.08
CA LEU J 116 -1.00 -0.50 -57.25
C LEU J 116 -1.25 -1.99 -57.10
N ALA J 117 -1.47 -2.49 -55.91
CA ALA J 117 -1.73 -4.00 -55.80
C ALA J 117 -3.09 -4.19 -56.47
N PRO J 118 -3.19 -5.23 -57.30
CA PRO J 118 -4.43 -5.51 -58.03
C PRO J 118 -5.57 -5.98 -57.17
N LEU J 119 -6.75 -5.78 -57.72
CA LEU J 119 -7.97 -6.27 -57.14
C LEU J 119 -8.02 -7.79 -57.49
N ASP J 120 -8.73 -8.50 -56.66
CA ASP J 120 -8.92 -9.97 -56.85
C ASP J 120 -10.38 -10.08 -57.31
N PRO J 121 -10.55 -10.50 -58.56
CA PRO J 121 -11.85 -10.68 -59.18
C PRO J 121 -12.84 -11.45 -58.36
N ASN J 122 -12.35 -12.36 -57.51
CA ASN J 122 -13.21 -13.17 -56.65
C ASN J 122 -13.22 -12.67 -55.20
N PHE J 123 -12.91 -11.38 -54.97
CA PHE J 123 -12.87 -10.92 -53.56
C PHE J 123 -13.50 -9.56 -53.37
N GLY J 124 -14.48 -9.58 -52.48
CA GLY J 124 -15.25 -8.36 -52.12
C GLY J 124 -14.59 -7.62 -50.94
N GLY J 125 -14.55 -8.26 -49.79
CA GLY J 125 -14.03 -7.82 -48.55
C GLY J 125 -14.99 -7.43 -47.46
N VAL J 126 -16.25 -7.79 -47.56
CA VAL J 126 -17.20 -7.42 -46.52
C VAL J 126 -17.87 -8.65 -45.92
N GLY J 127 -18.08 -8.63 -44.62
CA GLY J 127 -18.73 -9.74 -43.93
C GLY J 127 -19.49 -9.16 -42.75
N ARG J 128 -20.47 -9.92 -42.32
CA ARG J 128 -21.31 -9.59 -41.21
C ARG J 128 -21.72 -11.00 -40.67
N CYS J 129 -21.95 -11.02 -39.40
CA CYS J 129 -22.33 -12.25 -38.68
C CYS J 129 -23.04 -11.77 -37.43
N LEU J 130 -24.04 -12.49 -37.06
CA LEU J 130 -24.78 -12.15 -35.82
C LEU J 130 -24.18 -13.15 -34.82
N THR J 131 -23.83 -12.74 -33.63
CA THR J 131 -23.22 -13.73 -32.70
C THR J 131 -24.28 -14.73 -32.29
N ASP J 132 -23.83 -15.96 -31.99
CA ASP J 132 -24.71 -17.02 -31.53
C ASP J 132 -25.11 -16.73 -30.07
N SER J 133 -25.76 -17.74 -29.52
CA SER J 133 -26.25 -17.65 -28.15
C SER J 133 -25.13 -17.65 -27.14
N ASP J 134 -23.94 -18.00 -27.55
CA ASP J 134 -22.81 -17.98 -26.59
C ASP J 134 -21.83 -16.86 -26.87
N GLY J 135 -22.19 -15.96 -27.77
CA GLY J 135 -21.35 -14.85 -28.13
C GLY J 135 -20.35 -15.22 -29.18
N TYR J 136 -20.42 -16.42 -29.80
CA TYR J 136 -19.45 -16.76 -30.85
C TYR J 136 -19.86 -16.19 -32.20
N TYR J 137 -18.92 -15.90 -33.00
CA TYR J 137 -18.99 -15.40 -34.36
C TYR J 137 -17.87 -16.15 -35.11
N SER J 138 -18.02 -16.16 -36.42
CA SER J 138 -16.95 -16.81 -37.21
C SER J 138 -17.08 -16.31 -38.64
N PHE J 139 -15.94 -16.17 -39.22
CA PHE J 139 -15.84 -15.69 -40.59
C PHE J 139 -14.82 -16.59 -41.30
N ARG J 140 -14.99 -16.63 -42.59
CA ARG J 140 -14.01 -17.42 -43.42
C ARG J 140 -13.58 -16.38 -44.43
N THR J 141 -12.30 -16.27 -44.56
CA THR J 141 -11.79 -15.23 -45.51
C THR J 141 -10.38 -15.61 -45.82
N ILE J 142 -9.71 -14.65 -46.39
CA ILE J 142 -8.28 -14.79 -46.69
C ILE J 142 -7.60 -13.67 -45.82
N LYS J 143 -6.41 -13.96 -45.39
CA LYS J 143 -5.63 -12.99 -44.58
C LYS J 143 -5.22 -11.80 -45.44
N PRO J 144 -5.55 -10.57 -45.00
CA PRO J 144 -5.23 -9.34 -45.76
C PRO J 144 -3.76 -9.00 -45.74
N GLY J 145 -3.30 -8.31 -46.74
CA GLY J 145 -1.88 -7.91 -46.78
C GLY J 145 -1.81 -6.48 -46.16
N PRO J 146 -0.61 -6.11 -45.80
CA PRO J 146 -0.37 -4.74 -45.23
C PRO J 146 -0.47 -3.78 -46.44
N TYR J 147 -0.51 -2.47 -46.19
CA TYR J 147 -0.54 -1.49 -47.31
C TYR J 147 0.09 -0.18 -46.83
N PRO J 148 0.67 0.54 -47.75
CA PRO J 148 1.32 1.86 -47.45
C PRO J 148 0.22 2.92 -47.36
N TRP J 149 0.40 3.98 -46.60
CA TRP J 149 -0.67 5.05 -46.52
C TRP J 149 0.06 6.38 -46.38
N ARG J 150 -0.58 7.49 -46.76
CA ARG J 150 0.10 8.81 -46.69
C ARG J 150 0.12 9.44 -45.34
N ASN J 151 1.08 9.02 -44.49
CA ASN J 151 1.18 9.62 -43.10
C ASN J 151 2.61 10.19 -43.12
N GLY J 152 3.50 9.36 -42.59
CA GLY J 152 4.92 9.77 -42.66
C GLY J 152 5.24 9.33 -44.12
N PRO J 153 6.44 9.61 -44.54
CA PRO J 153 6.90 9.22 -45.87
C PRO J 153 6.98 7.69 -46.05
N ASN J 154 7.05 6.85 -45.01
CA ASN J 154 7.11 5.37 -45.29
C ASN J 154 6.33 4.61 -44.26
N ASP J 155 5.10 5.00 -44.07
CA ASP J 155 4.23 4.38 -43.10
C ASP J 155 3.50 3.18 -43.76
N TRP J 156 3.36 2.10 -43.01
CA TRP J 156 2.66 0.87 -43.52
C TRP J 156 1.74 0.32 -42.47
N ARG J 157 0.51 0.15 -42.81
CA ARG J 157 -0.44 -0.44 -41.86
C ARG J 157 -0.15 -1.97 -41.84
N PRO J 158 -0.16 -2.52 -40.63
CA PRO J 158 0.03 -4.00 -40.45
C PRO J 158 -1.24 -4.66 -41.02
N ALA J 159 -1.14 -5.94 -41.41
CA ALA J 159 -2.38 -6.62 -41.93
C ALA J 159 -3.42 -6.50 -40.85
N HIS J 160 -4.64 -6.09 -41.24
CA HIS J 160 -5.69 -5.94 -40.25
C HIS J 160 -7.07 -6.12 -40.85
N ILE J 161 -8.01 -6.46 -40.01
CA ILE J 161 -9.41 -6.56 -40.45
C ILE J 161 -10.17 -5.48 -39.66
N HIS J 162 -11.01 -4.67 -40.29
CA HIS J 162 -11.75 -3.61 -39.50
C HIS J 162 -12.95 -4.26 -38.90
N PHE J 163 -13.28 -3.93 -37.65
CA PHE J 163 -14.43 -4.57 -37.04
C PHE J 163 -15.34 -3.46 -36.49
N GLY J 164 -16.59 -3.77 -36.53
CA GLY J 164 -17.60 -2.83 -35.95
C GLY J 164 -18.46 -3.80 -35.13
N ILE J 165 -18.70 -3.47 -33.88
CA ILE J 165 -19.55 -4.32 -33.07
C ILE J 165 -20.61 -3.43 -32.45
N SER J 166 -21.84 -3.89 -32.54
CA SER J 166 -22.96 -3.11 -32.00
C SER J 166 -23.10 -3.19 -30.50
N GLY J 167 -23.19 -4.42 -29.98
CA GLY J 167 -23.36 -4.61 -28.54
C GLY J 167 -24.80 -4.23 -28.22
N PRO J 168 -25.13 -4.27 -26.95
CA PRO J 168 -26.46 -4.00 -26.51
C PRO J 168 -26.96 -2.56 -26.55
N SER J 169 -26.11 -1.56 -26.81
CA SER J 169 -26.55 -0.12 -26.80
C SER J 169 -25.60 0.75 -27.57
N ILE J 170 -25.99 2.04 -27.79
CA ILE J 170 -25.12 2.97 -28.51
C ILE J 170 -23.90 3.29 -27.68
N ALA J 171 -24.04 3.06 -26.38
CA ALA J 171 -22.99 3.26 -25.38
C ALA J 171 -21.88 2.21 -25.55
N THR J 172 -22.23 1.00 -26.01
CA THR J 172 -21.27 -0.08 -26.23
C THR J 172 -20.75 -0.13 -27.63
N LYS J 173 -21.38 0.45 -28.63
CA LYS J 173 -20.91 0.35 -30.02
C LYS J 173 -19.45 0.71 -30.16
N LEU J 174 -18.73 -0.05 -30.98
CA LEU J 174 -17.30 0.18 -31.14
C LEU J 174 -16.79 -0.21 -32.50
N ILE J 175 -15.85 0.56 -32.97
CA ILE J 175 -15.17 0.27 -34.23
C ILE J 175 -13.72 0.05 -33.76
N THR J 176 -13.12 -1.00 -34.28
CA THR J 176 -11.75 -1.35 -33.90
C THR J 176 -11.09 -2.02 -35.09
N GLN J 177 -9.92 -2.57 -34.86
CA GLN J 177 -9.13 -3.25 -35.87
C GLN J 177 -8.47 -4.49 -35.21
N LEU J 178 -8.40 -5.56 -35.93
CA LEU J 178 -7.76 -6.84 -35.48
C LEU J 178 -6.40 -6.91 -36.13
N TYR J 179 -5.39 -7.32 -35.43
CA TYR J 179 -4.05 -7.49 -35.94
C TYR J 179 -3.73 -9.00 -35.75
N PHE J 180 -2.77 -9.51 -36.45
CA PHE J 180 -2.36 -10.91 -36.49
C PHE J 180 -1.08 -11.13 -35.70
N GLU J 181 -1.14 -12.16 -34.90
CA GLU J 181 -0.05 -12.58 -34.02
C GLU J 181 1.28 -12.65 -34.70
N GLY J 182 2.26 -11.92 -34.18
CA GLY J 182 3.59 -11.90 -34.67
C GLY J 182 3.99 -10.91 -35.73
N ASP J 183 3.05 -10.23 -36.34
CA ASP J 183 3.29 -9.24 -37.41
C ASP J 183 4.28 -8.18 -36.85
N PRO J 184 5.41 -8.14 -37.48
CA PRO J 184 6.47 -7.21 -37.09
C PRO J 184 6.11 -5.74 -37.36
N LEU J 185 5.07 -5.46 -38.14
CA LEU J 185 4.66 -4.06 -38.42
C LEU J 185 3.83 -3.41 -37.30
N ILE J 186 3.23 -4.19 -36.45
CA ILE J 186 2.43 -3.64 -35.37
C ILE J 186 3.03 -2.55 -34.52
N PRO J 187 4.18 -2.84 -33.93
CA PRO J 187 4.84 -1.85 -33.03
C PRO J 187 5.30 -0.62 -33.78
N MET J 188 5.26 -0.62 -35.09
CA MET J 188 5.71 0.57 -35.83
C MET J 188 4.59 1.47 -36.33
N CYS J 189 3.36 1.08 -36.10
CA CYS J 189 2.20 1.81 -36.61
C CYS J 189 1.71 2.91 -35.68
N PRO J 190 1.63 4.14 -36.24
CA PRO J 190 1.17 5.35 -35.52
C PRO J 190 -0.26 5.20 -35.10
N ILE J 191 -1.08 4.54 -35.88
CA ILE J 191 -2.49 4.34 -35.51
C ILE J 191 -2.56 3.44 -34.26
N VAL J 192 -1.80 2.36 -34.31
CA VAL J 192 -1.66 1.39 -33.24
C VAL J 192 -1.18 2.20 -32.00
N LYS J 193 -0.08 2.88 -32.21
CA LYS J 193 0.54 3.71 -31.16
C LYS J 193 -0.37 4.82 -30.63
N SER J 194 -1.53 5.03 -31.29
CA SER J 194 -2.47 6.06 -30.76
C SER J 194 -2.90 5.53 -29.37
N ILE J 195 -2.70 4.22 -29.14
CA ILE J 195 -3.05 3.58 -27.86
C ILE J 195 -1.81 3.73 -26.96
N ALA J 196 -1.95 4.49 -25.90
CA ALA J 196 -0.81 4.74 -25.01
C ALA J 196 -0.25 3.50 -24.32
N ASN J 197 -1.09 2.63 -23.88
CA ASN J 197 -0.74 1.41 -23.14
C ASN J 197 -0.50 0.14 -23.95
N PRO J 198 0.69 -0.42 -23.84
CA PRO J 198 1.08 -1.67 -24.51
C PRO J 198 0.15 -2.83 -24.21
N GLU J 199 -0.32 -2.88 -23.00
CA GLU J 199 -1.25 -3.92 -22.60
C GLU J 199 -2.51 -3.84 -23.47
N ALA J 200 -2.99 -2.64 -23.75
CA ALA J 200 -4.23 -2.43 -24.52
C ALA J 200 -4.07 -2.96 -25.94
N VAL J 201 -2.87 -2.77 -26.45
CA VAL J 201 -2.57 -3.20 -27.79
C VAL J 201 -2.74 -4.72 -27.97
N GLN J 202 -2.29 -5.47 -26.96
CA GLN J 202 -2.35 -6.94 -26.93
C GLN J 202 -3.75 -7.45 -27.22
N GLN J 203 -4.71 -6.69 -26.76
CA GLN J 203 -6.11 -7.03 -26.94
C GLN J 203 -6.55 -7.07 -28.39
N LEU J 204 -5.81 -6.40 -29.25
CA LEU J 204 -6.15 -6.31 -30.66
C LEU J 204 -5.48 -7.37 -31.50
N ILE J 205 -4.72 -8.27 -30.88
CA ILE J 205 -4.04 -9.33 -31.63
C ILE J 205 -4.72 -10.69 -31.68
N ALA J 206 -5.08 -11.10 -32.90
CA ALA J 206 -5.73 -12.45 -33.06
C ALA J 206 -4.62 -13.49 -32.86
N LYS J 207 -4.90 -14.61 -32.17
CA LYS J 207 -3.88 -15.65 -31.93
C LYS J 207 -4.16 -16.88 -32.88
N LEU J 208 -3.09 -17.45 -33.33
CA LEU J 208 -3.20 -18.66 -34.21
C LEU J 208 -3.90 -19.74 -33.34
N ASP J 209 -4.87 -20.36 -33.97
CA ASP J 209 -5.65 -21.40 -33.29
C ASP J 209 -5.65 -22.70 -34.13
N MET J 210 -4.72 -23.59 -33.93
CA MET J 210 -4.57 -24.87 -34.65
C MET J 210 -5.71 -25.83 -34.40
N ASN J 211 -6.27 -25.72 -33.22
CA ASN J 211 -7.34 -26.58 -32.78
C ASN J 211 -8.54 -26.37 -33.69
N ASN J 212 -8.75 -25.15 -34.10
CA ASN J 212 -9.87 -24.75 -34.94
C ASN J 212 -9.64 -24.83 -36.43
N ALA J 213 -8.45 -25.13 -36.84
CA ALA J 213 -8.11 -25.23 -38.25
C ALA J 213 -8.66 -26.55 -38.84
N ASN J 214 -8.94 -26.43 -40.12
CA ASN J 214 -9.44 -27.63 -40.90
C ASN J 214 -8.22 -28.20 -41.58
N PRO J 215 -7.76 -29.37 -41.13
CA PRO J 215 -6.58 -30.01 -41.73
C PRO J 215 -6.74 -30.01 -43.24
N MET J 216 -5.67 -29.85 -43.93
CA MET J 216 -5.56 -29.84 -45.36
C MET J 216 -6.42 -28.78 -46.07
N ASP J 217 -6.99 -27.84 -45.32
CA ASP J 217 -7.91 -26.81 -45.90
C ASP J 217 -7.53 -25.38 -45.52
N CYS J 218 -7.73 -25.09 -44.23
CA CYS J 218 -7.43 -23.72 -43.73
C CYS J 218 -7.04 -23.58 -42.30
N LEU J 219 -6.35 -22.45 -42.04
CA LEU J 219 -5.89 -22.12 -40.65
C LEU J 219 -7.00 -21.35 -39.95
N ALA J 220 -6.81 -21.08 -38.67
CA ALA J 220 -7.75 -20.33 -37.84
C ALA J 220 -7.03 -19.39 -36.85
N TYR J 221 -7.71 -18.27 -36.61
CA TYR J 221 -7.27 -17.21 -35.67
C TYR J 221 -8.41 -17.02 -34.69
N ARG J 222 -8.08 -16.74 -33.49
CA ARG J 222 -9.04 -16.52 -32.40
C ARG J 222 -8.99 -15.04 -32.01
N PHE J 223 -10.11 -14.36 -32.03
CA PHE J 223 -10.15 -12.90 -31.64
C PHE J 223 -11.41 -12.68 -30.81
N ASP J 224 -11.22 -12.51 -29.51
CA ASP J 224 -12.34 -12.28 -28.60
C ASP J 224 -12.48 -10.76 -28.41
N ILE J 225 -13.68 -10.27 -28.22
CA ILE J 225 -13.95 -8.82 -28.04
C ILE J 225 -14.64 -8.59 -26.73
N VAL J 226 -14.25 -7.54 -26.02
CA VAL J 226 -14.83 -7.17 -24.74
C VAL J 226 -15.44 -5.75 -24.88
N LEU J 227 -16.71 -5.70 -24.62
CA LEU J 227 -17.53 -4.47 -24.67
C LEU J 227 -17.75 -4.03 -23.21
N ARG J 228 -18.21 -2.80 -23.05
CA ARG J 228 -18.47 -2.24 -21.71
C ARG J 228 -19.34 -3.18 -20.89
N GLY J 229 -19.01 -3.28 -19.64
CA GLY J 229 -19.71 -4.08 -18.67
C GLY J 229 -21.09 -3.46 -18.53
N GLN J 230 -22.05 -4.36 -18.46
CA GLN J 230 -23.46 -3.98 -18.33
C GLN J 230 -23.95 -4.46 -16.98
N ARG J 231 -24.46 -3.55 -16.20
CA ARG J 231 -25.00 -3.86 -14.91
C ARG J 231 -26.41 -3.27 -14.84
N LYS J 232 -27.12 -3.79 -13.86
CA LYS J 232 -28.49 -3.30 -13.59
C LYS J 232 -28.27 -2.01 -12.71
N THR J 233 -29.23 -1.11 -12.81
CA THR J 233 -29.18 0.15 -12.03
C THR J 233 -29.45 -0.30 -10.59
N HIS J 234 -29.14 0.54 -9.64
CA HIS J 234 -29.36 0.19 -8.23
C HIS J 234 -29.29 1.50 -7.41
N PHE J 235 -30.11 1.56 -6.40
CA PHE J 235 -30.25 2.71 -5.49
C PHE J 235 -30.31 4.05 -6.27
N GLU J 236 -30.91 4.01 -7.46
CA GLU J 236 -30.98 5.24 -8.28
C GLU J 236 -31.95 6.31 -7.89
N PRO K 1 13.14 -6.43 -36.58
CA PRO K 1 13.44 -6.00 -37.93
C PRO K 1 14.84 -5.48 -37.98
N ILE K 2 15.23 -5.03 -39.16
CA ILE K 2 16.59 -4.50 -39.32
C ILE K 2 16.67 -3.05 -38.79
N GLU K 3 17.63 -2.79 -37.96
CA GLU K 3 17.81 -1.40 -37.41
C GLU K 3 19.17 -0.92 -37.83
N LEU K 4 19.21 0.33 -38.32
CA LEU K 4 20.50 0.91 -38.73
C LEU K 4 21.04 1.78 -37.58
N LEU K 5 22.16 2.42 -37.80
CA LEU K 5 22.69 3.38 -36.75
C LEU K 5 21.66 4.56 -36.82
N PRO K 6 21.35 5.10 -35.66
CA PRO K 6 20.40 6.24 -35.61
C PRO K 6 21.08 7.54 -36.06
N GLU K 7 20.33 8.37 -36.74
CA GLU K 7 20.82 9.69 -37.25
C GLU K 7 21.03 10.57 -36.01
N THR K 8 22.00 11.47 -36.09
CA THR K 8 22.26 12.41 -34.97
C THR K 8 21.06 13.36 -34.81
N PRO K 9 20.63 13.56 -33.57
CA PRO K 9 19.53 14.44 -33.28
C PRO K 9 19.81 15.93 -33.65
N SER K 10 18.78 16.59 -34.15
CA SER K 10 18.80 18.01 -34.51
C SER K 10 18.68 18.86 -33.23
N GLN K 11 19.17 20.08 -33.25
CA GLN K 11 19.08 21.03 -32.09
C GLN K 11 18.78 22.44 -32.75
N THR K 12 18.12 23.32 -32.05
CA THR K 12 17.78 24.66 -32.59
C THR K 12 19.13 25.34 -32.90
N ALA K 13 19.08 26.21 -33.91
CA ALA K 13 20.19 26.97 -34.37
C ALA K 13 20.49 28.06 -33.31
N GLY K 14 19.53 28.48 -32.56
CA GLY K 14 19.72 29.52 -31.51
C GLY K 14 19.73 30.92 -32.19
N PRO K 15 19.79 31.97 -31.37
CA PRO K 15 19.75 33.38 -31.82
C PRO K 15 21.01 33.90 -32.41
N TYR K 16 22.12 33.27 -32.15
CA TYR K 16 23.39 33.68 -32.65
C TYR K 16 23.85 32.94 -33.87
N VAL K 17 23.00 32.29 -34.62
CA VAL K 17 23.32 31.53 -35.80
C VAL K 17 24.12 32.35 -36.78
N HIS K 18 23.81 33.66 -36.85
CA HIS K 18 24.51 34.59 -37.78
C HIS K 18 26.00 34.58 -37.66
N ILE K 19 26.53 34.51 -36.45
CA ILE K 19 27.97 34.51 -36.28
C ILE K 19 28.57 33.29 -37.01
N GLY K 20 27.79 32.21 -37.10
CA GLY K 20 28.23 30.98 -37.75
C GLY K 20 27.96 30.93 -39.22
N LEU K 21 26.77 31.39 -39.64
CA LEU K 21 26.34 31.32 -41.03
C LEU K 21 25.92 32.60 -41.71
N ALA K 22 26.05 33.74 -41.07
CA ALA K 22 25.64 35.06 -41.70
C ALA K 22 26.43 36.16 -40.97
N LEU K 23 27.73 36.08 -41.21
CA LEU K 23 28.71 36.95 -40.59
C LEU K 23 28.35 38.44 -40.66
N GLU K 24 28.16 38.96 -41.86
CA GLU K 24 27.76 40.41 -42.01
C GLU K 24 26.74 40.76 -40.94
N ALA K 25 25.61 40.10 -41.11
CA ALA K 25 24.46 40.27 -40.24
C ALA K 25 24.83 40.24 -38.78
N ALA K 26 25.71 39.32 -38.39
CA ALA K 26 26.15 39.19 -36.99
C ALA K 26 26.85 40.50 -36.59
N GLY K 27 27.20 41.19 -37.66
CA GLY K 27 27.93 42.48 -37.59
C GLY K 27 29.39 42.15 -37.24
N ASN K 28 29.94 41.19 -37.96
CA ASN K 28 31.31 40.75 -37.79
C ASN K 28 31.99 40.64 -39.15
N PRO K 29 33.30 40.70 -39.06
CA PRO K 29 34.15 40.56 -40.24
C PRO K 29 33.78 39.23 -40.94
N THR K 30 33.77 39.26 -42.25
CA THR K 30 33.43 38.03 -43.02
C THR K 30 34.77 37.45 -43.48
N ARG K 31 34.70 36.26 -44.07
CA ARG K 31 35.91 35.61 -44.61
C ARG K 31 35.92 35.90 -46.10
N ASP K 32 36.94 35.45 -46.76
CA ASP K 32 37.11 35.66 -48.20
C ASP K 32 35.90 35.17 -48.96
N GLN K 33 35.62 33.88 -48.74
CA GLN K 33 34.45 33.28 -49.42
C GLN K 33 33.37 33.05 -48.40
N GLU K 34 32.19 33.50 -48.75
CA GLU K 34 31.00 33.40 -47.96
C GLU K 34 29.83 32.98 -48.84
N ILE K 35 28.99 32.14 -48.30
CA ILE K 35 27.78 31.63 -48.99
C ILE K 35 26.66 32.60 -48.61
N TRP K 36 26.13 33.32 -49.60
CA TRP K 36 25.12 34.34 -49.29
C TRP K 36 23.93 34.43 -50.17
N ASN K 37 23.27 35.60 -50.22
CA ASN K 37 22.03 35.79 -50.95
C ASN K 37 21.98 36.16 -52.39
N ARG K 38 23.05 36.11 -53.07
CA ARG K 38 23.07 36.46 -54.55
C ARG K 38 23.41 35.17 -55.28
N LEU K 39 22.40 34.45 -55.78
CA LEU K 39 22.64 33.17 -56.49
C LEU K 39 23.07 33.32 -57.94
N ALA K 40 22.74 34.48 -58.52
CA ALA K 40 23.08 34.73 -59.92
C ALA K 40 23.77 36.07 -60.13
N LYS K 41 24.73 35.98 -61.02
CA LYS K 41 25.48 37.24 -61.42
C LYS K 41 24.64 37.77 -62.63
N PRO K 42 24.72 39.08 -62.82
CA PRO K 42 24.00 39.78 -63.91
C PRO K 42 24.08 39.07 -65.23
N ASP K 43 25.20 38.42 -65.50
CA ASP K 43 25.36 37.71 -66.79
C ASP K 43 24.85 36.28 -66.78
N ALA K 44 24.01 35.94 -65.85
CA ALA K 44 23.47 34.54 -65.83
C ALA K 44 22.17 34.55 -66.63
N PRO K 45 22.00 33.50 -67.42
CA PRO K 45 20.81 33.32 -68.25
C PRO K 45 19.60 33.17 -67.35
N GLY K 46 18.46 33.41 -67.94
CA GLY K 46 17.18 33.29 -67.27
C GLY K 46 16.66 34.68 -66.90
N GLU K 47 15.47 34.74 -66.38
CA GLU K 47 14.84 36.02 -65.98
C GLU K 47 15.24 36.37 -64.55
N HIS K 48 16.10 37.36 -64.41
CA HIS K 48 16.56 37.77 -63.07
C HIS K 48 15.40 38.32 -62.29
N ILE K 49 15.37 38.02 -61.01
CA ILE K 49 14.30 38.43 -60.13
C ILE K 49 14.88 38.63 -58.71
N LEU K 50 14.04 39.31 -57.97
CA LEU K 50 14.33 39.63 -56.58
C LEU K 50 13.21 39.02 -55.75
N LEU K 51 13.61 38.24 -54.78
CA LEU K 51 12.67 37.56 -53.86
C LEU K 51 12.82 38.27 -52.51
N LEU K 52 11.70 38.48 -51.85
CA LEU K 52 11.71 39.11 -50.53
C LEU K 52 10.51 38.72 -49.75
N GLY K 53 10.60 38.88 -48.44
CA GLY K 53 9.56 38.55 -47.52
C GLY K 53 9.96 38.64 -46.06
N GLN K 54 8.97 38.40 -45.27
CA GLN K 54 9.06 38.37 -43.80
C GLN K 54 8.61 37.01 -43.25
N VAL K 55 9.00 36.79 -42.00
CA VAL K 55 8.66 35.57 -41.25
C VAL K 55 7.84 35.97 -40.04
N TYR K 56 6.69 35.40 -39.92
CA TYR K 56 5.77 35.63 -38.82
C TYR K 56 5.69 34.38 -37.90
N ASP K 57 5.56 34.71 -36.65
CA ASP K 57 5.42 33.67 -35.60
C ASP K 57 3.92 33.53 -35.40
N GLY K 58 3.55 32.67 -34.48
CA GLY K 58 2.19 32.41 -34.15
C GLY K 58 1.43 33.63 -33.66
N ASN K 59 2.08 34.65 -33.12
CA ASN K 59 1.41 35.86 -32.61
C ASN K 59 1.26 36.96 -33.68
N GLY K 60 1.79 36.70 -34.84
CA GLY K 60 1.76 37.66 -35.96
C GLY K 60 2.95 38.61 -35.85
N HIS K 61 3.90 38.22 -35.02
CA HIS K 61 5.09 39.03 -34.80
C HIS K 61 6.21 38.56 -35.67
N LEU K 62 6.98 39.54 -36.12
CA LEU K 62 8.11 39.29 -37.00
C LEU K 62 9.21 38.51 -36.25
N VAL K 63 9.73 37.53 -36.98
CA VAL K 63 10.86 36.70 -36.45
C VAL K 63 12.06 37.40 -37.08
N ARG K 64 12.79 38.12 -36.31
CA ARG K 64 13.92 38.89 -36.77
C ARG K 64 15.22 38.17 -36.71
N ASP K 65 15.24 36.89 -36.33
CA ASP K 65 16.47 36.11 -36.22
C ASP K 65 16.45 34.86 -37.09
N SER K 66 15.63 34.83 -38.13
CA SER K 66 15.59 33.70 -39.05
C SER K 66 16.81 33.64 -39.94
N PHE K 67 17.06 32.42 -40.38
CA PHE K 67 18.14 31.99 -41.24
C PHE K 67 17.49 31.01 -42.26
N LEU K 68 17.68 31.30 -43.53
CA LEU K 68 17.12 30.49 -44.59
C LEU K 68 18.21 29.99 -45.51
N GLU K 69 17.91 28.81 -46.09
CA GLU K 69 18.79 28.17 -47.07
C GLU K 69 17.92 27.87 -48.27
N VAL K 70 18.38 28.11 -49.46
CA VAL K 70 17.58 27.88 -50.68
C VAL K 70 18.36 26.97 -51.62
N TRP K 71 17.60 26.19 -52.38
CA TRP K 71 18.11 25.22 -53.35
C TRP K 71 17.14 25.26 -54.55
N GLN K 72 17.73 25.58 -55.71
CA GLN K 72 16.86 25.67 -56.93
C GLN K 72 17.61 25.31 -58.18
N ALA K 73 16.82 24.93 -59.19
CA ALA K 73 17.41 24.63 -60.51
C ALA K 73 17.65 26.02 -61.19
N ASP K 74 18.52 25.92 -62.18
CA ASP K 74 18.81 27.16 -62.97
C ASP K 74 17.62 27.35 -63.93
N ALA K 75 17.89 28.21 -64.90
CA ALA K 75 16.89 28.57 -65.92
C ALA K 75 16.57 27.37 -66.78
N ASN K 76 17.51 26.45 -66.94
CA ASN K 76 17.29 25.24 -67.80
C ASN K 76 16.70 24.08 -67.06
N GLY K 77 16.33 24.35 -65.81
CA GLY K 77 15.73 23.29 -64.99
C GLY K 77 16.83 22.27 -64.63
N GLU K 78 18.01 22.80 -64.32
CA GLU K 78 19.13 21.94 -63.94
C GLU K 78 19.80 22.38 -62.65
N TYR K 79 20.09 21.36 -61.81
CA TYR K 79 20.74 21.67 -60.52
C TYR K 79 22.23 21.70 -60.58
N GLN K 80 22.74 22.87 -60.17
CA GLN K 80 24.21 23.08 -60.17
C GLN K 80 24.75 22.81 -58.79
N ASP K 81 25.11 21.55 -58.55
CA ASP K 81 25.62 21.15 -57.23
C ASP K 81 27.04 21.54 -56.97
N ALA K 82 27.75 21.84 -58.03
CA ALA K 82 29.16 22.22 -57.83
C ALA K 82 29.18 23.74 -57.49
N TYR K 83 29.21 24.02 -56.19
CA TYR K 83 29.17 25.41 -55.69
C TYR K 83 30.46 26.16 -55.83
N ASN K 84 30.41 27.26 -56.59
CA ASN K 84 31.60 28.11 -56.80
C ASN K 84 31.15 29.58 -56.88
N LEU K 85 31.96 30.45 -56.26
CA LEU K 85 31.65 31.92 -56.26
C LEU K 85 31.80 32.53 -57.64
N GLU K 86 32.65 31.91 -58.44
CA GLU K 86 32.91 32.36 -59.80
C GLU K 86 31.77 31.98 -60.72
N ASN K 87 30.97 31.00 -60.33
CA ASN K 87 29.84 30.58 -61.20
C ASN K 87 28.96 31.83 -61.44
N ALA K 88 28.28 31.81 -62.58
CA ALA K 88 27.36 32.95 -62.90
C ALA K 88 26.07 32.70 -62.12
N PHE K 89 25.90 31.39 -61.83
CA PHE K 89 24.76 30.95 -61.08
C PHE K 89 25.07 29.72 -60.19
N ASN K 90 24.60 29.86 -58.97
CA ASN K 90 24.71 28.77 -57.94
C ASN K 90 23.28 28.43 -57.55
N SER K 91 23.07 27.10 -57.44
CA SER K 91 21.78 26.53 -57.10
C SER K 91 21.50 26.67 -55.62
N PHE K 92 22.52 26.92 -54.84
CA PHE K 92 22.44 27.05 -53.38
C PHE K 92 22.66 28.49 -52.87
N GLY K 93 21.92 28.88 -51.84
CA GLY K 93 22.07 30.26 -51.27
C GLY K 93 21.69 30.31 -49.81
N ARG K 94 22.02 31.44 -49.16
CA ARG K 94 21.71 31.70 -47.76
C ARG K 94 21.29 33.18 -47.59
N THR K 95 20.31 33.37 -46.74
CA THR K 95 19.73 34.68 -46.41
C THR K 95 19.24 34.69 -44.97
N ALA K 96 18.96 35.90 -44.50
CA ALA K 96 18.52 36.12 -43.12
C ALA K 96 17.62 37.36 -43.04
N THR K 97 16.89 37.48 -41.96
CA THR K 97 16.00 38.63 -41.76
C THR K 97 16.67 39.70 -40.88
N THR K 98 16.48 40.98 -41.36
CA THR K 98 17.02 42.16 -40.66
C THR K 98 16.50 42.22 -39.21
N PHE K 99 17.45 42.58 -38.34
CA PHE K 99 17.13 42.73 -36.91
C PHE K 99 16.19 43.96 -36.79
N ASP K 100 16.05 44.75 -37.82
CA ASP K 100 15.19 45.99 -37.81
C ASP K 100 13.95 45.72 -38.63
N ALA K 101 13.96 46.03 -39.91
CA ALA K 101 12.83 45.79 -40.83
C ALA K 101 12.36 44.32 -40.78
N GLY K 102 13.29 43.39 -40.57
CA GLY K 102 13.00 41.96 -40.50
C GLY K 102 12.58 41.38 -41.84
N GLU K 103 13.26 41.79 -42.89
CA GLU K 103 12.91 41.24 -44.24
C GLU K 103 14.16 40.57 -44.76
N TRP K 104 13.99 39.52 -45.54
CA TRP K 104 15.15 38.83 -46.15
C TRP K 104 14.96 39.13 -47.65
N THR K 105 16.01 38.98 -48.37
CA THR K 105 15.96 39.24 -49.83
C THR K 105 16.96 38.28 -50.44
N LEU K 106 16.65 38.00 -51.69
CA LEU K 106 17.56 37.04 -52.45
C LEU K 106 17.55 37.56 -53.88
N HIS K 107 18.70 37.44 -54.47
CA HIS K 107 18.88 37.86 -55.89
C HIS K 107 19.16 36.58 -56.69
N THR K 108 18.25 36.23 -57.57
CA THR K 108 18.46 34.94 -58.36
C THR K 108 17.70 35.07 -59.68
N VAL K 109 17.53 33.92 -60.34
CA VAL K 109 16.76 33.79 -61.57
C VAL K 109 15.62 32.81 -61.32
N LYS K 110 14.53 33.03 -62.04
CA LYS K 110 13.37 32.15 -61.98
C LYS K 110 13.77 30.74 -62.53
N PRO K 111 13.58 29.71 -61.70
CA PRO K 111 13.94 28.32 -61.99
C PRO K 111 13.16 27.67 -63.12
N GLY K 112 13.84 26.78 -63.84
CA GLY K 112 13.26 26.00 -64.95
C GLY K 112 12.49 24.84 -64.30
N VAL K 113 11.74 24.11 -65.09
CA VAL K 113 10.96 22.95 -64.69
C VAL K 113 11.85 21.70 -64.55
N VAL K 114 11.56 20.85 -63.59
CA VAL K 114 12.31 19.56 -63.38
C VAL K 114 11.24 18.49 -63.18
N ASN K 115 11.54 17.27 -63.53
CA ASN K 115 10.57 16.14 -63.41
C ASN K 115 10.71 15.42 -62.08
N ASN K 116 9.62 14.83 -61.67
CA ASN K 116 9.58 14.04 -60.41
C ASN K 116 10.18 12.65 -60.78
N ALA K 117 10.28 11.77 -59.81
CA ALA K 117 10.84 10.43 -60.00
C ALA K 117 10.09 9.65 -61.05
N ALA K 118 8.81 9.78 -61.11
CA ALA K 118 7.97 9.08 -62.10
C ALA K 118 8.04 9.75 -63.46
N GLY K 119 8.84 10.77 -63.63
CA GLY K 119 8.88 11.44 -64.95
C GLY K 119 7.89 12.59 -65.14
N VAL K 120 7.03 12.86 -64.19
CA VAL K 120 6.10 14.01 -64.28
C VAL K 120 6.78 15.31 -63.83
N PRO K 121 6.66 16.35 -64.67
CA PRO K 121 7.27 17.67 -64.41
C PRO K 121 6.56 18.43 -63.30
N MET K 122 7.39 19.11 -62.51
CA MET K 122 6.97 19.93 -61.37
C MET K 122 7.02 21.44 -61.78
N ALA K 123 6.14 22.20 -61.19
CA ALA K 123 6.10 23.69 -61.51
C ALA K 123 7.39 24.25 -60.94
N PRO K 124 7.92 25.25 -61.61
CA PRO K 124 9.15 25.90 -61.14
C PRO K 124 8.97 26.22 -59.66
N HIS K 125 10.00 25.94 -58.88
CA HIS K 125 9.95 26.22 -57.44
C HIS K 125 11.35 26.31 -56.86
N ILE K 126 11.37 26.91 -55.68
CA ILE K 126 12.57 27.08 -54.85
C ILE K 126 12.33 26.34 -53.51
N ASN K 127 13.30 25.46 -53.20
CA ASN K 127 13.28 24.66 -51.98
C ASN K 127 13.90 25.54 -50.86
N ILE K 128 13.14 25.68 -49.78
CA ILE K 128 13.62 26.46 -48.63
C ILE K 128 13.66 25.67 -47.32
N SER K 129 14.63 26.01 -46.49
CA SER K 129 14.83 25.45 -45.14
C SER K 129 14.92 26.65 -44.17
N LEU K 130 14.06 26.67 -43.20
CA LEU K 130 14.01 27.76 -42.22
C LEU K 130 14.66 27.33 -40.90
N PHE K 131 15.58 28.18 -40.46
CA PHE K 131 16.24 27.92 -39.16
C PHE K 131 16.04 29.16 -38.28
N ALA K 132 15.96 28.86 -36.98
CA ALA K 132 15.84 29.92 -35.98
C ALA K 132 15.66 29.34 -34.58
N ARG K 133 15.94 30.30 -33.72
CA ARG K 133 15.74 30.16 -32.25
C ARG K 133 14.25 29.80 -32.14
N GLY K 134 14.02 28.78 -31.31
CA GLY K 134 12.62 28.35 -31.15
C GLY K 134 12.28 27.22 -32.12
N ILE K 135 13.09 26.93 -33.09
CA ILE K 135 12.83 25.82 -34.06
C ILE K 135 13.80 24.65 -33.81
N ASN K 136 13.30 23.55 -33.27
CA ASN K 136 14.12 22.36 -32.90
C ASN K 136 14.74 21.62 -34.06
N ILE K 137 13.97 21.50 -35.12
CA ILE K 137 14.40 20.85 -36.38
C ILE K 137 13.88 21.80 -37.49
N HIS K 138 14.69 22.07 -38.45
CA HIS K 138 14.38 22.99 -39.53
C HIS K 138 13.18 22.58 -40.36
N LEU K 139 12.46 23.62 -40.81
CA LEU K 139 11.29 23.64 -41.61
C LEU K 139 11.60 23.68 -43.08
N HIS K 140 11.07 22.70 -43.81
CA HIS K 140 11.19 22.52 -45.24
C HIS K 140 9.90 23.09 -45.93
N THR K 141 10.09 24.00 -46.85
CA THR K 141 8.98 24.56 -47.65
C THR K 141 9.40 24.72 -49.09
N ARG K 142 8.48 25.18 -49.92
CA ARG K 142 8.71 25.42 -51.34
C ARG K 142 8.11 26.79 -51.74
N LEU K 143 8.84 27.50 -52.58
CA LEU K 143 8.28 28.81 -53.09
C LEU K 143 7.87 28.61 -54.56
N TYR K 144 6.63 28.94 -54.86
CA TYR K 144 6.09 28.89 -56.23
C TYR K 144 5.78 30.38 -56.63
N PHE K 145 5.56 30.56 -57.93
CA PHE K 145 5.29 31.93 -58.51
C PHE K 145 3.87 32.11 -58.97
N ASP K 146 3.29 33.29 -58.69
CA ASP K 146 1.91 33.52 -59.07
C ASP K 146 1.70 33.61 -60.58
N ASP K 147 2.72 33.92 -61.33
CA ASP K 147 2.58 34.00 -62.78
C ASP K 147 2.76 32.63 -63.46
N GLU K 148 2.66 31.53 -62.74
CA GLU K 148 2.84 30.16 -63.39
C GLU K 148 1.68 29.27 -63.02
N ALA K 149 0.52 29.90 -62.95
CA ALA K 149 -0.69 29.23 -62.60
C ALA K 149 -0.94 27.94 -63.38
N GLN K 150 -0.64 27.98 -64.67
CA GLN K 150 -0.89 26.78 -65.51
C GLN K 150 -0.09 25.59 -64.91
N ALA K 151 1.18 25.86 -64.77
CA ALA K 151 2.12 24.85 -64.23
C ALA K 151 1.70 24.38 -62.85
N ASN K 152 1.46 25.39 -62.01
CA ASN K 152 1.07 25.18 -60.63
C ASN K 152 -0.14 24.26 -60.54
N ALA K 153 -1.04 24.41 -61.50
CA ALA K 153 -2.24 23.58 -61.47
C ALA K 153 -1.95 22.08 -61.64
N LYS K 154 -0.87 21.78 -62.32
CA LYS K 154 -0.50 20.38 -62.61
C LYS K 154 0.58 19.76 -61.75
N CYS K 155 1.20 20.53 -60.89
CA CYS K 155 2.30 20.07 -60.05
C CYS K 155 1.99 18.82 -59.24
N PRO K 156 2.83 17.78 -59.44
CA PRO K 156 2.68 16.49 -58.70
C PRO K 156 2.84 16.72 -57.21
N VAL K 157 3.66 17.69 -56.82
CA VAL K 157 3.90 18.01 -55.41
C VAL K 157 2.78 18.85 -54.83
N LEU K 158 2.43 19.91 -55.51
CA LEU K 158 1.39 20.88 -55.09
C LEU K 158 0.08 20.18 -54.94
N ASN K 159 -0.13 19.17 -55.77
CA ASN K 159 -1.31 18.31 -55.82
C ASN K 159 -1.31 17.29 -54.69
N LEU K 160 -0.22 17.18 -53.95
CA LEU K 160 -0.14 16.25 -52.81
C LEU K 160 -0.80 16.93 -51.61
N ILE K 161 -0.81 18.27 -51.62
CA ILE K 161 -1.46 19.00 -50.51
C ILE K 161 -2.95 18.85 -50.72
N GLU K 162 -3.56 18.16 -49.79
CA GLU K 162 -4.95 17.84 -49.78
C GLU K 162 -5.91 19.01 -50.00
N GLN K 163 -5.80 20.06 -49.19
CA GLN K 163 -6.70 21.24 -49.29
C GLN K 163 -6.14 22.39 -50.12
N PRO K 164 -6.79 22.65 -51.23
CA PRO K 164 -6.45 23.73 -52.17
C PRO K 164 -6.08 25.05 -51.51
N GLN K 165 -6.80 25.50 -50.54
CA GLN K 165 -6.54 26.76 -49.79
C GLN K 165 -5.14 26.81 -49.24
N ARG K 166 -4.58 25.63 -48.88
CA ARG K 166 -3.25 25.55 -48.30
C ARG K 166 -2.16 25.65 -49.32
N ARG K 167 -2.51 25.37 -50.57
CA ARG K 167 -1.54 25.41 -51.65
C ARG K 167 -1.18 26.88 -51.96
N GLU K 168 -2.11 27.78 -51.75
CA GLU K 168 -1.94 29.22 -51.98
C GLU K 168 -0.85 29.83 -51.11
N THR K 169 -0.59 29.18 -49.98
CA THR K 169 0.42 29.64 -49.03
C THR K 169 1.81 29.50 -49.60
N LEU K 170 1.97 28.68 -50.62
CA LEU K 170 3.23 28.43 -51.25
C LEU K 170 3.52 29.27 -52.47
N ILE K 171 2.57 30.14 -52.85
CA ILE K 171 2.67 31.00 -54.05
C ILE K 171 3.05 32.44 -53.75
N ALA K 172 4.19 32.80 -54.26
CA ALA K 172 4.76 34.17 -54.11
C ALA K 172 4.05 35.14 -55.08
N LYS K 173 3.81 36.34 -54.61
CA LYS K 173 3.13 37.45 -55.31
C LYS K 173 4.13 38.41 -55.97
N ARG K 174 3.98 38.39 -57.29
CA ARG K 174 4.79 39.21 -58.17
C ARG K 174 4.52 40.71 -57.91
N CYS K 175 5.59 41.44 -57.94
CA CYS K 175 5.59 42.92 -57.73
C CYS K 175 6.81 43.45 -58.47
N GLU K 176 7.07 44.75 -58.26
CA GLU K 176 8.24 45.34 -58.91
C GLU K 176 8.96 46.17 -57.86
N VAL K 177 10.27 46.13 -57.95
CA VAL K 177 11.08 46.90 -56.96
C VAL K 177 12.12 47.68 -57.73
N ASP K 178 11.99 49.02 -57.61
CA ASP K 178 12.91 49.93 -58.32
C ASP K 178 12.85 49.48 -59.80
N GLY K 179 11.63 49.26 -60.24
CA GLY K 179 11.44 48.84 -61.64
C GLY K 179 12.01 47.44 -61.89
N LYS K 180 12.24 46.65 -60.83
CA LYS K 180 12.78 45.25 -61.01
C LYS K 180 11.67 44.25 -60.70
N THR K 181 11.68 43.09 -61.39
CA THR K 181 10.67 42.06 -61.13
C THR K 181 11.02 41.43 -59.73
N ALA K 182 10.08 41.56 -58.86
CA ALA K 182 10.20 41.05 -57.50
C ALA K 182 9.01 40.16 -57.22
N TYR K 183 9.17 39.32 -56.20
CA TYR K 183 8.16 38.39 -55.73
C TYR K 183 8.30 38.35 -54.19
N ARG K 184 7.20 38.59 -53.56
CA ARG K 184 7.10 38.59 -52.11
C ARG K 184 6.55 37.25 -51.59
N PHE K 185 7.37 36.66 -50.70
CA PHE K 185 7.05 35.34 -50.05
C PHE K 185 7.11 35.47 -48.53
N ASP K 186 5.95 35.56 -47.97
CA ASP K 186 5.78 35.68 -46.52
C ASP K 186 5.55 34.26 -45.97
N ILE K 187 6.21 34.00 -44.87
CA ILE K 187 6.15 32.67 -44.22
C ILE K 187 5.49 32.85 -42.86
N ARG K 188 4.43 32.14 -42.69
CA ARG K 188 3.68 32.16 -41.44
C ARG K 188 3.90 30.76 -40.78
N ILE K 189 4.71 30.74 -39.73
CA ILE K 189 5.03 29.50 -39.03
C ILE K 189 3.85 28.80 -38.41
N GLN K 190 3.00 29.64 -37.84
CA GLN K 190 1.83 29.03 -37.14
C GLN K 190 0.65 29.98 -37.19
N GLY K 191 -0.51 29.38 -37.12
CA GLY K 191 -1.74 30.16 -37.11
C GLY K 191 -2.40 30.30 -38.45
N GLU K 192 -3.12 31.43 -38.57
CA GLU K 192 -3.88 31.81 -39.78
C GLU K 192 -2.93 31.97 -40.95
N GLY K 193 -3.24 31.21 -42.00
CA GLY K 193 -2.45 31.25 -43.22
C GLY K 193 -1.14 30.52 -43.03
N GLU K 194 -1.07 29.63 -42.04
CA GLU K 194 0.16 28.87 -41.77
C GLU K 194 0.61 28.25 -43.09
N THR K 195 1.88 28.40 -43.32
CA THR K 195 2.51 27.88 -44.50
C THR K 195 2.70 26.32 -44.42
N VAL K 196 2.52 25.68 -45.59
CA VAL K 196 2.73 24.21 -45.68
C VAL K 196 4.24 23.93 -45.52
N PHE K 197 4.49 22.93 -44.65
CA PHE K 197 5.89 22.47 -44.39
C PHE K 197 5.89 20.95 -44.76
N PHE K 198 6.97 20.52 -45.35
CA PHE K 198 7.14 19.15 -45.84
C PHE K 198 8.10 18.24 -45.05
N ASP K 199 7.89 16.94 -45.34
CA ASP K 199 8.71 15.83 -44.77
C ASP K 199 9.00 14.90 -45.99
N PHE K 200 10.24 14.62 -46.16
CA PHE K 200 10.80 13.79 -47.20
C PHE K 200 12.09 13.11 -46.71
N PRO L 1 25.25 18.31 -64.42
CA PRO L 1 24.53 18.76 -63.20
C PRO L 1 24.24 17.57 -62.32
N ALA L 2 23.48 17.83 -61.26
CA ALA L 2 23.13 16.74 -60.31
C ALA L 2 22.04 15.84 -60.90
N GLN L 3 22.05 14.59 -60.42
CA GLN L 3 21.12 13.55 -60.83
C GLN L 3 20.50 12.78 -59.65
N ASP L 4 19.24 12.49 -59.87
CA ASP L 4 18.46 11.73 -58.90
C ASP L 4 18.84 10.23 -58.95
N ASN L 5 19.85 9.84 -58.18
CA ASN L 5 20.19 8.36 -58.21
C ASN L 5 20.08 7.76 -56.83
N SER L 6 19.86 8.61 -55.84
CA SER L 6 19.80 8.11 -54.48
C SER L 6 18.48 8.26 -53.80
N ARG L 7 18.40 7.45 -52.74
CA ARG L 7 17.21 7.48 -51.89
C ARG L 7 17.80 7.59 -50.46
N PHE L 8 17.12 8.37 -49.65
CA PHE L 8 17.55 8.56 -48.25
C PHE L 8 16.56 7.93 -47.32
N VAL L 9 17.10 7.20 -46.33
CA VAL L 9 16.23 6.53 -45.35
C VAL L 9 15.40 7.63 -44.65
N ILE L 10 14.15 7.36 -44.53
CA ILE L 10 13.22 8.28 -43.87
C ILE L 10 13.69 8.62 -42.45
N ARG L 11 13.48 9.91 -42.11
CA ARG L 11 13.86 10.43 -40.81
C ARG L 11 12.91 9.87 -39.78
N ASP L 12 13.42 9.66 -38.61
CA ASP L 12 12.63 9.19 -37.46
C ASP L 12 12.36 10.51 -36.66
N ARG L 13 11.17 11.03 -36.78
CA ARG L 13 10.77 12.28 -36.11
C ARG L 13 10.42 12.15 -34.67
N ASN L 14 10.64 10.91 -34.16
CA ASN L 14 10.46 10.58 -32.75
C ASN L 14 11.82 10.50 -32.07
N TRP L 15 12.86 10.36 -32.84
CA TRP L 15 14.24 10.30 -32.34
C TRP L 15 14.71 11.76 -32.12
N HIS L 16 14.49 12.56 -33.18
CA HIS L 16 14.78 14.02 -33.16
C HIS L 16 13.72 14.67 -32.24
N PRO L 17 14.04 15.85 -31.70
CA PRO L 17 13.12 16.61 -30.85
C PRO L 17 11.95 17.03 -31.74
N LYS L 18 10.79 17.09 -31.16
CA LYS L 18 9.57 17.53 -31.84
C LYS L 18 9.67 19.12 -31.93
N ALA L 19 8.73 19.64 -32.66
CA ALA L 19 8.57 21.09 -32.88
C ALA L 19 8.14 21.83 -31.61
N LEU L 20 7.06 21.35 -31.04
CA LEU L 20 6.50 21.97 -29.83
C LEU L 20 7.03 21.23 -28.61
N THR L 21 7.85 21.96 -27.87
CA THR L 21 8.48 21.43 -26.63
C THR L 21 8.46 22.61 -25.63
N PRO L 22 7.31 22.79 -25.01
CA PRO L 22 7.02 23.87 -24.09
C PRO L 22 8.02 24.38 -23.12
N ASP L 23 8.86 23.53 -22.57
CA ASP L 23 9.86 23.94 -21.60
C ASP L 23 10.83 24.90 -22.25
N TYR L 24 10.92 24.75 -23.55
CA TYR L 24 11.78 25.65 -24.37
C TYR L 24 10.75 26.69 -24.93
N LYS L 25 10.58 27.76 -24.15
CA LYS L 25 9.60 28.82 -24.36
C LYS L 25 9.39 29.32 -25.75
N THR L 26 10.49 29.60 -26.44
CA THR L 26 10.37 30.12 -27.81
C THR L 26 9.73 29.12 -28.77
N SER L 27 9.91 27.82 -28.54
CA SER L 27 9.29 26.79 -29.41
C SER L 27 7.78 26.98 -29.45
N ILE L 28 7.20 27.59 -28.43
CA ILE L 28 5.77 27.75 -28.38
C ILE L 28 5.15 28.49 -29.56
N ALA L 29 5.57 29.72 -29.83
CA ALA L 29 5.11 30.57 -30.93
C ALA L 29 5.78 30.26 -32.24
N ARG L 30 6.89 29.51 -32.16
CA ARG L 30 7.62 29.13 -33.37
C ARG L 30 7.50 27.72 -33.90
N SER L 31 6.38 27.10 -33.65
CA SER L 31 6.15 25.67 -34.13
C SER L 31 4.84 25.67 -34.86
N PRO L 32 4.79 24.85 -35.92
CA PRO L 32 3.59 24.76 -36.73
C PRO L 32 2.53 24.03 -35.94
N ARG L 33 1.30 24.29 -36.34
CA ARG L 33 0.18 23.64 -35.70
C ARG L 33 -0.37 22.56 -36.63
N GLN L 34 -0.06 22.66 -37.90
CA GLN L 34 -0.50 21.65 -38.87
C GLN L 34 0.58 20.56 -39.00
N ALA L 35 0.19 19.38 -39.50
CA ALA L 35 1.15 18.25 -39.72
C ALA L 35 1.97 18.57 -40.94
N LEU L 36 3.15 18.05 -40.99
CA LEU L 36 4.05 18.22 -42.14
C LEU L 36 3.41 17.41 -43.30
N VAL L 37 3.70 17.83 -44.51
CA VAL L 37 3.16 17.09 -45.68
C VAL L 37 4.30 16.20 -46.18
N SER L 38 4.04 14.88 -46.25
CA SER L 38 5.08 13.94 -46.71
C SER L 38 5.04 13.97 -48.24
N ILE L 39 6.22 14.03 -48.82
CA ILE L 39 6.29 14.00 -50.30
C ILE L 39 7.42 13.01 -50.65
N PRO L 40 7.24 12.39 -51.81
CA PRO L 40 8.19 11.38 -52.33
C PRO L 40 9.47 12.08 -52.64
N GLN L 41 10.54 11.29 -52.64
CA GLN L 41 11.84 11.89 -52.96
C GLN L 41 11.89 12.11 -54.47
N SER L 42 12.45 13.27 -54.80
CA SER L 42 12.63 13.66 -56.21
C SER L 42 14.02 14.23 -56.25
N ILE L 43 14.43 14.64 -57.41
CA ILE L 43 15.78 15.21 -57.56
C ILE L 43 15.91 16.52 -56.80
N SER L 44 14.81 17.19 -56.50
CA SER L 44 14.87 18.48 -55.76
C SER L 44 15.41 18.20 -54.35
N GLU L 45 14.99 17.08 -53.77
CA GLU L 45 15.35 16.69 -52.41
C GLU L 45 16.54 15.82 -52.21
N THR L 46 16.87 14.98 -53.18
CA THR L 46 17.96 14.00 -53.13
C THR L 46 19.25 14.54 -53.63
N THR L 47 19.30 15.83 -54.00
CA THR L 47 20.50 16.47 -54.45
C THR L 47 20.81 17.63 -53.45
N GLY L 48 22.02 18.10 -53.51
CA GLY L 48 22.48 19.23 -52.68
C GLY L 48 23.80 19.75 -53.22
N PRO L 49 24.23 20.86 -52.63
CA PRO L 49 25.47 21.50 -53.01
C PRO L 49 26.65 20.72 -52.47
N ASN L 50 27.72 20.86 -53.22
CA ASN L 50 29.01 20.24 -52.91
C ASN L 50 29.95 21.45 -52.75
N PHE L 51 30.51 21.54 -51.56
CA PHE L 51 31.37 22.69 -51.24
C PHE L 51 32.79 22.39 -51.51
N SER L 52 33.05 21.33 -52.29
CA SER L 52 34.38 20.92 -52.65
C SER L 52 35.21 22.07 -53.21
N HIS L 53 34.61 23.01 -53.93
CA HIS L 53 35.40 24.13 -54.47
C HIS L 53 35.26 25.42 -53.71
N LEU L 54 34.77 25.33 -52.48
CA LEU L 54 34.68 26.60 -51.67
C LEU L 54 36.13 26.88 -51.24
N GLY L 55 36.45 28.17 -51.26
CA GLY L 55 37.80 28.59 -50.91
C GLY L 55 37.91 28.83 -49.43
N PHE L 56 38.50 27.86 -48.74
CA PHE L 56 38.73 27.86 -47.30
C PHE L 56 40.04 28.53 -46.92
N GLY L 57 40.00 29.33 -45.88
CA GLY L 57 41.25 29.97 -45.38
C GLY L 57 42.04 28.84 -44.68
N ALA L 58 43.29 29.13 -44.41
CA ALA L 58 44.22 28.21 -43.76
C ALA L 58 43.89 27.96 -42.30
N HIS L 59 43.13 28.84 -41.73
CA HIS L 59 42.78 28.73 -40.31
C HIS L 59 41.29 28.71 -40.11
N ASP L 60 40.60 28.28 -41.15
CA ASP L 60 39.14 28.26 -41.10
C ASP L 60 38.66 27.42 -39.94
N HIS L 61 39.38 26.32 -39.66
CA HIS L 61 39.05 25.38 -38.61
C HIS L 61 39.82 25.57 -37.33
N ASP L 62 40.58 26.64 -37.21
CA ASP L 62 41.39 26.83 -35.97
C ASP L 62 41.01 28.15 -35.29
N LEU L 63 40.08 28.05 -34.36
CA LEU L 63 39.58 29.19 -33.60
C LEU L 63 40.59 29.83 -32.69
N LEU L 64 41.71 29.15 -32.51
CA LEU L 64 42.79 29.72 -31.68
C LEU L 64 43.53 30.79 -32.49
N LEU L 65 43.49 30.69 -33.81
CA LEU L 65 44.19 31.63 -34.65
C LEU L 65 43.37 32.42 -35.67
N ASN L 66 42.16 32.04 -35.90
CA ASN L 66 41.33 32.66 -36.92
C ASN L 66 40.70 34.00 -36.62
N PHE L 67 40.81 34.57 -35.44
CA PHE L 67 40.15 35.88 -35.17
C PHE L 67 41.24 36.99 -35.11
N GLY L 71 46.76 38.09 -29.72
CA GLY L 71 47.24 37.01 -28.81
C GLY L 71 46.38 35.73 -28.92
N LEU L 72 46.56 34.92 -27.88
CA LEU L 72 45.83 33.62 -27.80
C LEU L 72 44.62 33.89 -26.93
N PRO L 73 43.55 33.20 -27.27
CA PRO L 73 42.33 33.28 -26.47
C PRO L 73 42.64 32.64 -25.09
N ILE L 74 41.92 33.15 -24.11
CA ILE L 74 42.03 32.61 -22.74
C ILE L 74 41.04 31.43 -22.66
N GLY L 75 41.39 30.31 -22.06
CA GLY L 75 40.43 29.18 -21.98
C GLY L 75 41.16 27.86 -22.24
N GLU L 76 40.43 26.74 -22.06
CA GLU L 76 40.99 25.38 -22.21
C GLU L 76 41.07 25.00 -23.69
N ARG L 77 42.32 24.75 -24.01
CA ARG L 77 42.67 24.39 -25.39
C ARG L 77 42.28 22.92 -25.66
N ILE L 78 41.49 22.71 -26.68
CA ILE L 78 41.03 21.38 -27.07
C ILE L 78 40.89 21.23 -28.58
N ILE L 79 40.88 19.95 -28.94
CA ILE L 79 40.65 19.52 -30.34
C ILE L 79 39.30 18.81 -30.34
N VAL L 80 38.47 19.11 -31.26
CA VAL L 80 37.16 18.50 -31.48
C VAL L 80 37.27 17.80 -32.85
N ALA L 81 37.37 16.48 -32.83
CA ALA L 81 37.48 15.71 -34.09
C ALA L 81 36.49 14.56 -34.08
N GLY L 82 36.26 13.97 -35.24
CA GLY L 82 35.36 12.81 -35.35
C GLY L 82 35.18 12.50 -36.83
N ARG L 83 34.12 11.81 -37.10
CA ARG L 83 33.76 11.36 -38.44
C ARG L 83 32.30 11.51 -38.72
N VAL L 84 31.99 11.70 -39.98
CA VAL L 84 30.62 11.82 -40.46
C VAL L 84 30.39 10.50 -41.26
N VAL L 85 29.44 9.74 -40.80
CA VAL L 85 29.03 8.48 -41.50
C VAL L 85 27.50 8.60 -41.71
N ASP L 86 27.04 7.69 -42.55
CA ASP L 86 25.59 7.66 -42.83
C ASP L 86 25.11 6.50 -41.94
N GLN L 87 23.85 6.25 -41.97
CA GLN L 87 23.24 5.21 -41.16
C GLN L 87 23.72 3.78 -41.49
N TYR L 88 24.23 3.60 -42.70
CA TYR L 88 24.75 2.26 -43.09
C TYR L 88 26.16 2.11 -42.63
N GLY L 89 26.70 3.14 -41.96
CA GLY L 89 28.06 3.16 -41.49
C GLY L 89 29.07 3.55 -42.56
N LYS L 90 28.62 4.13 -43.64
CA LYS L 90 29.48 4.56 -44.75
C LYS L 90 29.91 6.01 -44.53
N PRO L 91 31.18 6.27 -44.71
CA PRO L 91 31.75 7.63 -44.52
C PRO L 91 31.15 8.63 -45.50
N VAL L 92 31.02 9.88 -45.09
CA VAL L 92 30.53 11.00 -45.99
C VAL L 92 31.72 11.91 -46.18
N PRO L 93 32.38 11.67 -47.30
CA PRO L 93 33.59 12.42 -47.65
C PRO L 93 33.25 13.76 -48.32
N ASN L 94 34.13 14.72 -48.17
CA ASN L 94 34.06 16.09 -48.68
C ASN L 94 32.77 16.84 -48.38
N THR L 95 32.38 16.77 -47.15
CA THR L 95 31.14 17.42 -46.71
C THR L 95 31.49 18.61 -45.81
N LEU L 96 30.56 19.59 -45.82
CA LEU L 96 30.78 20.81 -45.03
C LEU L 96 30.30 20.72 -43.60
N VAL L 97 31.19 21.01 -42.68
CA VAL L 97 30.94 21.07 -41.26
C VAL L 97 31.17 22.55 -40.83
N GLU L 98 30.16 23.15 -40.22
CA GLU L 98 30.33 24.57 -39.74
C GLU L 98 30.04 24.58 -38.27
N MET L 99 30.68 25.42 -37.49
CA MET L 99 30.54 25.50 -36.05
C MET L 99 30.76 26.94 -35.51
N TRP L 100 30.06 27.26 -34.45
CA TRP L 100 30.12 28.57 -33.75
C TRP L 100 29.91 28.25 -32.29
N GLN L 101 30.41 29.09 -31.42
CA GLN L 101 30.34 28.92 -29.98
C GLN L 101 30.67 30.27 -29.27
N ALA L 102 30.47 30.22 -27.98
CA ALA L 102 30.77 31.38 -27.10
C ALA L 102 32.22 31.19 -26.67
N ASN L 103 32.71 32.20 -25.98
CA ASN L 103 34.09 32.18 -25.46
C ASN L 103 34.11 31.39 -24.13
N ALA L 104 35.28 31.37 -23.52
CA ALA L 104 35.49 30.65 -22.26
C ALA L 104 34.59 31.08 -21.14
N GLY L 105 33.95 32.24 -21.22
CA GLY L 105 33.09 32.81 -20.21
C GLY L 105 31.64 32.76 -20.56
N GLY L 106 31.33 32.17 -21.72
CA GLY L 106 29.98 32.03 -22.19
C GLY L 106 29.46 33.29 -22.90
N ARG L 107 30.36 34.12 -23.34
CA ARG L 107 29.98 35.37 -24.08
C ARG L 107 30.13 35.18 -25.56
N TYR L 108 29.09 35.49 -26.33
CA TYR L 108 29.15 35.36 -27.81
C TYR L 108 29.60 36.72 -28.39
N ARG L 109 30.20 36.64 -29.54
CA ARG L 109 30.65 37.91 -30.21
C ARG L 109 29.56 38.23 -31.23
N HIS L 110 28.54 38.88 -30.68
CA HIS L 110 27.32 39.24 -31.43
C HIS L 110 26.63 40.38 -30.69
N LYS L 111 26.19 41.38 -31.44
CA LYS L 111 25.53 42.61 -30.98
C LYS L 111 24.52 42.43 -29.91
N ASN L 112 23.66 41.45 -30.11
CA ASN L 112 22.59 41.18 -29.19
C ASN L 112 23.02 40.52 -27.90
N ASP L 113 24.24 40.02 -27.79
CA ASP L 113 24.71 39.35 -26.55
C ASP L 113 25.23 40.40 -25.57
N ARG L 114 24.42 40.65 -24.55
CA ARG L 114 24.79 41.65 -23.52
C ARG L 114 25.09 40.95 -22.21
N TYR L 115 25.55 39.68 -22.27
CA TYR L 115 25.84 38.97 -20.98
C TYR L 115 27.03 39.73 -20.42
N LEU L 116 27.12 39.85 -19.12
CA LEU L 116 28.20 40.59 -18.48
C LEU L 116 29.54 39.98 -18.59
N ALA L 117 29.68 38.71 -18.99
CA ALA L 117 31.08 38.14 -19.10
C ALA L 117 31.66 38.89 -20.30
N PRO L 118 32.91 39.23 -20.17
CA PRO L 118 33.58 40.01 -21.22
C PRO L 118 33.92 39.22 -22.44
N LEU L 119 34.04 40.02 -23.52
CA LEU L 119 34.49 39.46 -24.81
C LEU L 119 35.99 39.23 -24.61
N ASP L 120 36.50 38.37 -25.43
CA ASP L 120 37.89 37.95 -25.49
C ASP L 120 38.40 38.52 -26.81
N PRO L 121 39.27 39.50 -26.64
CA PRO L 121 39.86 40.21 -27.77
C PRO L 121 40.49 39.29 -28.78
N ASN L 122 40.96 38.09 -28.38
CA ASN L 122 41.56 37.13 -29.31
C ASN L 122 40.63 36.03 -29.78
N PHE L 123 39.36 36.20 -29.53
CA PHE L 123 38.43 35.12 -29.91
C PHE L 123 37.21 35.58 -30.67
N GLY L 124 36.95 34.79 -31.72
CA GLY L 124 35.84 35.00 -32.64
C GLY L 124 34.69 34.05 -32.37
N GLY L 125 34.92 32.73 -32.51
CA GLY L 125 33.95 31.68 -32.28
C GLY L 125 33.32 31.00 -33.47
N VAL L 126 33.91 31.05 -34.63
CA VAL L 126 33.42 30.45 -35.87
C VAL L 126 34.50 29.62 -36.55
N GLY L 127 34.08 28.53 -37.17
CA GLY L 127 35.00 27.62 -37.88
C GLY L 127 34.21 26.87 -38.95
N ARG L 128 34.93 26.33 -39.88
CA ARG L 128 34.35 25.52 -40.98
C ARG L 128 35.48 24.56 -41.37
N CYS L 129 35.09 23.40 -41.85
CA CYS L 129 36.04 22.33 -42.24
C CYS L 129 35.33 21.43 -43.25
N LEU L 130 36.06 20.96 -44.23
CA LEU L 130 35.43 20.01 -45.21
C LEU L 130 35.96 18.60 -44.82
N THR L 131 35.04 17.66 -44.68
CA THR L 131 35.53 16.28 -44.26
C THR L 131 36.41 15.73 -45.36
N ASP L 132 37.34 14.88 -44.98
CA ASP L 132 38.27 14.20 -45.87
C ASP L 132 37.62 12.92 -46.44
N SER L 133 38.44 12.13 -47.13
CA SER L 133 38.04 10.90 -47.80
C SER L 133 37.37 9.88 -46.91
N ASP L 134 37.79 9.86 -45.68
CA ASP L 134 37.24 8.90 -44.71
C ASP L 134 36.16 9.47 -43.85
N GLY L 135 35.66 10.66 -44.17
CA GLY L 135 34.61 11.32 -43.39
C GLY L 135 35.10 12.03 -42.14
N TYR L 136 36.37 12.22 -41.95
CA TYR L 136 36.97 12.87 -40.80
C TYR L 136 37.04 14.40 -40.89
N TYR L 137 36.81 15.04 -39.75
CA TYR L 137 36.87 16.53 -39.63
C TYR L 137 37.61 16.76 -38.28
N SER L 138 38.10 17.99 -38.16
CA SER L 138 38.74 18.37 -36.91
C SER L 138 38.72 19.90 -36.77
N PHE L 139 38.69 20.35 -35.56
CA PHE L 139 38.68 21.77 -35.17
C PHE L 139 39.60 21.93 -33.94
N ARG L 140 40.09 23.14 -33.80
CA ARG L 140 40.97 23.44 -32.62
C ARG L 140 40.31 24.66 -31.99
N THR L 141 39.94 24.55 -30.75
CA THR L 141 39.21 25.75 -30.18
C THR L 141 39.49 25.81 -28.70
N ILE L 142 38.62 26.54 -28.03
CA ILE L 142 38.65 26.64 -26.58
C ILE L 142 37.26 26.19 -26.12
N LYS L 143 37.27 25.47 -24.98
CA LYS L 143 36.03 24.97 -24.45
C LYS L 143 35.16 26.16 -24.00
N PRO L 144 34.01 26.27 -24.62
CA PRO L 144 33.06 27.35 -24.29
C PRO L 144 32.57 27.11 -22.86
N GLY L 145 32.07 28.18 -22.27
CA GLY L 145 31.52 28.24 -20.97
C GLY L 145 30.00 28.28 -21.14
N PRO L 146 29.34 27.80 -20.12
CA PRO L 146 27.88 27.81 -20.10
C PRO L 146 27.45 29.30 -19.93
N TYR L 147 26.22 29.59 -20.12
CA TYR L 147 25.70 30.98 -19.97
C TYR L 147 24.20 30.96 -19.70
N PRO L 148 23.79 31.98 -18.96
CA PRO L 148 22.41 32.12 -18.56
C PRO L 148 21.58 32.53 -19.76
N TRP L 149 20.33 32.25 -19.79
CA TRP L 149 19.50 32.66 -20.95
C TRP L 149 18.13 32.95 -20.37
N ARG L 150 17.38 33.77 -21.10
CA ARG L 150 16.08 34.18 -20.59
C ARG L 150 15.04 33.17 -20.93
N ASN L 151 14.97 32.03 -20.26
CA ASN L 151 13.92 30.97 -20.52
C ASN L 151 13.18 30.97 -19.18
N GLY L 152 13.65 30.13 -18.28
CA GLY L 152 13.10 30.13 -16.89
C GLY L 152 13.96 31.19 -16.14
N PRO L 153 13.60 31.53 -14.93
CA PRO L 153 14.35 32.53 -14.11
C PRO L 153 15.77 32.12 -13.83
N ASN L 154 16.17 30.84 -13.94
CA ASN L 154 17.56 30.49 -13.66
C ASN L 154 18.03 29.35 -14.57
N ASP L 155 17.87 29.52 -15.85
CA ASP L 155 18.27 28.53 -16.85
C ASP L 155 19.67 28.84 -17.34
N TRP L 156 20.46 27.78 -17.45
CA TRP L 156 21.83 27.90 -17.90
C TRP L 156 22.07 26.88 -19.02
N ARG L 157 22.59 27.37 -20.13
CA ARG L 157 22.87 26.37 -21.19
C ARG L 157 24.16 25.62 -20.76
N PRO L 158 24.19 24.32 -20.99
CA PRO L 158 25.42 23.53 -20.75
C PRO L 158 26.39 24.06 -21.85
N ALA L 159 27.66 23.97 -21.53
CA ALA L 159 28.68 24.37 -22.50
C ALA L 159 28.42 23.55 -23.77
N HIS L 160 28.51 24.23 -24.90
CA HIS L 160 28.26 23.50 -26.18
C HIS L 160 28.83 24.25 -27.36
N ILE L 161 28.95 23.51 -28.47
CA ILE L 161 29.40 24.08 -29.73
C ILE L 161 28.27 23.77 -30.75
N HIS L 162 27.83 24.83 -31.44
CA HIS L 162 26.78 24.63 -32.49
C HIS L 162 27.45 24.07 -33.72
N PHE L 163 26.83 23.11 -34.37
CA PHE L 163 27.36 22.44 -35.57
C PHE L 163 26.30 22.50 -36.69
N GLY L 164 26.77 22.56 -37.91
CA GLY L 164 25.90 22.58 -39.10
C GLY L 164 26.58 21.58 -40.07
N ILE L 165 25.86 20.62 -40.59
CA ILE L 165 26.44 19.61 -41.51
C ILE L 165 25.60 19.50 -42.79
N SER L 166 26.29 19.58 -43.93
CA SER L 166 25.57 19.53 -45.22
C SER L 166 25.18 18.12 -45.69
N GLY L 167 26.13 17.21 -45.76
CA GLY L 167 25.90 15.84 -46.27
C GLY L 167 25.70 15.96 -47.78
N PRO L 168 25.30 14.83 -48.40
CA PRO L 168 25.08 14.76 -49.83
C PRO L 168 23.85 15.41 -50.40
N SER L 169 22.90 15.80 -49.61
CA SER L 169 21.68 16.43 -50.21
C SER L 169 21.05 17.36 -49.19
N ILE L 170 19.98 18.01 -49.60
CA ILE L 170 19.27 18.93 -48.67
C ILE L 170 18.44 18.11 -47.69
N ALA L 171 18.32 16.81 -48.03
CA ALA L 171 17.58 15.85 -47.18
C ALA L 171 18.43 15.46 -45.97
N THR L 172 19.73 15.46 -46.12
CA THR L 172 20.67 15.12 -45.09
C THR L 172 21.15 16.32 -44.27
N LYS L 173 20.91 17.57 -44.73
CA LYS L 173 21.44 18.77 -43.99
C LYS L 173 20.90 18.78 -42.58
N LEU L 174 21.80 19.05 -41.66
CA LEU L 174 21.50 19.09 -40.23
C LEU L 174 22.21 20.15 -39.43
N ILE L 175 21.50 20.69 -38.45
CA ILE L 175 22.04 21.63 -37.46
C ILE L 175 21.82 20.95 -36.08
N THR L 176 22.87 20.95 -35.30
CA THR L 176 22.84 20.32 -33.95
C THR L 176 23.75 21.08 -33.01
N GLN L 177 23.95 20.52 -31.81
CA GLN L 177 24.83 21.05 -30.79
C GLN L 177 25.61 19.85 -30.19
N LEU L 178 26.81 20.08 -29.80
CA LEU L 178 27.72 19.14 -29.15
C LEU L 178 27.78 19.55 -27.66
N TYR L 179 27.74 18.55 -26.79
CA TYR L 179 27.84 18.85 -25.34
C TYR L 179 29.07 18.09 -24.83
N PHE L 180 29.56 18.44 -23.67
CA PHE L 180 30.78 17.74 -23.18
C PHE L 180 30.52 16.70 -22.11
N GLU L 181 31.12 15.52 -22.30
CA GLU L 181 31.05 14.36 -21.40
C GLU L 181 31.15 14.75 -19.93
N GLY L 182 30.19 14.40 -19.12
CA GLY L 182 30.13 14.62 -17.71
C GLY L 182 29.60 15.94 -17.19
N ASP L 183 29.23 16.86 -18.04
CA ASP L 183 28.70 18.22 -17.66
C ASP L 183 27.39 18.06 -16.96
N PRO L 184 27.37 18.50 -15.68
CA PRO L 184 26.18 18.38 -14.87
C PRO L 184 24.98 19.14 -15.37
N LEU L 185 25.17 20.19 -16.16
CA LEU L 185 24.07 21.00 -16.68
C LEU L 185 23.29 20.27 -17.76
N ILE L 186 23.89 19.29 -18.43
CA ILE L 186 23.21 18.58 -19.50
C ILE L 186 21.81 18.15 -19.24
N PRO L 187 21.64 17.34 -18.21
CA PRO L 187 20.35 16.79 -17.88
C PRO L 187 19.35 17.84 -17.45
N MET L 188 19.76 19.07 -17.15
CA MET L 188 18.84 20.12 -16.69
C MET L 188 18.39 21.11 -17.76
N CYS L 189 18.92 21.01 -18.93
CA CYS L 189 18.57 21.92 -20.02
C CYS L 189 17.34 21.52 -20.79
N PRO L 190 16.42 22.48 -20.91
CA PRO L 190 15.16 22.31 -21.64
C PRO L 190 15.39 22.10 -23.13
N ILE L 191 16.43 22.69 -23.69
CA ILE L 191 16.73 22.47 -25.10
C ILE L 191 17.14 20.98 -25.29
N VAL L 192 18.05 20.52 -24.44
CA VAL L 192 18.52 19.09 -24.48
C VAL L 192 17.28 18.21 -24.36
N LYS L 193 16.53 18.51 -23.35
CA LYS L 193 15.30 17.79 -23.05
C LYS L 193 14.28 17.85 -24.15
N SER L 194 14.53 18.65 -25.19
CA SER L 194 13.59 18.72 -26.34
C SER L 194 13.64 17.29 -26.96
N ILE L 195 14.72 16.58 -26.67
CA ILE L 195 14.95 15.20 -27.17
C ILE L 195 14.33 14.21 -26.18
N ALA L 196 13.24 13.58 -26.59
CA ALA L 196 12.55 12.65 -25.72
C ALA L 196 13.31 11.42 -25.25
N ASN L 197 14.12 10.79 -26.02
CA ASN L 197 14.90 9.58 -25.71
C ASN L 197 16.31 9.87 -25.24
N PRO L 198 16.65 9.36 -24.06
CA PRO L 198 17.96 9.53 -23.47
C PRO L 198 19.04 8.93 -24.31
N GLU L 199 18.66 7.92 -25.10
CA GLU L 199 19.64 7.25 -25.97
C GLU L 199 20.10 8.22 -27.03
N ALA L 200 19.20 9.09 -27.49
CA ALA L 200 19.48 10.09 -28.52
C ALA L 200 20.39 11.17 -27.94
N VAL L 201 20.19 11.57 -26.70
CA VAL L 201 21.00 12.60 -26.06
C VAL L 201 22.46 12.19 -26.03
N GLN L 202 22.72 10.94 -25.70
CA GLN L 202 24.05 10.34 -25.59
C GLN L 202 24.82 10.53 -26.87
N GLN L 203 24.10 10.53 -27.98
CA GLN L 203 24.70 10.69 -29.31
C GLN L 203 25.20 12.14 -29.49
N LEU L 204 24.80 13.07 -28.64
CA LEU L 204 25.15 14.48 -28.68
C LEU L 204 26.31 14.84 -27.75
N ILE L 205 26.83 13.83 -27.06
CA ILE L 205 27.90 14.05 -26.12
C ILE L 205 29.24 13.64 -26.64
N ALA L 206 30.15 14.59 -26.62
CA ALA L 206 31.50 14.28 -27.12
C ALA L 206 32.26 13.56 -26.00
N LYS L 207 33.07 12.57 -26.31
CA LYS L 207 33.85 11.84 -25.32
C LYS L 207 35.28 12.28 -25.25
N LEU L 208 35.74 12.46 -24.02
CA LEU L 208 37.14 12.85 -23.77
C LEU L 208 37.95 11.77 -24.53
N ASP L 209 38.91 12.25 -25.27
CA ASP L 209 39.74 11.32 -26.09
C ASP L 209 41.19 11.65 -25.84
N MET L 210 41.75 11.04 -24.81
CA MET L 210 43.11 11.17 -24.37
C MET L 210 44.06 10.69 -25.45
N ASN L 211 43.61 9.76 -26.27
CA ASN L 211 44.37 9.15 -27.34
C ASN L 211 44.75 10.22 -28.40
N ASN L 212 43.86 11.15 -28.65
CA ASN L 212 44.04 12.22 -29.62
C ASN L 212 44.58 13.53 -29.06
N ALA L 213 44.85 13.56 -27.77
CA ALA L 213 45.35 14.81 -27.13
C ALA L 213 46.80 15.03 -27.42
N ASN L 214 47.24 16.28 -27.36
CA ASN L 214 48.65 16.61 -27.56
C ASN L 214 49.21 16.84 -26.17
N PRO L 215 50.07 15.93 -25.71
CA PRO L 215 50.65 16.05 -24.35
C PRO L 215 51.16 17.47 -24.13
N MET L 216 51.04 17.96 -22.94
CA MET L 216 51.50 19.32 -22.55
C MET L 216 50.92 20.43 -23.42
N ASP L 217 49.84 20.23 -24.13
CA ASP L 217 49.29 21.32 -25.04
C ASP L 217 47.81 21.45 -24.98
N CYS L 218 47.09 20.44 -25.47
CA CYS L 218 45.64 20.49 -25.46
C CYS L 218 45.02 19.09 -25.37
N LEU L 219 43.80 19.12 -24.90
CA LEU L 219 43.01 17.87 -24.79
C LEU L 219 42.23 17.68 -26.11
N ALA L 220 41.60 16.52 -26.24
CA ALA L 220 40.76 16.13 -27.37
C ALA L 220 39.48 15.51 -26.92
N TYR L 221 38.47 15.80 -27.71
CA TYR L 221 37.11 15.37 -27.60
C TYR L 221 36.74 14.72 -28.92
N ARG L 222 35.96 13.66 -28.86
CA ARG L 222 35.55 12.90 -30.05
C ARG L 222 34.08 13.09 -30.27
N PHE L 223 33.71 13.47 -31.47
CA PHE L 223 32.30 13.67 -31.82
C PHE L 223 31.98 13.14 -33.21
N ASP L 224 31.35 11.97 -33.27
CA ASP L 224 30.98 11.34 -34.55
C ASP L 224 29.61 11.81 -34.94
N ILE L 225 29.32 11.85 -36.23
CA ILE L 225 28.01 12.35 -36.67
C ILE L 225 27.48 11.32 -37.67
N VAL L 226 26.26 10.99 -37.56
CA VAL L 226 25.59 10.00 -38.44
C VAL L 226 24.47 10.75 -39.21
N LEU L 227 24.57 10.70 -40.53
CA LEU L 227 23.54 11.35 -41.38
C LEU L 227 22.66 10.24 -41.96
N ARG L 228 21.51 10.65 -42.49
CA ARG L 228 20.57 9.70 -43.06
C ARG L 228 21.25 8.70 -43.99
N GLY L 229 20.88 7.41 -43.87
CA GLY L 229 21.47 6.36 -44.77
C GLY L 229 21.07 6.70 -46.22
N GLN L 230 22.06 6.49 -47.07
CA GLN L 230 21.93 6.68 -48.51
C GLN L 230 21.88 5.31 -49.24
N ARG L 231 20.91 5.19 -50.13
CA ARG L 231 20.78 3.91 -50.90
C ARG L 231 20.38 4.22 -52.34
N LYS L 232 20.73 3.18 -53.13
CA LYS L 232 20.41 3.24 -54.59
C LYS L 232 18.94 2.84 -54.68
N THR L 233 18.35 3.41 -55.73
CA THR L 233 16.91 3.11 -55.98
C THR L 233 16.90 1.64 -56.46
N HIS L 234 15.80 1.00 -56.24
CA HIS L 234 15.64 -0.44 -56.64
C HIS L 234 14.18 -0.59 -57.03
N PHE L 235 13.94 -1.43 -58.04
CA PHE L 235 12.64 -1.75 -58.58
C PHE L 235 11.70 -0.56 -58.64
N GLU L 236 12.25 0.64 -58.78
CA GLU L 236 11.43 1.88 -58.78
C GLU L 236 10.54 2.11 -59.95
#